data_5KRW
#
_entry.id   5KRW
#
_entity_poly.entity_id   1
_entity_poly.type   'polypeptide(L)'
_entity_poly.pdbx_seq_one_letter_code
;MTSTVEFINRWQRIALLSQSLLELAQRGEWDLLLQQEVSYLQSIETVMEKQTPPGITRSIQDMVAGYIKQTLDNEQLLKG
LLQQRLDELSSLIGQVLFQGPSAGLVPRGSGGIEGSIDETVARYKAQFTQLDTMMSKLNNTSSYLTQQFTAMNKS
;
_entity_poly.pdbx_strand_id   A
#
# COMPACT_ATOMS: atom_id res chain seq x y z
N MET A 1 10.08 -24.87 -16.38
CA MET A 1 10.62 -23.74 -15.59
C MET A 1 9.53 -23.16 -14.65
N THR A 2 9.45 -23.75 -13.43
CA THR A 2 8.47 -23.37 -12.40
C THR A 2 8.74 -21.96 -11.84
N SER A 3 10.02 -21.72 -11.45
CA SER A 3 10.46 -20.44 -10.87
C SER A 3 10.17 -19.26 -11.81
N THR A 4 10.44 -19.50 -13.11
CA THR A 4 10.27 -18.51 -14.16
C THR A 4 8.78 -18.19 -14.43
N VAL A 5 7.91 -19.24 -14.49
CA VAL A 5 6.47 -19.04 -14.83
C VAL A 5 5.72 -18.31 -13.68
N GLU A 6 5.98 -18.71 -12.41
CA GLU A 6 5.34 -18.08 -11.23
C GLU A 6 5.80 -16.62 -11.07
N PHE A 7 7.07 -16.37 -11.44
CA PHE A 7 7.64 -15.02 -11.59
C PHE A 7 6.76 -14.15 -12.54
N ILE A 8 6.47 -14.70 -13.75
CA ILE A 8 5.66 -14.01 -14.78
C ILE A 8 4.25 -13.65 -14.25
N ASN A 9 3.51 -14.67 -13.77
CA ASN A 9 2.11 -14.52 -13.31
C ASN A 9 1.96 -13.51 -12.17
N ARG A 10 2.89 -13.53 -11.20
CA ARG A 10 2.81 -12.68 -10.01
C ARG A 10 3.16 -11.21 -10.32
N TRP A 11 4.16 -10.97 -11.19
CA TRP A 11 4.48 -9.58 -11.65
C TRP A 11 3.33 -9.00 -12.48
N GLN A 12 2.66 -9.88 -13.26
CA GLN A 12 1.44 -9.55 -13.99
C GLN A 12 0.37 -9.05 -13.01
N ARG A 13 0.19 -9.78 -11.88
CA ARG A 13 -0.74 -9.39 -10.82
C ARG A 13 -0.39 -8.00 -10.26
N ILE A 14 0.90 -7.82 -9.89
CA ILE A 14 1.40 -6.59 -9.24
C ILE A 14 1.07 -5.31 -10.05
N ALA A 15 1.29 -5.36 -11.38
CA ALA A 15 1.04 -4.22 -12.28
C ALA A 15 -0.47 -3.95 -12.50
N LEU A 16 -1.24 -5.05 -12.68
CA LEU A 16 -2.70 -4.96 -12.89
C LEU A 16 -3.41 -4.42 -11.63
N LEU A 17 -2.93 -4.89 -10.46
CA LEU A 17 -3.48 -4.52 -9.15
C LEU A 17 -3.21 -3.04 -8.87
N SER A 18 -1.93 -2.62 -8.97
CA SER A 18 -1.50 -1.23 -8.70
C SER A 18 -2.28 -0.22 -9.54
N GLN A 19 -2.43 -0.53 -10.84
CA GLN A 19 -3.21 0.27 -11.80
C GLN A 19 -4.67 0.43 -11.35
N SER A 20 -5.32 -0.70 -11.04
CA SER A 20 -6.76 -0.73 -10.73
C SER A 20 -7.09 -0.15 -9.34
N LEU A 21 -6.24 -0.40 -8.34
CA LEU A 21 -6.44 0.15 -6.98
C LEU A 21 -6.06 1.64 -6.95
N LEU A 22 -5.25 2.08 -7.94
CA LEU A 22 -5.00 3.51 -8.17
C LEU A 22 -6.27 4.21 -8.68
N GLU A 23 -6.99 3.52 -9.60
CA GLU A 23 -8.32 3.97 -10.09
C GLU A 23 -9.28 4.13 -8.89
N LEU A 24 -9.17 3.18 -7.95
CA LEU A 24 -10.00 3.15 -6.72
C LEU A 24 -9.57 4.24 -5.72
N ALA A 25 -8.26 4.51 -5.63
CA ALA A 25 -7.70 5.53 -4.71
C ALA A 25 -8.14 6.94 -5.12
N GLN A 26 -8.07 7.23 -6.44
CA GLN A 26 -8.48 8.54 -6.99
C GLN A 26 -10.02 8.68 -6.98
N ARG A 27 -10.73 7.53 -7.09
CA ARG A 27 -12.20 7.47 -6.95
C ARG A 27 -12.65 7.65 -5.49
N GLY A 28 -11.72 7.43 -4.54
CA GLY A 28 -12.03 7.48 -3.11
C GLY A 28 -12.61 6.18 -2.58
N GLU A 29 -12.61 5.14 -3.42
CA GLU A 29 -13.05 3.79 -3.06
C GLU A 29 -12.02 3.15 -2.09
N TRP A 30 -12.17 3.43 -0.79
CA TRP A 30 -11.22 2.95 0.24
C TRP A 30 -11.44 1.46 0.51
N ASP A 31 -12.71 1.04 0.55
CA ASP A 31 -13.12 -0.38 0.76
C ASP A 31 -12.44 -1.28 -0.28
N LEU A 32 -12.59 -0.88 -1.54
CA LEU A 32 -12.07 -1.60 -2.70
C LEU A 32 -10.53 -1.51 -2.75
N LEU A 33 -9.97 -0.33 -2.42
CA LEU A 33 -8.51 -0.09 -2.34
C LEU A 33 -7.83 -1.08 -1.38
N LEU A 34 -8.46 -1.26 -0.19
CA LEU A 34 -7.92 -2.08 0.91
C LEU A 34 -8.13 -3.58 0.64
N GLN A 35 -9.15 -3.92 -0.16
CA GLN A 35 -9.36 -5.30 -0.63
C GLN A 35 -8.20 -5.72 -1.58
N GLN A 36 -7.76 -4.76 -2.40
CA GLN A 36 -6.65 -4.96 -3.35
C GLN A 36 -5.28 -4.88 -2.64
N GLU A 37 -5.21 -4.08 -1.55
CA GLU A 37 -3.99 -3.84 -0.75
C GLU A 37 -3.29 -5.15 -0.36
N VAL A 38 -4.05 -6.02 0.32
CA VAL A 38 -3.53 -7.30 0.87
C VAL A 38 -2.91 -8.17 -0.23
N SER A 39 -3.63 -8.33 -1.36
CA SER A 39 -3.17 -9.16 -2.49
C SER A 39 -1.95 -8.52 -3.19
N TYR A 40 -1.97 -7.18 -3.30
CA TYR A 40 -0.96 -6.40 -4.03
C TYR A 40 0.40 -6.45 -3.32
N LEU A 41 0.41 -5.98 -2.06
CA LEU A 41 1.62 -5.95 -1.23
C LEU A 41 2.19 -7.37 -1.05
N GLN A 42 1.27 -8.36 -0.82
CA GLN A 42 1.65 -9.77 -0.65
C GLN A 42 2.30 -10.37 -1.91
N SER A 43 1.83 -9.92 -3.10
CA SER A 43 2.41 -10.34 -4.39
C SER A 43 3.86 -9.82 -4.54
N ILE A 44 4.09 -8.56 -4.13
CA ILE A 44 5.44 -7.95 -4.15
C ILE A 44 6.37 -8.67 -3.15
N GLU A 45 5.83 -8.95 -1.95
CA GLU A 45 6.53 -9.65 -0.87
C GLU A 45 6.94 -11.06 -1.33
N THR A 46 6.00 -11.81 -1.93
CA THR A 46 6.23 -13.22 -2.27
C THR A 46 7.20 -13.38 -3.45
N VAL A 47 7.28 -12.37 -4.38
CA VAL A 47 8.27 -12.42 -5.48
C VAL A 47 9.69 -12.07 -4.98
N MET A 48 9.78 -11.21 -3.94
CA MET A 48 11.08 -10.77 -3.38
C MET A 48 11.60 -11.71 -2.28
N GLU A 49 10.71 -12.48 -1.64
CA GLU A 49 11.08 -13.55 -0.68
C GLU A 49 11.43 -14.84 -1.43
N LYS A 50 10.80 -15.02 -2.62
CA LYS A 50 11.15 -16.08 -3.57
C LYS A 50 12.49 -15.72 -4.24
N GLN A 51 12.63 -14.40 -4.52
CA GLN A 51 13.79 -13.77 -5.19
C GLN A 51 13.81 -14.09 -6.70
N THR A 52 14.03 -13.04 -7.52
CA THR A 52 14.09 -13.12 -9.00
C THR A 52 15.09 -14.20 -9.46
N PRO A 53 14.61 -15.33 -10.10
CA PRO A 53 15.49 -16.41 -10.60
C PRO A 53 16.44 -15.91 -11.72
N PRO A 54 17.70 -16.44 -11.83
CA PRO A 54 18.64 -16.07 -12.91
C PRO A 54 18.17 -16.50 -14.32
N GLY A 55 17.20 -17.43 -14.37
CA GLY A 55 16.68 -17.95 -15.64
C GLY A 55 15.51 -17.15 -16.18
N ILE A 56 15.75 -15.87 -16.50
CA ILE A 56 14.76 -14.97 -17.12
C ILE A 56 15.29 -14.53 -18.50
N THR A 57 14.60 -14.94 -19.59
CA THR A 57 15.00 -14.60 -20.97
C THR A 57 14.66 -13.13 -21.29
N ARG A 58 15.07 -12.65 -22.48
CA ARG A 58 14.94 -11.23 -22.88
C ARG A 58 13.46 -10.81 -23.02
N SER A 59 12.61 -11.77 -23.46
CA SER A 59 11.17 -11.54 -23.66
C SER A 59 10.47 -11.37 -22.31
N ILE A 60 10.77 -12.30 -21.38
CA ILE A 60 10.19 -12.33 -20.03
C ILE A 60 10.67 -11.13 -19.18
N GLN A 61 11.95 -10.76 -19.38
CA GLN A 61 12.58 -9.60 -18.71
C GLN A 61 11.91 -8.30 -19.18
N ASP A 62 11.62 -8.21 -20.49
CA ASP A 62 10.95 -7.04 -21.11
C ASP A 62 9.51 -6.89 -20.57
N MET A 63 8.80 -8.03 -20.40
CA MET A 63 7.42 -8.06 -19.86
C MET A 63 7.40 -7.48 -18.44
N VAL A 64 8.21 -8.08 -17.56
CA VAL A 64 8.24 -7.72 -16.13
C VAL A 64 8.90 -6.37 -15.89
N ALA A 65 9.78 -5.92 -16.81
CA ALA A 65 10.33 -4.55 -16.77
C ALA A 65 9.19 -3.53 -16.94
N GLY A 66 8.27 -3.84 -17.88
CA GLY A 66 7.04 -3.08 -18.06
C GLY A 66 6.16 -3.12 -16.82
N TYR A 67 6.02 -4.33 -16.21
CA TYR A 67 5.18 -4.54 -15.02
C TYR A 67 5.68 -3.75 -13.79
N ILE A 68 7.01 -3.76 -13.57
CA ILE A 68 7.63 -3.04 -12.45
C ILE A 68 7.50 -1.52 -12.69
N LYS A 69 7.73 -1.08 -13.93
CA LYS A 69 7.62 0.33 -14.34
C LYS A 69 6.20 0.88 -14.08
N GLN A 70 5.17 0.08 -14.45
CA GLN A 70 3.75 0.41 -14.18
C GLN A 70 3.53 0.58 -12.69
N THR A 71 3.94 -0.45 -11.92
CA THR A 71 3.66 -0.54 -10.50
C THR A 71 4.40 0.56 -9.70
N LEU A 72 5.57 1.02 -10.23
CA LEU A 72 6.35 2.13 -9.63
C LEU A 72 5.62 3.46 -9.78
N ASP A 73 5.10 3.70 -11.00
CA ASP A 73 4.33 4.92 -11.33
C ASP A 73 3.07 5.00 -10.45
N ASN A 74 2.27 3.93 -10.49
CA ASN A 74 0.99 3.83 -9.78
C ASN A 74 1.16 3.97 -8.26
N GLU A 75 2.21 3.30 -7.73
CA GLU A 75 2.50 3.25 -6.28
C GLU A 75 3.13 4.56 -5.77
N GLN A 76 3.77 5.32 -6.69
CA GLN A 76 4.27 6.68 -6.40
C GLN A 76 3.08 7.66 -6.33
N LEU A 77 2.07 7.43 -7.21
CA LEU A 77 0.82 8.20 -7.21
C LEU A 77 -0.02 7.87 -5.96
N LEU A 78 0.08 6.60 -5.48
CA LEU A 78 -0.51 6.17 -4.19
C LEU A 78 0.16 6.90 -3.04
N LYS A 79 1.50 6.98 -3.10
CA LYS A 79 2.33 7.60 -2.06
C LYS A 79 1.86 9.05 -1.80
N GLY A 80 1.82 9.89 -2.87
CA GLY A 80 1.38 11.29 -2.75
C GLY A 80 -0.10 11.43 -2.34
N LEU A 81 -0.98 10.65 -2.98
CA LEU A 81 -2.45 10.71 -2.76
C LEU A 81 -2.80 10.35 -1.31
N LEU A 82 -2.30 9.20 -0.86
CA LEU A 82 -2.57 8.67 0.49
C LEU A 82 -1.87 9.52 1.57
N GLN A 83 -0.75 10.23 1.23
CA GLN A 83 -0.11 11.19 2.15
C GLN A 83 -1.07 12.35 2.48
N GLN A 84 -1.78 12.83 1.44
CA GLN A 84 -2.84 13.85 1.59
C GLN A 84 -3.93 13.32 2.54
N ARG A 85 -4.43 12.10 2.24
CA ARG A 85 -5.53 11.45 2.97
C ARG A 85 -5.19 11.25 4.47
N LEU A 86 -4.03 10.63 4.72
CA LEU A 86 -3.55 10.32 6.09
C LEU A 86 -3.32 11.58 6.92
N ASP A 87 -2.86 12.65 6.26
CA ASP A 87 -2.61 13.94 6.91
C ASP A 87 -3.93 14.57 7.41
N GLU A 88 -4.96 14.51 6.54
CA GLU A 88 -6.31 15.00 6.87
C GLU A 88 -6.91 14.19 8.02
N LEU A 89 -6.88 12.85 7.88
CA LEU A 89 -7.42 11.91 8.89
C LEU A 89 -6.74 12.07 10.25
N SER A 90 -5.40 12.25 10.23
CA SER A 90 -4.57 12.44 11.45
C SER A 90 -4.92 13.75 12.17
N SER A 91 -5.21 14.79 11.39
CA SER A 91 -5.61 16.11 11.92
C SER A 91 -7.02 16.03 12.54
N LEU A 92 -7.87 15.13 11.99
CA LEU A 92 -9.22 14.86 12.53
C LEU A 92 -9.13 14.07 13.84
N ILE A 93 -8.22 13.06 13.88
CA ILE A 93 -7.93 12.24 15.07
C ILE A 93 -7.36 13.11 16.22
N GLY A 94 -6.54 14.11 15.84
CA GLY A 94 -5.94 15.06 16.79
C GLY A 94 -6.97 15.94 17.52
N GLN A 95 -8.22 15.94 17.02
CA GLN A 95 -9.33 16.70 17.61
C GLN A 95 -10.32 15.75 18.33
N VAL A 96 -10.78 14.71 17.60
CA VAL A 96 -11.86 13.83 18.05
C VAL A 96 -11.38 12.84 19.15
N LEU A 97 -10.14 12.35 19.03
CA LEU A 97 -9.57 11.40 20.00
C LEU A 97 -9.04 12.19 21.19
N PHE A 98 -9.71 12.04 22.34
CA PHE A 98 -9.28 12.67 23.59
C PHE A 98 -8.29 11.72 24.28
N GLN A 99 -6.99 12.01 24.09
CA GLN A 99 -5.87 11.24 24.68
C GLN A 99 -5.50 11.78 26.07
N GLY A 100 -6.38 12.64 26.63
CA GLY A 100 -6.20 13.21 27.96
C GLY A 100 -6.74 14.63 28.00
N PRO A 101 -5.97 15.65 27.46
CA PRO A 101 -6.44 17.04 27.33
C PRO A 101 -7.74 17.19 26.49
N SER A 102 -8.35 18.39 26.56
CA SER A 102 -9.67 18.71 25.94
C SER A 102 -10.83 17.95 26.62
N ALA A 103 -10.55 17.30 27.77
CA ALA A 103 -11.49 16.39 28.45
C ALA A 103 -11.36 16.52 29.97
N GLY A 104 -12.51 16.49 30.68
CA GLY A 104 -12.52 16.58 32.14
C GLY A 104 -11.91 15.35 32.81
N LEU A 105 -12.25 14.17 32.27
CA LEU A 105 -11.64 12.89 32.68
C LEU A 105 -10.72 12.38 31.54
N VAL A 106 -9.86 11.40 31.84
CA VAL A 106 -9.03 10.72 30.83
C VAL A 106 -9.83 9.54 30.24
N PRO A 107 -10.28 9.59 28.94
CA PRO A 107 -10.96 8.46 28.27
C PRO A 107 -9.96 7.32 27.99
N ARG A 108 -9.72 6.49 29.02
CA ARG A 108 -8.74 5.39 28.99
C ARG A 108 -9.32 4.12 28.31
N GLY A 109 -10.67 4.08 28.17
CA GLY A 109 -11.34 2.95 27.50
C GLY A 109 -11.19 3.00 25.99
N SER A 110 -9.95 2.77 25.50
CA SER A 110 -9.63 2.81 24.07
C SER A 110 -10.29 1.62 23.35
N GLY A 111 -11.11 1.94 22.34
CA GLY A 111 -11.93 0.95 21.63
C GLY A 111 -13.24 0.67 22.35
N GLY A 112 -13.64 1.60 23.24
CA GLY A 112 -14.91 1.50 23.97
C GLY A 112 -15.18 2.74 24.81
N ILE A 113 -14.89 3.93 24.25
CA ILE A 113 -15.13 5.22 24.95
C ILE A 113 -16.66 5.49 24.98
N GLU A 114 -17.16 5.90 26.15
CA GLU A 114 -18.58 6.24 26.34
C GLU A 114 -18.95 7.52 25.54
N GLY A 115 -19.86 7.37 24.56
CA GLY A 115 -20.31 8.46 23.69
C GLY A 115 -20.03 8.17 22.22
N SER A 116 -20.58 9.03 21.34
CA SER A 116 -20.41 8.93 19.86
C SER A 116 -18.96 9.22 19.43
N ILE A 117 -18.19 9.84 20.35
CA ILE A 117 -16.73 10.06 20.21
C ILE A 117 -16.01 8.77 19.79
N ASP A 118 -16.37 7.63 20.44
CA ASP A 118 -15.76 6.32 20.16
C ASP A 118 -15.97 5.89 18.71
N GLU A 119 -17.14 6.24 18.16
CA GLU A 119 -17.54 5.89 16.79
C GLU A 119 -16.73 6.68 15.76
N THR A 120 -16.67 8.01 15.93
CA THR A 120 -15.95 8.91 14.98
C THR A 120 -14.42 8.66 15.04
N VAL A 121 -13.90 8.38 16.25
CA VAL A 121 -12.48 8.00 16.45
C VAL A 121 -12.19 6.67 15.76
N ALA A 122 -13.06 5.67 15.97
CA ALA A 122 -12.91 4.32 15.41
C ALA A 122 -12.85 4.34 13.88
N ARG A 123 -13.64 5.23 13.26
CA ARG A 123 -13.66 5.39 11.80
C ARG A 123 -12.33 5.96 11.29
N TYR A 124 -11.96 7.15 11.82
CA TYR A 124 -10.74 7.85 11.36
C TYR A 124 -9.46 7.06 11.67
N LYS A 125 -9.45 6.37 12.82
CA LYS A 125 -8.29 5.57 13.27
C LYS A 125 -8.13 4.31 12.41
N ALA A 126 -9.26 3.67 12.05
CA ALA A 126 -9.25 2.49 11.18
C ALA A 126 -8.75 2.85 9.78
N GLN A 127 -9.38 3.87 9.17
CA GLN A 127 -9.03 4.32 7.80
C GLN A 127 -7.55 4.78 7.75
N PHE A 128 -7.11 5.49 8.81
CA PHE A 128 -5.73 5.94 8.96
C PHE A 128 -4.76 4.74 8.97
N THR A 129 -4.92 3.84 9.97
CA THR A 129 -4.02 2.68 10.19
C THR A 129 -3.92 1.75 8.94
N GLN A 130 -5.05 1.58 8.24
CA GLN A 130 -5.13 0.72 7.04
C GLN A 130 -4.32 1.31 5.87
N LEU A 131 -4.56 2.60 5.56
CA LEU A 131 -3.82 3.31 4.50
C LEU A 131 -2.35 3.63 4.93
N ASP A 132 -2.10 3.59 6.25
CA ASP A 132 -0.78 3.90 6.86
C ASP A 132 0.16 2.70 6.77
N THR A 133 -0.34 1.50 7.14
CA THR A 133 0.42 0.25 6.99
C THR A 133 0.62 -0.06 5.49
N MET A 134 -0.39 0.32 4.67
CA MET A 134 -0.29 0.27 3.21
C MET A 134 0.88 1.15 2.74
N MET A 135 0.95 2.38 3.28
CA MET A 135 1.96 3.38 2.88
C MET A 135 3.38 2.94 3.22
N SER A 136 3.60 2.56 4.49
CA SER A 136 4.93 2.15 4.97
C SER A 136 5.48 0.97 4.15
N LYS A 137 4.60 0.01 3.85
CA LYS A 137 4.95 -1.15 3.01
C LYS A 137 5.12 -0.74 1.54
N LEU A 138 4.25 0.14 1.00
CA LEU A 138 4.30 0.52 -0.44
C LEU A 138 5.51 1.42 -0.74
N ASN A 139 6.01 2.11 0.30
CA ASN A 139 7.19 2.97 0.21
C ASN A 139 8.46 2.10 0.26
N ASN A 140 8.42 1.06 1.12
CA ASN A 140 9.49 0.04 1.24
C ASN A 140 9.58 -0.77 -0.07
N THR A 141 8.41 -1.14 -0.63
CA THR A 141 8.33 -1.93 -1.85
C THR A 141 8.90 -1.14 -3.02
N SER A 142 8.31 0.05 -3.32
CA SER A 142 8.75 0.93 -4.43
C SER A 142 10.26 1.26 -4.36
N SER A 143 10.80 1.31 -3.12
CA SER A 143 12.25 1.42 -2.90
C SER A 143 13.02 0.24 -3.55
N TYR A 144 12.83 -0.99 -3.04
CA TYR A 144 13.56 -2.17 -3.55
C TYR A 144 13.10 -2.59 -4.98
N LEU A 145 11.90 -2.14 -5.38
CA LEU A 145 11.34 -2.42 -6.71
C LEU A 145 12.09 -1.61 -7.78
N THR A 146 12.34 -0.31 -7.51
CA THR A 146 13.02 0.58 -8.46
C THR A 146 14.52 0.25 -8.56
N GLN A 147 15.10 -0.22 -7.43
CA GLN A 147 16.50 -0.70 -7.39
C GLN A 147 16.66 -1.97 -8.28
N GLN A 148 15.75 -2.94 -8.05
CA GLN A 148 15.66 -4.17 -8.85
C GLN A 148 15.30 -3.85 -10.31
N PHE A 149 14.51 -2.79 -10.54
CA PHE A 149 14.10 -2.37 -11.89
C PHE A 149 15.32 -1.90 -12.70
N THR A 150 16.10 -1.00 -12.09
CA THR A 150 17.29 -0.40 -12.74
C THR A 150 18.35 -1.48 -13.05
N ALA A 151 18.50 -2.47 -12.15
CA ALA A 151 19.44 -3.58 -12.32
C ALA A 151 18.95 -4.58 -13.39
N MET A 152 17.69 -5.05 -13.23
CA MET A 152 17.07 -6.06 -14.13
C MET A 152 16.97 -5.53 -15.58
N ASN A 153 16.72 -4.22 -15.71
CA ASN A 153 16.61 -3.54 -17.01
C ASN A 153 18.03 -3.33 -17.58
N LYS A 154 18.85 -2.52 -16.89
CA LYS A 154 20.25 -2.23 -17.29
C LYS A 154 21.27 -2.60 -16.18
N SER A 155 21.56 -3.92 -16.06
CA SER A 155 22.75 -4.41 -15.34
C SER A 155 24.05 -3.71 -15.85
N MET A 1 8.94 -24.29 -17.00
CA MET A 1 9.71 -23.29 -16.21
C MET A 1 8.86 -22.80 -15.01
N THR A 2 9.01 -23.47 -13.85
CA THR A 2 8.20 -23.21 -12.63
C THR A 2 8.44 -21.79 -12.06
N SER A 3 9.71 -21.52 -11.72
CA SER A 3 10.13 -20.26 -11.09
C SER A 3 9.94 -19.07 -12.05
N THR A 4 10.12 -19.34 -13.36
CA THR A 4 10.00 -18.32 -14.40
C THR A 4 8.52 -17.97 -14.68
N VAL A 5 7.61 -18.96 -14.73
CA VAL A 5 6.18 -18.71 -15.05
C VAL A 5 5.46 -17.99 -13.89
N GLU A 6 5.81 -18.36 -12.63
CA GLU A 6 5.26 -17.67 -11.43
C GLU A 6 5.78 -16.21 -11.38
N PHE A 7 7.05 -16.03 -11.76
CA PHE A 7 7.69 -14.72 -11.96
C PHE A 7 6.85 -13.84 -12.95
N ILE A 8 6.66 -14.35 -14.18
CA ILE A 8 5.93 -13.66 -15.28
C ILE A 8 4.51 -13.27 -14.85
N ASN A 9 3.74 -14.30 -14.47
CA ASN A 9 2.30 -14.19 -14.19
C ASN A 9 2.01 -13.21 -13.07
N ARG A 10 2.73 -13.36 -11.93
CA ARG A 10 2.49 -12.55 -10.74
C ARG A 10 2.93 -11.09 -10.96
N TRP A 11 4.05 -10.86 -11.70
CA TRP A 11 4.49 -9.49 -12.08
C TRP A 11 3.39 -8.77 -12.89
N GLN A 12 2.78 -9.52 -13.83
CA GLN A 12 1.64 -9.04 -14.64
C GLN A 12 0.49 -8.63 -13.71
N ARG A 13 0.19 -9.48 -12.72
CA ARG A 13 -0.88 -9.25 -11.75
C ARG A 13 -0.58 -8.04 -10.85
N ILE A 14 0.72 -7.83 -10.53
CA ILE A 14 1.17 -6.69 -9.70
C ILE A 14 0.86 -5.36 -10.42
N ALA A 15 1.16 -5.31 -11.73
CA ALA A 15 0.90 -4.13 -12.58
C ALA A 15 -0.62 -3.86 -12.74
N LEU A 16 -1.38 -4.96 -12.96
CA LEU A 16 -2.85 -4.91 -13.09
C LEU A 16 -3.50 -4.38 -11.80
N LEU A 17 -3.07 -4.93 -10.65
CA LEU A 17 -3.56 -4.55 -9.31
C LEU A 17 -3.24 -3.10 -9.02
N SER A 18 -1.95 -2.72 -9.13
CA SER A 18 -1.45 -1.37 -8.77
C SER A 18 -2.24 -0.26 -9.49
N GLN A 19 -2.50 -0.49 -10.79
CA GLN A 19 -3.32 0.41 -11.62
C GLN A 19 -4.77 0.49 -11.09
N SER A 20 -5.38 -0.68 -10.88
CA SER A 20 -6.80 -0.80 -10.50
C SER A 20 -7.09 -0.16 -9.12
N LEU A 21 -6.21 -0.44 -8.13
CA LEU A 21 -6.39 0.04 -6.76
C LEU A 21 -5.95 1.50 -6.62
N LEU A 22 -5.08 1.98 -7.54
CA LEU A 22 -4.77 3.42 -7.66
C LEU A 22 -6.04 4.20 -8.03
N GLU A 23 -6.80 3.64 -8.99
CA GLU A 23 -8.12 4.15 -9.38
C GLU A 23 -9.08 4.15 -8.17
N LEU A 24 -9.08 3.04 -7.41
CA LEU A 24 -9.94 2.89 -6.20
C LEU A 24 -9.57 3.91 -5.10
N ALA A 25 -8.26 4.24 -5.02
CA ALA A 25 -7.73 5.21 -4.04
C ALA A 25 -8.23 6.63 -4.35
N GLN A 26 -8.10 7.04 -5.63
CA GLN A 26 -8.53 8.39 -6.07
C GLN A 26 -10.06 8.46 -6.22
N ARG A 27 -10.72 7.29 -6.25
CA ARG A 27 -12.19 7.17 -6.23
C ARG A 27 -12.73 7.32 -4.80
N GLY A 28 -11.88 7.02 -3.79
CA GLY A 28 -12.28 7.02 -2.38
C GLY A 28 -12.85 5.69 -1.91
N GLU A 29 -12.78 4.67 -2.79
CA GLU A 29 -13.17 3.29 -2.48
C GLU A 29 -12.05 2.61 -1.66
N TRP A 30 -11.97 2.99 -0.38
CA TRP A 30 -10.94 2.49 0.55
C TRP A 30 -11.16 1.02 0.87
N ASP A 31 -12.44 0.61 0.91
CA ASP A 31 -12.85 -0.79 1.15
C ASP A 31 -12.20 -1.73 0.12
N LEU A 32 -12.36 -1.33 -1.16
CA LEU A 32 -11.85 -2.07 -2.31
C LEU A 32 -10.32 -1.95 -2.42
N LEU A 33 -9.78 -0.77 -2.05
CA LEU A 33 -8.32 -0.50 -2.02
C LEU A 33 -7.61 -1.50 -1.09
N LEU A 34 -8.17 -1.63 0.13
CA LEU A 34 -7.62 -2.47 1.20
C LEU A 34 -7.90 -3.96 0.93
N GLN A 35 -8.94 -4.24 0.14
CA GLN A 35 -9.25 -5.61 -0.33
C GLN A 35 -8.17 -6.08 -1.32
N GLN A 36 -7.72 -5.15 -2.19
CA GLN A 36 -6.67 -5.42 -3.19
C GLN A 36 -5.26 -5.23 -2.59
N GLU A 37 -5.18 -4.56 -1.41
CA GLU A 37 -3.92 -4.33 -0.66
C GLU A 37 -3.16 -5.65 -0.45
N VAL A 38 -3.85 -6.58 0.24
CA VAL A 38 -3.27 -7.88 0.65
C VAL A 38 -2.82 -8.69 -0.58
N SER A 39 -3.62 -8.63 -1.65
CA SER A 39 -3.34 -9.32 -2.93
C SER A 39 -2.04 -8.76 -3.55
N TYR A 40 -1.97 -7.43 -3.59
CA TYR A 40 -0.92 -6.66 -4.26
C TYR A 40 0.44 -6.83 -3.57
N LEU A 41 0.48 -6.48 -2.27
CA LEU A 41 1.69 -6.55 -1.46
C LEU A 41 2.24 -7.98 -1.38
N GLN A 42 1.33 -8.97 -1.24
CA GLN A 42 1.73 -10.40 -1.19
C GLN A 42 2.38 -10.84 -2.51
N SER A 43 1.79 -10.42 -3.66
CA SER A 43 2.31 -10.75 -5.00
C SER A 43 3.75 -10.22 -5.20
N ILE A 44 3.99 -8.99 -4.69
CA ILE A 44 5.34 -8.40 -4.68
C ILE A 44 6.27 -9.28 -3.83
N GLU A 45 5.94 -9.44 -2.55
CA GLU A 45 6.78 -10.16 -1.58
C GLU A 45 7.11 -11.60 -2.03
N THR A 46 6.16 -12.24 -2.78
CA THR A 46 6.31 -13.63 -3.21
C THR A 46 7.14 -13.77 -4.53
N VAL A 47 7.23 -12.71 -5.36
CA VAL A 47 8.21 -12.70 -6.48
C VAL A 47 9.63 -12.41 -5.94
N MET A 48 9.70 -11.63 -4.84
CA MET A 48 10.98 -11.18 -4.26
C MET A 48 11.61 -12.22 -3.31
N GLU A 49 10.81 -13.17 -2.79
CA GLU A 49 11.34 -14.32 -1.98
C GLU A 49 12.11 -15.31 -2.89
N LYS A 50 11.78 -15.32 -4.19
CA LYS A 50 12.55 -16.01 -5.23
C LYS A 50 13.81 -15.20 -5.61
N GLN A 51 13.87 -13.93 -5.16
CA GLN A 51 14.99 -12.99 -5.39
C GLN A 51 15.25 -12.74 -6.88
N THR A 52 14.15 -12.88 -7.69
CA THR A 52 14.22 -12.89 -9.17
C THR A 52 15.07 -14.09 -9.66
N PRO A 53 14.44 -15.22 -10.08
CA PRO A 53 15.16 -16.39 -10.65
C PRO A 53 16.00 -15.96 -11.88
N PRO A 54 17.35 -16.22 -11.92
CA PRO A 54 18.22 -15.74 -13.03
C PRO A 54 17.90 -16.38 -14.41
N GLY A 55 17.00 -17.39 -14.45
CA GLY A 55 16.61 -18.05 -15.69
C GLY A 55 15.52 -17.29 -16.46
N ILE A 56 15.83 -16.02 -16.82
CA ILE A 56 14.89 -15.09 -17.48
C ILE A 56 15.51 -14.63 -18.80
N THR A 57 14.85 -14.94 -19.94
CA THR A 57 15.28 -14.44 -21.25
C THR A 57 14.89 -12.95 -21.40
N ARG A 58 15.46 -12.27 -22.41
CA ARG A 58 15.36 -10.80 -22.53
C ARG A 58 13.92 -10.33 -22.84
N SER A 59 13.12 -11.22 -23.47
CA SER A 59 11.71 -10.94 -23.78
C SER A 59 10.87 -10.92 -22.48
N ILE A 60 11.09 -11.94 -21.63
CA ILE A 60 10.41 -12.05 -20.32
C ILE A 60 10.83 -10.89 -19.41
N GLN A 61 12.13 -10.58 -19.45
CA GLN A 61 12.74 -9.47 -18.71
C GLN A 61 12.14 -8.11 -19.13
N ASP A 62 11.87 -7.98 -20.45
CA ASP A 62 11.24 -6.79 -21.04
C ASP A 62 9.79 -6.63 -20.53
N MET A 63 9.02 -7.75 -20.56
CA MET A 63 7.61 -7.77 -20.11
C MET A 63 7.51 -7.28 -18.67
N VAL A 64 8.30 -7.91 -17.79
CA VAL A 64 8.26 -7.63 -16.36
C VAL A 64 8.86 -6.27 -16.03
N ALA A 65 9.84 -5.79 -16.82
CA ALA A 65 10.38 -4.41 -16.68
C ALA A 65 9.28 -3.37 -16.91
N GLY A 66 8.36 -3.70 -17.86
CA GLY A 66 7.15 -2.92 -18.08
C GLY A 66 6.24 -2.94 -16.86
N TYR A 67 6.04 -4.15 -16.30
CA TYR A 67 5.16 -4.35 -15.12
C TYR A 67 5.70 -3.66 -13.86
N ILE A 68 7.05 -3.62 -13.72
CA ILE A 68 7.70 -2.96 -12.57
C ILE A 68 7.60 -1.44 -12.71
N LYS A 69 7.74 -0.93 -13.95
CA LYS A 69 7.65 0.53 -14.22
C LYS A 69 6.22 1.03 -13.87
N GLN A 70 5.22 0.18 -14.16
CA GLN A 70 3.81 0.46 -13.82
C GLN A 70 3.62 0.48 -12.30
N THR A 71 4.07 -0.59 -11.63
CA THR A 71 3.85 -0.76 -10.18
C THR A 71 4.55 0.36 -9.38
N LEU A 72 5.75 0.78 -9.84
CA LEU A 72 6.52 1.87 -9.21
C LEU A 72 5.76 3.20 -9.33
N ASP A 73 5.25 3.47 -10.54
CA ASP A 73 4.53 4.72 -10.85
C ASP A 73 3.24 4.83 -10.02
N ASN A 74 2.43 3.76 -10.05
CA ASN A 74 1.11 3.72 -9.39
C ASN A 74 1.28 3.79 -7.86
N GLU A 75 2.28 3.05 -7.35
CA GLU A 75 2.57 2.95 -5.90
C GLU A 75 3.23 4.24 -5.37
N GLN A 76 3.91 4.96 -6.27
CA GLN A 76 4.45 6.31 -6.00
C GLN A 76 3.30 7.31 -5.84
N LEU A 77 2.29 7.17 -6.72
CA LEU A 77 1.08 8.00 -6.67
C LEU A 77 0.24 7.65 -5.43
N LEU A 78 0.27 6.36 -5.01
CA LEU A 78 -0.34 5.92 -3.73
C LEU A 78 0.35 6.61 -2.55
N LYS A 79 1.69 6.64 -2.59
CA LYS A 79 2.52 7.26 -1.54
C LYS A 79 2.07 8.71 -1.27
N GLY A 80 2.04 9.52 -2.35
CA GLY A 80 1.66 10.94 -2.26
C GLY A 80 0.18 11.16 -1.93
N LEU A 81 -0.71 10.43 -2.62
CA LEU A 81 -2.18 10.56 -2.46
C LEU A 81 -2.59 10.20 -1.04
N LEU A 82 -2.22 8.98 -0.60
CA LEU A 82 -2.54 8.48 0.74
C LEU A 82 -1.89 9.34 1.84
N GLN A 83 -0.70 9.92 1.56
CA GLN A 83 -0.02 10.86 2.51
C GLN A 83 -0.90 12.05 2.83
N GLN A 84 -1.50 12.63 1.77
CA GLN A 84 -2.45 13.76 1.89
C GLN A 84 -3.67 13.33 2.72
N ARG A 85 -4.22 12.16 2.38
CA ARG A 85 -5.43 11.61 3.00
C ARG A 85 -5.23 11.37 4.51
N LEU A 86 -4.10 10.74 4.87
CA LEU A 86 -3.73 10.40 6.26
C LEU A 86 -3.52 11.66 7.12
N ASP A 87 -2.94 12.71 6.49
CA ASP A 87 -2.73 14.03 7.12
C ASP A 87 -4.08 14.66 7.50
N GLU A 88 -5.05 14.57 6.58
CA GLU A 88 -6.41 15.12 6.76
C GLU A 88 -7.19 14.32 7.83
N LEU A 89 -7.03 12.98 7.82
CA LEU A 89 -7.66 12.08 8.79
C LEU A 89 -7.16 12.41 10.20
N SER A 90 -5.82 12.45 10.35
CA SER A 90 -5.11 12.73 11.62
C SER A 90 -5.45 14.14 12.17
N SER A 91 -5.66 15.08 11.24
CA SER A 91 -6.07 16.46 11.57
C SER A 91 -7.45 16.45 12.26
N LEU A 92 -8.39 15.71 11.69
CA LEU A 92 -9.76 15.58 12.21
C LEU A 92 -9.80 14.77 13.53
N ILE A 93 -8.99 13.70 13.60
CA ILE A 93 -8.85 12.84 14.80
C ILE A 93 -8.32 13.68 15.97
N GLY A 94 -7.30 14.52 15.68
CA GLY A 94 -6.65 15.35 16.70
C GLY A 94 -7.61 16.34 17.37
N GLN A 95 -8.66 16.75 16.64
CA GLN A 95 -9.68 17.66 17.16
C GLN A 95 -10.71 16.91 18.02
N VAL A 96 -11.27 15.81 17.47
CA VAL A 96 -12.42 15.10 18.10
C VAL A 96 -11.98 14.18 19.26
N LEU A 97 -10.75 13.66 19.20
CA LEU A 97 -10.22 12.74 20.22
C LEU A 97 -9.61 13.59 21.35
N PHE A 98 -10.15 13.44 22.56
CA PHE A 98 -9.67 14.13 23.78
C PHE A 98 -8.73 13.16 24.53
N GLN A 99 -7.41 13.36 24.36
CA GLN A 99 -6.37 12.55 25.02
C GLN A 99 -5.73 13.31 26.20
N GLY A 100 -6.38 14.41 26.63
CA GLY A 100 -5.90 15.22 27.75
C GLY A 100 -6.47 16.63 27.71
N PRO A 101 -6.11 17.47 26.69
CA PRO A 101 -6.68 18.83 26.53
C PRO A 101 -8.19 18.76 26.19
N SER A 102 -8.98 19.62 26.88
CA SER A 102 -10.45 19.68 26.76
C SER A 102 -11.14 18.38 27.24
N ALA A 103 -10.44 17.59 28.06
CA ALA A 103 -10.98 16.38 28.69
C ALA A 103 -11.22 16.64 30.18
N GLY A 104 -12.50 16.51 30.62
CA GLY A 104 -12.90 16.82 32.00
C GLY A 104 -12.38 15.82 33.04
N LEU A 105 -11.83 14.70 32.57
CA LEU A 105 -11.25 13.64 33.42
C LEU A 105 -10.05 13.00 32.71
N VAL A 106 -9.37 12.04 33.39
CA VAL A 106 -8.25 11.27 32.80
C VAL A 106 -8.78 10.35 31.67
N PRO A 107 -8.48 10.67 30.38
CA PRO A 107 -8.99 9.90 29.21
C PRO A 107 -7.98 8.84 28.71
N ARG A 108 -7.09 8.38 29.60
CA ARG A 108 -6.15 7.29 29.31
C ARG A 108 -6.93 5.96 29.19
N GLY A 109 -7.34 5.65 27.96
CA GLY A 109 -8.18 4.49 27.68
C GLY A 109 -7.97 3.99 26.26
N SER A 110 -7.32 2.82 26.14
CA SER A 110 -7.06 2.17 24.84
C SER A 110 -8.29 1.37 24.37
N GLY A 111 -8.30 0.95 23.09
CA GLY A 111 -9.45 0.29 22.48
C GLY A 111 -10.42 1.31 21.87
N GLY A 112 -10.82 2.30 22.69
CA GLY A 112 -11.66 3.38 22.22
C GLY A 112 -12.07 4.32 23.33
N ILE A 113 -13.07 5.17 23.03
CA ILE A 113 -13.66 6.14 23.97
C ILE A 113 -15.10 5.63 24.30
N GLU A 114 -15.86 6.32 25.17
CA GLU A 114 -17.31 6.06 25.35
C GLU A 114 -18.11 7.14 24.62
N GLY A 115 -19.24 6.76 24.00
CA GLY A 115 -20.10 7.68 23.26
C GLY A 115 -20.02 7.49 21.75
N SER A 116 -20.69 8.37 21.00
CA SER A 116 -20.65 8.38 19.52
C SER A 116 -19.35 9.00 18.99
N ILE A 117 -18.67 9.78 19.87
CA ILE A 117 -17.30 10.30 19.64
C ILE A 117 -16.33 9.13 19.39
N ASP A 118 -16.56 8.01 20.08
CA ASP A 118 -15.82 6.75 19.87
C ASP A 118 -15.97 6.25 18.43
N GLU A 119 -17.22 6.28 17.92
CA GLU A 119 -17.56 5.77 16.60
C GLU A 119 -16.78 6.51 15.50
N THR A 120 -16.89 7.86 15.50
CA THR A 120 -16.21 8.69 14.48
C THR A 120 -14.68 8.52 14.52
N VAL A 121 -14.10 8.51 15.76
CA VAL A 121 -12.66 8.27 15.94
C VAL A 121 -12.26 6.89 15.42
N ALA A 122 -13.11 5.88 15.68
CA ALA A 122 -12.86 4.47 15.30
C ALA A 122 -12.82 4.30 13.78
N ARG A 123 -13.65 5.06 13.04
CA ARG A 123 -13.68 4.99 11.57
C ARG A 123 -12.37 5.56 11.00
N TYR A 124 -12.07 6.80 11.42
CA TYR A 124 -10.90 7.56 10.92
C TYR A 124 -9.57 6.96 11.41
N LYS A 125 -9.59 6.26 12.56
CA LYS A 125 -8.41 5.56 13.12
C LYS A 125 -8.17 4.27 12.34
N ALA A 126 -9.26 3.58 11.95
CA ALA A 126 -9.19 2.38 11.11
C ALA A 126 -8.62 2.77 9.74
N GLN A 127 -9.26 3.76 9.09
CA GLN A 127 -8.84 4.30 7.78
C GLN A 127 -7.36 4.77 7.82
N PHE A 128 -6.98 5.42 8.93
CA PHE A 128 -5.61 5.90 9.13
C PHE A 128 -4.62 4.72 9.13
N THR A 129 -4.78 3.83 10.11
CA THR A 129 -3.84 2.71 10.38
C THR A 129 -3.74 1.72 9.19
N GLN A 130 -4.87 1.51 8.50
CA GLN A 130 -4.97 0.60 7.35
C GLN A 130 -4.20 1.15 6.14
N LEU A 131 -4.42 2.44 5.82
CA LEU A 131 -3.68 3.12 4.73
C LEU A 131 -2.22 3.43 5.16
N ASP A 132 -1.96 3.43 6.49
CA ASP A 132 -0.63 3.71 7.08
C ASP A 132 0.26 2.45 7.02
N THR A 133 -0.31 1.28 7.32
CA THR A 133 0.43 0.01 7.24
C THR A 133 0.66 -0.36 5.76
N MET A 134 -0.33 0.00 4.90
CA MET A 134 -0.18 -0.10 3.45
C MET A 134 0.99 0.79 2.99
N MET A 135 1.01 2.02 3.54
CA MET A 135 2.02 3.05 3.21
C MET A 135 3.45 2.59 3.53
N SER A 136 3.65 2.08 4.76
CA SER A 136 4.98 1.65 5.24
C SER A 136 5.50 0.46 4.41
N LYS A 137 4.58 -0.46 4.07
CA LYS A 137 4.90 -1.63 3.24
C LYS A 137 5.16 -1.23 1.78
N LEU A 138 4.34 -0.30 1.23
CA LEU A 138 4.46 0.12 -0.18
C LEU A 138 5.71 0.99 -0.37
N ASN A 139 6.15 1.62 0.73
CA ASN A 139 7.41 2.39 0.80
C ASN A 139 8.61 1.42 0.68
N ASN A 140 8.57 0.36 1.50
CA ASN A 140 9.60 -0.72 1.51
C ASN A 140 9.69 -1.40 0.14
N THR A 141 8.51 -1.74 -0.42
CA THR A 141 8.42 -2.46 -1.69
C THR A 141 9.00 -1.61 -2.82
N SER A 142 8.43 -0.41 -3.08
CA SER A 142 8.87 0.49 -4.17
C SER A 142 10.39 0.81 -4.09
N SER A 143 10.94 0.79 -2.86
CA SER A 143 12.39 0.96 -2.63
C SER A 143 13.18 -0.18 -3.30
N TYR A 144 12.94 -1.44 -2.87
CA TYR A 144 13.69 -2.59 -3.42
C TYR A 144 13.24 -2.93 -4.86
N LEU A 145 12.02 -2.49 -5.24
CA LEU A 145 11.48 -2.70 -6.59
C LEU A 145 12.16 -1.79 -7.62
N THR A 146 12.48 -0.53 -7.21
CA THR A 146 13.18 0.41 -8.12
C THR A 146 14.65 0.01 -8.26
N GLN A 147 15.24 -0.56 -7.19
CA GLN A 147 16.58 -1.19 -7.27
C GLN A 147 16.56 -2.33 -8.30
N GLN A 148 15.59 -3.24 -8.10
CA GLN A 148 15.38 -4.44 -8.93
C GLN A 148 15.06 -4.06 -10.38
N PHE A 149 14.32 -2.95 -10.55
CA PHE A 149 13.93 -2.44 -11.87
C PHE A 149 15.16 -1.99 -12.66
N THR A 150 15.93 -1.08 -12.06
CA THR A 150 17.10 -0.47 -12.70
C THR A 150 18.17 -1.53 -13.04
N ALA A 151 18.29 -2.56 -12.18
CA ALA A 151 19.27 -3.66 -12.38
C ALA A 151 18.80 -4.61 -13.50
N MET A 152 17.54 -5.08 -13.37
CA MET A 152 16.94 -6.05 -14.32
C MET A 152 16.87 -5.45 -15.73
N ASN A 153 16.63 -4.13 -15.79
CA ASN A 153 16.54 -3.39 -17.06
C ASN A 153 17.96 -3.07 -17.57
N LYS A 154 18.69 -2.16 -16.86
CA LYS A 154 20.09 -1.82 -17.20
C LYS A 154 21.05 -1.98 -15.97
N SER A 155 21.47 -3.22 -15.66
CA SER A 155 22.59 -3.44 -14.71
C SER A 155 23.92 -3.00 -15.37
N MET A 1 9.49 -24.57 -17.24
CA MET A 1 10.15 -23.57 -16.37
C MET A 1 9.18 -23.09 -15.25
N THR A 2 9.20 -23.81 -14.10
CA THR A 2 8.27 -23.56 -12.96
C THR A 2 8.52 -22.18 -12.33
N SER A 3 9.78 -21.91 -11.95
CA SER A 3 10.19 -20.67 -11.28
C SER A 3 9.98 -19.45 -12.20
N THR A 4 10.24 -19.66 -13.50
CA THR A 4 10.18 -18.59 -14.49
C THR A 4 8.72 -18.24 -14.88
N VAL A 5 7.81 -19.24 -14.92
CA VAL A 5 6.39 -19.00 -15.28
C VAL A 5 5.65 -18.28 -14.13
N GLU A 6 5.88 -18.71 -12.86
CA GLU A 6 5.28 -18.05 -11.67
C GLU A 6 5.78 -16.60 -11.55
N PHE A 7 7.07 -16.39 -11.89
CA PHE A 7 7.70 -15.07 -12.03
C PHE A 7 6.88 -14.15 -12.97
N ILE A 8 6.63 -14.61 -14.22
CA ILE A 8 5.88 -13.84 -15.25
C ILE A 8 4.45 -13.51 -14.77
N ASN A 9 3.74 -14.57 -14.32
CA ASN A 9 2.32 -14.49 -13.90
C ASN A 9 2.12 -13.45 -12.79
N ARG A 10 2.95 -13.54 -11.74
CA ARG A 10 2.82 -12.70 -10.55
C ARG A 10 3.15 -11.24 -10.85
N TRP A 11 4.22 -10.98 -11.65
CA TRP A 11 4.56 -9.61 -12.09
C TRP A 11 3.44 -8.99 -12.94
N GLN A 12 2.84 -9.83 -13.82
CA GLN A 12 1.64 -9.43 -14.59
C GLN A 12 0.51 -9.00 -13.65
N ARG A 13 0.25 -9.83 -12.61
CA ARG A 13 -0.78 -9.54 -11.61
C ARG A 13 -0.46 -8.22 -10.85
N ILE A 14 0.83 -8.01 -10.52
CA ILE A 14 1.29 -6.82 -9.75
C ILE A 14 0.95 -5.52 -10.51
N ALA A 15 1.21 -5.49 -11.83
CA ALA A 15 0.92 -4.32 -12.68
C ALA A 15 -0.59 -4.11 -12.88
N LEU A 16 -1.34 -5.22 -13.07
CA LEU A 16 -2.80 -5.18 -13.28
C LEU A 16 -3.54 -4.72 -12.01
N LEU A 17 -3.07 -5.19 -10.85
CA LEU A 17 -3.67 -4.90 -9.54
C LEU A 17 -3.42 -3.44 -9.18
N SER A 18 -2.14 -2.99 -9.30
CA SER A 18 -1.74 -1.59 -8.99
C SER A 18 -2.54 -0.58 -9.81
N GLN A 19 -2.75 -0.92 -11.09
CA GLN A 19 -3.56 -0.12 -12.03
C GLN A 19 -5.02 0.00 -11.56
N SER A 20 -5.64 -1.15 -11.25
CA SER A 20 -7.05 -1.22 -10.83
C SER A 20 -7.29 -0.45 -9.52
N LEU A 21 -6.41 -0.69 -8.51
CA LEU A 21 -6.53 -0.06 -7.20
C LEU A 21 -6.08 1.40 -7.21
N LEU A 22 -5.30 1.81 -8.23
CA LEU A 22 -4.93 3.23 -8.44
C LEU A 22 -6.18 4.03 -8.79
N GLU A 23 -6.98 3.44 -9.71
CA GLU A 23 -8.29 3.96 -10.10
C GLU A 23 -9.24 4.04 -8.88
N LEU A 24 -9.18 2.99 -8.03
CA LEU A 24 -9.97 2.92 -6.78
C LEU A 24 -9.53 4.02 -5.77
N ALA A 25 -8.21 4.29 -5.70
CA ALA A 25 -7.64 5.28 -4.75
C ALA A 25 -8.08 6.72 -5.09
N GLN A 26 -8.00 7.06 -6.39
CA GLN A 26 -8.37 8.40 -6.89
C GLN A 26 -9.91 8.55 -6.98
N ARG A 27 -10.62 7.41 -7.00
CA ARG A 27 -12.10 7.38 -6.90
C ARG A 27 -12.56 7.52 -5.43
N GLY A 28 -11.64 7.21 -4.48
CA GLY A 28 -11.96 7.24 -3.05
C GLY A 28 -12.56 5.94 -2.54
N GLU A 29 -12.51 4.89 -3.38
CA GLU A 29 -12.91 3.53 -3.00
C GLU A 29 -11.89 2.94 -2.01
N TRP A 30 -12.03 3.28 -0.72
CA TRP A 30 -11.06 2.86 0.31
C TRP A 30 -11.23 1.38 0.64
N ASP A 31 -12.50 0.94 0.74
CA ASP A 31 -12.86 -0.47 1.01
C ASP A 31 -12.21 -1.41 -0.02
N LEU A 32 -12.39 -1.04 -1.30
CA LEU A 32 -11.90 -1.80 -2.45
C LEU A 32 -10.35 -1.71 -2.55
N LEU A 33 -9.80 -0.52 -2.24
CA LEU A 33 -8.34 -0.25 -2.26
C LEU A 33 -7.59 -1.17 -1.28
N LEU A 34 -8.13 -1.27 -0.06
CA LEU A 34 -7.57 -2.05 1.06
C LEU A 34 -7.80 -3.56 0.85
N GLN A 35 -8.88 -3.90 0.13
CA GLN A 35 -9.16 -5.28 -0.28
C GLN A 35 -8.13 -5.74 -1.33
N GLN A 36 -7.69 -4.79 -2.18
CA GLN A 36 -6.67 -5.02 -3.22
C GLN A 36 -5.24 -4.95 -2.65
N GLU A 37 -5.08 -4.25 -1.50
CA GLU A 37 -3.79 -4.12 -0.76
C GLU A 37 -3.13 -5.48 -0.54
N VAL A 38 -3.91 -6.39 0.06
CA VAL A 38 -3.43 -7.72 0.47
C VAL A 38 -2.92 -8.54 -0.73
N SER A 39 -3.68 -8.51 -1.85
CA SER A 39 -3.37 -9.28 -3.06
C SER A 39 -2.08 -8.76 -3.73
N TYR A 40 -2.09 -7.45 -3.98
CA TYR A 40 -1.03 -6.73 -4.68
C TYR A 40 0.33 -6.84 -3.97
N LEU A 41 0.36 -6.40 -2.70
CA LEU A 41 1.58 -6.38 -1.90
C LEU A 41 2.10 -7.82 -1.67
N GLN A 42 1.19 -8.80 -1.41
CA GLN A 42 1.57 -10.23 -1.19
C GLN A 42 2.33 -10.80 -2.40
N SER A 43 1.88 -10.41 -3.61
CA SER A 43 2.53 -10.81 -4.87
C SER A 43 3.99 -10.25 -4.97
N ILE A 44 4.16 -8.96 -4.60
CA ILE A 44 5.50 -8.30 -4.56
C ILE A 44 6.42 -9.00 -3.52
N GLU A 45 5.84 -9.25 -2.34
CA GLU A 45 6.53 -9.87 -1.21
C GLU A 45 7.03 -11.27 -1.61
N THR A 46 6.13 -12.08 -2.25
CA THR A 46 6.41 -13.50 -2.52
C THR A 46 7.42 -13.68 -3.67
N VAL A 47 7.46 -12.75 -4.67
CA VAL A 47 8.51 -12.80 -5.71
C VAL A 47 9.89 -12.47 -5.10
N MET A 48 9.90 -11.58 -4.08
CA MET A 48 11.12 -11.22 -3.35
C MET A 48 11.52 -12.27 -2.30
N GLU A 49 10.56 -13.07 -1.79
CA GLU A 49 10.86 -14.21 -0.89
C GLU A 49 11.38 -15.40 -1.72
N LYS A 50 11.01 -15.44 -3.01
CA LYS A 50 11.58 -16.38 -3.99
C LYS A 50 12.92 -15.83 -4.54
N GLN A 51 13.29 -14.60 -4.08
CA GLN A 51 14.56 -13.91 -4.37
C GLN A 51 14.65 -13.46 -5.84
N THR A 52 13.52 -13.57 -6.58
CA THR A 52 13.43 -13.32 -8.03
C THR A 52 14.33 -14.30 -8.82
N PRO A 53 13.75 -15.34 -9.53
CA PRO A 53 14.51 -16.33 -10.35
C PRO A 53 15.57 -15.66 -11.28
N PRO A 54 16.87 -16.06 -11.21
CA PRO A 54 17.95 -15.45 -12.04
C PRO A 54 17.94 -15.88 -13.53
N GLY A 55 17.33 -17.04 -13.82
CA GLY A 55 17.31 -17.60 -15.18
C GLY A 55 16.19 -17.01 -16.04
N ILE A 56 16.35 -15.72 -16.40
CA ILE A 56 15.34 -14.93 -17.14
C ILE A 56 15.94 -14.44 -18.46
N THR A 57 15.31 -14.80 -19.59
CA THR A 57 15.69 -14.30 -20.92
C THR A 57 15.22 -12.85 -21.11
N ARG A 58 15.77 -12.17 -22.13
CA ARG A 58 15.53 -10.74 -22.37
C ARG A 58 14.07 -10.44 -22.81
N SER A 59 13.34 -11.48 -23.28
CA SER A 59 11.90 -11.35 -23.63
C SER A 59 11.03 -11.22 -22.37
N ILE A 60 11.33 -12.07 -21.38
CA ILE A 60 10.63 -12.10 -20.10
C ILE A 60 11.05 -10.90 -19.24
N GLN A 61 12.35 -10.56 -19.33
CA GLN A 61 12.94 -9.39 -18.66
C GLN A 61 12.30 -8.08 -19.20
N ASP A 62 11.95 -8.09 -20.51
CA ASP A 62 11.21 -6.98 -21.16
C ASP A 62 9.80 -6.84 -20.58
N MET A 63 9.05 -7.97 -20.53
CA MET A 63 7.66 -8.02 -20.01
C MET A 63 7.60 -7.47 -18.59
N VAL A 64 8.45 -8.04 -17.71
CA VAL A 64 8.42 -7.73 -16.28
C VAL A 64 9.01 -6.36 -15.98
N ALA A 65 9.94 -5.87 -16.82
CA ALA A 65 10.43 -4.48 -16.73
C ALA A 65 9.28 -3.49 -16.98
N GLY A 66 8.37 -3.86 -17.90
CA GLY A 66 7.14 -3.12 -18.15
C GLY A 66 6.19 -3.16 -16.96
N TYR A 67 6.05 -4.35 -16.34
CA TYR A 67 5.17 -4.56 -15.19
C TYR A 67 5.65 -3.77 -13.94
N ILE A 68 6.98 -3.81 -13.69
CA ILE A 68 7.60 -3.09 -12.55
C ILE A 68 7.49 -1.57 -12.77
N LYS A 69 7.75 -1.13 -14.02
CA LYS A 69 7.73 0.31 -14.37
C LYS A 69 6.37 0.94 -14.05
N GLN A 70 5.29 0.28 -14.53
CA GLN A 70 3.91 0.76 -14.34
C GLN A 70 3.53 0.70 -12.85
N THR A 71 3.94 -0.38 -12.17
CA THR A 71 3.60 -0.59 -10.75
C THR A 71 4.34 0.44 -9.84
N LEU A 72 5.52 0.93 -10.31
CA LEU A 72 6.27 2.01 -9.63
C LEU A 72 5.52 3.34 -9.72
N ASP A 73 5.09 3.66 -10.94
CA ASP A 73 4.35 4.91 -11.25
C ASP A 73 3.08 4.98 -10.38
N ASN A 74 2.30 3.89 -10.44
CA ASN A 74 1.00 3.77 -9.78
C ASN A 74 1.14 3.85 -8.26
N GLU A 75 2.14 3.12 -7.73
CA GLU A 75 2.37 3.00 -6.27
C GLU A 75 3.00 4.29 -5.68
N GLN A 76 3.68 5.07 -6.54
CA GLN A 76 4.19 6.40 -6.19
C GLN A 76 3.03 7.41 -6.07
N LEU A 77 2.03 7.26 -6.97
CA LEU A 77 0.81 8.08 -6.96
C LEU A 77 -0.06 7.72 -5.73
N LEU A 78 -0.03 6.43 -5.32
CA LEU A 78 -0.67 5.97 -4.07
C LEU A 78 -0.01 6.63 -2.86
N LYS A 79 1.33 6.64 -2.85
CA LYS A 79 2.15 7.23 -1.77
C LYS A 79 1.75 8.71 -1.52
N GLY A 80 1.72 9.50 -2.59
CA GLY A 80 1.38 10.93 -2.51
C GLY A 80 -0.09 11.19 -2.16
N LEU A 81 -1.00 10.45 -2.80
CA LEU A 81 -2.46 10.60 -2.64
C LEU A 81 -2.86 10.26 -1.19
N LEU A 82 -2.46 9.07 -0.74
CA LEU A 82 -2.73 8.57 0.62
C LEU A 82 -1.97 9.41 1.67
N GLN A 83 -0.85 10.07 1.29
CA GLN A 83 -0.10 10.99 2.19
C GLN A 83 -0.98 12.18 2.60
N GLN A 84 -1.64 12.77 1.58
CA GLN A 84 -2.61 13.85 1.78
C GLN A 84 -3.76 13.37 2.68
N ARG A 85 -4.32 12.19 2.34
CA ARG A 85 -5.46 11.60 3.03
C ARG A 85 -5.16 11.35 4.53
N LEU A 86 -4.00 10.72 4.82
CA LEU A 86 -3.59 10.37 6.19
C LEU A 86 -3.21 11.62 7.01
N ASP A 87 -2.75 12.67 6.32
CA ASP A 87 -2.46 13.98 6.94
C ASP A 87 -3.76 14.61 7.49
N GLU A 88 -4.81 14.53 6.65
CA GLU A 88 -6.16 15.05 6.96
C GLU A 88 -6.85 14.21 8.04
N LEU A 89 -6.77 12.86 7.90
CA LEU A 89 -7.38 11.90 8.84
C LEU A 89 -6.74 12.05 10.23
N SER A 90 -5.40 12.20 10.27
CA SER A 90 -4.63 12.41 11.52
C SER A 90 -5.10 13.70 12.22
N SER A 91 -5.25 14.77 11.42
CA SER A 91 -5.74 16.08 11.90
C SER A 91 -7.15 15.96 12.51
N LEU A 92 -8.03 15.19 11.83
CA LEU A 92 -9.42 14.96 12.28
C LEU A 92 -9.45 14.21 13.62
N ILE A 93 -8.65 13.11 13.72
CA ILE A 93 -8.52 12.28 14.93
C ILE A 93 -8.04 13.14 16.10
N GLY A 94 -7.06 14.02 15.84
CA GLY A 94 -6.48 14.88 16.86
C GLY A 94 -7.48 15.88 17.46
N GLN A 95 -8.41 16.34 16.63
CA GLN A 95 -9.43 17.35 17.02
C GLN A 95 -10.63 16.70 17.74
N VAL A 96 -11.03 15.48 17.30
CA VAL A 96 -12.23 14.79 17.82
C VAL A 96 -11.89 13.90 19.05
N LEU A 97 -10.64 13.40 19.12
CA LEU A 97 -10.16 12.55 20.25
C LEU A 97 -9.59 13.46 21.34
N PHE A 98 -10.28 13.52 22.48
CA PHE A 98 -9.77 14.18 23.68
C PHE A 98 -8.93 13.16 24.46
N GLN A 99 -7.64 13.05 24.10
CA GLN A 99 -6.69 12.05 24.67
C GLN A 99 -6.02 12.55 25.96
N GLY A 100 -6.54 13.64 26.52
CA GLY A 100 -6.03 14.21 27.78
C GLY A 100 -6.44 15.67 27.93
N PRO A 101 -5.83 16.60 27.10
CA PRO A 101 -6.18 18.05 27.13
C PRO A 101 -7.69 18.31 26.87
N SER A 102 -8.23 19.34 27.56
CA SER A 102 -9.67 19.75 27.56
C SER A 102 -10.54 18.82 28.44
N ALA A 103 -10.31 17.49 28.36
CA ALA A 103 -11.04 16.51 29.17
C ALA A 103 -10.63 16.62 30.65
N GLY A 104 -11.61 16.75 31.57
CA GLY A 104 -11.35 16.93 33.00
C GLY A 104 -11.14 15.59 33.74
N LEU A 105 -10.40 14.68 33.08
CA LEU A 105 -10.14 13.31 33.55
C LEU A 105 -9.01 12.70 32.70
N VAL A 106 -8.47 11.56 33.14
CA VAL A 106 -7.49 10.77 32.36
C VAL A 106 -8.28 9.77 31.48
N PRO A 107 -8.38 10.01 30.13
CA PRO A 107 -9.17 9.17 29.19
C PRO A 107 -8.30 8.11 28.48
N ARG A 108 -7.23 7.66 29.16
CA ARG A 108 -6.30 6.64 28.63
C ARG A 108 -6.95 5.25 28.69
N GLY A 109 -7.68 4.92 27.63
CA GLY A 109 -8.36 3.64 27.52
C GLY A 109 -8.45 3.18 26.07
N SER A 110 -7.37 2.52 25.61
CA SER A 110 -7.30 1.94 24.27
C SER A 110 -8.18 0.68 24.19
N GLY A 111 -9.41 0.85 23.68
CA GLY A 111 -10.36 -0.25 23.53
C GLY A 111 -11.73 0.26 23.12
N GLY A 112 -12.29 1.16 23.95
CA GLY A 112 -13.61 1.73 23.69
C GLY A 112 -13.96 2.84 24.69
N ILE A 113 -13.94 4.10 24.21
CA ILE A 113 -14.33 5.28 25.01
C ILE A 113 -15.88 5.28 25.16
N GLU A 114 -16.38 5.87 26.26
CA GLU A 114 -17.82 6.01 26.52
C GLU A 114 -18.38 7.26 25.79
N GLY A 115 -19.04 7.04 24.65
CA GLY A 115 -19.70 8.12 23.90
C GLY A 115 -19.60 7.96 22.38
N SER A 116 -20.15 8.97 21.66
CA SER A 116 -20.13 9.02 20.18
C SER A 116 -18.74 9.45 19.67
N ILE A 117 -17.95 10.06 20.56
CA ILE A 117 -16.52 10.35 20.34
C ILE A 117 -15.78 9.07 19.95
N ASP A 118 -16.09 7.95 20.63
CA ASP A 118 -15.50 6.63 20.37
C ASP A 118 -15.78 6.16 18.93
N GLU A 119 -17.01 6.44 18.46
CA GLU A 119 -17.47 6.02 17.13
C GLU A 119 -16.69 6.75 16.02
N THR A 120 -16.75 8.09 16.02
CA THR A 120 -16.09 8.92 14.99
C THR A 120 -14.55 8.71 14.96
N VAL A 121 -13.95 8.61 16.17
CA VAL A 121 -12.51 8.32 16.30
C VAL A 121 -12.19 6.97 15.68
N ALA A 122 -12.98 5.93 16.04
CA ALA A 122 -12.75 4.55 15.56
C ALA A 122 -12.81 4.46 14.03
N ARG A 123 -13.68 5.28 13.40
CA ARG A 123 -13.83 5.27 11.93
C ARG A 123 -12.58 5.86 11.25
N TYR A 124 -12.17 7.07 11.69
CA TYR A 124 -10.99 7.76 11.13
C TYR A 124 -9.68 7.05 11.53
N LYS A 125 -9.71 6.31 12.66
CA LYS A 125 -8.56 5.56 13.20
C LYS A 125 -8.36 4.28 12.39
N ALA A 126 -9.47 3.63 12.00
CA ALA A 126 -9.45 2.42 11.16
C ALA A 126 -8.98 2.78 9.74
N GLN A 127 -9.57 3.85 9.17
CA GLN A 127 -9.20 4.35 7.83
C GLN A 127 -7.71 4.79 7.82
N PHE A 128 -7.28 5.44 8.93
CA PHE A 128 -5.88 5.88 9.09
C PHE A 128 -4.94 4.65 9.07
N THR A 129 -5.21 3.69 9.99
CA THR A 129 -4.36 2.51 10.25
C THR A 129 -4.23 1.57 9.02
N GLN A 130 -5.30 1.47 8.24
CA GLN A 130 -5.36 0.59 7.06
C GLN A 130 -4.65 1.22 5.86
N LEU A 131 -4.91 2.51 5.59
CA LEU A 131 -4.18 3.27 4.55
C LEU A 131 -2.69 3.49 4.99
N ASP A 132 -2.44 3.36 6.31
CA ASP A 132 -1.09 3.49 6.92
C ASP A 132 -0.27 2.21 6.72
N THR A 133 -0.87 1.03 7.03
CA THR A 133 -0.18 -0.26 6.81
C THR A 133 0.06 -0.48 5.31
N MET A 134 -0.89 0.01 4.48
CA MET A 134 -0.73 0.03 3.02
C MET A 134 0.47 0.91 2.64
N MET A 135 0.50 2.16 3.18
CA MET A 135 1.53 3.16 2.86
C MET A 135 2.94 2.69 3.19
N SER A 136 3.11 2.17 4.40
CA SER A 136 4.41 1.72 4.92
C SER A 136 4.96 0.55 4.10
N LYS A 137 4.08 -0.43 3.83
CA LYS A 137 4.44 -1.59 3.01
C LYS A 137 4.71 -1.18 1.54
N LEU A 138 3.89 -0.26 0.98
CA LEU A 138 4.01 0.17 -0.43
C LEU A 138 5.25 1.07 -0.61
N ASN A 139 5.66 1.72 0.49
CA ASN A 139 6.86 2.58 0.52
C ASN A 139 8.11 1.70 0.49
N ASN A 140 8.06 0.60 1.27
CA ASN A 140 9.13 -0.40 1.32
C ASN A 140 9.24 -1.16 -0.02
N THR A 141 8.09 -1.55 -0.59
CA THR A 141 8.06 -2.26 -1.87
C THR A 141 8.63 -1.36 -2.98
N SER A 142 7.99 -0.17 -3.21
CA SER A 142 8.41 0.78 -4.27
C SER A 142 9.89 1.17 -4.15
N SER A 143 10.41 1.20 -2.91
CA SER A 143 11.83 1.41 -2.63
C SER A 143 12.69 0.33 -3.31
N TYR A 144 12.54 -0.95 -2.86
CA TYR A 144 13.34 -2.05 -3.39
C TYR A 144 12.98 -2.40 -4.84
N LEU A 145 11.76 -2.01 -5.28
CA LEU A 145 11.27 -2.27 -6.65
C LEU A 145 11.95 -1.35 -7.66
N THR A 146 12.11 -0.04 -7.33
CA THR A 146 12.75 0.93 -8.24
C THR A 146 14.25 0.65 -8.35
N GLN A 147 14.86 0.25 -7.22
CA GLN A 147 16.29 -0.10 -7.17
C GLN A 147 16.55 -1.41 -7.97
N GLN A 148 15.71 -2.44 -7.72
CA GLN A 148 15.78 -3.74 -8.41
C GLN A 148 15.46 -3.59 -9.91
N PHE A 149 14.55 -2.65 -10.25
CA PHE A 149 14.23 -2.32 -11.65
C PHE A 149 15.46 -1.74 -12.36
N THR A 150 16.15 -0.79 -11.71
CA THR A 150 17.38 -0.17 -12.23
C THR A 150 18.49 -1.26 -12.43
N ALA A 151 18.46 -2.29 -11.57
CA ALA A 151 19.40 -3.42 -11.66
C ALA A 151 19.08 -4.36 -12.86
N MET A 152 17.82 -4.83 -12.91
CA MET A 152 17.34 -5.83 -13.91
C MET A 152 17.34 -5.22 -15.32
N ASN A 153 17.08 -3.91 -15.39
CA ASN A 153 17.09 -3.15 -16.64
C ASN A 153 18.55 -2.85 -17.05
N LYS A 154 19.28 -2.04 -16.24
CA LYS A 154 20.70 -1.70 -16.50
C LYS A 154 21.62 -2.05 -15.29
N SER A 155 21.95 -3.36 -15.13
CA SER A 155 23.04 -3.82 -14.21
C SER A 155 24.35 -3.01 -14.41
N MET A 1 8.82 -24.69 -16.32
CA MET A 1 9.72 -23.75 -15.63
C MET A 1 8.96 -23.04 -14.49
N THR A 2 9.00 -23.65 -13.28
CA THR A 2 8.19 -23.22 -12.11
C THR A 2 8.51 -21.77 -11.65
N SER A 3 9.78 -21.54 -11.31
CA SER A 3 10.25 -20.24 -10.77
C SER A 3 10.01 -19.10 -11.79
N THR A 4 10.22 -19.42 -13.08
CA THR A 4 10.06 -18.47 -14.17
C THR A 4 8.58 -18.12 -14.42
N VAL A 5 7.68 -19.13 -14.41
CA VAL A 5 6.26 -18.92 -14.75
C VAL A 5 5.54 -18.11 -13.63
N GLU A 6 5.89 -18.39 -12.35
CA GLU A 6 5.32 -17.65 -11.20
C GLU A 6 5.87 -16.21 -11.17
N PHE A 7 7.13 -16.05 -11.61
CA PHE A 7 7.75 -14.72 -11.83
C PHE A 7 6.92 -13.89 -12.85
N ILE A 8 6.71 -14.48 -14.06
CA ILE A 8 5.97 -13.83 -15.18
C ILE A 8 4.54 -13.43 -14.74
N ASN A 9 3.80 -14.43 -14.23
CA ASN A 9 2.39 -14.31 -13.87
C ASN A 9 2.18 -13.24 -12.80
N ARG A 10 2.94 -13.36 -11.69
CA ARG A 10 2.71 -12.55 -10.50
C ARG A 10 3.20 -11.09 -10.69
N TRP A 11 4.27 -10.86 -11.49
CA TRP A 11 4.68 -9.48 -11.85
C TRP A 11 3.58 -8.79 -12.69
N GLN A 12 2.96 -9.58 -13.60
CA GLN A 12 1.79 -9.12 -14.39
C GLN A 12 0.63 -8.76 -13.45
N ARG A 13 0.41 -9.61 -12.42
CA ARG A 13 -0.63 -9.38 -11.40
C ARG A 13 -0.37 -8.04 -10.69
N ILE A 14 0.88 -7.84 -10.23
CA ILE A 14 1.32 -6.64 -9.49
C ILE A 14 1.02 -5.34 -10.27
N ALA A 15 1.27 -5.37 -11.60
CA ALA A 15 1.01 -4.23 -12.51
C ALA A 15 -0.51 -3.92 -12.60
N LEU A 16 -1.31 -4.99 -12.79
CA LEU A 16 -2.78 -4.88 -12.93
C LEU A 16 -3.44 -4.46 -11.60
N LEU A 17 -2.87 -4.94 -10.48
CA LEU A 17 -3.39 -4.67 -9.12
C LEU A 17 -3.18 -3.20 -8.77
N SER A 18 -1.91 -2.73 -8.89
CA SER A 18 -1.53 -1.34 -8.60
C SER A 18 -2.35 -0.34 -9.43
N GLN A 19 -2.51 -0.66 -10.71
CA GLN A 19 -3.33 0.11 -11.66
C GLN A 19 -4.77 0.26 -11.14
N SER A 20 -5.38 -0.89 -10.79
CA SER A 20 -6.78 -0.95 -10.33
C SER A 20 -6.98 -0.12 -9.06
N LEU A 21 -6.21 -0.46 -7.99
CA LEU A 21 -6.39 0.14 -6.67
C LEU A 21 -5.99 1.63 -6.64
N LEU A 22 -5.15 2.07 -7.61
CA LEU A 22 -4.82 3.48 -7.80
C LEU A 22 -6.08 4.24 -8.22
N GLU A 23 -6.79 3.66 -9.21
CA GLU A 23 -8.06 4.20 -9.71
C GLU A 23 -9.13 4.15 -8.61
N LEU A 24 -9.10 3.10 -7.78
CA LEU A 24 -10.05 2.92 -6.65
C LEU A 24 -9.77 3.93 -5.52
N ALA A 25 -8.48 4.30 -5.35
CA ALA A 25 -8.04 5.28 -4.33
C ALA A 25 -8.49 6.70 -4.69
N GLN A 26 -8.31 7.09 -5.97
CA GLN A 26 -8.71 8.43 -6.46
C GLN A 26 -10.24 8.53 -6.58
N ARG A 27 -10.91 7.38 -6.81
CA ARG A 27 -12.38 7.26 -6.77
C ARG A 27 -12.89 7.43 -5.32
N GLY A 28 -12.03 7.12 -4.34
CA GLY A 28 -12.36 7.24 -2.92
C GLY A 28 -12.93 5.97 -2.32
N GLU A 29 -13.00 4.90 -3.14
CA GLU A 29 -13.41 3.57 -2.68
C GLU A 29 -12.26 2.92 -1.91
N TRP A 30 -12.16 3.29 -0.61
CA TRP A 30 -11.12 2.77 0.30
C TRP A 30 -11.32 1.27 0.54
N ASP A 31 -12.58 0.83 0.44
CA ASP A 31 -12.98 -0.57 0.55
C ASP A 31 -12.28 -1.42 -0.52
N LEU A 32 -12.38 -0.95 -1.77
CA LEU A 32 -11.85 -1.65 -2.94
C LEU A 32 -10.32 -1.52 -3.02
N LEU A 33 -9.78 -0.36 -2.58
CA LEU A 33 -8.33 -0.12 -2.42
C LEU A 33 -7.71 -1.16 -1.46
N LEU A 34 -8.30 -1.28 -0.26
CA LEU A 34 -7.84 -2.19 0.81
C LEU A 34 -8.09 -3.67 0.45
N GLN A 35 -9.10 -3.91 -0.40
CA GLN A 35 -9.37 -5.24 -0.95
C GLN A 35 -8.18 -5.70 -1.80
N GLN A 36 -7.69 -4.76 -2.64
CA GLN A 36 -6.57 -5.01 -3.55
C GLN A 36 -5.21 -4.84 -2.84
N GLU A 37 -5.21 -4.24 -1.62
CA GLU A 37 -4.01 -4.10 -0.77
C GLU A 37 -3.39 -5.47 -0.45
N VAL A 38 -4.22 -6.38 0.10
CA VAL A 38 -3.78 -7.71 0.55
C VAL A 38 -3.11 -8.49 -0.59
N SER A 39 -3.75 -8.47 -1.78
CA SER A 39 -3.27 -9.18 -2.96
C SER A 39 -1.97 -8.53 -3.49
N TYR A 40 -1.99 -7.18 -3.60
CA TYR A 40 -0.88 -6.39 -4.18
C TYR A 40 0.43 -6.59 -3.40
N LEU A 41 0.40 -6.26 -2.09
CA LEU A 41 1.58 -6.32 -1.22
C LEU A 41 2.08 -7.77 -1.07
N GLN A 42 1.13 -8.74 -0.97
CA GLN A 42 1.46 -10.18 -0.92
C GLN A 42 2.21 -10.62 -2.18
N SER A 43 1.75 -10.14 -3.34
CA SER A 43 2.33 -10.47 -4.66
C SER A 43 3.79 -9.96 -4.76
N ILE A 44 4.03 -8.73 -4.25
CA ILE A 44 5.38 -8.14 -4.23
C ILE A 44 6.35 -8.96 -3.36
N GLU A 45 5.87 -9.35 -2.18
CA GLU A 45 6.69 -10.08 -1.19
C GLU A 45 6.96 -11.52 -1.62
N THR A 46 5.97 -12.16 -2.29
CA THR A 46 6.09 -13.56 -2.72
C THR A 46 7.05 -13.69 -3.93
N VAL A 47 7.06 -12.68 -4.83
CA VAL A 47 8.05 -12.64 -5.94
C VAL A 47 9.44 -12.30 -5.39
N MET A 48 9.49 -11.51 -4.29
CA MET A 48 10.75 -11.15 -3.60
C MET A 48 11.25 -12.28 -2.68
N GLU A 49 10.39 -13.30 -2.44
CA GLU A 49 10.82 -14.55 -1.78
C GLU A 49 11.75 -15.34 -2.75
N LYS A 50 11.48 -15.19 -4.07
CA LYS A 50 12.37 -15.67 -5.15
C LYS A 50 13.39 -14.59 -5.54
N GLN A 51 13.01 -13.32 -5.27
CA GLN A 51 13.69 -12.10 -5.74
C GLN A 51 13.67 -12.05 -7.28
N THR A 52 14.59 -12.81 -7.91
CA THR A 52 14.64 -13.02 -9.35
C THR A 52 15.30 -14.40 -9.61
N PRO A 53 14.55 -15.39 -10.20
CA PRO A 53 15.17 -16.62 -10.73
C PRO A 53 16.23 -16.29 -11.83
N PRO A 54 17.41 -16.99 -11.86
CA PRO A 54 18.45 -16.75 -12.90
C PRO A 54 17.99 -17.12 -14.33
N GLY A 55 16.96 -17.98 -14.45
CA GLY A 55 16.44 -18.43 -15.74
C GLY A 55 15.43 -17.46 -16.36
N ILE A 56 15.87 -16.20 -16.56
CA ILE A 56 15.06 -15.14 -17.18
C ILE A 56 15.79 -14.62 -18.44
N THR A 57 15.15 -14.80 -19.61
CA THR A 57 15.65 -14.29 -20.89
C THR A 57 15.33 -12.79 -21.04
N ARG A 58 15.86 -12.16 -22.12
CA ARG A 58 15.69 -10.72 -22.38
C ARG A 58 14.23 -10.36 -22.71
N SER A 59 13.45 -11.35 -23.20
CA SER A 59 12.03 -11.15 -23.56
C SER A 59 11.20 -10.96 -22.27
N ILE A 60 11.29 -11.96 -21.37
CA ILE A 60 10.63 -11.95 -20.04
C ILE A 60 11.11 -10.76 -19.20
N GLN A 61 12.41 -10.42 -19.34
CA GLN A 61 13.04 -9.25 -18.69
C GLN A 61 12.32 -7.97 -19.09
N ASP A 62 12.06 -7.80 -20.41
CA ASP A 62 11.41 -6.59 -20.98
C ASP A 62 9.93 -6.52 -20.58
N MET A 63 9.30 -7.70 -20.49
CA MET A 63 7.89 -7.88 -20.07
C MET A 63 7.69 -7.34 -18.65
N VAL A 64 8.42 -7.95 -17.69
CA VAL A 64 8.32 -7.62 -16.27
C VAL A 64 8.91 -6.23 -16.00
N ALA A 65 9.83 -5.76 -16.86
CA ALA A 65 10.34 -4.38 -16.80
C ALA A 65 9.17 -3.40 -16.99
N GLY A 66 8.30 -3.69 -17.96
CA GLY A 66 7.08 -2.92 -18.18
C GLY A 66 6.14 -2.99 -16.99
N TYR A 67 5.97 -4.22 -16.43
CA TYR A 67 5.05 -4.47 -15.30
C TYR A 67 5.49 -3.74 -14.02
N ILE A 68 6.81 -3.74 -13.75
CA ILE A 68 7.37 -3.06 -12.56
C ILE A 68 7.32 -1.54 -12.75
N LYS A 69 7.55 -1.07 -13.99
CA LYS A 69 7.53 0.38 -14.30
C LYS A 69 6.11 0.95 -14.06
N GLN A 70 5.08 0.17 -14.46
CA GLN A 70 3.66 0.50 -14.21
C GLN A 70 3.40 0.58 -12.71
N THR A 71 3.83 -0.47 -11.98
CA THR A 71 3.52 -0.62 -10.57
C THR A 71 4.23 0.47 -9.74
N LEU A 72 5.44 0.89 -10.17
CA LEU A 72 6.21 1.99 -9.54
C LEU A 72 5.45 3.32 -9.69
N ASP A 73 4.96 3.55 -10.91
CA ASP A 73 4.22 4.78 -11.26
C ASP A 73 2.95 4.92 -10.39
N ASN A 74 2.15 3.84 -10.36
CA ASN A 74 0.88 3.79 -9.64
C ASN A 74 1.09 3.91 -8.12
N GLU A 75 2.08 3.16 -7.62
CA GLU A 75 2.40 3.08 -6.18
C GLU A 75 3.03 4.39 -5.66
N GLN A 76 3.70 5.13 -6.54
CA GLN A 76 4.25 6.46 -6.22
C GLN A 76 3.10 7.47 -6.04
N LEU A 77 2.10 7.38 -6.94
CA LEU A 77 0.88 8.20 -6.85
C LEU A 77 0.05 7.83 -5.60
N LEU A 78 0.12 6.55 -5.18
CA LEU A 78 -0.50 6.09 -3.91
C LEU A 78 0.15 6.80 -2.72
N LYS A 79 1.49 6.80 -2.70
CA LYS A 79 2.28 7.42 -1.64
C LYS A 79 1.84 8.88 -1.41
N GLY A 80 1.85 9.69 -2.49
CA GLY A 80 1.43 11.09 -2.42
C GLY A 80 -0.04 11.29 -2.03
N LEU A 81 -0.96 10.70 -2.82
CA LEU A 81 -2.43 10.86 -2.68
C LEU A 81 -2.89 10.43 -1.28
N LEU A 82 -2.55 9.18 -0.90
CA LEU A 82 -2.97 8.60 0.37
C LEU A 82 -2.35 9.36 1.57
N GLN A 83 -1.09 9.85 1.43
CA GLN A 83 -0.40 10.61 2.51
C GLN A 83 -1.17 11.89 2.87
N GLN A 84 -1.69 12.56 1.82
CA GLN A 84 -2.55 13.75 1.98
C GLN A 84 -3.84 13.39 2.74
N ARG A 85 -4.50 12.31 2.28
CA ARG A 85 -5.77 11.81 2.86
C ARG A 85 -5.61 11.43 4.35
N LEU A 86 -4.50 10.74 4.64
CA LEU A 86 -4.16 10.23 5.99
C LEU A 86 -3.81 11.38 6.94
N ASP A 87 -3.13 12.41 6.40
CA ASP A 87 -2.73 13.60 7.18
C ASP A 87 -3.99 14.36 7.65
N GLU A 88 -5.01 14.38 6.77
CA GLU A 88 -6.32 14.95 7.05
C GLU A 88 -7.04 14.15 8.15
N LEU A 89 -7.05 12.80 8.00
CA LEU A 89 -7.67 11.87 8.97
C LEU A 89 -7.02 12.02 10.37
N SER A 90 -5.69 12.17 10.38
CA SER A 90 -4.87 12.32 11.61
C SER A 90 -5.24 13.62 12.36
N SER A 91 -5.46 14.69 11.57
CA SER A 91 -5.92 15.99 12.08
C SER A 91 -7.31 15.85 12.73
N LEU A 92 -8.21 15.15 12.01
CA LEU A 92 -9.60 14.89 12.44
C LEU A 92 -9.64 14.12 13.78
N ILE A 93 -8.72 13.14 13.94
CA ILE A 93 -8.56 12.37 15.20
C ILE A 93 -8.14 13.34 16.33
N GLY A 94 -7.16 14.22 16.03
CA GLY A 94 -6.66 15.20 17.01
C GLY A 94 -7.71 16.19 17.49
N GLN A 95 -8.74 16.45 16.65
CA GLN A 95 -9.82 17.40 16.96
C GLN A 95 -10.92 16.75 17.83
N VAL A 96 -11.40 15.56 17.41
CA VAL A 96 -12.54 14.88 18.08
C VAL A 96 -12.07 14.06 19.31
N LEU A 97 -10.98 13.29 19.16
CA LEU A 97 -10.43 12.44 20.23
C LEU A 97 -9.69 13.34 21.24
N PHE A 98 -10.19 13.40 22.48
CA PHE A 98 -9.46 13.98 23.61
C PHE A 98 -8.39 12.96 24.03
N GLN A 99 -7.24 12.98 23.33
CA GLN A 99 -6.17 11.96 23.50
C GLN A 99 -5.43 12.11 24.83
N GLY A 100 -5.65 13.24 25.52
CA GLY A 100 -5.04 13.50 26.82
C GLY A 100 -5.63 14.75 27.48
N PRO A 101 -5.30 15.98 26.96
CA PRO A 101 -5.87 17.26 27.46
C PRO A 101 -7.32 17.51 26.95
N SER A 102 -7.81 18.75 27.22
CA SER A 102 -9.16 19.23 26.83
C SER A 102 -10.30 18.46 27.54
N ALA A 103 -9.98 17.94 28.75
CA ALA A 103 -10.95 17.27 29.63
C ALA A 103 -10.46 17.32 31.09
N GLY A 104 -11.41 17.54 32.03
CA GLY A 104 -11.11 17.54 33.46
C GLY A 104 -10.80 16.16 33.99
N LEU A 105 -11.54 15.14 33.50
CA LEU A 105 -11.23 13.73 33.77
C LEU A 105 -10.12 13.24 32.82
N VAL A 106 -9.73 11.97 32.97
CA VAL A 106 -8.73 11.31 32.10
C VAL A 106 -9.48 10.66 30.91
N PRO A 107 -9.43 11.27 29.68
CA PRO A 107 -10.14 10.77 28.49
C PRO A 107 -9.26 9.85 27.62
N ARG A 108 -8.17 9.32 28.22
CA ARG A 108 -7.22 8.44 27.55
C ARG A 108 -7.83 7.02 27.43
N GLY A 109 -8.76 6.89 26.47
CA GLY A 109 -9.45 5.63 26.19
C GLY A 109 -8.97 5.04 24.88
N SER A 110 -7.64 4.81 24.81
CA SER A 110 -6.99 4.24 23.63
C SER A 110 -7.46 2.78 23.41
N GLY A 111 -8.41 2.63 22.47
CA GLY A 111 -9.01 1.34 22.17
C GLY A 111 -10.53 1.47 22.03
N GLY A 112 -11.13 2.28 22.92
CA GLY A 112 -12.58 2.46 22.94
C GLY A 112 -13.00 3.61 23.84
N ILE A 113 -13.71 4.60 23.26
CA ILE A 113 -14.25 5.77 23.96
C ILE A 113 -15.77 5.49 24.23
N GLU A 114 -16.52 6.45 24.81
CA GLU A 114 -17.98 6.35 25.01
C GLU A 114 -18.67 7.52 24.27
N GLY A 115 -19.78 7.22 23.57
CA GLY A 115 -20.54 8.22 22.81
C GLY A 115 -20.29 8.12 21.31
N SER A 116 -20.81 9.09 20.55
CA SER A 116 -20.63 9.17 19.09
C SER A 116 -19.17 9.48 18.71
N ILE A 117 -18.42 10.08 19.65
CA ILE A 117 -16.97 10.35 19.52
C ILE A 117 -16.22 9.01 19.33
N ASP A 118 -16.70 7.94 19.99
CA ASP A 118 -16.14 6.58 19.85
C ASP A 118 -16.26 6.08 18.40
N GLU A 119 -17.43 6.33 17.79
CA GLU A 119 -17.76 5.84 16.43
C GLU A 119 -16.86 6.49 15.39
N THR A 120 -16.80 7.85 15.42
CA THR A 120 -16.05 8.63 14.43
C THR A 120 -14.53 8.36 14.54
N VAL A 121 -14.02 8.23 15.78
CA VAL A 121 -12.60 7.88 16.04
C VAL A 121 -12.30 6.44 15.59
N ALA A 122 -13.26 5.53 15.82
CA ALA A 122 -13.12 4.10 15.42
C ALA A 122 -12.93 3.99 13.90
N ARG A 123 -13.66 4.84 13.14
CA ARG A 123 -13.59 4.89 11.68
C ARG A 123 -12.29 5.53 11.20
N TYR A 124 -11.91 6.69 11.79
CA TYR A 124 -10.68 7.41 11.43
C TYR A 124 -9.44 6.57 11.70
N LYS A 125 -9.42 5.92 12.88
CA LYS A 125 -8.30 5.08 13.33
C LYS A 125 -8.16 3.85 12.42
N ALA A 126 -9.31 3.23 12.07
CA ALA A 126 -9.36 2.07 11.17
C ALA A 126 -8.77 2.42 9.80
N GLN A 127 -9.37 3.44 9.13
CA GLN A 127 -8.97 3.85 7.77
C GLN A 127 -7.53 4.37 7.73
N PHE A 128 -7.12 5.11 8.79
CA PHE A 128 -5.77 5.67 8.90
C PHE A 128 -4.76 4.52 8.93
N THR A 129 -4.84 3.67 9.97
CA THR A 129 -3.88 2.58 10.23
C THR A 129 -3.76 1.61 9.03
N GLN A 130 -4.90 1.34 8.36
CA GLN A 130 -4.97 0.43 7.20
C GLN A 130 -4.18 0.98 6.00
N LEU A 131 -4.50 2.22 5.56
CA LEU A 131 -3.78 2.87 4.44
C LEU A 131 -2.34 3.27 4.83
N ASP A 132 -2.10 3.45 6.14
CA ASP A 132 -0.81 3.91 6.70
C ASP A 132 0.21 2.76 6.79
N THR A 133 -0.28 1.55 7.15
CA THR A 133 0.56 0.34 7.15
C THR A 133 0.77 -0.13 5.70
N MET A 134 -0.26 0.11 4.83
CA MET A 134 -0.13 -0.08 3.39
C MET A 134 0.98 0.82 2.86
N MET A 135 1.01 2.08 3.36
CA MET A 135 1.97 3.11 2.95
C MET A 135 3.41 2.75 3.30
N SER A 136 3.63 2.33 4.56
CA SER A 136 4.96 1.97 5.05
C SER A 136 5.51 0.75 4.29
N LYS A 137 4.61 -0.19 3.97
CA LYS A 137 4.96 -1.37 3.16
C LYS A 137 5.24 -0.95 1.71
N LEU A 138 4.37 -0.11 1.11
CA LEU A 138 4.49 0.27 -0.32
C LEU A 138 5.66 1.25 -0.54
N ASN A 139 6.12 1.89 0.55
CA ASN A 139 7.30 2.78 0.53
C ASN A 139 8.58 1.93 0.59
N ASN A 140 8.55 0.89 1.43
CA ASN A 140 9.64 -0.11 1.52
C ASN A 140 9.82 -0.82 0.17
N THR A 141 8.67 -1.28 -0.39
CA THR A 141 8.63 -2.00 -1.64
C THR A 141 9.15 -1.12 -2.76
N SER A 142 8.53 0.07 -2.97
CA SER A 142 8.91 1.03 -4.04
C SER A 142 10.41 1.32 -4.08
N SER A 143 11.02 1.42 -2.87
CA SER A 143 12.45 1.62 -2.72
C SER A 143 13.24 0.47 -3.39
N TYR A 144 13.07 -0.78 -2.89
CA TYR A 144 13.84 -1.93 -3.42
C TYR A 144 13.33 -2.36 -4.82
N LEU A 145 12.09 -2.00 -5.18
CA LEU A 145 11.47 -2.36 -6.48
C LEU A 145 12.11 -1.55 -7.60
N THR A 146 12.34 -0.25 -7.36
CA THR A 146 12.94 0.65 -8.37
C THR A 146 14.44 0.34 -8.52
N GLN A 147 15.10 -0.05 -7.40
CA GLN A 147 16.49 -0.53 -7.42
C GLN A 147 16.61 -1.82 -8.26
N GLN A 148 15.70 -2.77 -7.98
CA GLN A 148 15.70 -4.11 -8.58
C GLN A 148 15.29 -4.03 -10.07
N PHE A 149 14.34 -3.13 -10.39
CA PHE A 149 13.85 -2.88 -11.75
C PHE A 149 14.99 -2.41 -12.66
N THR A 150 15.64 -1.30 -12.25
CA THR A 150 16.72 -0.68 -13.02
C THR A 150 17.93 -1.63 -13.14
N ALA A 151 18.11 -2.51 -12.11
CA ALA A 151 19.14 -3.56 -12.13
C ALA A 151 18.82 -4.64 -13.18
N MET A 152 17.58 -5.19 -13.11
CA MET A 152 17.14 -6.32 -13.97
C MET A 152 17.12 -5.91 -15.44
N ASN A 153 16.74 -4.66 -15.69
CA ASN A 153 16.61 -4.09 -17.03
C ASN A 153 18.02 -3.73 -17.56
N LYS A 154 18.70 -2.77 -16.90
CA LYS A 154 20.10 -2.37 -17.20
C LYS A 154 21.02 -2.44 -15.95
N SER A 155 21.50 -3.66 -15.59
CA SER A 155 22.59 -3.85 -14.59
C SER A 155 23.78 -2.86 -14.83
N MET A 1 10.50 -24.66 -15.27
CA MET A 1 10.91 -23.47 -14.51
C MET A 1 9.71 -22.86 -13.73
N THR A 2 9.39 -23.48 -12.57
CA THR A 2 8.21 -23.11 -11.75
C THR A 2 8.38 -21.72 -11.12
N SER A 3 9.57 -21.46 -10.55
CA SER A 3 9.89 -20.17 -9.90
C SER A 3 9.92 -19.02 -10.93
N THR A 4 10.34 -19.34 -12.16
CA THR A 4 10.42 -18.38 -13.26
C THR A 4 9.01 -18.04 -13.81
N VAL A 5 8.10 -19.04 -13.92
CA VAL A 5 6.75 -18.79 -14.48
C VAL A 5 5.85 -18.05 -13.46
N GLU A 6 6.00 -18.36 -12.14
CA GLU A 6 5.27 -17.65 -11.08
C GLU A 6 5.81 -16.21 -10.94
N PHE A 7 7.11 -16.04 -11.18
CA PHE A 7 7.75 -14.71 -11.35
C PHE A 7 6.98 -13.89 -12.43
N ILE A 8 6.81 -14.48 -13.64
CA ILE A 8 6.11 -13.85 -14.79
C ILE A 8 4.67 -13.42 -14.40
N ASN A 9 3.83 -14.42 -14.06
CA ASN A 9 2.38 -14.25 -13.81
C ASN A 9 2.10 -13.29 -12.64
N ARG A 10 2.90 -13.38 -11.57
CA ARG A 10 2.65 -12.57 -10.36
C ARG A 10 3.10 -11.11 -10.55
N TRP A 11 4.19 -10.86 -11.32
CA TRP A 11 4.58 -9.47 -11.72
C TRP A 11 3.45 -8.85 -12.57
N GLN A 12 2.86 -9.69 -13.46
CA GLN A 12 1.67 -9.32 -14.23
C GLN A 12 0.51 -8.93 -13.29
N ARG A 13 0.31 -9.73 -12.21
CA ARG A 13 -0.73 -9.44 -11.20
C ARG A 13 -0.43 -8.11 -10.50
N ILE A 14 0.85 -7.87 -10.16
CA ILE A 14 1.30 -6.67 -9.41
C ILE A 14 0.93 -5.38 -10.16
N ALA A 15 1.19 -5.37 -11.49
CA ALA A 15 0.90 -4.19 -12.35
C ALA A 15 -0.61 -3.99 -12.59
N LEU A 16 -1.34 -5.11 -12.78
CA LEU A 16 -2.81 -5.09 -12.98
C LEU A 16 -3.53 -4.61 -11.70
N LEU A 17 -3.03 -5.09 -10.54
CA LEU A 17 -3.60 -4.75 -9.23
C LEU A 17 -3.32 -3.29 -8.89
N SER A 18 -2.04 -2.86 -9.06
CA SER A 18 -1.60 -1.47 -8.77
C SER A 18 -2.43 -0.46 -9.56
N GLN A 19 -2.67 -0.76 -10.84
CA GLN A 19 -3.46 0.09 -11.75
C GLN A 19 -4.93 0.16 -11.27
N SER A 20 -5.50 -1.01 -10.92
CA SER A 20 -6.89 -1.12 -10.46
C SER A 20 -7.11 -0.32 -9.17
N LEU A 21 -6.37 -0.68 -8.10
CA LEU A 21 -6.51 -0.08 -6.76
C LEU A 21 -6.08 1.40 -6.74
N LEU A 22 -5.25 1.81 -7.73
CA LEU A 22 -4.91 3.23 -7.95
C LEU A 22 -6.19 4.00 -8.31
N GLU A 23 -6.87 3.52 -9.36
CA GLU A 23 -8.09 4.15 -9.90
C GLU A 23 -9.24 4.06 -8.88
N LEU A 24 -9.20 3.02 -8.02
CA LEU A 24 -10.18 2.84 -6.91
C LEU A 24 -9.94 3.89 -5.81
N ALA A 25 -8.66 4.03 -5.37
CA ALA A 25 -8.25 5.02 -4.35
C ALA A 25 -8.49 6.46 -4.81
N GLN A 26 -8.28 6.67 -6.12
CA GLN A 26 -8.45 7.96 -6.81
C GLN A 26 -9.94 8.34 -6.88
N ARG A 27 -10.77 7.35 -7.21
CA ARG A 27 -12.24 7.49 -7.30
C ARG A 27 -12.86 7.48 -5.87
N GLY A 28 -12.04 7.11 -4.86
CA GLY A 28 -12.42 7.23 -3.44
C GLY A 28 -12.80 5.92 -2.77
N GLU A 29 -12.82 4.82 -3.53
CA GLU A 29 -13.10 3.46 -2.99
C GLU A 29 -11.94 2.97 -2.11
N TRP A 30 -12.04 3.23 -0.80
CA TRP A 30 -11.07 2.73 0.19
C TRP A 30 -11.32 1.24 0.45
N ASP A 31 -12.59 0.83 0.36
CA ASP A 31 -13.02 -0.58 0.56
C ASP A 31 -12.29 -1.50 -0.43
N LEU A 32 -12.45 -1.18 -1.73
CA LEU A 32 -11.86 -1.94 -2.84
C LEU A 32 -10.33 -1.78 -2.88
N LEU A 33 -9.82 -0.56 -2.52
CA LEU A 33 -8.36 -0.31 -2.37
C LEU A 33 -7.70 -1.32 -1.41
N LEU A 34 -8.21 -1.34 -0.16
CA LEU A 34 -7.65 -2.14 0.95
C LEU A 34 -7.92 -3.64 0.74
N GLN A 35 -8.96 -3.96 -0.03
CA GLN A 35 -9.29 -5.33 -0.44
C GLN A 35 -8.21 -5.86 -1.41
N GLN A 36 -7.77 -4.99 -2.33
CA GLN A 36 -6.73 -5.32 -3.33
C GLN A 36 -5.32 -5.19 -2.75
N GLU A 37 -5.19 -4.38 -1.68
CA GLU A 37 -3.92 -4.11 -0.96
C GLU A 37 -3.19 -5.40 -0.59
N VAL A 38 -3.94 -6.27 0.12
CA VAL A 38 -3.41 -7.51 0.68
C VAL A 38 -2.86 -8.43 -0.43
N SER A 39 -3.59 -8.52 -1.55
CA SER A 39 -3.19 -9.35 -2.71
C SER A 39 -1.98 -8.75 -3.43
N TYR A 40 -1.94 -7.40 -3.47
CA TYR A 40 -0.92 -6.61 -4.17
C TYR A 40 0.44 -6.75 -3.48
N LEU A 41 0.49 -6.37 -2.20
CA LEU A 41 1.71 -6.40 -1.38
C LEU A 41 2.20 -7.85 -1.19
N GLN A 42 1.24 -8.80 -1.03
CA GLN A 42 1.54 -10.25 -0.99
C GLN A 42 2.31 -10.68 -2.24
N SER A 43 1.82 -10.25 -3.43
CA SER A 43 2.42 -10.58 -4.73
C SER A 43 3.87 -10.04 -4.83
N ILE A 44 4.09 -8.82 -4.33
CA ILE A 44 5.42 -8.17 -4.33
C ILE A 44 6.41 -8.95 -3.44
N GLU A 45 5.95 -9.33 -2.25
CA GLU A 45 6.78 -10.03 -1.25
C GLU A 45 7.04 -11.49 -1.68
N THR A 46 6.10 -12.11 -2.40
CA THR A 46 6.19 -13.53 -2.78
C THR A 46 7.06 -13.72 -4.04
N VAL A 47 7.15 -12.68 -4.92
CA VAL A 47 8.14 -12.69 -6.03
C VAL A 47 9.54 -12.40 -5.48
N MET A 48 9.62 -11.50 -4.47
CA MET A 48 10.90 -11.16 -3.77
C MET A 48 11.35 -12.29 -2.83
N GLU A 49 10.44 -13.22 -2.51
CA GLU A 49 10.76 -14.47 -1.78
C GLU A 49 11.60 -15.39 -2.69
N LYS A 50 11.37 -15.30 -4.02
CA LYS A 50 12.16 -16.00 -5.05
C LYS A 50 13.11 -15.00 -5.76
N GLN A 51 13.22 -13.77 -5.16
CA GLN A 51 13.92 -12.58 -5.71
C GLN A 51 13.74 -12.41 -7.25
N THR A 52 14.70 -12.93 -8.03
CA THR A 52 14.68 -12.99 -9.48
C THR A 52 15.50 -14.24 -9.86
N PRO A 53 14.87 -15.32 -10.43
CA PRO A 53 15.61 -16.54 -10.90
C PRO A 53 16.80 -16.21 -11.86
N PRO A 54 17.86 -17.09 -11.92
CA PRO A 54 18.98 -16.89 -12.87
C PRO A 54 18.56 -17.13 -14.33
N GLY A 55 17.48 -17.93 -14.51
CA GLY A 55 16.96 -18.25 -15.84
C GLY A 55 15.84 -17.31 -16.24
N ILE A 56 16.16 -16.01 -16.33
CA ILE A 56 15.26 -14.98 -16.86
C ILE A 56 15.80 -14.54 -18.22
N THR A 57 15.11 -14.98 -19.30
CA THR A 57 15.49 -14.63 -20.68
C THR A 57 15.08 -13.17 -20.98
N ARG A 58 15.51 -12.66 -22.16
CA ARG A 58 15.36 -11.23 -22.53
C ARG A 58 13.86 -10.87 -22.70
N SER A 59 13.05 -11.88 -23.06
CA SER A 59 11.60 -11.74 -23.24
C SER A 59 10.90 -11.52 -21.89
N ILE A 60 11.21 -12.43 -20.93
CA ILE A 60 10.65 -12.38 -19.56
C ILE A 60 11.07 -11.09 -18.86
N GLN A 61 12.36 -10.76 -19.00
CA GLN A 61 12.99 -9.58 -18.41
C GLN A 61 12.35 -8.27 -18.91
N ASP A 62 12.04 -8.23 -20.22
CA ASP A 62 11.39 -7.05 -20.86
C ASP A 62 9.94 -6.88 -20.34
N MET A 63 9.19 -8.01 -20.28
CA MET A 63 7.78 -8.02 -19.83
C MET A 63 7.67 -7.50 -18.40
N VAL A 64 8.38 -8.17 -17.48
CA VAL A 64 8.32 -7.87 -16.04
C VAL A 64 8.89 -6.48 -15.73
N ALA A 65 9.89 -6.01 -16.51
CA ALA A 65 10.42 -4.63 -16.37
C ALA A 65 9.32 -3.61 -16.68
N GLY A 66 8.46 -3.94 -17.68
CA GLY A 66 7.28 -3.13 -18.00
C GLY A 66 6.26 -3.14 -16.87
N TYR A 67 6.08 -4.32 -16.25
CA TYR A 67 5.14 -4.50 -15.12
C TYR A 67 5.64 -3.75 -13.85
N ILE A 68 6.97 -3.73 -13.64
CA ILE A 68 7.60 -3.02 -12.50
C ILE A 68 7.48 -1.51 -12.72
N LYS A 69 7.70 -1.06 -13.97
CA LYS A 69 7.59 0.36 -14.36
C LYS A 69 6.18 0.89 -14.08
N GLN A 70 5.16 0.08 -14.44
CA GLN A 70 3.74 0.40 -14.21
C GLN A 70 3.44 0.50 -12.71
N THR A 71 3.83 -0.56 -11.96
CA THR A 71 3.50 -0.67 -10.54
C THR A 71 4.19 0.45 -9.73
N LEU A 72 5.39 0.88 -10.17
CA LEU A 72 6.13 2.02 -9.55
C LEU A 72 5.38 3.34 -9.77
N ASP A 73 4.90 3.54 -11.01
CA ASP A 73 4.14 4.75 -11.39
C ASP A 73 2.87 4.87 -10.54
N ASN A 74 2.11 3.76 -10.48
CA ASN A 74 0.82 3.71 -9.76
C ASN A 74 1.04 3.87 -8.24
N GLU A 75 2.05 3.17 -7.71
CA GLU A 75 2.41 3.16 -6.27
C GLU A 75 3.01 4.50 -5.83
N GLN A 76 3.60 5.24 -6.80
CA GLN A 76 4.06 6.62 -6.60
C GLN A 76 2.86 7.54 -6.37
N LEU A 77 1.85 7.41 -7.26
CA LEU A 77 0.62 8.22 -7.21
C LEU A 77 -0.19 7.88 -5.93
N LEU A 78 -0.11 6.60 -5.50
CA LEU A 78 -0.68 6.13 -4.21
C LEU A 78 0.01 6.84 -3.04
N LYS A 79 1.36 6.83 -3.07
CA LYS A 79 2.20 7.40 -2.02
C LYS A 79 1.80 8.86 -1.70
N GLY A 80 1.69 9.69 -2.76
CA GLY A 80 1.32 11.10 -2.63
C GLY A 80 -0.15 11.31 -2.23
N LEU A 81 -1.06 10.56 -2.89
CA LEU A 81 -2.52 10.64 -2.66
C LEU A 81 -2.85 10.32 -1.19
N LEU A 82 -2.41 9.12 -0.76
CA LEU A 82 -2.60 8.62 0.59
C LEU A 82 -1.87 9.50 1.62
N GLN A 83 -0.73 10.13 1.21
CA GLN A 83 0.02 11.05 2.11
C GLN A 83 -0.84 12.26 2.51
N GLN A 84 -1.54 12.83 1.52
CA GLN A 84 -2.44 13.95 1.72
C GLN A 84 -3.59 13.54 2.64
N ARG A 85 -4.22 12.39 2.31
CA ARG A 85 -5.37 11.84 3.05
C ARG A 85 -5.00 11.59 4.52
N LEU A 86 -3.91 10.83 4.77
CA LEU A 86 -3.43 10.48 6.13
C LEU A 86 -3.03 11.70 6.96
N ASP A 87 -2.47 12.72 6.29
CA ASP A 87 -2.09 14.00 6.92
C ASP A 87 -3.36 14.67 7.52
N GLU A 88 -4.43 14.66 6.72
CA GLU A 88 -5.75 15.23 7.08
C GLU A 88 -6.41 14.39 8.19
N LEU A 89 -6.47 13.05 7.99
CA LEU A 89 -7.11 12.10 8.93
C LEU A 89 -6.46 12.19 10.32
N SER A 90 -5.10 12.25 10.32
CA SER A 90 -4.29 12.35 11.54
C SER A 90 -4.60 13.64 12.31
N SER A 91 -4.67 14.77 11.56
CA SER A 91 -4.99 16.10 12.10
C SER A 91 -6.38 16.10 12.77
N LEU A 92 -7.33 15.38 12.15
CA LEU A 92 -8.73 15.31 12.59
C LEU A 92 -8.88 14.45 13.86
N ILE A 93 -8.17 13.29 13.89
CA ILE A 93 -8.17 12.38 15.07
C ILE A 93 -7.62 13.11 16.31
N GLY A 94 -6.59 13.96 16.08
CA GLY A 94 -5.98 14.76 17.15
C GLY A 94 -6.95 15.77 17.79
N GLN A 95 -8.02 16.13 17.06
CA GLN A 95 -9.02 17.11 17.50
C GLN A 95 -10.09 16.46 18.41
N VAL A 96 -10.77 15.42 17.87
CA VAL A 96 -11.91 14.78 18.57
C VAL A 96 -11.44 13.85 19.70
N LEU A 97 -10.35 13.08 19.47
CA LEU A 97 -9.84 12.11 20.45
C LEU A 97 -9.05 12.89 21.52
N PHE A 98 -9.58 12.92 22.75
CA PHE A 98 -8.89 13.50 23.91
C PHE A 98 -8.00 12.43 24.53
N GLN A 99 -6.75 12.35 24.01
CA GLN A 99 -5.77 11.32 24.37
C GLN A 99 -5.21 11.51 25.79
N GLY A 100 -5.51 12.65 26.43
CA GLY A 100 -5.06 12.92 27.79
C GLY A 100 -5.81 14.09 28.40
N PRO A 101 -5.47 15.36 28.01
CA PRO A 101 -6.09 16.58 28.56
C PRO A 101 -7.40 16.97 27.85
N SER A 102 -7.89 18.20 28.16
CA SER A 102 -9.07 18.82 27.54
C SER A 102 -10.36 18.04 27.86
N ALA A 103 -10.40 17.51 29.11
CA ALA A 103 -11.52 16.73 29.63
C ALA A 103 -11.45 16.71 31.17
N GLY A 104 -12.61 16.49 31.82
CA GLY A 104 -12.69 16.46 33.30
C GLY A 104 -11.94 15.29 33.92
N LEU A 105 -11.87 14.19 33.18
CA LEU A 105 -11.01 13.03 33.49
C LEU A 105 -10.12 12.75 32.26
N VAL A 106 -9.36 11.65 32.28
CA VAL A 106 -8.57 11.21 31.11
C VAL A 106 -9.37 10.12 30.37
N PRO A 107 -10.00 10.43 29.19
CA PRO A 107 -10.82 9.47 28.41
C PRO A 107 -9.97 8.67 27.38
N ARG A 108 -8.69 8.44 27.74
CA ARG A 108 -7.74 7.67 26.93
C ARG A 108 -8.10 6.17 27.02
N GLY A 109 -8.94 5.72 26.08
CA GLY A 109 -9.27 4.30 25.96
C GLY A 109 -8.38 3.62 24.94
N SER A 110 -8.14 2.31 25.12
CA SER A 110 -7.34 1.49 24.21
C SER A 110 -8.21 1.02 23.02
N GLY A 111 -8.69 2.01 22.24
CA GLY A 111 -9.62 1.79 21.14
C GLY A 111 -10.36 3.08 20.79
N GLY A 112 -11.09 3.64 21.78
CA GLY A 112 -11.88 4.88 21.58
C GLY A 112 -12.34 5.49 22.89
N ILE A 113 -13.44 6.29 22.84
CA ILE A 113 -13.97 7.04 23.99
C ILE A 113 -15.37 6.45 24.39
N GLU A 114 -16.48 7.04 23.86
CA GLU A 114 -17.87 6.60 24.14
C GLU A 114 -18.85 7.32 23.17
N GLY A 115 -20.09 6.82 23.07
CA GLY A 115 -21.12 7.47 22.24
C GLY A 115 -20.78 7.52 20.74
N SER A 116 -21.19 8.60 20.06
CA SER A 116 -20.97 8.78 18.61
C SER A 116 -19.56 9.36 18.33
N ILE A 117 -18.94 10.00 19.37
CA ILE A 117 -17.55 10.51 19.26
C ILE A 117 -16.57 9.32 19.21
N ASP A 118 -16.92 8.20 19.90
CA ASP A 118 -16.18 6.92 19.81
C ASP A 118 -16.21 6.38 18.38
N GLU A 119 -17.41 6.41 17.78
CA GLU A 119 -17.66 5.94 16.41
C GLU A 119 -16.82 6.71 15.40
N THR A 120 -16.89 8.06 15.48
CA THR A 120 -16.24 8.94 14.50
C THR A 120 -14.70 8.84 14.60
N VAL A 121 -14.18 8.65 15.85
CA VAL A 121 -12.77 8.30 16.08
C VAL A 121 -12.44 6.97 15.38
N ALA A 122 -13.30 5.97 15.63
CA ALA A 122 -13.15 4.61 15.06
C ALA A 122 -13.18 4.60 13.52
N ARG A 123 -13.92 5.55 12.90
CA ARG A 123 -14.03 5.65 11.43
C ARG A 123 -12.70 6.13 10.84
N TYR A 124 -12.25 7.31 11.32
CA TYR A 124 -11.01 7.95 10.86
C TYR A 124 -9.76 7.17 11.32
N LYS A 125 -9.89 6.39 12.42
CA LYS A 125 -8.83 5.53 12.94
C LYS A 125 -8.65 4.31 12.03
N ALA A 126 -9.77 3.74 11.57
CA ALA A 126 -9.77 2.61 10.63
C ALA A 126 -9.11 3.02 9.32
N GLN A 127 -9.60 4.13 8.73
CA GLN A 127 -9.08 4.64 7.44
C GLN A 127 -7.59 5.04 7.56
N PHE A 128 -7.21 5.62 8.72
CA PHE A 128 -5.82 6.02 8.96
C PHE A 128 -4.91 4.77 9.02
N THR A 129 -5.20 3.85 9.95
CA THR A 129 -4.38 2.62 10.20
C THR A 129 -4.14 1.81 8.92
N GLN A 130 -5.21 1.65 8.13
CA GLN A 130 -5.23 0.78 6.95
C GLN A 130 -4.46 1.40 5.76
N LEU A 131 -4.72 2.69 5.49
CA LEU A 131 -3.97 3.44 4.44
C LEU A 131 -2.50 3.68 4.88
N ASP A 132 -2.25 3.66 6.21
CA ASP A 132 -0.91 3.90 6.81
C ASP A 132 -0.03 2.65 6.72
N THR A 133 -0.61 1.47 7.03
CA THR A 133 0.12 0.19 6.93
C THR A 133 0.40 -0.12 5.45
N MET A 134 -0.55 0.29 4.57
CA MET A 134 -0.35 0.23 3.12
C MET A 134 0.83 1.13 2.72
N MET A 135 0.83 2.37 3.26
CA MET A 135 1.86 3.41 2.97
C MET A 135 3.27 2.93 3.31
N SER A 136 3.44 2.43 4.53
CA SER A 136 4.75 2.00 5.05
C SER A 136 5.29 0.79 4.27
N LYS A 137 4.39 -0.15 3.92
CA LYS A 137 4.76 -1.31 3.10
C LYS A 137 5.03 -0.91 1.64
N LEU A 138 4.23 0.05 1.09
CA LEU A 138 4.37 0.46 -0.33
C LEU A 138 5.59 1.37 -0.51
N ASN A 139 6.06 1.96 0.60
CA ASN A 139 7.29 2.77 0.65
C ASN A 139 8.52 1.85 0.61
N ASN A 140 8.43 0.76 1.42
CA ASN A 140 9.42 -0.33 1.47
C ASN A 140 9.57 -0.98 0.08
N THR A 141 8.40 -1.33 -0.51
CA THR A 141 8.34 -2.00 -1.80
C THR A 141 8.91 -1.09 -2.89
N SER A 142 8.32 0.11 -3.08
CA SER A 142 8.73 1.07 -4.15
C SER A 142 10.23 1.37 -4.11
N SER A 143 10.82 1.35 -2.90
CA SER A 143 12.27 1.47 -2.71
C SER A 143 13.02 0.32 -3.44
N TYR A 144 12.82 -0.94 -3.00
CA TYR A 144 13.55 -2.08 -3.59
C TYR A 144 13.07 -2.43 -5.02
N LEU A 145 11.84 -1.99 -5.37
CA LEU A 145 11.24 -2.21 -6.72
C LEU A 145 11.88 -1.28 -7.75
N THR A 146 12.14 0.00 -7.37
CA THR A 146 12.77 0.97 -8.29
C THR A 146 14.24 0.61 -8.53
N GLN A 147 14.91 0.10 -7.47
CA GLN A 147 16.28 -0.44 -7.58
C GLN A 147 16.29 -1.68 -8.50
N GLN A 148 15.28 -2.55 -8.31
CA GLN A 148 15.10 -3.78 -9.11
C GLN A 148 14.76 -3.44 -10.57
N PHE A 149 14.03 -2.33 -10.79
CA PHE A 149 13.66 -1.88 -12.14
C PHE A 149 14.90 -1.45 -12.92
N THR A 150 15.68 -0.55 -12.30
CA THR A 150 16.89 0.04 -12.91
C THR A 150 17.92 -1.06 -13.25
N ALA A 151 18.05 -2.06 -12.36
CA ALA A 151 19.00 -3.18 -12.54
C ALA A 151 18.48 -4.20 -13.58
N MET A 152 17.24 -4.68 -13.41
CA MET A 152 16.64 -5.71 -14.29
C MET A 152 16.54 -5.21 -15.75
N ASN A 153 16.32 -3.90 -15.90
CA ASN A 153 16.26 -3.24 -17.21
C ASN A 153 17.70 -2.96 -17.73
N LYS A 154 18.47 -2.10 -17.03
CA LYS A 154 19.89 -1.82 -17.37
C LYS A 154 20.85 -2.04 -16.15
N SER A 155 21.21 -3.29 -15.86
CA SER A 155 22.31 -3.60 -14.93
C SER A 155 23.67 -3.39 -15.65
N MET A 1 9.68 -24.62 -16.96
CA MET A 1 10.22 -23.54 -16.12
C MET A 1 9.13 -23.00 -15.16
N THR A 2 8.93 -23.70 -14.03
CA THR A 2 7.90 -23.36 -13.02
C THR A 2 8.17 -22.00 -12.36
N SER A 3 9.44 -21.78 -11.96
CA SER A 3 9.89 -20.54 -11.29
C SER A 3 9.72 -19.31 -12.21
N THR A 4 10.02 -19.51 -13.50
CA THR A 4 10.00 -18.44 -14.50
C THR A 4 8.56 -18.06 -14.90
N VAL A 5 7.63 -19.05 -14.96
CA VAL A 5 6.22 -18.79 -15.37
C VAL A 5 5.45 -18.10 -14.21
N GLU A 6 5.68 -18.55 -12.95
CA GLU A 6 5.05 -17.94 -11.76
C GLU A 6 5.58 -16.49 -11.55
N PHE A 7 6.85 -16.29 -11.95
CA PHE A 7 7.49 -14.96 -12.04
C PHE A 7 6.68 -14.03 -12.99
N ILE A 8 6.42 -14.50 -14.24
CA ILE A 8 5.64 -13.74 -15.27
C ILE A 8 4.28 -13.29 -14.68
N ASN A 9 3.53 -14.32 -14.23
CA ASN A 9 2.14 -14.21 -13.80
C ASN A 9 1.98 -13.21 -12.64
N ARG A 10 2.84 -13.33 -11.61
CA ARG A 10 2.74 -12.50 -10.39
C ARG A 10 3.14 -11.04 -10.67
N TRP A 11 4.24 -10.79 -11.42
CA TRP A 11 4.63 -9.40 -11.81
C TRP A 11 3.53 -8.73 -12.64
N GLN A 12 2.87 -9.55 -13.49
CA GLN A 12 1.72 -9.13 -14.27
C GLN A 12 0.59 -8.69 -13.33
N ARG A 13 0.31 -9.53 -12.30
CA ARG A 13 -0.73 -9.23 -11.28
C ARG A 13 -0.38 -7.97 -10.49
N ILE A 14 0.92 -7.77 -10.20
CA ILE A 14 1.41 -6.61 -9.41
C ILE A 14 1.08 -5.28 -10.16
N ALA A 15 1.29 -5.28 -11.49
CA ALA A 15 0.98 -4.12 -12.36
C ALA A 15 -0.55 -3.91 -12.48
N LEU A 16 -1.29 -5.02 -12.67
CA LEU A 16 -2.76 -5.00 -12.84
C LEU A 16 -3.45 -4.51 -11.55
N LEU A 17 -2.94 -4.97 -10.38
CA LEU A 17 -3.53 -4.68 -9.07
C LEU A 17 -3.25 -3.23 -8.67
N SER A 18 -1.98 -2.77 -8.84
CA SER A 18 -1.59 -1.38 -8.53
C SER A 18 -2.45 -0.37 -9.33
N GLN A 19 -2.66 -0.70 -10.62
CA GLN A 19 -3.56 0.04 -11.51
C GLN A 19 -5.00 0.08 -10.96
N SER A 20 -5.53 -1.12 -10.61
CA SER A 20 -6.91 -1.29 -10.12
C SER A 20 -7.17 -0.44 -8.87
N LEU A 21 -6.31 -0.61 -7.86
CA LEU A 21 -6.46 0.03 -6.56
C LEU A 21 -6.10 1.52 -6.62
N LEU A 22 -5.33 1.94 -7.64
CA LEU A 22 -5.03 3.37 -7.89
C LEU A 22 -6.32 4.10 -8.29
N GLU A 23 -7.08 3.44 -9.18
CA GLU A 23 -8.42 3.90 -9.60
C GLU A 23 -9.34 3.99 -8.38
N LEU A 24 -9.34 2.93 -7.55
CA LEU A 24 -10.19 2.82 -6.35
C LEU A 24 -9.80 3.87 -5.28
N ALA A 25 -8.50 4.20 -5.19
CA ALA A 25 -7.97 5.20 -4.24
C ALA A 25 -8.44 6.62 -4.60
N GLN A 26 -8.30 6.99 -5.89
CA GLN A 26 -8.73 8.32 -6.39
C GLN A 26 -10.27 8.44 -6.44
N ARG A 27 -10.96 7.28 -6.61
CA ARG A 27 -12.44 7.19 -6.57
C ARG A 27 -12.97 7.29 -5.13
N GLY A 28 -12.10 7.03 -4.14
CA GLY A 28 -12.46 7.09 -2.72
C GLY A 28 -12.98 5.76 -2.18
N GLU A 29 -12.93 4.71 -3.01
CA GLU A 29 -13.24 3.34 -2.59
C GLU A 29 -12.08 2.77 -1.77
N TRP A 30 -12.07 3.09 -0.47
CA TRP A 30 -11.02 2.68 0.47
C TRP A 30 -11.15 1.19 0.83
N ASP A 31 -12.41 0.70 0.91
CA ASP A 31 -12.71 -0.71 1.20
C ASP A 31 -12.14 -1.63 0.09
N LEU A 32 -12.35 -1.20 -1.17
CA LEU A 32 -11.86 -1.92 -2.36
C LEU A 32 -10.34 -1.76 -2.52
N LEU A 33 -9.81 -0.58 -2.16
CA LEU A 33 -8.35 -0.30 -2.11
C LEU A 33 -7.63 -1.31 -1.19
N LEU A 34 -8.22 -1.50 0.00
CA LEU A 34 -7.68 -2.39 1.05
C LEU A 34 -7.91 -3.88 0.72
N GLN A 35 -8.94 -4.16 -0.10
CA GLN A 35 -9.19 -5.51 -0.64
C GLN A 35 -8.03 -5.92 -1.57
N GLN A 36 -7.53 -4.94 -2.36
CA GLN A 36 -6.41 -5.18 -3.30
C GLN A 36 -5.06 -5.09 -2.56
N GLU A 37 -5.00 -4.27 -1.47
CA GLU A 37 -3.79 -4.06 -0.61
C GLU A 37 -3.07 -5.38 -0.30
N VAL A 38 -3.82 -6.26 0.38
CA VAL A 38 -3.29 -7.53 0.90
C VAL A 38 -2.72 -8.42 -0.21
N SER A 39 -3.46 -8.53 -1.33
CA SER A 39 -3.07 -9.36 -2.48
C SER A 39 -1.83 -8.79 -3.21
N TYR A 40 -1.84 -7.46 -3.38
CA TYR A 40 -0.83 -6.70 -4.13
C TYR A 40 0.54 -6.76 -3.44
N LEU A 41 0.56 -6.29 -2.18
CA LEU A 41 1.76 -6.27 -1.35
C LEU A 41 2.31 -7.70 -1.15
N GLN A 42 1.39 -8.69 -0.96
CA GLN A 42 1.74 -10.12 -0.85
C GLN A 42 2.53 -10.60 -2.06
N SER A 43 2.06 -10.21 -3.26
CA SER A 43 2.69 -10.59 -4.54
C SER A 43 4.12 -10.04 -4.66
N ILE A 44 4.31 -8.78 -4.21
CA ILE A 44 5.64 -8.13 -4.16
C ILE A 44 6.59 -8.89 -3.20
N GLU A 45 6.04 -9.21 -2.01
CA GLU A 45 6.77 -9.90 -0.93
C GLU A 45 7.20 -11.31 -1.36
N THR A 46 6.32 -12.02 -2.11
CA THR A 46 6.53 -13.45 -2.44
C THR A 46 7.44 -13.61 -3.69
N VAL A 47 7.50 -12.58 -4.59
CA VAL A 47 8.47 -12.59 -5.72
C VAL A 47 9.89 -12.29 -5.21
N MET A 48 9.98 -11.42 -4.18
CA MET A 48 11.26 -11.09 -3.50
C MET A 48 11.67 -12.22 -2.52
N GLU A 49 10.68 -12.97 -2.01
CA GLU A 49 10.92 -14.20 -1.22
C GLU A 49 11.40 -15.33 -2.14
N LYS A 50 10.93 -15.29 -3.40
CA LYS A 50 11.38 -16.19 -4.49
C LYS A 50 12.80 -15.76 -4.99
N GLN A 51 13.31 -14.64 -4.40
CA GLN A 51 14.67 -14.10 -4.61
C GLN A 51 14.83 -13.49 -6.03
N THR A 52 13.69 -13.37 -6.76
CA THR A 52 13.65 -13.05 -8.19
C THR A 52 14.50 -14.09 -8.99
N PRO A 53 13.85 -15.18 -9.53
CA PRO A 53 14.55 -16.25 -10.29
C PRO A 53 15.46 -15.68 -11.41
N PRO A 54 16.82 -15.87 -11.34
CA PRO A 54 17.76 -15.38 -12.40
C PRO A 54 17.56 -16.04 -13.80
N GLY A 55 16.75 -17.12 -13.85
CA GLY A 55 16.50 -17.85 -15.10
C GLY A 55 15.41 -17.23 -15.96
N ILE A 56 15.62 -15.96 -16.33
CA ILE A 56 14.66 -15.17 -17.13
C ILE A 56 15.30 -14.86 -18.49
N THR A 57 14.57 -15.18 -19.59
CA THR A 57 15.01 -14.80 -20.95
C THR A 57 14.75 -13.29 -21.16
N ARG A 58 15.34 -12.74 -22.23
CA ARG A 58 15.30 -11.29 -22.52
C ARG A 58 13.86 -10.81 -22.85
N SER A 59 13.03 -11.75 -23.35
CA SER A 59 11.63 -11.48 -23.72
C SER A 59 10.78 -11.22 -22.46
N ILE A 60 10.89 -12.16 -21.51
CA ILE A 60 10.19 -12.09 -20.21
C ILE A 60 10.72 -10.90 -19.38
N GLN A 61 12.06 -10.72 -19.43
CA GLN A 61 12.79 -9.61 -18.77
C GLN A 61 12.20 -8.25 -19.18
N ASP A 62 11.92 -8.10 -20.49
CA ASP A 62 11.33 -6.87 -21.04
C ASP A 62 9.89 -6.66 -20.54
N MET A 63 9.07 -7.75 -20.57
CA MET A 63 7.66 -7.72 -20.14
C MET A 63 7.55 -7.24 -18.69
N VAL A 64 8.23 -7.95 -17.78
CA VAL A 64 8.17 -7.68 -16.34
C VAL A 64 8.83 -6.35 -15.98
N ALA A 65 9.87 -5.92 -16.75
CA ALA A 65 10.47 -4.58 -16.59
C ALA A 65 9.40 -3.50 -16.83
N GLY A 66 8.53 -3.77 -17.83
CA GLY A 66 7.36 -2.93 -18.09
C GLY A 66 6.39 -2.94 -16.92
N TYR A 67 6.08 -4.15 -16.39
CA TYR A 67 5.13 -4.34 -15.28
C TYR A 67 5.59 -3.66 -13.98
N ILE A 68 6.92 -3.70 -13.71
CA ILE A 68 7.51 -3.05 -12.52
C ILE A 68 7.42 -1.53 -12.68
N LYS A 69 7.73 -1.04 -13.91
CA LYS A 69 7.67 0.40 -14.26
C LYS A 69 6.24 0.95 -14.04
N GLN A 70 5.24 0.13 -14.42
CA GLN A 70 3.80 0.45 -14.22
C GLN A 70 3.48 0.56 -12.73
N THR A 71 3.89 -0.48 -11.98
CA THR A 71 3.54 -0.60 -10.57
C THR A 71 4.23 0.48 -9.73
N LEU A 72 5.43 0.91 -10.19
CA LEU A 72 6.22 2.00 -9.56
C LEU A 72 5.50 3.34 -9.73
N ASP A 73 4.99 3.58 -10.94
CA ASP A 73 4.21 4.78 -11.28
C ASP A 73 2.98 4.89 -10.37
N ASN A 74 2.19 3.80 -10.34
CA ASN A 74 0.91 3.76 -9.62
C ASN A 74 1.13 3.86 -8.10
N GLU A 75 2.16 3.16 -7.61
CA GLU A 75 2.51 3.09 -6.17
C GLU A 75 3.15 4.40 -5.68
N GLN A 76 3.79 5.14 -6.61
CA GLN A 76 4.32 6.49 -6.33
C GLN A 76 3.16 7.50 -6.21
N LEU A 77 2.11 7.28 -7.03
CA LEU A 77 0.87 8.08 -6.98
C LEU A 77 0.08 7.76 -5.71
N LEU A 78 0.16 6.50 -5.24
CA LEU A 78 -0.40 6.09 -3.93
C LEU A 78 0.32 6.82 -2.80
N LYS A 79 1.66 6.82 -2.89
CA LYS A 79 2.55 7.46 -1.92
C LYS A 79 2.15 8.94 -1.70
N GLY A 80 1.98 9.69 -2.82
CA GLY A 80 1.60 11.11 -2.76
C GLY A 80 0.15 11.35 -2.33
N LEU A 81 -0.78 10.59 -2.95
CA LEU A 81 -2.25 10.71 -2.71
C LEU A 81 -2.57 10.40 -1.24
N LEU A 82 -2.17 9.19 -0.81
CA LEU A 82 -2.39 8.70 0.55
C LEU A 82 -1.59 9.54 1.58
N GLN A 83 -0.45 10.15 1.17
CA GLN A 83 0.31 11.09 2.05
C GLN A 83 -0.58 12.24 2.52
N GLN A 84 -1.26 12.85 1.53
CA GLN A 84 -2.20 13.95 1.78
C GLN A 84 -3.36 13.47 2.65
N ARG A 85 -3.95 12.32 2.25
CA ARG A 85 -5.13 11.74 2.92
C ARG A 85 -4.87 11.49 4.42
N LEU A 86 -3.77 10.78 4.70
CA LEU A 86 -3.38 10.40 6.08
C LEU A 86 -2.94 11.62 6.93
N ASP A 87 -2.34 12.62 6.28
CA ASP A 87 -1.95 13.88 6.95
C ASP A 87 -3.21 14.63 7.45
N GLU A 88 -4.20 14.72 6.56
CA GLU A 88 -5.51 15.31 6.85
C GLU A 88 -6.21 14.53 7.98
N LEU A 89 -6.30 13.18 7.80
CA LEU A 89 -6.97 12.28 8.78
C LEU A 89 -6.33 12.39 10.17
N SER A 90 -4.98 12.44 10.21
CA SER A 90 -4.21 12.53 11.47
C SER A 90 -4.53 13.84 12.21
N SER A 91 -4.65 14.93 11.45
CA SER A 91 -5.01 16.25 11.99
C SER A 91 -6.46 16.24 12.55
N LEU A 92 -7.36 15.55 11.82
CA LEU A 92 -8.79 15.42 12.20
C LEU A 92 -8.94 14.58 13.50
N ILE A 93 -8.16 13.49 13.58
CA ILE A 93 -8.14 12.57 14.74
C ILE A 93 -7.57 13.32 15.96
N GLY A 94 -6.57 14.18 15.73
CA GLY A 94 -5.97 14.99 16.80
C GLY A 94 -6.97 15.95 17.45
N GLN A 95 -7.95 16.41 16.66
CA GLN A 95 -8.98 17.35 17.13
C GLN A 95 -10.12 16.63 17.89
N VAL A 96 -10.54 15.44 17.40
CA VAL A 96 -11.76 14.77 17.90
C VAL A 96 -11.47 13.72 18.99
N LEU A 97 -10.30 13.07 18.91
CA LEU A 97 -9.92 12.01 19.87
C LEU A 97 -9.59 12.66 21.22
N PHE A 98 -10.43 12.40 22.22
CA PHE A 98 -10.17 12.79 23.60
C PHE A 98 -9.19 11.76 24.21
N GLN A 99 -7.90 11.90 23.84
CA GLN A 99 -6.82 10.95 24.20
C GLN A 99 -6.12 11.34 25.51
N GLY A 100 -6.71 12.29 26.25
CA GLY A 100 -6.15 12.74 27.52
C GLY A 100 -6.68 14.12 27.89
N PRO A 101 -6.27 15.19 27.14
CA PRO A 101 -6.87 16.55 27.28
C PRO A 101 -8.23 16.65 26.57
N SER A 102 -8.70 17.91 26.37
CA SER A 102 -10.00 18.22 25.70
C SER A 102 -11.19 17.67 26.53
N ALA A 103 -10.99 17.59 27.85
CA ALA A 103 -11.98 17.07 28.81
C ALA A 103 -11.62 17.52 30.23
N GLY A 104 -12.65 17.60 31.11
CA GLY A 104 -12.43 17.92 32.53
C GLY A 104 -11.84 16.74 33.29
N LEU A 105 -12.24 15.53 32.87
CA LEU A 105 -11.69 14.24 33.35
C LEU A 105 -10.61 13.73 32.37
N VAL A 106 -10.05 12.53 32.64
CA VAL A 106 -9.08 11.86 31.75
C VAL A 106 -9.82 10.73 30.96
N PRO A 107 -10.23 10.99 29.68
CA PRO A 107 -10.95 10.01 28.85
C PRO A 107 -10.01 9.15 27.97
N ARG A 108 -8.74 9.03 28.42
CA ARG A 108 -7.70 8.26 27.74
C ARG A 108 -8.00 6.74 27.85
N GLY A 109 -8.84 6.26 26.92
CA GLY A 109 -9.19 4.85 26.83
C GLY A 109 -9.06 4.38 25.40
N SER A 110 -7.88 3.81 25.07
CA SER A 110 -7.63 3.24 23.74
C SER A 110 -8.51 1.99 23.53
N GLY A 111 -9.56 2.16 22.72
CA GLY A 111 -10.52 1.09 22.44
C GLY A 111 -11.93 1.40 22.97
N GLY A 112 -12.08 2.55 23.68
CA GLY A 112 -13.37 2.93 24.26
C GLY A 112 -13.38 4.33 24.87
N ILE A 113 -14.04 5.30 24.19
CA ILE A 113 -14.31 6.65 24.75
C ILE A 113 -15.84 6.87 24.64
N GLU A 114 -16.57 6.69 25.77
CA GLU A 114 -18.06 6.64 25.81
C GLU A 114 -18.75 7.79 25.01
N GLY A 115 -19.48 7.40 23.94
CA GLY A 115 -20.23 8.33 23.10
C GLY A 115 -20.05 8.02 21.62
N SER A 116 -20.58 8.91 20.76
CA SER A 116 -20.41 8.81 19.29
C SER A 116 -19.00 9.23 18.87
N ILE A 117 -18.26 9.88 19.80
CA ILE A 117 -16.83 10.21 19.63
C ILE A 117 -16.02 8.91 19.42
N ASP A 118 -16.38 7.85 20.18
CA ASP A 118 -15.78 6.50 20.03
C ASP A 118 -15.94 5.98 18.59
N GLU A 119 -17.14 6.22 18.02
CA GLU A 119 -17.50 5.73 16.69
C GLU A 119 -16.68 6.42 15.60
N THR A 120 -16.65 7.78 15.61
CA THR A 120 -15.93 8.54 14.58
C THR A 120 -14.40 8.33 14.70
N VAL A 121 -13.91 8.16 15.94
CA VAL A 121 -12.51 7.79 16.20
C VAL A 121 -12.22 6.40 15.65
N ALA A 122 -13.15 5.46 15.83
CA ALA A 122 -13.02 4.08 15.33
C ALA A 122 -12.93 4.03 13.79
N ARG A 123 -13.76 4.87 13.11
CA ARG A 123 -13.83 4.91 11.63
C ARG A 123 -12.53 5.49 11.06
N TYR A 124 -12.14 6.66 11.60
CA TYR A 124 -10.95 7.40 11.16
C TYR A 124 -9.64 6.68 11.57
N LYS A 125 -9.67 5.94 12.69
CA LYS A 125 -8.53 5.10 13.15
C LYS A 125 -8.34 3.95 12.17
N ALA A 126 -9.46 3.31 11.77
CA ALA A 126 -9.45 2.21 10.83
C ALA A 126 -8.87 2.67 9.49
N GLN A 127 -9.49 3.71 8.89
CA GLN A 127 -9.08 4.26 7.59
C GLN A 127 -7.59 4.72 7.62
N PHE A 128 -7.20 5.43 8.70
CA PHE A 128 -5.83 5.94 8.85
C PHE A 128 -4.82 4.79 8.92
N THR A 129 -4.95 3.93 9.96
CA THR A 129 -3.96 2.88 10.29
C THR A 129 -3.85 1.82 9.17
N GLN A 130 -4.96 1.53 8.49
CA GLN A 130 -5.00 0.57 7.36
C GLN A 130 -4.26 1.13 6.12
N LEU A 131 -4.53 2.40 5.78
CA LEU A 131 -3.82 3.09 4.66
C LEU A 131 -2.37 3.45 5.06
N ASP A 132 -2.10 3.50 6.39
CA ASP A 132 -0.78 3.86 6.97
C ASP A 132 0.18 2.66 6.92
N THR A 133 -0.35 1.48 7.29
CA THR A 133 0.42 0.23 7.20
C THR A 133 0.62 -0.12 5.71
N MET A 134 -0.41 0.19 4.88
CA MET A 134 -0.29 0.07 3.41
C MET A 134 0.82 0.99 2.90
N MET A 135 0.87 2.23 3.43
CA MET A 135 1.85 3.25 3.02
C MET A 135 3.29 2.83 3.32
N SER A 136 3.55 2.46 4.58
CA SER A 136 4.89 2.09 5.05
C SER A 136 5.44 0.89 4.26
N LYS A 137 4.53 -0.07 3.97
CA LYS A 137 4.86 -1.22 3.13
C LYS A 137 5.13 -0.78 1.68
N LEU A 138 4.22 0.04 1.09
CA LEU A 138 4.31 0.43 -0.33
C LEU A 138 5.49 1.41 -0.57
N ASN A 139 5.97 2.04 0.51
CA ASN A 139 7.13 2.94 0.49
C ASN A 139 8.41 2.10 0.40
N ASN A 140 8.51 1.09 1.29
CA ASN A 140 9.64 0.14 1.32
C ASN A 140 9.72 -0.65 0.01
N THR A 141 8.53 -1.08 -0.48
CA THR A 141 8.46 -1.88 -1.71
C THR A 141 8.92 -1.04 -2.90
N SER A 142 8.28 0.14 -3.14
CA SER A 142 8.65 1.05 -4.26
C SER A 142 10.14 1.39 -4.27
N SER A 143 10.75 1.47 -3.06
CA SER A 143 12.18 1.68 -2.89
C SER A 143 12.99 0.52 -3.55
N TYR A 144 12.84 -0.72 -3.03
CA TYR A 144 13.62 -1.87 -3.55
C TYR A 144 13.16 -2.30 -4.96
N LEU A 145 11.91 -1.95 -5.34
CA LEU A 145 11.34 -2.28 -6.66
C LEU A 145 11.97 -1.40 -7.76
N THR A 146 12.20 -0.10 -7.46
CA THR A 146 12.81 0.84 -8.43
C THR A 146 14.31 0.55 -8.58
N GLN A 147 14.95 0.11 -7.48
CA GLN A 147 16.36 -0.35 -7.50
C GLN A 147 16.49 -1.66 -8.29
N GLN A 148 15.52 -2.57 -8.09
CA GLN A 148 15.50 -3.89 -8.76
C GLN A 148 15.17 -3.70 -10.25
N PHE A 149 14.34 -2.69 -10.56
CA PHE A 149 14.03 -2.30 -11.95
C PHE A 149 15.28 -1.72 -12.64
N THR A 150 16.10 -0.96 -11.88
CA THR A 150 17.37 -0.42 -12.40
C THR A 150 18.32 -1.56 -12.79
N ALA A 151 18.35 -2.63 -11.98
CA ALA A 151 19.17 -3.83 -12.26
C ALA A 151 18.62 -4.64 -13.46
N MET A 152 17.31 -4.96 -13.40
CA MET A 152 16.62 -5.80 -14.41
C MET A 152 16.64 -5.14 -15.79
N ASN A 153 16.59 -3.80 -15.81
CA ASN A 153 16.67 -3.02 -17.04
C ASN A 153 18.16 -2.90 -17.48
N LYS A 154 19.00 -2.23 -16.65
CA LYS A 154 20.45 -2.07 -16.94
C LYS A 154 21.33 -2.58 -15.75
N SER A 155 21.52 -3.92 -15.68
CA SER A 155 22.54 -4.56 -14.82
C SER A 155 23.94 -3.90 -15.03
N MET A 1 9.82 -24.96 -15.17
CA MET A 1 10.24 -23.57 -14.85
C MET A 1 9.26 -22.95 -13.82
N THR A 2 9.02 -23.67 -12.72
CA THR A 2 8.04 -23.29 -11.68
C THR A 2 8.30 -21.87 -11.13
N SER A 3 9.57 -21.58 -10.77
CA SER A 3 9.99 -20.28 -10.23
C SER A 3 9.90 -19.17 -11.30
N THR A 4 10.21 -19.54 -12.55
CA THR A 4 10.21 -18.60 -13.69
C THR A 4 8.77 -18.19 -14.09
N VAL A 5 7.82 -19.14 -14.03
CA VAL A 5 6.43 -18.91 -14.47
C VAL A 5 5.62 -18.14 -13.40
N GLU A 6 5.88 -18.44 -12.10
CA GLU A 6 5.25 -17.72 -10.97
C GLU A 6 5.77 -16.27 -10.93
N PHE A 7 7.06 -16.10 -11.31
CA PHE A 7 7.67 -14.79 -11.55
C PHE A 7 6.84 -13.98 -12.58
N ILE A 8 6.64 -14.56 -13.79
CA ILE A 8 5.91 -13.92 -14.92
C ILE A 8 4.50 -13.47 -14.49
N ASN A 9 3.68 -14.47 -14.06
CA ASN A 9 2.25 -14.27 -13.74
C ASN A 9 2.07 -13.27 -12.62
N ARG A 10 2.86 -13.38 -11.54
CA ARG A 10 2.68 -12.52 -10.36
C ARG A 10 3.12 -11.09 -10.59
N TRP A 11 4.15 -10.85 -11.44
CA TRP A 11 4.52 -9.47 -11.88
C TRP A 11 3.38 -8.84 -12.70
N GLN A 12 2.72 -9.68 -13.53
CA GLN A 12 1.54 -9.28 -14.29
C GLN A 12 0.38 -8.91 -13.33
N ARG A 13 0.24 -9.70 -12.23
CA ARG A 13 -0.77 -9.41 -11.18
C ARG A 13 -0.46 -8.05 -10.56
N ILE A 14 0.81 -7.85 -10.11
CA ILE A 14 1.29 -6.62 -9.43
C ILE A 14 0.97 -5.35 -10.26
N ALA A 15 1.17 -5.45 -11.58
CA ALA A 15 0.96 -4.34 -12.53
C ALA A 15 -0.53 -3.99 -12.69
N LEU A 16 -1.36 -5.04 -12.89
CA LEU A 16 -2.81 -4.88 -13.14
C LEU A 16 -3.56 -4.51 -11.85
N LEU A 17 -3.04 -4.98 -10.70
CA LEU A 17 -3.61 -4.69 -9.37
C LEU A 17 -3.31 -3.24 -9.01
N SER A 18 -2.03 -2.83 -9.13
CA SER A 18 -1.58 -1.44 -8.82
C SER A 18 -2.38 -0.42 -9.63
N GLN A 19 -2.56 -0.70 -10.94
CA GLN A 19 -3.33 0.14 -11.88
C GLN A 19 -4.80 0.27 -11.42
N SER A 20 -5.44 -0.88 -11.10
CA SER A 20 -6.86 -0.93 -10.70
C SER A 20 -7.10 -0.20 -9.36
N LEU A 21 -6.32 -0.56 -8.32
CA LEU A 21 -6.48 0.01 -6.97
C LEU A 21 -6.04 1.47 -6.92
N LEU A 22 -5.20 1.89 -7.90
CA LEU A 22 -4.85 3.30 -8.09
C LEU A 22 -6.11 4.09 -8.47
N GLU A 23 -6.82 3.59 -9.51
CA GLU A 23 -8.11 4.16 -9.99
C GLU A 23 -9.13 4.27 -8.84
N LEU A 24 -9.11 3.24 -7.97
CA LEU A 24 -9.96 3.16 -6.77
C LEU A 24 -9.56 4.23 -5.72
N ALA A 25 -8.25 4.39 -5.48
CA ALA A 25 -7.71 5.36 -4.50
C ALA A 25 -7.99 6.81 -4.93
N GLN A 26 -7.88 7.05 -6.26
CA GLN A 26 -8.17 8.36 -6.88
C GLN A 26 -9.67 8.67 -6.81
N ARG A 27 -10.49 7.61 -6.90
CA ARG A 27 -11.96 7.68 -6.78
C ARG A 27 -12.39 7.79 -5.29
N GLY A 28 -11.47 7.53 -4.36
CA GLY A 28 -11.76 7.56 -2.92
C GLY A 28 -12.41 6.29 -2.40
N GLU A 29 -12.37 5.24 -3.23
CA GLU A 29 -12.87 3.90 -2.89
C GLU A 29 -11.84 3.20 -2.00
N TRP A 30 -11.94 3.42 -0.68
CA TRP A 30 -10.97 2.89 0.29
C TRP A 30 -11.22 1.40 0.54
N ASP A 31 -12.49 1.00 0.52
CA ASP A 31 -12.92 -0.40 0.73
C ASP A 31 -12.38 -1.29 -0.40
N LEU A 32 -12.55 -0.81 -1.64
CA LEU A 32 -12.08 -1.48 -2.86
C LEU A 32 -10.53 -1.46 -2.94
N LEU A 33 -9.92 -0.36 -2.47
CA LEU A 33 -8.44 -0.20 -2.38
C LEU A 33 -7.84 -1.28 -1.44
N LEU A 34 -8.43 -1.40 -0.24
CA LEU A 34 -7.96 -2.32 0.82
C LEU A 34 -8.18 -3.79 0.43
N GLN A 35 -9.23 -4.04 -0.38
CA GLN A 35 -9.50 -5.38 -0.94
C GLN A 35 -8.30 -5.85 -1.79
N GLN A 36 -7.78 -4.93 -2.61
CA GLN A 36 -6.67 -5.19 -3.53
C GLN A 36 -5.29 -4.95 -2.88
N GLU A 37 -5.27 -4.31 -1.68
CA GLU A 37 -4.02 -4.09 -0.91
C GLU A 37 -3.26 -5.41 -0.67
N VAL A 38 -3.99 -6.39 -0.09
CA VAL A 38 -3.42 -7.67 0.34
C VAL A 38 -2.86 -8.48 -0.86
N SER A 39 -3.63 -8.51 -1.97
CA SER A 39 -3.25 -9.25 -3.19
C SER A 39 -1.99 -8.63 -3.81
N TYR A 40 -1.99 -7.29 -3.90
CA TYR A 40 -0.92 -6.48 -4.49
C TYR A 40 0.41 -6.62 -3.73
N LEU A 41 0.41 -6.17 -2.46
CA LEU A 41 1.60 -6.12 -1.61
C LEU A 41 2.20 -7.52 -1.43
N GLN A 42 1.34 -8.54 -1.19
CA GLN A 42 1.79 -9.94 -1.01
C GLN A 42 2.48 -10.46 -2.28
N SER A 43 1.93 -10.15 -3.47
CA SER A 43 2.53 -10.55 -4.76
C SER A 43 3.97 -9.98 -4.92
N ILE A 44 4.16 -8.72 -4.48
CA ILE A 44 5.49 -8.07 -4.47
C ILE A 44 6.46 -8.82 -3.51
N GLU A 45 5.96 -9.07 -2.29
CA GLU A 45 6.73 -9.70 -1.21
C GLU A 45 7.15 -11.14 -1.58
N THR A 46 6.26 -11.85 -2.30
CA THR A 46 6.45 -13.29 -2.61
C THR A 46 7.35 -13.50 -3.85
N VAL A 47 7.37 -12.54 -4.82
CA VAL A 47 8.38 -12.56 -5.91
C VAL A 47 9.78 -12.23 -5.33
N MET A 48 9.80 -11.42 -4.25
CA MET A 48 11.03 -11.09 -3.52
C MET A 48 11.42 -12.18 -2.49
N GLU A 49 10.48 -13.09 -2.15
CA GLU A 49 10.82 -14.35 -1.42
C GLU A 49 11.65 -15.26 -2.35
N LYS A 50 11.38 -15.15 -3.67
CA LYS A 50 12.09 -15.89 -4.71
C LYS A 50 13.28 -15.07 -5.25
N GLN A 51 13.55 -13.89 -4.58
CA GLN A 51 14.69 -12.96 -4.82
C GLN A 51 14.91 -12.63 -6.32
N THR A 52 13.81 -12.71 -7.12
CA THR A 52 13.87 -12.64 -8.60
C THR A 52 14.81 -13.75 -9.16
N PRO A 53 14.27 -14.94 -9.58
CA PRO A 53 15.09 -16.05 -10.16
C PRO A 53 15.94 -15.55 -11.34
N PRO A 54 17.29 -15.81 -11.36
CA PRO A 54 18.20 -15.23 -12.39
C PRO A 54 18.04 -15.89 -13.78
N GLY A 55 17.32 -17.03 -13.83
CA GLY A 55 17.03 -17.72 -15.09
C GLY A 55 15.84 -17.08 -15.82
N ILE A 56 16.06 -15.84 -16.31
CA ILE A 56 15.05 -15.04 -17.03
C ILE A 56 15.64 -14.59 -18.37
N THR A 57 15.00 -14.98 -19.48
CA THR A 57 15.40 -14.53 -20.83
C THR A 57 14.95 -13.08 -21.04
N ARG A 58 15.49 -12.42 -22.09
CA ARG A 58 15.27 -10.98 -22.33
C ARG A 58 13.79 -10.70 -22.71
N SER A 59 13.08 -11.74 -23.16
CA SER A 59 11.64 -11.65 -23.50
C SER A 59 10.79 -11.49 -22.22
N ILE A 60 11.02 -12.40 -21.24
CA ILE A 60 10.36 -12.37 -19.93
C ILE A 60 10.75 -11.09 -19.18
N GLN A 61 12.05 -10.75 -19.26
CA GLN A 61 12.65 -9.53 -18.69
C GLN A 61 11.94 -8.26 -19.23
N ASP A 62 11.64 -8.25 -20.54
CA ASP A 62 10.94 -7.13 -21.20
C ASP A 62 9.52 -6.95 -20.61
N MET A 63 8.77 -8.06 -20.52
CA MET A 63 7.39 -8.08 -19.99
C MET A 63 7.36 -7.53 -18.57
N VAL A 64 8.17 -8.15 -17.69
CA VAL A 64 8.15 -7.85 -16.26
C VAL A 64 8.73 -6.46 -15.94
N ALA A 65 9.71 -5.99 -16.76
CA ALA A 65 10.25 -4.62 -16.62
C ALA A 65 9.15 -3.59 -16.89
N GLY A 66 8.27 -3.90 -17.89
CA GLY A 66 7.07 -3.09 -18.15
C GLY A 66 6.11 -3.11 -16.97
N TYR A 67 5.94 -4.29 -16.35
CA TYR A 67 5.05 -4.49 -15.18
C TYR A 67 5.56 -3.71 -13.94
N ILE A 68 6.90 -3.67 -13.77
CA ILE A 68 7.54 -2.96 -12.64
C ILE A 68 7.40 -1.44 -12.85
N LYS A 69 7.55 -1.01 -14.12
CA LYS A 69 7.40 0.41 -14.53
C LYS A 69 5.99 0.91 -14.13
N GLN A 70 4.95 0.08 -14.44
CA GLN A 70 3.56 0.39 -14.08
C GLN A 70 3.41 0.54 -12.56
N THR A 71 3.86 -0.50 -11.83
CA THR A 71 3.63 -0.60 -10.40
C THR A 71 4.36 0.50 -9.62
N LEU A 72 5.53 0.97 -10.13
CA LEU A 72 6.29 2.07 -9.54
C LEU A 72 5.51 3.39 -9.68
N ASP A 73 5.02 3.65 -10.90
CA ASP A 73 4.25 4.86 -11.22
C ASP A 73 2.99 4.97 -10.34
N ASN A 74 2.21 3.88 -10.34
CA ASN A 74 0.91 3.81 -9.66
C ASN A 74 1.08 3.93 -8.13
N GLU A 75 2.08 3.20 -7.60
CA GLU A 75 2.39 3.17 -6.15
C GLU A 75 2.99 4.49 -5.66
N GLN A 76 3.64 5.25 -6.57
CA GLN A 76 4.15 6.60 -6.27
C GLN A 76 2.97 7.56 -6.07
N LEU A 77 1.96 7.43 -6.95
CA LEU A 77 0.71 8.22 -6.87
C LEU A 77 -0.10 7.82 -5.61
N LEU A 78 -0.03 6.53 -5.23
CA LEU A 78 -0.63 6.03 -3.96
C LEU A 78 0.04 6.72 -2.77
N LYS A 79 1.39 6.72 -2.78
CA LYS A 79 2.21 7.26 -1.70
C LYS A 79 1.83 8.74 -1.40
N GLY A 80 1.77 9.58 -2.45
CA GLY A 80 1.41 10.99 -2.31
C GLY A 80 -0.04 11.22 -1.87
N LEU A 81 -0.97 10.52 -2.55
CA LEU A 81 -2.43 10.69 -2.35
C LEU A 81 -2.82 10.25 -0.93
N LEU A 82 -2.43 9.01 -0.56
CA LEU A 82 -2.73 8.42 0.74
C LEU A 82 -2.02 9.20 1.87
N GLN A 83 -0.84 9.80 1.57
CA GLN A 83 -0.11 10.65 2.55
C GLN A 83 -0.95 11.87 2.94
N GLN A 84 -1.62 12.47 1.93
CA GLN A 84 -2.58 13.57 2.14
C GLN A 84 -3.76 13.10 3.00
N ARG A 85 -4.31 11.90 2.67
CA ARG A 85 -5.47 11.32 3.36
C ARG A 85 -5.16 11.08 4.85
N LEU A 86 -3.99 10.47 5.12
CA LEU A 86 -3.52 10.15 6.48
C LEU A 86 -3.29 11.41 7.30
N ASP A 87 -2.76 12.46 6.65
CA ASP A 87 -2.48 13.76 7.29
C ASP A 87 -3.78 14.43 7.78
N GLU A 88 -4.82 14.35 6.94
CA GLU A 88 -6.17 14.90 7.23
C GLU A 88 -6.85 14.09 8.32
N LEU A 89 -6.80 12.74 8.22
CA LEU A 89 -7.37 11.84 9.24
C LEU A 89 -6.66 12.03 10.59
N SER A 90 -5.35 12.31 10.55
CA SER A 90 -4.51 12.52 11.75
C SER A 90 -4.97 13.79 12.49
N SER A 91 -5.24 14.87 11.72
CA SER A 91 -5.73 16.14 12.30
C SER A 91 -7.16 15.99 12.83
N LEU A 92 -7.98 15.14 12.16
CA LEU A 92 -9.37 14.86 12.60
C LEU A 92 -9.36 14.16 13.97
N ILE A 93 -8.73 12.96 14.01
CA ILE A 93 -8.61 12.11 15.22
C ILE A 93 -7.98 12.88 16.39
N GLY A 94 -6.88 13.59 16.08
CA GLY A 94 -6.08 14.29 17.10
C GLY A 94 -6.88 15.30 17.91
N GLN A 95 -7.82 16.00 17.26
CA GLN A 95 -8.62 17.06 17.89
C GLN A 95 -9.88 16.49 18.59
N VAL A 96 -10.55 15.52 17.94
CA VAL A 96 -11.85 14.98 18.44
C VAL A 96 -11.66 13.92 19.53
N LEU A 97 -10.60 13.09 19.42
CA LEU A 97 -10.30 12.03 20.41
C LEU A 97 -9.70 12.69 21.66
N PHE A 98 -10.43 12.61 22.78
CA PHE A 98 -9.96 13.09 24.08
C PHE A 98 -9.13 11.98 24.74
N GLN A 99 -7.82 12.04 24.50
CA GLN A 99 -6.84 11.05 25.00
C GLN A 99 -5.87 11.71 25.99
N GLY A 100 -5.89 13.05 26.05
CA GLY A 100 -4.98 13.82 26.91
C GLY A 100 -5.53 15.22 27.18
N PRO A 101 -5.60 16.11 26.14
CA PRO A 101 -6.13 17.50 26.30
C PRO A 101 -7.67 17.58 26.12
N SER A 102 -8.20 18.78 26.45
CA SER A 102 -9.58 19.21 26.14
C SER A 102 -10.67 18.38 26.88
N ALA A 103 -10.30 17.81 28.04
CA ALA A 103 -11.20 16.98 28.87
C ALA A 103 -11.01 17.31 30.36
N GLY A 104 -12.07 17.11 31.16
CA GLY A 104 -12.02 17.40 32.60
C GLY A 104 -11.27 16.33 33.37
N LEU A 105 -11.78 15.09 33.31
CA LEU A 105 -11.14 13.90 33.92
C LEU A 105 -9.89 13.48 33.12
N VAL A 106 -9.08 12.55 33.70
CA VAL A 106 -7.94 11.93 32.99
C VAL A 106 -8.49 11.08 31.83
N PRO A 107 -8.33 11.53 30.55
CA PRO A 107 -8.94 10.87 29.39
C PRO A 107 -7.98 9.90 28.67
N ARG A 108 -6.86 9.53 29.37
CA ARG A 108 -5.85 8.61 28.83
C ARG A 108 -6.45 7.20 28.72
N GLY A 109 -7.11 6.97 27.60
CA GLY A 109 -7.81 5.72 27.32
C GLY A 109 -7.84 5.48 25.83
N SER A 110 -6.77 4.85 25.32
CA SER A 110 -6.58 4.56 23.90
C SER A 110 -7.66 3.61 23.34
N GLY A 111 -8.37 2.91 24.26
CA GLY A 111 -9.51 2.07 23.90
C GLY A 111 -10.63 2.86 23.21
N GLY A 112 -10.80 4.13 23.65
CA GLY A 112 -11.69 5.09 23.01
C GLY A 112 -12.45 5.95 24.01
N ILE A 113 -13.55 6.54 23.53
CA ILE A 113 -14.49 7.37 24.31
C ILE A 113 -15.81 6.54 24.39
N GLU A 114 -16.96 7.17 24.67
CA GLU A 114 -18.29 6.56 24.45
C GLU A 114 -19.19 7.52 23.66
N GLY A 115 -20.21 6.97 22.99
CA GLY A 115 -21.11 7.73 22.14
C GLY A 115 -20.69 7.66 20.67
N SER A 116 -21.30 8.52 19.84
CA SER A 116 -21.04 8.58 18.38
C SER A 116 -19.65 9.14 18.10
N ILE A 117 -19.14 10.00 19.03
CA ILE A 117 -17.80 10.61 18.95
C ILE A 117 -16.73 9.49 18.91
N ASP A 118 -16.92 8.43 19.72
CA ASP A 118 -16.04 7.27 19.77
C ASP A 118 -16.02 6.52 18.42
N GLU A 119 -17.23 6.30 17.88
CA GLU A 119 -17.44 5.48 16.68
C GLU A 119 -16.93 6.19 15.41
N THR A 120 -17.07 7.53 15.35
CA THR A 120 -16.57 8.32 14.21
C THR A 120 -15.03 8.34 14.21
N VAL A 121 -14.42 8.44 15.42
CA VAL A 121 -12.95 8.29 15.61
C VAL A 121 -12.50 6.90 15.13
N ALA A 122 -13.32 5.88 15.45
CA ALA A 122 -13.05 4.48 15.10
C ALA A 122 -13.02 4.29 13.58
N ARG A 123 -13.88 5.04 12.85
CA ARG A 123 -13.91 4.99 11.38
C ARG A 123 -12.64 5.63 10.80
N TYR A 124 -12.28 6.83 11.32
CA TYR A 124 -11.08 7.58 10.86
C TYR A 124 -9.80 6.78 11.13
N LYS A 125 -9.72 6.17 12.32
CA LYS A 125 -8.54 5.42 12.78
C LYS A 125 -8.42 4.09 12.04
N ALA A 126 -9.57 3.51 11.63
CA ALA A 126 -9.60 2.32 10.79
C ALA A 126 -8.94 2.64 9.44
N GLN A 127 -9.42 3.71 8.79
CA GLN A 127 -8.89 4.17 7.49
C GLN A 127 -7.41 4.57 7.63
N PHE A 128 -7.07 5.19 8.78
CA PHE A 128 -5.71 5.68 9.04
C PHE A 128 -4.73 4.50 9.12
N THR A 129 -4.94 3.63 10.14
CA THR A 129 -4.02 2.53 10.49
C THR A 129 -3.85 1.52 9.33
N GLN A 130 -4.93 1.27 8.56
CA GLN A 130 -4.92 0.35 7.40
C GLN A 130 -4.10 0.94 6.23
N LEU A 131 -4.36 2.21 5.89
CA LEU A 131 -3.59 2.93 4.83
C LEU A 131 -2.14 3.28 5.31
N ASP A 132 -1.95 3.27 6.65
CA ASP A 132 -0.66 3.60 7.31
C ASP A 132 0.31 2.41 7.20
N THR A 133 -0.19 1.19 7.51
CA THR A 133 0.61 -0.03 7.37
C THR A 133 0.83 -0.35 5.88
N MET A 134 -0.18 -0.02 5.03
CA MET A 134 -0.08 -0.12 3.57
C MET A 134 1.06 0.76 3.06
N MET A 135 1.13 2.00 3.59
CA MET A 135 2.10 3.02 3.18
C MET A 135 3.55 2.62 3.51
N SER A 136 3.78 2.17 4.75
CA SER A 136 5.11 1.76 5.22
C SER A 136 5.63 0.56 4.38
N LYS A 137 4.71 -0.38 4.06
CA LYS A 137 5.01 -1.52 3.18
C LYS A 137 5.29 -1.05 1.74
N LEU A 138 4.46 -0.12 1.20
CA LEU A 138 4.58 0.31 -0.22
C LEU A 138 5.79 1.25 -0.42
N ASN A 139 6.29 1.83 0.69
CA ASN A 139 7.52 2.63 0.70
C ASN A 139 8.73 1.70 0.62
N ASN A 140 8.68 0.61 1.42
CA ASN A 140 9.69 -0.47 1.42
C ASN A 140 9.79 -1.12 0.03
N THR A 141 8.60 -1.44 -0.55
CA THR A 141 8.50 -2.08 -1.85
C THR A 141 9.10 -1.18 -2.93
N SER A 142 8.58 0.07 -3.06
CA SER A 142 9.02 1.05 -4.07
C SER A 142 10.55 1.22 -4.08
N SER A 143 11.17 1.17 -2.87
CA SER A 143 12.62 1.18 -2.71
C SER A 143 13.28 0.02 -3.50
N TYR A 144 13.06 -1.25 -3.07
CA TYR A 144 13.73 -2.41 -3.71
C TYR A 144 13.21 -2.72 -5.12
N LEU A 145 11.99 -2.26 -5.46
CA LEU A 145 11.37 -2.45 -6.78
C LEU A 145 12.08 -1.58 -7.82
N THR A 146 12.32 -0.29 -7.48
CA THR A 146 12.99 0.65 -8.39
C THR A 146 14.47 0.28 -8.58
N GLN A 147 15.08 -0.30 -7.51
CA GLN A 147 16.46 -0.84 -7.58
C GLN A 147 16.54 -2.03 -8.55
N GLN A 148 15.61 -2.98 -8.36
CA GLN A 148 15.47 -4.19 -9.19
C GLN A 148 15.16 -3.80 -10.65
N PHE A 149 14.40 -2.71 -10.82
CA PHE A 149 14.02 -2.18 -12.12
C PHE A 149 15.23 -1.58 -12.85
N THR A 150 16.09 -0.85 -12.10
CA THR A 150 17.30 -0.23 -12.68
C THR A 150 18.23 -1.29 -13.28
N ALA A 151 18.41 -2.39 -12.54
CA ALA A 151 19.25 -3.52 -13.00
C ALA A 151 18.59 -4.30 -14.16
N MET A 152 17.30 -4.67 -13.98
CA MET A 152 16.54 -5.50 -14.94
C MET A 152 16.37 -4.77 -16.30
N ASN A 153 16.27 -3.44 -16.25
CA ASN A 153 16.16 -2.58 -17.43
C ASN A 153 17.55 -2.37 -18.05
N LYS A 154 18.49 -1.78 -17.27
CA LYS A 154 19.89 -1.55 -17.72
C LYS A 154 20.92 -2.18 -16.74
N SER A 155 21.07 -3.51 -16.83
CA SER A 155 22.19 -4.24 -16.21
C SER A 155 23.55 -3.87 -16.89
N MET A 1 9.57 -24.41 -16.82
CA MET A 1 10.36 -23.56 -15.92
C MET A 1 9.44 -22.91 -14.86
N THR A 2 9.30 -23.63 -13.71
CA THR A 2 8.37 -23.26 -12.63
C THR A 2 8.66 -21.87 -12.07
N SER A 3 9.94 -21.65 -11.71
CA SER A 3 10.43 -20.39 -11.12
C SER A 3 10.16 -19.19 -12.04
N THR A 4 10.46 -19.38 -13.33
CA THR A 4 10.39 -18.32 -14.35
C THR A 4 8.92 -17.98 -14.70
N VAL A 5 8.02 -19.01 -14.76
CA VAL A 5 6.61 -18.78 -15.16
C VAL A 5 5.81 -18.11 -14.03
N GLU A 6 6.03 -18.53 -12.77
CA GLU A 6 5.35 -17.94 -11.59
C GLU A 6 5.83 -16.49 -11.39
N PHE A 7 7.12 -16.25 -11.72
CA PHE A 7 7.70 -14.90 -11.83
C PHE A 7 6.85 -14.02 -12.78
N ILE A 8 6.61 -14.52 -14.01
CA ILE A 8 5.78 -13.84 -15.04
C ILE A 8 4.37 -13.51 -14.49
N ASN A 9 3.66 -14.55 -14.01
CA ASN A 9 2.27 -14.46 -13.53
C ASN A 9 2.14 -13.41 -12.41
N ARG A 10 3.01 -13.50 -11.40
CA ARG A 10 2.95 -12.65 -10.19
C ARG A 10 3.20 -11.18 -10.53
N TRP A 11 4.21 -10.89 -11.38
CA TRP A 11 4.48 -9.50 -11.83
C TRP A 11 3.31 -8.93 -12.64
N GLN A 12 2.65 -9.80 -13.45
CA GLN A 12 1.43 -9.43 -14.17
C GLN A 12 0.32 -9.04 -13.17
N ARG A 13 0.19 -9.83 -12.07
CA ARG A 13 -0.80 -9.57 -11.01
C ARG A 13 -0.55 -8.17 -10.41
N ILE A 14 0.71 -7.94 -9.98
CA ILE A 14 1.15 -6.70 -9.29
C ILE A 14 0.80 -5.45 -10.14
N ALA A 15 0.98 -5.56 -11.47
CA ALA A 15 0.72 -4.46 -12.42
C ALA A 15 -0.80 -4.18 -12.58
N LEU A 16 -1.58 -5.25 -12.75
CA LEU A 16 -3.06 -5.18 -12.93
C LEU A 16 -3.73 -4.66 -11.63
N LEU A 17 -3.20 -5.12 -10.49
CA LEU A 17 -3.71 -4.76 -9.16
C LEU A 17 -3.38 -3.29 -8.87
N SER A 18 -2.10 -2.89 -9.08
CA SER A 18 -1.62 -1.52 -8.80
C SER A 18 -2.47 -0.47 -9.55
N GLN A 19 -2.77 -0.76 -10.83
CA GLN A 19 -3.62 0.11 -11.66
C GLN A 19 -5.05 0.20 -11.09
N SER A 20 -5.67 -0.97 -10.84
CA SER A 20 -7.09 -1.03 -10.41
C SER A 20 -7.33 -0.34 -9.06
N LEU A 21 -6.45 -0.61 -8.07
CA LEU A 21 -6.57 -0.04 -6.72
C LEU A 21 -6.18 1.44 -6.68
N LEU A 22 -5.32 1.87 -7.61
CA LEU A 22 -4.96 3.28 -7.79
C LEU A 22 -6.21 4.10 -8.17
N GLU A 23 -6.99 3.53 -9.12
CA GLU A 23 -8.27 4.09 -9.55
C GLU A 23 -9.26 4.16 -8.37
N LEU A 24 -9.28 3.08 -7.56
CA LEU A 24 -10.13 3.00 -6.35
C LEU A 24 -9.71 4.05 -5.29
N ALA A 25 -8.39 4.32 -5.21
CA ALA A 25 -7.80 5.25 -4.24
C ALA A 25 -8.17 6.72 -4.56
N GLN A 26 -7.97 7.10 -5.82
CA GLN A 26 -8.25 8.48 -6.29
C GLN A 26 -9.75 8.76 -6.36
N ARG A 27 -10.55 7.69 -6.53
CA ARG A 27 -12.02 7.76 -6.46
C ARG A 27 -12.51 7.91 -5.01
N GLY A 28 -11.69 7.42 -4.05
CA GLY A 28 -11.99 7.51 -2.62
C GLY A 28 -12.55 6.23 -2.04
N GLU A 29 -12.64 5.18 -2.87
CA GLU A 29 -13.00 3.82 -2.44
C GLU A 29 -11.83 3.18 -1.68
N TRP A 30 -11.71 3.53 -0.38
CA TRP A 30 -10.64 3.04 0.50
C TRP A 30 -10.86 1.58 0.85
N ASP A 31 -12.13 1.20 0.98
CA ASP A 31 -12.56 -0.18 1.32
C ASP A 31 -12.09 -1.16 0.22
N LEU A 32 -12.26 -0.73 -1.04
CA LEU A 32 -11.90 -1.52 -2.22
C LEU A 32 -10.38 -1.44 -2.48
N LEU A 33 -9.76 -0.30 -2.11
CA LEU A 33 -8.28 -0.13 -2.14
C LEU A 33 -7.61 -1.15 -1.19
N LEU A 34 -8.17 -1.27 0.03
CA LEU A 34 -7.66 -2.15 1.10
C LEU A 34 -7.98 -3.61 0.80
N GLN A 35 -9.06 -3.85 0.03
CA GLN A 35 -9.40 -5.17 -0.49
C GLN A 35 -8.27 -5.68 -1.40
N GLN A 36 -7.72 -4.77 -2.20
CA GLN A 36 -6.64 -5.08 -3.17
C GLN A 36 -5.26 -5.00 -2.52
N GLU A 37 -5.14 -4.25 -1.39
CA GLU A 37 -3.88 -4.10 -0.61
C GLU A 37 -3.27 -5.46 -0.27
N VAL A 38 -4.12 -6.37 0.27
CA VAL A 38 -3.69 -7.69 0.75
C VAL A 38 -2.99 -8.50 -0.38
N SER A 39 -3.66 -8.61 -1.54
CA SER A 39 -3.17 -9.39 -2.69
C SER A 39 -1.95 -8.73 -3.33
N TYR A 40 -1.99 -7.40 -3.41
CA TYR A 40 -0.99 -6.57 -4.09
C TYR A 40 0.37 -6.64 -3.40
N LEU A 41 0.41 -6.18 -2.14
CA LEU A 41 1.65 -6.14 -1.34
C LEU A 41 2.17 -7.58 -1.08
N GLN A 42 1.25 -8.55 -0.91
CA GLN A 42 1.61 -9.99 -0.77
C GLN A 42 2.39 -10.48 -2.00
N SER A 43 1.91 -10.10 -3.21
CA SER A 43 2.52 -10.51 -4.48
C SER A 43 3.94 -9.91 -4.66
N ILE A 44 4.13 -8.66 -4.20
CA ILE A 44 5.45 -8.01 -4.19
C ILE A 44 6.41 -8.74 -3.21
N GLU A 45 5.88 -9.04 -2.02
CA GLU A 45 6.61 -9.73 -0.95
C GLU A 45 7.02 -11.16 -1.39
N THR A 46 6.16 -11.85 -2.16
CA THR A 46 6.41 -13.26 -2.53
C THR A 46 7.37 -13.39 -3.73
N VAL A 47 7.38 -12.40 -4.67
CA VAL A 47 8.38 -12.41 -5.78
C VAL A 47 9.79 -12.18 -5.23
N MET A 48 9.91 -11.27 -4.23
CA MET A 48 11.19 -10.95 -3.59
C MET A 48 11.60 -12.01 -2.56
N GLU A 49 10.61 -12.73 -1.98
CA GLU A 49 10.87 -13.86 -1.05
C GLU A 49 11.38 -15.07 -1.85
N LYS A 50 10.93 -15.15 -3.12
CA LYS A 50 11.43 -16.12 -4.12
C LYS A 50 12.85 -15.73 -4.61
N GLN A 51 13.36 -14.59 -4.07
CA GLN A 51 14.71 -14.04 -4.33
C GLN A 51 14.80 -13.44 -5.75
N THR A 52 13.62 -13.31 -6.40
CA THR A 52 13.49 -12.94 -7.81
C THR A 52 14.37 -13.86 -8.70
N PRO A 53 13.78 -14.98 -9.26
CA PRO A 53 14.53 -15.97 -10.11
C PRO A 53 15.33 -15.26 -11.24
N PRO A 54 16.69 -15.42 -11.28
CA PRO A 54 17.55 -14.77 -12.31
C PRO A 54 17.58 -15.50 -13.68
N GLY A 55 16.93 -16.66 -13.79
CA GLY A 55 16.89 -17.44 -15.05
C GLY A 55 15.81 -16.93 -16.00
N ILE A 56 15.96 -15.66 -16.44
CA ILE A 56 14.94 -14.91 -17.19
C ILE A 56 15.50 -14.49 -18.55
N THR A 57 14.83 -14.88 -19.66
CA THR A 57 15.21 -14.48 -21.02
C THR A 57 14.80 -13.01 -21.28
N ARG A 58 15.31 -12.43 -22.38
CA ARG A 58 15.16 -10.99 -22.68
C ARG A 58 13.68 -10.61 -22.95
N SER A 59 12.90 -11.57 -23.47
CA SER A 59 11.48 -11.37 -23.80
C SER A 59 10.64 -11.21 -22.50
N ILE A 60 10.87 -12.14 -21.56
CA ILE A 60 10.19 -12.17 -20.25
C ILE A 60 10.64 -10.98 -19.39
N GLN A 61 11.95 -10.70 -19.45
CA GLN A 61 12.61 -9.61 -18.72
C GLN A 61 12.03 -8.24 -19.14
N ASP A 62 11.71 -8.13 -20.44
CA ASP A 62 11.10 -6.91 -21.01
C ASP A 62 9.63 -6.78 -20.56
N MET A 63 8.89 -7.93 -20.50
CA MET A 63 7.49 -7.96 -20.00
C MET A 63 7.41 -7.43 -18.57
N VAL A 64 8.24 -8.03 -17.70
CA VAL A 64 8.21 -7.74 -16.26
C VAL A 64 8.84 -6.40 -15.93
N ALA A 65 9.77 -5.91 -16.78
CA ALA A 65 10.28 -4.52 -16.66
C ALA A 65 9.14 -3.52 -16.90
N GLY A 66 8.23 -3.87 -17.85
CA GLY A 66 7.01 -3.12 -18.07
C GLY A 66 6.06 -3.18 -16.87
N TYR A 67 5.93 -4.38 -16.27
CA TYR A 67 5.05 -4.62 -15.11
C TYR A 67 5.55 -3.89 -13.84
N ILE A 68 6.90 -3.86 -13.65
CA ILE A 68 7.52 -3.18 -12.50
C ILE A 68 7.40 -1.66 -12.69
N LYS A 69 7.57 -1.20 -13.94
CA LYS A 69 7.36 0.21 -14.31
C LYS A 69 5.92 0.65 -13.99
N GLN A 70 4.94 -0.25 -14.22
CA GLN A 70 3.52 0.01 -13.91
C GLN A 70 3.33 0.20 -12.39
N THR A 71 3.82 -0.79 -11.61
CA THR A 71 3.62 -0.79 -10.16
C THR A 71 4.38 0.38 -9.50
N LEU A 72 5.52 0.79 -10.09
CA LEU A 72 6.30 1.95 -9.59
C LEU A 72 5.54 3.26 -9.78
N ASP A 73 4.96 3.45 -10.98
CA ASP A 73 4.17 4.64 -11.33
C ASP A 73 2.96 4.78 -10.38
N ASN A 74 2.19 3.68 -10.29
CA ASN A 74 0.93 3.64 -9.53
C ASN A 74 1.18 3.80 -8.02
N GLU A 75 2.22 3.13 -7.52
CA GLU A 75 2.57 3.10 -6.08
C GLU A 75 3.30 4.40 -5.67
N GLN A 76 3.88 5.11 -6.66
CA GLN A 76 4.41 6.48 -6.48
C GLN A 76 3.25 7.46 -6.26
N LEU A 77 2.17 7.26 -7.03
CA LEU A 77 0.93 8.05 -6.92
C LEU A 77 0.17 7.69 -5.63
N LEU A 78 0.24 6.42 -5.21
CA LEU A 78 -0.28 5.96 -3.90
C LEU A 78 0.52 6.61 -2.77
N LYS A 79 1.84 6.73 -2.97
CA LYS A 79 2.76 7.30 -1.96
C LYS A 79 2.33 8.72 -1.62
N GLY A 80 2.30 9.59 -2.65
CA GLY A 80 1.92 10.99 -2.48
C GLY A 80 0.49 11.17 -1.95
N LEU A 81 -0.47 10.46 -2.59
CA LEU A 81 -1.91 10.61 -2.31
C LEU A 81 -2.24 10.16 -0.88
N LEU A 82 -1.89 8.90 -0.55
CA LEU A 82 -2.20 8.31 0.78
C LEU A 82 -1.43 9.02 1.91
N GLN A 83 -0.23 9.55 1.62
CA GLN A 83 0.57 10.34 2.60
C GLN A 83 -0.16 11.64 2.99
N GLN A 84 -0.76 12.30 1.97
CA GLN A 84 -1.60 13.50 2.17
C GLN A 84 -2.84 13.14 3.00
N ARG A 85 -3.47 12.01 2.63
CA ARG A 85 -4.67 11.49 3.31
C ARG A 85 -4.37 11.24 4.80
N LEU A 86 -3.24 10.57 5.10
CA LEU A 86 -2.84 10.21 6.48
C LEU A 86 -2.55 11.45 7.32
N ASP A 87 -1.97 12.48 6.69
CA ASP A 87 -1.68 13.77 7.34
C ASP A 87 -3.00 14.43 7.83
N GLU A 88 -4.00 14.43 6.93
CA GLU A 88 -5.35 14.96 7.20
C GLU A 88 -6.05 14.12 8.28
N LEU A 89 -6.13 12.79 8.06
CA LEU A 89 -6.81 11.83 8.97
C LEU A 89 -6.25 11.93 10.39
N SER A 90 -4.90 12.01 10.49
CA SER A 90 -4.19 12.12 11.78
C SER A 90 -4.63 13.38 12.55
N SER A 91 -4.67 14.52 11.82
CA SER A 91 -5.11 15.81 12.38
C SER A 91 -6.59 15.74 12.82
N LEU A 92 -7.44 15.10 11.97
CA LEU A 92 -8.90 14.98 12.20
C LEU A 92 -9.20 14.19 13.50
N ILE A 93 -8.51 13.04 13.65
CA ILE A 93 -8.59 12.17 14.85
C ILE A 93 -8.11 12.96 16.08
N GLY A 94 -7.03 13.75 15.90
CA GLY A 94 -6.45 14.55 16.98
C GLY A 94 -7.42 15.61 17.53
N GLN A 95 -8.27 16.17 16.65
CA GLN A 95 -9.21 17.26 17.00
C GLN A 95 -10.46 16.72 17.74
N VAL A 96 -10.93 15.51 17.35
CA VAL A 96 -12.20 14.95 17.86
C VAL A 96 -11.97 13.97 19.05
N LEU A 97 -10.92 13.14 18.97
CA LEU A 97 -10.50 12.27 20.08
C LEU A 97 -9.77 13.16 21.11
N PHE A 98 -10.37 13.34 22.29
CA PHE A 98 -9.72 14.04 23.41
C PHE A 98 -8.66 13.10 24.00
N GLN A 99 -7.39 13.31 23.63
CA GLN A 99 -6.27 12.45 24.05
C GLN A 99 -5.74 12.84 25.45
N GLY A 100 -6.26 13.96 25.98
CA GLY A 100 -5.89 14.46 27.30
C GLY A 100 -6.61 15.77 27.60
N PRO A 101 -6.19 16.90 26.97
CA PRO A 101 -6.87 18.22 27.12
C PRO A 101 -8.34 18.20 26.61
N SER A 102 -9.16 19.11 27.17
CA SER A 102 -10.59 19.30 26.84
C SER A 102 -11.47 18.09 27.28
N ALA A 103 -10.90 17.22 28.15
CA ALA A 103 -11.62 16.09 28.76
C ALA A 103 -11.77 16.33 30.28
N GLY A 104 -13.00 16.14 30.80
CA GLY A 104 -13.30 16.34 32.22
C GLY A 104 -12.60 15.33 33.15
N LEU A 105 -12.33 14.14 32.61
CA LEU A 105 -11.59 13.06 33.29
C LEU A 105 -10.41 12.61 32.43
N VAL A 106 -9.58 11.70 32.96
CA VAL A 106 -8.51 11.04 32.21
C VAL A 106 -9.15 10.16 31.12
N PRO A 107 -8.98 10.50 29.81
CA PRO A 107 -9.69 9.83 28.69
C PRO A 107 -8.91 8.61 28.15
N ARG A 108 -8.28 7.86 29.07
CA ARG A 108 -7.55 6.63 28.73
C ARG A 108 -8.55 5.46 28.56
N GLY A 109 -9.26 5.48 27.42
CA GLY A 109 -10.25 4.45 27.07
C GLY A 109 -9.97 3.89 25.70
N SER A 110 -8.71 3.48 25.52
CA SER A 110 -8.19 2.97 24.25
C SER A 110 -8.78 1.57 23.95
N GLY A 111 -9.82 1.55 23.11
CA GLY A 111 -10.54 0.31 22.78
C GLY A 111 -12.03 0.57 22.58
N GLY A 112 -12.52 1.70 23.13
CA GLY A 112 -13.91 2.11 22.95
C GLY A 112 -14.29 3.27 23.87
N ILE A 113 -14.80 4.35 23.26
CA ILE A 113 -15.36 5.50 23.99
C ILE A 113 -16.92 5.32 24.02
N GLU A 114 -17.64 6.12 24.81
CA GLU A 114 -19.11 6.13 24.79
C GLU A 114 -19.61 7.31 23.94
N GLY A 115 -20.59 7.05 23.07
CA GLY A 115 -21.21 8.08 22.22
C GLY A 115 -20.84 7.93 20.74
N SER A 116 -21.32 8.88 19.91
CA SER A 116 -21.05 8.94 18.46
C SER A 116 -19.56 9.26 18.16
N ILE A 117 -18.89 9.90 19.14
CA ILE A 117 -17.44 10.18 19.10
C ILE A 117 -16.64 8.88 18.90
N ASP A 118 -17.10 7.80 19.54
CA ASP A 118 -16.50 6.46 19.42
C ASP A 118 -16.51 5.97 17.97
N GLU A 119 -17.69 6.09 17.32
CA GLU A 119 -17.92 5.61 15.95
C GLU A 119 -17.02 6.36 14.95
N THR A 120 -17.08 7.70 14.98
CA THR A 120 -16.37 8.53 14.00
C THR A 120 -14.84 8.38 14.12
N VAL A 121 -14.33 8.35 15.37
CA VAL A 121 -12.90 8.08 15.64
C VAL A 121 -12.52 6.70 15.10
N ALA A 122 -13.41 5.71 15.33
CA ALA A 122 -13.18 4.31 14.90
C ALA A 122 -13.06 4.19 13.37
N ARG A 123 -13.80 5.05 12.63
CA ARG A 123 -13.78 5.04 11.16
C ARG A 123 -12.47 5.64 10.63
N TYR A 124 -12.16 6.87 11.07
CA TYR A 124 -10.95 7.60 10.64
C TYR A 124 -9.66 6.90 11.10
N LYS A 125 -9.71 6.25 12.29
CA LYS A 125 -8.55 5.57 12.91
C LYS A 125 -8.31 4.21 12.25
N ALA A 126 -9.40 3.50 11.89
CA ALA A 126 -9.31 2.25 11.13
C ALA A 126 -8.63 2.52 9.78
N GLN A 127 -9.18 3.50 9.03
CA GLN A 127 -8.64 3.90 7.71
C GLN A 127 -7.21 4.46 7.85
N PHE A 128 -6.92 5.13 8.97
CA PHE A 128 -5.58 5.69 9.24
C PHE A 128 -4.55 4.54 9.33
N THR A 129 -4.75 3.63 10.30
CA THR A 129 -3.82 2.51 10.59
C THR A 129 -3.66 1.55 9.38
N GLN A 130 -4.75 1.34 8.63
CA GLN A 130 -4.78 0.46 7.43
C GLN A 130 -3.99 1.08 6.25
N LEU A 131 -4.26 2.37 5.97
CA LEU A 131 -3.51 3.14 4.94
C LEU A 131 -2.06 3.44 5.42
N ASP A 132 -1.82 3.36 6.75
CA ASP A 132 -0.51 3.66 7.36
C ASP A 132 0.45 2.47 7.25
N THR A 133 -0.06 1.24 7.54
CA THR A 133 0.71 0.01 7.34
C THR A 133 0.94 -0.20 5.83
N MET A 134 -0.07 0.19 5.02
CA MET A 134 0.05 0.21 3.55
C MET A 134 1.14 1.19 3.11
N MET A 135 1.17 2.38 3.76
CA MET A 135 2.11 3.49 3.43
C MET A 135 3.57 3.05 3.59
N SER A 136 3.89 2.52 4.78
CA SER A 136 5.26 2.10 5.14
C SER A 136 5.72 0.92 4.26
N LYS A 137 4.79 -0.02 4.03
CA LYS A 137 5.05 -1.18 3.16
C LYS A 137 5.27 -0.76 1.71
N LEU A 138 4.42 0.15 1.19
CA LEU A 138 4.45 0.54 -0.24
C LEU A 138 5.69 1.41 -0.53
N ASN A 139 6.18 2.09 0.50
CA ASN A 139 7.42 2.88 0.45
C ASN A 139 8.62 1.94 0.29
N ASN A 140 8.68 0.92 1.18
CA ASN A 140 9.75 -0.10 1.19
C ASN A 140 9.74 -0.94 -0.11
N THR A 141 8.53 -1.33 -0.55
CA THR A 141 8.35 -2.15 -1.75
C THR A 141 8.90 -1.41 -2.98
N SER A 142 8.28 -0.25 -3.31
CA SER A 142 8.67 0.58 -4.46
C SER A 142 10.17 0.91 -4.48
N SER A 143 10.75 1.04 -3.27
CA SER A 143 12.20 1.28 -3.11
C SER A 143 13.03 0.14 -3.73
N TYR A 144 12.85 -1.12 -3.24
CA TYR A 144 13.60 -2.27 -3.78
C TYR A 144 13.10 -2.70 -5.18
N LEU A 145 11.85 -2.32 -5.52
CA LEU A 145 11.27 -2.57 -6.86
C LEU A 145 11.98 -1.73 -7.93
N THR A 146 12.29 -0.45 -7.60
CA THR A 146 12.94 0.47 -8.56
C THR A 146 14.45 0.17 -8.67
N GLN A 147 15.05 -0.37 -7.58
CA GLN A 147 16.43 -0.93 -7.63
C GLN A 147 16.48 -2.08 -8.65
N GLN A 148 15.54 -3.03 -8.46
CA GLN A 148 15.40 -4.22 -9.32
C GLN A 148 15.03 -3.82 -10.75
N PHE A 149 14.23 -2.75 -10.90
CA PHE A 149 13.78 -2.25 -12.23
C PHE A 149 14.95 -1.71 -13.04
N THR A 150 15.74 -0.80 -12.42
CA THR A 150 16.88 -0.16 -13.09
C THR A 150 17.94 -1.21 -13.50
N ALA A 151 18.08 -2.26 -12.67
CA ALA A 151 18.96 -3.41 -12.97
C ALA A 151 18.39 -4.28 -14.12
N MET A 152 17.09 -4.59 -14.02
CA MET A 152 16.37 -5.51 -14.95
C MET A 152 16.20 -4.88 -16.33
N ASN A 153 16.15 -3.54 -16.36
CA ASN A 153 16.04 -2.75 -17.59
C ASN A 153 17.46 -2.53 -18.16
N LYS A 154 18.34 -1.87 -17.39
CA LYS A 154 19.75 -1.65 -17.80
C LYS A 154 20.75 -2.20 -16.73
N SER A 155 20.95 -3.54 -16.73
CA SER A 155 22.10 -4.19 -16.05
C SER A 155 23.44 -3.46 -16.39
N MET A 1 9.73 -24.65 -16.04
CA MET A 1 10.45 -23.63 -15.26
C MET A 1 9.52 -23.02 -14.19
N THR A 2 9.45 -23.68 -13.02
CA THR A 2 8.49 -23.36 -11.94
C THR A 2 8.69 -21.94 -11.37
N SER A 3 9.95 -21.62 -11.02
CA SER A 3 10.33 -20.31 -10.44
C SER A 3 10.11 -19.17 -11.45
N THR A 4 10.42 -19.45 -12.70
CA THR A 4 10.34 -18.48 -13.78
C THR A 4 8.86 -18.19 -14.18
N VAL A 5 7.98 -19.22 -14.16
CA VAL A 5 6.57 -19.06 -14.56
C VAL A 5 5.77 -18.27 -13.49
N GLU A 6 6.01 -18.57 -12.18
CA GLU A 6 5.37 -17.84 -11.06
C GLU A 6 5.84 -16.36 -11.06
N PHE A 7 7.11 -16.15 -11.45
CA PHE A 7 7.69 -14.81 -11.67
C PHE A 7 6.88 -14.02 -12.73
N ILE A 8 6.71 -14.61 -13.94
CA ILE A 8 6.00 -13.99 -15.09
C ILE A 8 4.55 -13.55 -14.69
N ASN A 9 3.76 -14.55 -14.26
CA ASN A 9 2.32 -14.38 -13.95
C ASN A 9 2.11 -13.37 -12.83
N ARG A 10 2.85 -13.51 -11.70
CA ARG A 10 2.64 -12.68 -10.51
C ARG A 10 3.02 -11.22 -10.73
N TRP A 11 4.08 -10.94 -11.52
CA TRP A 11 4.44 -9.55 -11.90
C TRP A 11 3.32 -8.90 -12.72
N GLN A 12 2.72 -9.68 -13.64
CA GLN A 12 1.56 -9.25 -14.41
C GLN A 12 0.38 -8.91 -13.46
N ARG A 13 0.18 -9.75 -12.44
CA ARG A 13 -0.89 -9.54 -11.43
C ARG A 13 -0.67 -8.23 -10.67
N ILE A 14 0.58 -8.03 -10.19
CA ILE A 14 0.99 -6.82 -9.42
C ILE A 14 0.68 -5.53 -10.19
N ALA A 15 0.96 -5.57 -11.52
CA ALA A 15 0.76 -4.43 -12.43
C ALA A 15 -0.75 -4.12 -12.66
N LEU A 16 -1.55 -5.20 -12.83
CA LEU A 16 -3.01 -5.09 -13.03
C LEU A 16 -3.69 -4.58 -11.74
N LEU A 17 -3.21 -5.07 -10.59
CA LEU A 17 -3.72 -4.71 -9.26
C LEU A 17 -3.43 -3.23 -8.98
N SER A 18 -2.16 -2.82 -9.18
CA SER A 18 -1.68 -1.45 -8.90
C SER A 18 -2.50 -0.42 -9.67
N GLN A 19 -2.75 -0.69 -10.96
CA GLN A 19 -3.56 0.18 -11.83
C GLN A 19 -5.02 0.30 -11.31
N SER A 20 -5.64 -0.86 -11.05
CA SER A 20 -7.06 -0.93 -10.63
C SER A 20 -7.29 -0.16 -9.32
N LEU A 21 -6.47 -0.47 -8.30
CA LEU A 21 -6.60 0.13 -6.95
C LEU A 21 -6.12 1.59 -6.93
N LEU A 22 -5.30 1.99 -7.93
CA LEU A 22 -4.93 3.41 -8.13
C LEU A 22 -6.19 4.21 -8.47
N GLU A 23 -6.98 3.66 -9.41
CA GLU A 23 -8.25 4.26 -9.86
C GLU A 23 -9.28 4.27 -8.72
N LEU A 24 -9.24 3.21 -7.87
CA LEU A 24 -10.12 3.07 -6.70
C LEU A 24 -9.78 4.09 -5.59
N ALA A 25 -8.46 4.25 -5.32
CA ALA A 25 -7.95 5.22 -4.32
C ALA A 25 -8.34 6.65 -4.73
N GLN A 26 -8.21 6.92 -6.02
CA GLN A 26 -8.55 8.21 -6.63
C GLN A 26 -10.07 8.44 -6.61
N ARG A 27 -10.84 7.35 -6.75
CA ARG A 27 -12.32 7.38 -6.73
C ARG A 27 -12.86 7.45 -5.28
N GLY A 28 -11.95 7.30 -4.29
CA GLY A 28 -12.33 7.32 -2.87
C GLY A 28 -12.90 6.00 -2.38
N GLU A 29 -12.79 4.97 -3.23
CA GLU A 29 -13.21 3.60 -2.90
C GLU A 29 -12.14 2.98 -1.99
N TRP A 30 -12.20 3.31 -0.69
CA TRP A 30 -11.20 2.87 0.31
C TRP A 30 -11.36 1.39 0.61
N ASP A 31 -12.61 0.93 0.72
CA ASP A 31 -12.93 -0.48 0.99
C ASP A 31 -12.44 -1.38 -0.16
N LEU A 32 -12.64 -0.89 -1.40
CA LEU A 32 -12.21 -1.57 -2.63
C LEU A 32 -10.68 -1.47 -2.83
N LEU A 33 -10.09 -0.34 -2.39
CA LEU A 33 -8.62 -0.11 -2.38
C LEU A 33 -7.93 -1.16 -1.50
N LEU A 34 -8.46 -1.29 -0.26
CA LEU A 34 -7.91 -2.18 0.78
C LEU A 34 -8.19 -3.66 0.45
N GLN A 35 -9.27 -3.89 -0.32
CA GLN A 35 -9.63 -5.21 -0.87
C GLN A 35 -8.51 -5.71 -1.80
N GLN A 36 -7.96 -4.79 -2.61
CA GLN A 36 -6.88 -5.08 -3.56
C GLN A 36 -5.47 -4.91 -2.92
N GLU A 37 -5.40 -4.11 -1.83
CA GLU A 37 -4.16 -3.83 -1.05
C GLU A 37 -3.43 -5.12 -0.68
N VAL A 38 -4.18 -5.98 0.04
CA VAL A 38 -3.65 -7.24 0.59
C VAL A 38 -3.07 -8.13 -0.53
N SER A 39 -3.83 -8.24 -1.64
CA SER A 39 -3.43 -9.01 -2.83
C SER A 39 -2.12 -8.45 -3.42
N TYR A 40 -2.09 -7.11 -3.53
CA TYR A 40 -1.04 -6.35 -4.23
C TYR A 40 0.30 -6.39 -3.47
N LEU A 41 0.31 -5.81 -2.25
CA LEU A 41 1.52 -5.71 -1.41
C LEU A 41 2.10 -7.10 -1.10
N GLN A 42 1.21 -8.10 -0.84
CA GLN A 42 1.64 -9.49 -0.55
C GLN A 42 2.30 -10.13 -1.78
N SER A 43 1.75 -9.87 -2.99
CA SER A 43 2.33 -10.36 -4.26
C SER A 43 3.77 -9.81 -4.47
N ILE A 44 3.97 -8.53 -4.12
CA ILE A 44 5.29 -7.88 -4.19
C ILE A 44 6.29 -8.58 -3.23
N GLU A 45 5.82 -8.76 -1.98
CA GLU A 45 6.63 -9.37 -0.90
C GLU A 45 7.07 -10.81 -1.27
N THR A 46 6.16 -11.60 -1.86
CA THR A 46 6.41 -13.03 -2.15
C THR A 46 7.32 -13.23 -3.39
N VAL A 47 7.20 -12.37 -4.44
CA VAL A 47 8.10 -12.44 -5.62
C VAL A 47 9.54 -12.01 -5.23
N MET A 48 9.64 -11.11 -4.23
CA MET A 48 10.93 -10.66 -3.69
C MET A 48 11.46 -11.60 -2.59
N GLU A 49 10.56 -12.40 -2.00
CA GLU A 49 10.93 -13.48 -1.06
C GLU A 49 11.58 -14.63 -1.85
N LYS A 50 11.17 -14.75 -3.12
CA LYS A 50 11.76 -15.67 -4.09
C LYS A 50 13.21 -15.21 -4.47
N GLN A 51 13.54 -13.93 -4.12
CA GLN A 51 14.85 -13.29 -4.39
C GLN A 51 15.02 -12.99 -5.90
N THR A 52 13.93 -13.17 -6.69
CA THR A 52 13.92 -13.08 -8.16
C THR A 52 14.79 -14.23 -8.77
N PRO A 53 14.16 -15.26 -9.44
CA PRO A 53 14.90 -16.40 -10.06
C PRO A 53 15.97 -15.93 -11.08
N PRO A 54 17.24 -16.45 -11.02
CA PRO A 54 18.33 -16.08 -11.96
C PRO A 54 18.03 -16.39 -13.44
N GLY A 55 17.19 -17.40 -13.68
CA GLY A 55 16.91 -17.91 -15.03
C GLY A 55 15.82 -17.16 -15.75
N ILE A 56 16.03 -15.85 -15.96
CA ILE A 56 15.10 -14.95 -16.66
C ILE A 56 15.75 -14.47 -17.96
N THR A 57 15.17 -14.89 -19.10
CA THR A 57 15.64 -14.46 -20.44
C THR A 57 15.21 -13.01 -20.70
N ARG A 58 15.74 -12.42 -21.79
CA ARG A 58 15.58 -10.98 -22.08
C ARG A 58 14.11 -10.63 -22.40
N SER A 59 13.34 -11.63 -22.90
CA SER A 59 11.92 -11.44 -23.27
C SER A 59 11.03 -11.36 -22.02
N ILE A 60 11.28 -12.28 -21.05
CA ILE A 60 10.57 -12.32 -19.76
C ILE A 60 10.95 -11.09 -18.92
N GLN A 61 12.25 -10.79 -18.93
CA GLN A 61 12.84 -9.59 -18.32
C GLN A 61 12.18 -8.31 -18.87
N ASP A 62 11.89 -8.30 -20.18
CA ASP A 62 11.25 -7.18 -20.88
C ASP A 62 9.79 -6.99 -20.41
N MET A 63 9.03 -8.11 -20.37
CA MET A 63 7.60 -8.11 -19.96
C MET A 63 7.46 -7.55 -18.54
N VAL A 64 8.23 -8.15 -17.62
CA VAL A 64 8.16 -7.80 -16.20
C VAL A 64 8.77 -6.43 -15.91
N ALA A 65 9.72 -5.95 -16.76
CA ALA A 65 10.26 -4.58 -16.65
C ALA A 65 9.16 -3.54 -16.91
N GLY A 66 8.28 -3.88 -17.87
CA GLY A 66 7.06 -3.11 -18.11
C GLY A 66 6.13 -3.12 -16.90
N TYR A 67 5.95 -4.32 -16.30
CA TYR A 67 5.07 -4.53 -15.13
C TYR A 67 5.61 -3.84 -13.85
N ILE A 68 6.96 -3.75 -13.74
CA ILE A 68 7.63 -3.09 -12.61
C ILE A 68 7.52 -1.57 -12.79
N LYS A 69 7.61 -1.10 -14.04
CA LYS A 69 7.43 0.33 -14.36
C LYS A 69 5.98 0.78 -14.04
N GLN A 70 5.00 -0.15 -14.21
CA GLN A 70 3.59 0.09 -13.86
C GLN A 70 3.41 0.19 -12.34
N THR A 71 3.93 -0.82 -11.60
CA THR A 71 3.74 -0.90 -10.15
C THR A 71 4.43 0.28 -9.45
N LEU A 72 5.60 0.73 -9.98
CA LEU A 72 6.33 1.91 -9.47
C LEU A 72 5.56 3.21 -9.73
N ASP A 73 5.02 3.34 -10.96
CA ASP A 73 4.25 4.53 -11.39
C ASP A 73 3.02 4.71 -10.50
N ASN A 74 2.21 3.65 -10.41
CA ASN A 74 0.92 3.67 -9.72
C ASN A 74 1.11 3.84 -8.21
N GLU A 75 2.15 3.18 -7.65
CA GLU A 75 2.47 3.20 -6.21
C GLU A 75 3.11 4.53 -5.78
N GLN A 76 3.77 5.22 -6.73
CA GLN A 76 4.28 6.58 -6.54
C GLN A 76 3.09 7.56 -6.45
N LEU A 77 2.09 7.33 -7.31
CA LEU A 77 0.84 8.11 -7.32
C LEU A 77 0.00 7.80 -6.07
N LEU A 78 0.07 6.55 -5.57
CA LEU A 78 -0.54 6.13 -4.29
C LEU A 78 0.16 6.82 -3.11
N LYS A 79 1.49 6.96 -3.24
CA LYS A 79 2.32 7.56 -2.20
C LYS A 79 1.86 9.00 -1.92
N GLY A 80 1.79 9.81 -3.00
CA GLY A 80 1.32 11.20 -2.90
C GLY A 80 -0.14 11.30 -2.46
N LEU A 81 -1.01 10.49 -3.10
CA LEU A 81 -2.48 10.52 -2.90
C LEU A 81 -2.83 10.18 -1.45
N LEU A 82 -2.43 8.98 -1.01
CA LEU A 82 -2.74 8.44 0.31
C LEU A 82 -2.04 9.23 1.42
N GLN A 83 -0.86 9.86 1.12
CA GLN A 83 -0.17 10.76 2.08
C GLN A 83 -1.05 11.98 2.42
N GLN A 84 -1.66 12.57 1.37
CA GLN A 84 -2.61 13.70 1.51
C GLN A 84 -3.80 13.29 2.39
N ARG A 85 -4.34 12.09 2.08
CA ARG A 85 -5.49 11.52 2.81
C ARG A 85 -5.17 11.33 4.30
N LEU A 86 -4.02 10.69 4.57
CA LEU A 86 -3.54 10.40 5.94
C LEU A 86 -3.28 11.68 6.74
N ASP A 87 -2.81 12.73 6.05
CA ASP A 87 -2.54 14.04 6.65
C ASP A 87 -3.85 14.63 7.19
N GLU A 88 -4.89 14.60 6.35
CA GLU A 88 -6.24 15.12 6.67
C GLU A 88 -6.91 14.29 7.79
N LEU A 89 -6.83 12.94 7.66
CA LEU A 89 -7.42 12.00 8.64
C LEU A 89 -6.80 12.22 10.03
N SER A 90 -5.45 12.21 10.09
CA SER A 90 -4.67 12.44 11.33
C SER A 90 -4.97 13.82 11.94
N SER A 91 -5.13 14.84 11.08
CA SER A 91 -5.44 16.21 11.50
C SER A 91 -6.83 16.28 12.19
N LEU A 92 -7.75 15.42 11.73
CA LEU A 92 -9.13 15.32 12.26
C LEU A 92 -9.19 14.40 13.50
N ILE A 93 -8.32 13.37 13.55
CA ILE A 93 -8.26 12.40 14.66
C ILE A 93 -7.80 13.10 15.94
N GLY A 94 -6.65 13.80 15.87
CA GLY A 94 -6.04 14.46 17.03
C GLY A 94 -6.95 15.47 17.73
N GLN A 95 -7.91 16.04 16.96
CA GLN A 95 -8.91 16.98 17.48
C GLN A 95 -9.92 16.23 18.39
N VAL A 96 -10.51 15.16 17.84
CA VAL A 96 -11.64 14.43 18.47
C VAL A 96 -11.15 13.38 19.49
N LEU A 97 -9.88 12.95 19.36
CA LEU A 97 -9.28 11.91 20.22
C LEU A 97 -8.51 12.63 21.34
N PHE A 98 -9.02 12.50 22.56
CA PHE A 98 -8.43 13.13 23.75
C PHE A 98 -7.51 12.12 24.47
N GLN A 99 -6.25 12.10 24.05
CA GLN A 99 -5.22 11.21 24.64
C GLN A 99 -4.59 11.80 25.92
N GLY A 100 -5.07 12.99 26.35
CA GLY A 100 -4.53 13.64 27.54
C GLY A 100 -5.17 15.01 27.78
N PRO A 101 -4.81 16.06 26.97
CA PRO A 101 -5.39 17.42 27.10
C PRO A 101 -6.88 17.47 26.65
N SER A 102 -7.64 18.41 27.24
CA SER A 102 -9.06 18.66 26.92
C SER A 102 -9.95 17.43 27.26
N ALA A 103 -9.48 16.62 28.22
CA ALA A 103 -10.12 15.37 28.62
C ALA A 103 -10.44 15.41 30.13
N GLY A 104 -11.75 15.32 30.47
CA GLY A 104 -12.18 15.18 31.86
C GLY A 104 -11.83 13.79 32.38
N LEU A 105 -12.45 12.77 31.78
CA LEU A 105 -11.99 11.37 31.88
C LEU A 105 -10.84 11.17 30.90
N VAL A 106 -9.93 10.22 31.17
CA VAL A 106 -8.80 9.91 30.27
C VAL A 106 -9.13 8.65 29.45
N PRO A 107 -9.49 8.79 28.13
CA PRO A 107 -9.68 7.65 27.21
C PRO A 107 -8.42 7.35 26.37
N ARG A 108 -7.23 7.53 26.98
CA ARG A 108 -5.92 7.27 26.33
C ARG A 108 -5.67 5.74 26.17
N GLY A 109 -6.47 4.93 26.91
CA GLY A 109 -6.42 3.46 26.79
C GLY A 109 -6.69 3.00 25.37
N SER A 110 -5.63 2.52 24.69
CA SER A 110 -5.62 2.16 23.26
C SER A 110 -6.69 1.09 22.94
N GLY A 111 -7.83 1.54 22.39
CA GLY A 111 -8.91 0.64 21.98
C GLY A 111 -10.18 1.41 21.64
N GLY A 112 -11.04 1.63 22.65
CA GLY A 112 -12.36 2.23 22.45
C GLY A 112 -12.75 3.19 23.57
N ILE A 113 -13.46 4.27 23.19
CA ILE A 113 -13.99 5.29 24.11
C ILE A 113 -15.49 4.94 24.40
N GLU A 114 -16.11 5.62 25.38
CA GLU A 114 -17.56 5.56 25.63
C GLU A 114 -18.29 6.66 24.81
N GLY A 115 -19.44 6.32 24.19
CA GLY A 115 -20.30 7.28 23.48
C GLY A 115 -20.10 7.30 21.96
N SER A 116 -20.73 8.28 21.29
CA SER A 116 -20.68 8.44 19.82
C SER A 116 -19.27 8.92 19.35
N ILE A 117 -18.53 9.55 20.29
CA ILE A 117 -17.14 10.00 20.09
C ILE A 117 -16.25 8.80 19.72
N ASP A 118 -16.54 7.63 20.33
CA ASP A 118 -15.87 6.37 20.02
C ASP A 118 -15.99 6.02 18.52
N GLU A 119 -17.21 6.18 17.98
CA GLU A 119 -17.53 5.82 16.60
C GLU A 119 -16.73 6.70 15.62
N THR A 120 -16.87 8.03 15.75
CA THR A 120 -16.22 9.00 14.82
C THR A 120 -14.68 8.85 14.84
N VAL A 121 -14.11 8.66 16.05
CA VAL A 121 -12.67 8.39 16.23
C VAL A 121 -12.32 7.10 15.49
N ALA A 122 -13.10 6.03 15.74
CA ALA A 122 -12.83 4.67 15.19
C ALA A 122 -12.95 4.63 13.65
N ARG A 123 -13.79 5.51 13.07
CA ARG A 123 -13.97 5.59 11.60
C ARG A 123 -12.69 6.13 10.97
N TYR A 124 -12.28 7.34 11.42
CA TYR A 124 -11.08 8.02 10.89
C TYR A 124 -9.79 7.30 11.33
N LYS A 125 -9.85 6.58 12.46
CA LYS A 125 -8.72 5.81 13.03
C LYS A 125 -8.45 4.58 12.17
N ALA A 126 -9.54 3.87 11.80
CA ALA A 126 -9.45 2.67 10.95
C ALA A 126 -8.92 3.07 9.58
N GLN A 127 -9.58 4.06 8.94
CA GLN A 127 -9.19 4.57 7.61
C GLN A 127 -7.72 5.03 7.59
N PHE A 128 -7.29 5.71 8.67
CA PHE A 128 -5.90 6.15 8.82
C PHE A 128 -4.96 4.93 8.89
N THR A 129 -5.13 4.10 9.94
CA THR A 129 -4.23 2.96 10.24
C THR A 129 -4.11 1.97 9.05
N GLN A 130 -5.21 1.81 8.30
CA GLN A 130 -5.27 0.92 7.12
C GLN A 130 -4.44 1.50 5.94
N LEU A 131 -4.68 2.78 5.60
CA LEU A 131 -3.92 3.47 4.53
C LEU A 131 -2.48 3.82 4.99
N ASP A 132 -2.26 3.81 6.33
CA ASP A 132 -0.97 4.17 6.97
C ASP A 132 -0.01 2.97 6.93
N THR A 133 -0.53 1.77 7.26
CA THR A 133 0.23 0.53 7.12
C THR A 133 0.47 0.24 5.63
N MET A 134 -0.51 0.64 4.76
CA MET A 134 -0.34 0.59 3.31
C MET A 134 0.81 1.52 2.90
N MET A 135 0.84 2.74 3.48
CA MET A 135 1.82 3.80 3.16
C MET A 135 3.26 3.34 3.44
N SER A 136 3.47 2.82 4.65
CA SER A 136 4.79 2.37 5.09
C SER A 136 5.27 1.15 4.29
N LYS A 137 4.35 0.21 4.00
CA LYS A 137 4.68 -0.99 3.21
C LYS A 137 4.91 -0.64 1.73
N LEU A 138 4.15 0.33 1.18
CA LEU A 138 4.28 0.72 -0.24
C LEU A 138 5.57 1.53 -0.46
N ASN A 139 6.05 2.16 0.64
CA ASN A 139 7.35 2.85 0.67
C ASN A 139 8.48 1.82 0.55
N ASN A 140 8.45 0.81 1.45
CA ASN A 140 9.42 -0.30 1.52
C ASN A 140 9.50 -1.05 0.16
N THR A 141 8.32 -1.37 -0.39
CA THR A 141 8.19 -2.11 -1.64
C THR A 141 8.83 -1.32 -2.79
N SER A 142 8.30 -0.10 -3.08
CA SER A 142 8.81 0.77 -4.18
C SER A 142 10.34 1.01 -4.08
N SER A 143 10.90 1.00 -2.84
CA SER A 143 12.35 1.11 -2.61
C SER A 143 13.09 -0.05 -3.31
N TYR A 144 12.82 -1.31 -2.89
CA TYR A 144 13.52 -2.48 -3.48
C TYR A 144 13.02 -2.80 -4.92
N LEU A 145 11.80 -2.34 -5.28
CA LEU A 145 11.21 -2.52 -6.63
C LEU A 145 11.96 -1.68 -7.65
N THR A 146 12.30 -0.42 -7.28
CA THR A 146 12.96 0.52 -8.19
C THR A 146 14.45 0.16 -8.35
N GLN A 147 15.07 -0.37 -7.26
CA GLN A 147 16.43 -0.92 -7.32
C GLN A 147 16.49 -2.13 -8.28
N GLN A 148 15.45 -3.00 -8.17
CA GLN A 148 15.26 -4.14 -9.05
C GLN A 148 15.06 -3.69 -10.50
N PHE A 149 14.29 -2.60 -10.67
CA PHE A 149 13.99 -2.03 -12.00
C PHE A 149 15.27 -1.52 -12.67
N THR A 150 16.13 -0.88 -11.85
CA THR A 150 17.40 -0.31 -12.31
C THR A 150 18.34 -1.42 -12.83
N ALA A 151 18.44 -2.52 -12.05
CA ALA A 151 19.33 -3.66 -12.41
C ALA A 151 18.76 -4.48 -13.60
N MET A 152 17.48 -4.86 -13.50
CA MET A 152 16.80 -5.74 -14.47
C MET A 152 16.72 -5.08 -15.87
N ASN A 153 16.58 -3.74 -15.89
CA ASN A 153 16.51 -2.97 -17.15
C ASN A 153 17.93 -2.57 -17.61
N LYS A 154 18.70 -1.86 -16.76
CA LYS A 154 20.13 -1.54 -17.06
C LYS A 154 21.10 -1.97 -15.91
N SER A 155 21.42 -3.28 -15.85
CA SER A 155 22.52 -3.78 -15.00
C SER A 155 23.89 -3.22 -15.47
N MET A 1 9.56 -24.72 -16.03
CA MET A 1 10.30 -23.79 -15.14
C MET A 1 9.31 -23.07 -14.20
N THR A 2 9.10 -23.66 -13.00
CA THR A 2 8.08 -23.22 -12.04
C THR A 2 8.36 -21.82 -11.47
N SER A 3 9.65 -21.57 -11.14
CA SER A 3 10.09 -20.30 -10.53
C SER A 3 9.96 -19.14 -11.53
N THR A 4 10.22 -19.42 -12.81
CA THR A 4 10.14 -18.43 -13.88
C THR A 4 8.68 -18.08 -14.22
N VAL A 5 7.79 -19.10 -14.28
CA VAL A 5 6.37 -18.88 -14.67
C VAL A 5 5.61 -18.12 -13.55
N GLU A 6 5.91 -18.46 -12.27
CA GLU A 6 5.28 -17.77 -11.11
C GLU A 6 5.76 -16.32 -11.05
N PHE A 7 7.06 -16.10 -11.38
CA PHE A 7 7.67 -14.77 -11.52
C PHE A 7 6.84 -13.90 -12.52
N ILE A 8 6.64 -14.43 -13.75
CA ILE A 8 5.91 -13.76 -14.84
C ILE A 8 4.48 -13.36 -14.40
N ASN A 9 3.72 -14.39 -13.97
CA ASN A 9 2.27 -14.27 -13.65
C ASN A 9 2.03 -13.22 -12.58
N ARG A 10 2.83 -13.27 -11.50
CA ARG A 10 2.63 -12.41 -10.34
C ARG A 10 3.06 -10.97 -10.61
N TRP A 11 4.09 -10.76 -11.47
CA TRP A 11 4.46 -9.39 -11.93
C TRP A 11 3.33 -8.79 -12.77
N GLN A 12 2.67 -9.63 -13.59
CA GLN A 12 1.47 -9.26 -14.35
C GLN A 12 0.35 -8.83 -13.38
N ARG A 13 0.17 -9.61 -12.28
CA ARG A 13 -0.82 -9.28 -11.22
C ARG A 13 -0.47 -7.91 -10.61
N ILE A 14 0.81 -7.73 -10.23
CA ILE A 14 1.31 -6.52 -9.55
C ILE A 14 0.99 -5.24 -10.37
N ALA A 15 1.22 -5.31 -11.68
CA ALA A 15 1.07 -4.16 -12.59
C ALA A 15 -0.42 -3.83 -12.89
N LEU A 16 -1.20 -4.87 -13.22
CA LEU A 16 -2.63 -4.71 -13.61
C LEU A 16 -3.48 -4.34 -12.38
N LEU A 17 -3.16 -4.95 -11.23
CA LEU A 17 -3.85 -4.68 -9.95
C LEU A 17 -3.51 -3.28 -9.44
N SER A 18 -2.22 -2.85 -9.56
CA SER A 18 -1.77 -1.51 -9.11
C SER A 18 -2.55 -0.41 -9.85
N GLN A 19 -2.71 -0.60 -11.17
CA GLN A 19 -3.48 0.33 -12.02
C GLN A 19 -4.97 0.35 -11.58
N SER A 20 -5.52 -0.85 -11.31
CA SER A 20 -6.93 -1.01 -10.91
C SER A 20 -7.24 -0.32 -9.56
N LEU A 21 -6.44 -0.61 -8.52
CA LEU A 21 -6.65 -0.06 -7.17
C LEU A 21 -6.32 1.44 -7.11
N LEU A 22 -5.47 1.90 -8.07
CA LEU A 22 -5.17 3.33 -8.22
C LEU A 22 -6.44 4.10 -8.65
N GLU A 23 -7.18 3.51 -9.62
CA GLU A 23 -8.50 4.04 -10.06
C GLU A 23 -9.46 4.09 -8.86
N LEU A 24 -9.48 3.01 -8.08
CA LEU A 24 -10.34 2.86 -6.88
C LEU A 24 -9.96 3.88 -5.78
N ALA A 25 -8.66 4.22 -5.69
CA ALA A 25 -8.12 5.18 -4.71
C ALA A 25 -8.53 6.62 -5.07
N GLN A 26 -8.38 6.99 -6.36
CA GLN A 26 -8.68 8.36 -6.86
C GLN A 26 -10.20 8.59 -7.01
N ARG A 27 -10.98 7.49 -7.04
CA ARG A 27 -12.45 7.55 -6.95
C ARG A 27 -12.89 7.58 -5.48
N GLY A 28 -12.06 7.01 -4.60
CA GLY A 28 -12.27 7.06 -3.14
C GLY A 28 -12.82 5.78 -2.54
N GLU A 29 -13.03 4.72 -3.34
CA GLU A 29 -13.41 3.39 -2.83
C GLU A 29 -12.24 2.76 -2.06
N TRP A 30 -12.18 3.07 -0.74
CA TRP A 30 -11.14 2.53 0.15
C TRP A 30 -11.34 1.03 0.34
N ASP A 31 -12.61 0.59 0.41
CA ASP A 31 -12.97 -0.84 0.57
C ASP A 31 -12.36 -1.69 -0.56
N LEU A 32 -12.51 -1.21 -1.80
CA LEU A 32 -12.02 -1.91 -3.00
C LEU A 32 -10.49 -1.78 -3.14
N LEU A 33 -9.95 -0.61 -2.74
CA LEU A 33 -8.49 -0.36 -2.67
C LEU A 33 -7.81 -1.38 -1.73
N LEU A 34 -8.43 -1.59 -0.56
CA LEU A 34 -7.92 -2.49 0.50
C LEU A 34 -8.20 -3.96 0.16
N GLN A 35 -9.23 -4.22 -0.67
CA GLN A 35 -9.52 -5.57 -1.19
C GLN A 35 -8.36 -6.03 -2.10
N GLN A 36 -7.84 -5.07 -2.90
CA GLN A 36 -6.74 -5.33 -3.84
C GLN A 36 -5.37 -5.15 -3.16
N GLU A 37 -5.33 -4.43 -2.01
CA GLU A 37 -4.12 -4.23 -1.19
C GLU A 37 -3.38 -5.54 -0.93
N VAL A 38 -4.11 -6.47 -0.27
CA VAL A 38 -3.56 -7.76 0.17
C VAL A 38 -3.03 -8.58 -1.02
N SER A 39 -3.79 -8.59 -2.13
CA SER A 39 -3.42 -9.30 -3.36
C SER A 39 -2.09 -8.76 -3.93
N TYR A 40 -2.04 -7.42 -3.99
CA TYR A 40 -0.98 -6.64 -4.63
C TYR A 40 0.35 -6.74 -3.85
N LEU A 41 0.33 -6.27 -2.59
CA LEU A 41 1.51 -6.25 -1.71
C LEU A 41 2.08 -7.66 -1.51
N GLN A 42 1.18 -8.66 -1.34
CA GLN A 42 1.59 -10.07 -1.17
C GLN A 42 2.32 -10.61 -2.41
N SER A 43 1.83 -10.25 -3.62
CA SER A 43 2.47 -10.64 -4.89
C SER A 43 3.92 -10.09 -4.98
N ILE A 44 4.10 -8.83 -4.54
CA ILE A 44 5.44 -8.18 -4.48
C ILE A 44 6.35 -8.94 -3.47
N GLU A 45 5.75 -9.26 -2.30
CA GLU A 45 6.42 -9.99 -1.22
C GLU A 45 6.96 -11.35 -1.70
N THR A 46 6.12 -12.12 -2.42
CA THR A 46 6.44 -13.52 -2.79
C THR A 46 7.43 -13.60 -3.98
N VAL A 47 7.41 -12.62 -4.91
CA VAL A 47 8.44 -12.56 -5.98
C VAL A 47 9.83 -12.23 -5.37
N MET A 48 9.84 -11.44 -4.27
CA MET A 48 11.08 -11.09 -3.53
C MET A 48 11.49 -12.20 -2.53
N GLU A 49 10.53 -13.01 -2.05
CA GLU A 49 10.81 -14.21 -1.23
C GLU A 49 11.42 -15.32 -2.11
N LYS A 50 11.05 -15.32 -3.40
CA LYS A 50 11.71 -16.12 -4.44
C LYS A 50 12.90 -15.33 -5.06
N GLN A 51 13.37 -14.29 -4.33
CA GLN A 51 14.63 -13.52 -4.57
C GLN A 51 14.84 -13.01 -6.02
N THR A 52 13.77 -13.04 -6.86
CA THR A 52 13.87 -12.82 -8.32
C THR A 52 14.86 -13.85 -8.95
N PRO A 53 14.35 -15.03 -9.46
CA PRO A 53 15.20 -16.09 -10.07
C PRO A 53 16.08 -15.54 -11.21
N PRO A 54 17.41 -15.92 -11.29
CA PRO A 54 18.32 -15.42 -12.37
C PRO A 54 18.05 -16.06 -13.75
N GLY A 55 17.18 -17.10 -13.78
CA GLY A 55 16.82 -17.78 -15.03
C GLY A 55 15.70 -17.04 -15.78
N ILE A 56 15.98 -15.77 -16.12
CA ILE A 56 15.03 -14.87 -16.81
C ILE A 56 15.68 -14.37 -18.11
N THR A 57 15.09 -14.73 -19.26
CA THR A 57 15.58 -14.29 -20.58
C THR A 57 15.21 -12.83 -20.84
N ARG A 58 15.69 -12.25 -21.96
CA ARG A 58 15.47 -10.82 -22.28
C ARG A 58 13.98 -10.53 -22.58
N SER A 59 13.26 -11.55 -23.09
CA SER A 59 11.83 -11.44 -23.45
C SER A 59 10.97 -11.31 -22.18
N ILE A 60 11.24 -12.22 -21.22
CA ILE A 60 10.56 -12.24 -19.91
C ILE A 60 10.93 -11.00 -19.09
N GLN A 61 12.21 -10.60 -19.19
CA GLN A 61 12.75 -9.39 -18.58
C GLN A 61 12.03 -8.14 -19.10
N ASP A 62 11.75 -8.11 -20.42
CA ASP A 62 11.06 -6.97 -21.07
C ASP A 62 9.66 -6.80 -20.47
N MET A 63 8.90 -7.92 -20.41
CA MET A 63 7.53 -7.96 -19.86
C MET A 63 7.53 -7.39 -18.43
N VAL A 64 8.38 -7.98 -17.56
CA VAL A 64 8.37 -7.68 -16.13
C VAL A 64 8.99 -6.32 -15.81
N ALA A 65 9.93 -5.83 -16.63
CA ALA A 65 10.51 -4.48 -16.47
C ALA A 65 9.43 -3.43 -16.73
N GLY A 66 8.54 -3.74 -17.70
CA GLY A 66 7.35 -2.94 -17.95
C GLY A 66 6.37 -3.01 -16.78
N TYR A 67 6.24 -4.20 -16.16
CA TYR A 67 5.37 -4.42 -14.99
C TYR A 67 5.87 -3.66 -13.74
N ILE A 68 7.21 -3.60 -13.57
CA ILE A 68 7.85 -2.86 -12.46
C ILE A 68 7.69 -1.36 -12.69
N LYS A 69 7.83 -0.94 -13.97
CA LYS A 69 7.61 0.46 -14.38
C LYS A 69 6.19 0.93 -13.98
N GLN A 70 5.18 0.09 -14.31
CA GLN A 70 3.77 0.36 -13.99
C GLN A 70 3.53 0.47 -12.48
N THR A 71 4.03 -0.53 -11.73
CA THR A 71 3.80 -0.62 -10.28
C THR A 71 4.44 0.58 -9.56
N LEU A 72 5.66 0.98 -9.98
CA LEU A 72 6.39 2.13 -9.39
C LEU A 72 5.63 3.44 -9.60
N ASP A 73 5.07 3.62 -10.81
CA ASP A 73 4.26 4.80 -11.16
C ASP A 73 3.01 4.89 -10.26
N ASN A 74 2.20 3.82 -10.29
CA ASN A 74 0.90 3.77 -9.60
C ASN A 74 1.05 3.84 -8.07
N GLU A 75 2.08 3.17 -7.55
CA GLU A 75 2.35 3.05 -6.11
C GLU A 75 2.97 4.34 -5.54
N GLN A 76 3.68 5.08 -6.40
CA GLN A 76 4.15 6.45 -6.08
C GLN A 76 2.95 7.40 -5.94
N LEU A 77 1.97 7.22 -6.85
CA LEU A 77 0.71 8.00 -6.83
C LEU A 77 -0.14 7.64 -5.60
N LEU A 78 -0.08 6.36 -5.16
CA LEU A 78 -0.72 5.90 -3.91
C LEU A 78 -0.08 6.60 -2.71
N LYS A 79 1.26 6.63 -2.70
CA LYS A 79 2.05 7.26 -1.64
C LYS A 79 1.58 8.71 -1.41
N GLY A 80 1.54 9.51 -2.51
CA GLY A 80 1.11 10.91 -2.46
C GLY A 80 -0.35 11.10 -2.08
N LEU A 81 -1.23 10.35 -2.78
CA LEU A 81 -2.72 10.44 -2.63
C LEU A 81 -3.12 10.12 -1.19
N LEU A 82 -2.71 8.92 -0.72
CA LEU A 82 -3.05 8.42 0.60
C LEU A 82 -2.36 9.26 1.69
N GLN A 83 -1.20 9.88 1.37
CA GLN A 83 -0.50 10.81 2.31
C GLN A 83 -1.39 12.00 2.64
N GLN A 84 -2.03 12.55 1.60
CA GLN A 84 -3.00 13.65 1.73
C GLN A 84 -4.15 13.22 2.66
N ARG A 85 -4.73 12.05 2.34
CA ARG A 85 -5.88 11.48 3.06
C ARG A 85 -5.55 11.23 4.55
N LEU A 86 -4.36 10.64 4.81
CA LEU A 86 -3.92 10.27 6.18
C LEU A 86 -3.54 11.50 7.00
N ASP A 87 -3.03 12.54 6.32
CA ASP A 87 -2.70 13.84 6.95
C ASP A 87 -4.00 14.50 7.44
N GLU A 88 -5.06 14.40 6.63
CA GLU A 88 -6.40 14.93 6.93
C GLU A 88 -7.06 14.11 8.07
N LEU A 89 -7.01 12.77 7.96
CA LEU A 89 -7.57 11.85 8.98
C LEU A 89 -6.90 12.11 10.33
N SER A 90 -5.56 12.15 10.35
CA SER A 90 -4.75 12.42 11.55
C SER A 90 -5.08 13.82 12.13
N SER A 91 -5.30 14.80 11.23
CA SER A 91 -5.64 16.18 11.62
C SER A 91 -6.99 16.22 12.37
N LEU A 92 -7.91 15.32 11.97
CA LEU A 92 -9.20 15.14 12.64
C LEU A 92 -9.00 14.45 14.00
N ILE A 93 -8.24 13.33 13.98
CA ILE A 93 -8.02 12.44 15.16
C ILE A 93 -7.38 13.22 16.34
N GLY A 94 -6.40 14.08 16.04
CA GLY A 94 -5.72 14.86 17.06
C GLY A 94 -6.62 15.88 17.76
N GLN A 95 -7.71 16.29 17.08
CA GLN A 95 -8.66 17.30 17.59
C GLN A 95 -9.93 16.66 18.19
N VAL A 96 -10.34 15.48 17.68
CA VAL A 96 -11.60 14.81 18.10
C VAL A 96 -11.32 13.74 19.17
N LEU A 97 -10.15 13.10 19.11
CA LEU A 97 -9.68 12.17 20.14
C LEU A 97 -8.77 12.98 21.08
N PHE A 98 -9.21 13.21 22.32
CA PHE A 98 -8.38 13.83 23.36
C PHE A 98 -7.58 12.69 24.02
N GLN A 99 -6.33 12.52 23.54
CA GLN A 99 -5.48 11.38 23.93
C GLN A 99 -4.77 11.61 25.29
N GLY A 100 -4.86 12.83 25.80
CA GLY A 100 -4.22 13.19 27.06
C GLY A 100 -4.73 14.52 27.61
N PRO A 101 -4.28 15.68 27.04
CA PRO A 101 -4.71 17.03 27.50
C PRO A 101 -6.10 17.43 26.95
N SER A 102 -6.49 18.70 27.26
CA SER A 102 -7.73 19.33 26.76
C SER A 102 -8.99 18.65 27.35
N ALA A 103 -8.87 18.21 28.61
CA ALA A 103 -9.96 17.57 29.36
C ALA A 103 -9.70 17.69 30.87
N GLY A 104 -10.79 17.87 31.64
CA GLY A 104 -10.73 17.88 33.11
C GLY A 104 -10.96 16.50 33.71
N LEU A 105 -10.70 15.46 32.91
CA LEU A 105 -10.75 14.05 33.30
C LEU A 105 -9.71 13.26 32.48
N VAL A 106 -9.66 11.94 32.67
CA VAL A 106 -8.82 11.02 31.87
C VAL A 106 -9.57 10.67 30.55
N PRO A 107 -9.24 11.32 29.39
CA PRO A 107 -10.00 11.17 28.14
C PRO A 107 -9.45 10.06 27.22
N ARG A 108 -8.38 9.38 27.69
CA ARG A 108 -7.68 8.35 26.94
C ARG A 108 -8.47 7.03 27.03
N GLY A 109 -9.50 6.91 26.18
CA GLY A 109 -10.37 5.74 26.13
C GLY A 109 -9.91 4.71 25.11
N SER A 110 -8.61 4.37 25.16
CA SER A 110 -7.98 3.43 24.23
C SER A 110 -8.50 1.99 24.47
N GLY A 111 -9.55 1.62 23.72
CA GLY A 111 -10.15 0.30 23.80
C GLY A 111 -11.64 0.35 23.56
N GLY A 112 -12.29 1.40 24.10
CA GLY A 112 -13.73 1.58 23.95
C GLY A 112 -14.23 2.81 24.70
N ILE A 113 -14.73 3.79 23.97
CA ILE A 113 -15.41 4.98 24.53
C ILE A 113 -16.94 4.74 24.44
N GLU A 114 -17.77 5.58 25.09
CA GLU A 114 -19.24 5.57 24.92
C GLU A 114 -19.67 6.79 24.11
N GLY A 115 -20.80 6.67 23.38
CA GLY A 115 -21.33 7.76 22.55
C GLY A 115 -20.87 7.65 21.09
N SER A 116 -21.29 8.64 20.27
CA SER A 116 -20.98 8.68 18.82
C SER A 116 -19.49 9.00 18.58
N ILE A 117 -18.84 9.63 19.59
CA ILE A 117 -17.39 9.92 19.58
C ILE A 117 -16.59 8.63 19.35
N ASP A 118 -16.99 7.54 20.06
CA ASP A 118 -16.36 6.22 19.93
C ASP A 118 -16.36 5.76 18.47
N GLU A 119 -17.52 5.91 17.83
CA GLU A 119 -17.80 5.41 16.48
C GLU A 119 -17.00 6.18 15.42
N THR A 120 -17.09 7.52 15.47
CA THR A 120 -16.47 8.40 14.46
C THR A 120 -14.93 8.36 14.54
N VAL A 121 -14.40 8.34 15.78
CA VAL A 121 -12.96 8.24 16.05
C VAL A 121 -12.45 6.87 15.59
N ALA A 122 -13.25 5.81 15.82
CA ALA A 122 -12.93 4.43 15.38
C ALA A 122 -12.95 4.32 13.85
N ARG A 123 -13.77 5.15 13.17
CA ARG A 123 -13.82 5.20 11.69
C ARG A 123 -12.55 5.87 11.14
N TYR A 124 -12.16 7.01 11.76
CA TYR A 124 -10.94 7.74 11.39
C TYR A 124 -9.69 6.89 11.67
N LYS A 125 -9.74 6.18 12.80
CA LYS A 125 -8.66 5.29 13.27
C LYS A 125 -8.53 4.07 12.36
N ALA A 126 -9.67 3.53 11.90
CA ALA A 126 -9.72 2.36 11.01
C ALA A 126 -9.12 2.71 9.64
N GLN A 127 -9.71 3.74 8.99
CA GLN A 127 -9.28 4.18 7.65
C GLN A 127 -7.82 4.64 7.67
N PHE A 128 -7.40 5.26 8.81
CA PHE A 128 -6.00 5.68 9.01
C PHE A 128 -5.09 4.46 8.99
N THR A 129 -5.26 3.56 9.99
CA THR A 129 -4.36 2.40 10.23
C THR A 129 -4.29 1.45 9.01
N GLN A 130 -5.40 1.32 8.28
CA GLN A 130 -5.48 0.51 7.05
C GLN A 130 -4.59 1.08 5.93
N LEU A 131 -4.84 2.35 5.56
CA LEU A 131 -4.08 3.05 4.51
C LEU A 131 -2.64 3.37 4.99
N ASP A 132 -2.45 3.35 6.33
CA ASP A 132 -1.17 3.65 7.01
C ASP A 132 -0.18 2.49 6.88
N THR A 133 -0.64 1.28 7.28
CA THR A 133 0.16 0.05 7.14
C THR A 133 0.35 -0.28 5.65
N MET A 134 -0.66 0.09 4.82
CA MET A 134 -0.57 -0.02 3.37
C MET A 134 0.61 0.82 2.87
N MET A 135 0.67 2.08 3.35
CA MET A 135 1.68 3.06 2.92
C MET A 135 3.10 2.64 3.27
N SER A 136 3.30 2.20 4.52
CA SER A 136 4.61 1.75 5.01
C SER A 136 5.10 0.51 4.24
N LYS A 137 4.16 -0.40 3.90
CA LYS A 137 4.47 -1.57 3.07
C LYS A 137 4.72 -1.18 1.61
N LEU A 138 3.93 -0.23 1.07
CA LEU A 138 4.02 0.14 -0.37
C LEU A 138 5.22 1.06 -0.61
N ASN A 139 5.70 1.73 0.45
CA ASN A 139 6.90 2.59 0.39
C ASN A 139 8.15 1.71 0.51
N ASN A 140 8.05 0.68 1.38
CA ASN A 140 9.08 -0.38 1.52
C ASN A 140 9.30 -1.07 0.17
N THR A 141 8.17 -1.49 -0.46
CA THR A 141 8.18 -2.20 -1.72
C THR A 141 8.76 -1.29 -2.82
N SER A 142 8.10 -0.14 -3.10
CA SER A 142 8.53 0.81 -4.16
C SER A 142 10.01 1.20 -4.07
N SER A 143 10.55 1.25 -2.82
CA SER A 143 11.97 1.50 -2.58
C SER A 143 12.83 0.36 -3.19
N TYR A 144 12.66 -0.89 -2.70
CA TYR A 144 13.49 -2.02 -3.18
C TYR A 144 13.14 -2.42 -4.63
N LEU A 145 11.92 -2.05 -5.10
CA LEU A 145 11.45 -2.31 -6.46
C LEU A 145 12.17 -1.42 -7.47
N THR A 146 12.35 -0.12 -7.13
CA THR A 146 13.01 0.83 -8.03
C THR A 146 14.52 0.57 -8.10
N GLN A 147 15.10 0.10 -6.97
CA GLN A 147 16.50 -0.37 -6.93
C GLN A 147 16.67 -1.60 -7.87
N GLN A 148 15.77 -2.59 -7.70
CA GLN A 148 15.79 -3.86 -8.45
C GLN A 148 15.55 -3.59 -9.94
N PHE A 149 14.68 -2.61 -10.24
CA PHE A 149 14.35 -2.20 -11.61
C PHE A 149 15.58 -1.61 -12.31
N THR A 150 16.30 -0.72 -11.59
CA THR A 150 17.51 -0.06 -12.09
C THR A 150 18.57 -1.11 -12.46
N ALA A 151 18.67 -2.18 -11.65
CA ALA A 151 19.62 -3.29 -11.89
C ALA A 151 19.16 -4.19 -13.06
N MET A 152 17.88 -4.64 -13.01
CA MET A 152 17.30 -5.60 -14.00
C MET A 152 17.34 -5.02 -15.42
N ASN A 153 17.16 -3.69 -15.50
CA ASN A 153 17.11 -2.96 -16.76
C ASN A 153 18.57 -2.57 -17.15
N LYS A 154 19.22 -1.66 -16.39
CA LYS A 154 20.65 -1.29 -16.62
C LYS A 154 21.51 -1.47 -15.34
N SER A 155 21.90 -2.73 -15.02
CA SER A 155 22.86 -3.03 -13.95
C SER A 155 24.20 -2.27 -14.15
N MET A 1 9.63 -24.84 -16.16
CA MET A 1 10.43 -23.72 -15.60
C MET A 1 9.69 -23.09 -14.40
N THR A 2 9.75 -23.78 -13.24
CA THR A 2 9.01 -23.40 -12.01
C THR A 2 9.34 -21.96 -11.55
N SER A 3 10.65 -21.68 -11.41
CA SER A 3 11.15 -20.39 -10.92
C SER A 3 10.81 -19.23 -11.88
N THR A 4 10.95 -19.50 -13.19
CA THR A 4 10.74 -18.51 -14.24
C THR A 4 9.24 -18.21 -14.45
N VAL A 5 8.37 -19.23 -14.32
CA VAL A 5 6.93 -19.06 -14.60
C VAL A 5 6.23 -18.33 -13.43
N GLU A 6 6.63 -18.65 -12.18
CA GLU A 6 6.10 -17.97 -10.96
C GLU A 6 6.54 -16.48 -10.99
N PHE A 7 7.77 -16.26 -11.50
CA PHE A 7 8.32 -14.93 -11.77
C PHE A 7 7.40 -14.10 -12.71
N ILE A 8 7.10 -14.65 -13.92
CA ILE A 8 6.28 -13.96 -14.96
C ILE A 8 4.89 -13.61 -14.41
N ASN A 9 4.19 -14.67 -13.95
CA ASN A 9 2.79 -14.61 -13.48
C ASN A 9 2.60 -13.54 -12.41
N ARG A 10 3.43 -13.59 -11.35
CA ARG A 10 3.24 -12.73 -10.16
C ARG A 10 3.63 -11.27 -10.42
N TRP A 11 4.68 -11.00 -11.23
CA TRP A 11 5.01 -9.61 -11.65
C TRP A 11 3.85 -9.00 -12.47
N GLN A 12 3.28 -9.85 -13.36
CA GLN A 12 2.12 -9.51 -14.19
C GLN A 12 0.93 -9.12 -13.29
N ARG A 13 0.71 -9.92 -12.21
CA ARG A 13 -0.38 -9.68 -11.25
C ARG A 13 -0.21 -8.33 -10.54
N ILE A 14 1.03 -8.03 -10.12
CA ILE A 14 1.36 -6.81 -9.36
C ILE A 14 1.05 -5.53 -10.19
N ALA A 15 1.39 -5.57 -11.49
CA ALA A 15 1.11 -4.46 -12.44
C ALA A 15 -0.41 -4.24 -12.62
N LEU A 16 -1.13 -5.36 -12.79
CA LEU A 16 -2.60 -5.36 -12.98
C LEU A 16 -3.31 -4.83 -11.72
N LEU A 17 -2.85 -5.28 -10.54
CA LEU A 17 -3.46 -4.95 -9.24
C LEU A 17 -3.25 -3.46 -8.92
N SER A 18 -1.99 -2.98 -9.07
CA SER A 18 -1.61 -1.59 -8.78
C SER A 18 -2.41 -0.59 -9.63
N GLN A 19 -2.52 -0.90 -10.93
CA GLN A 19 -3.28 -0.10 -11.89
C GLN A 19 -4.78 -0.05 -11.52
N SER A 20 -5.33 -1.22 -11.14
CA SER A 20 -6.74 -1.36 -10.73
C SER A 20 -7.06 -0.50 -9.49
N LEU A 21 -6.27 -0.69 -8.42
CA LEU A 21 -6.49 -0.02 -7.14
C LEU A 21 -6.12 1.47 -7.20
N LEU A 22 -5.30 1.85 -8.20
CA LEU A 22 -5.01 3.27 -8.48
C LEU A 22 -6.28 3.97 -9.00
N GLU A 23 -6.96 3.28 -9.95
CA GLU A 23 -8.26 3.73 -10.51
C GLU A 23 -9.29 3.89 -9.38
N LEU A 24 -9.25 2.95 -8.41
CA LEU A 24 -10.10 2.97 -7.21
C LEU A 24 -9.74 4.16 -6.27
N ALA A 25 -8.42 4.36 -6.08
CA ALA A 25 -7.89 5.38 -5.15
C ALA A 25 -8.21 6.81 -5.63
N GLN A 26 -8.10 7.02 -6.96
CA GLN A 26 -8.40 8.34 -7.58
C GLN A 26 -9.93 8.56 -7.65
N ARG A 27 -10.69 7.45 -7.78
CA ARG A 27 -12.16 7.47 -7.73
C ARG A 27 -12.69 7.74 -6.31
N GLY A 28 -11.85 7.45 -5.29
CA GLY A 28 -12.25 7.60 -3.88
C GLY A 28 -12.88 6.34 -3.31
N GLU A 29 -12.79 5.23 -4.07
CA GLU A 29 -13.25 3.90 -3.65
C GLU A 29 -12.25 3.31 -2.63
N TRP A 30 -12.39 3.73 -1.36
CA TRP A 30 -11.48 3.29 -0.29
C TRP A 30 -11.71 1.83 0.05
N ASP A 31 -13.00 1.44 0.15
CA ASP A 31 -13.41 0.05 0.45
C ASP A 31 -12.78 -0.95 -0.54
N LEU A 32 -12.88 -0.62 -1.83
CA LEU A 32 -12.34 -1.45 -2.92
C LEU A 32 -10.80 -1.47 -2.89
N LEU A 33 -10.21 -0.30 -2.56
CA LEU A 33 -8.74 -0.12 -2.38
C LEU A 33 -8.21 -1.02 -1.23
N LEU A 34 -9.02 -1.16 -0.16
CA LEU A 34 -8.68 -1.94 1.06
C LEU A 34 -8.73 -3.45 0.77
N GLN A 35 -9.67 -3.84 -0.11
CA GLN A 35 -9.77 -5.23 -0.59
C GLN A 35 -8.49 -5.61 -1.34
N GLN A 36 -7.98 -4.65 -2.13
CA GLN A 36 -6.79 -4.82 -2.97
C GLN A 36 -5.49 -4.61 -2.16
N GLU A 37 -5.58 -3.95 -0.99
CA GLU A 37 -4.43 -3.66 -0.10
C GLU A 37 -3.66 -4.96 0.25
N VAL A 38 -4.37 -5.88 0.92
CA VAL A 38 -3.79 -7.13 1.45
C VAL A 38 -3.20 -8.02 0.34
N SER A 39 -3.93 -8.11 -0.79
CA SER A 39 -3.57 -8.99 -1.91
C SER A 39 -2.31 -8.48 -2.63
N TYR A 40 -2.36 -7.19 -3.01
CA TYR A 40 -1.30 -6.52 -3.78
C TYR A 40 0.05 -6.52 -3.04
N LEU A 41 0.01 -6.08 -1.77
CA LEU A 41 1.21 -6.03 -0.92
C LEU A 41 1.79 -7.46 -0.72
N GLN A 42 0.90 -8.45 -0.48
CA GLN A 42 1.28 -9.88 -0.34
C GLN A 42 1.97 -10.40 -1.62
N SER A 43 1.49 -9.92 -2.79
CA SER A 43 2.05 -10.28 -4.11
C SER A 43 3.50 -9.79 -4.22
N ILE A 44 3.76 -8.60 -3.64
CA ILE A 44 5.11 -8.02 -3.60
C ILE A 44 6.01 -8.79 -2.60
N GLU A 45 5.45 -9.22 -1.45
CA GLU A 45 6.17 -10.07 -0.47
C GLU A 45 6.65 -11.39 -1.11
N THR A 46 5.79 -12.02 -1.92
CA THR A 46 6.07 -13.33 -2.50
C THR A 46 7.03 -13.21 -3.73
N VAL A 47 7.05 -12.05 -4.41
CA VAL A 47 8.09 -11.80 -5.46
C VAL A 47 9.44 -11.41 -4.82
N MET A 48 9.42 -10.97 -3.56
CA MET A 48 10.65 -10.73 -2.78
C MET A 48 11.13 -12.01 -2.09
N GLU A 49 10.22 -12.98 -1.92
CA GLU A 49 10.55 -14.31 -1.36
C GLU A 49 11.32 -15.15 -2.41
N LYS A 50 11.01 -14.93 -3.71
CA LYS A 50 11.78 -15.52 -4.83
C LYS A 50 13.00 -14.65 -5.18
N GLN A 51 12.94 -13.36 -4.75
CA GLN A 51 13.85 -12.29 -5.18
C GLN A 51 13.71 -12.08 -6.71
N THR A 52 14.53 -12.84 -7.47
CA THR A 52 14.58 -12.85 -8.95
C THR A 52 15.57 -13.95 -9.36
N PRO A 53 15.08 -15.12 -9.88
CA PRO A 53 15.95 -16.22 -10.40
C PRO A 53 16.90 -15.74 -11.55
N PRO A 54 18.19 -16.18 -11.59
CA PRO A 54 19.14 -15.87 -12.71
C PRO A 54 18.64 -16.35 -14.10
N GLY A 55 17.84 -17.44 -14.12
CA GLY A 55 17.33 -18.01 -15.37
C GLY A 55 16.12 -17.26 -15.94
N ILE A 56 16.34 -16.01 -16.38
CA ILE A 56 15.31 -15.15 -17.01
C ILE A 56 15.85 -14.67 -18.36
N THR A 57 15.15 -14.99 -19.47
CA THR A 57 15.56 -14.57 -20.83
C THR A 57 15.23 -13.09 -21.08
N ARG A 58 15.67 -12.59 -22.25
CA ARG A 58 15.56 -11.16 -22.63
C ARG A 58 14.09 -10.71 -22.83
N SER A 59 13.24 -11.61 -23.32
CA SER A 59 11.81 -11.32 -23.61
C SER A 59 11.02 -11.17 -22.29
N ILE A 60 11.27 -12.12 -21.37
CA ILE A 60 10.63 -12.18 -20.05
C ILE A 60 11.08 -11.00 -19.18
N GLN A 61 12.39 -10.68 -19.28
CA GLN A 61 13.01 -9.54 -18.60
C GLN A 61 12.39 -8.21 -19.06
N ASP A 62 12.07 -8.13 -20.38
CA ASP A 62 11.38 -6.97 -20.97
C ASP A 62 9.96 -6.80 -20.40
N MET A 63 9.18 -7.92 -20.42
CA MET A 63 7.77 -7.94 -19.97
C MET A 63 7.66 -7.44 -18.52
N VAL A 64 8.46 -8.06 -17.64
CA VAL A 64 8.41 -7.81 -16.20
C VAL A 64 8.95 -6.44 -15.83
N ALA A 65 9.95 -5.91 -16.59
CA ALA A 65 10.45 -4.54 -16.40
C ALA A 65 9.33 -3.53 -16.69
N GLY A 66 8.50 -3.85 -17.71
CA GLY A 66 7.28 -3.08 -18.01
C GLY A 66 6.28 -3.15 -16.86
N TYR A 67 6.10 -4.35 -16.28
CA TYR A 67 5.17 -4.60 -15.16
C TYR A 67 5.60 -3.84 -13.88
N ILE A 68 6.94 -3.81 -13.63
CA ILE A 68 7.51 -3.16 -12.43
C ILE A 68 7.41 -1.63 -12.61
N LYS A 69 7.66 -1.12 -13.84
CA LYS A 69 7.58 0.32 -14.12
C LYS A 69 6.14 0.84 -13.90
N GLN A 70 5.13 0.02 -14.31
CA GLN A 70 3.71 0.32 -14.09
C GLN A 70 3.42 0.43 -12.60
N THR A 71 3.83 -0.60 -11.85
CA THR A 71 3.50 -0.72 -10.43
C THR A 71 4.19 0.37 -9.59
N LEU A 72 5.39 0.83 -10.05
CA LEU A 72 6.14 1.93 -9.41
C LEU A 72 5.39 3.25 -9.59
N ASP A 73 4.94 3.51 -10.83
CA ASP A 73 4.25 4.74 -11.21
C ASP A 73 2.91 4.87 -10.46
N ASN A 74 2.14 3.77 -10.46
CA ASN A 74 0.82 3.69 -9.80
C ASN A 74 0.98 3.89 -8.28
N GLU A 75 1.96 3.19 -7.71
CA GLU A 75 2.24 3.18 -6.26
C GLU A 75 2.88 4.50 -5.78
N GLN A 76 3.50 5.22 -6.72
CA GLN A 76 3.98 6.59 -6.51
C GLN A 76 2.78 7.55 -6.33
N LEU A 77 1.79 7.39 -7.22
CA LEU A 77 0.55 8.20 -7.19
C LEU A 77 -0.32 7.85 -5.96
N LEU A 78 -0.18 6.59 -5.47
CA LEU A 78 -0.78 6.15 -4.19
C LEU A 78 -0.09 6.89 -3.02
N LYS A 79 1.26 6.90 -3.06
CA LYS A 79 2.10 7.52 -2.03
C LYS A 79 1.67 8.99 -1.79
N GLY A 80 1.54 9.76 -2.89
CA GLY A 80 1.12 11.16 -2.80
C GLY A 80 -0.31 11.33 -2.28
N LEU A 81 -1.28 10.75 -3.02
CA LEU A 81 -2.72 10.92 -2.78
C LEU A 81 -3.12 10.44 -1.36
N LEU A 82 -2.68 9.22 -1.00
CA LEU A 82 -3.03 8.60 0.28
C LEU A 82 -2.27 9.27 1.45
N GLN A 83 -1.08 9.86 1.19
CA GLN A 83 -0.34 10.64 2.24
C GLN A 83 -1.14 11.88 2.63
N GLN A 84 -1.80 12.50 1.63
CA GLN A 84 -2.72 13.64 1.85
C GLN A 84 -3.87 13.20 2.76
N ARG A 85 -4.49 12.05 2.38
CA ARG A 85 -5.58 11.41 3.14
C ARG A 85 -5.18 11.17 4.60
N LEU A 86 -3.96 10.61 4.80
CA LEU A 86 -3.44 10.27 6.12
C LEU A 86 -3.20 11.52 6.97
N ASP A 87 -2.71 12.59 6.34
CA ASP A 87 -2.44 13.88 7.02
C ASP A 87 -3.75 14.51 7.54
N GLU A 88 -4.79 14.42 6.70
CA GLU A 88 -6.14 14.93 7.00
C GLU A 88 -6.78 14.14 8.16
N LEU A 89 -6.85 12.81 8.00
CA LEU A 89 -7.45 11.89 8.99
C LEU A 89 -6.68 11.89 10.33
N SER A 90 -5.34 12.07 10.26
CA SER A 90 -4.48 12.17 11.45
C SER A 90 -4.82 13.43 12.25
N SER A 91 -5.05 14.54 11.53
CA SER A 91 -5.46 15.82 12.12
C SER A 91 -6.84 15.68 12.78
N LEU A 92 -7.78 14.98 12.09
CA LEU A 92 -9.18 14.81 12.54
C LEU A 92 -9.25 13.98 13.85
N ILE A 93 -8.45 12.90 13.91
CA ILE A 93 -8.26 12.10 15.14
C ILE A 93 -7.65 12.98 16.25
N GLY A 94 -6.66 13.80 15.86
CA GLY A 94 -5.94 14.67 16.79
C GLY A 94 -6.82 15.75 17.42
N GLN A 95 -7.90 16.16 16.71
CA GLN A 95 -8.83 17.21 17.18
C GLN A 95 -9.94 16.63 18.08
N VAL A 96 -10.55 15.50 17.66
CA VAL A 96 -11.73 14.92 18.36
C VAL A 96 -11.32 14.01 19.51
N LEU A 97 -10.19 13.30 19.37
CA LEU A 97 -9.70 12.36 20.39
C LEU A 97 -8.73 13.13 21.31
N PHE A 98 -9.17 13.35 22.56
CA PHE A 98 -8.31 13.86 23.63
C PHE A 98 -7.68 12.63 24.32
N GLN A 99 -6.47 12.26 23.88
CA GLN A 99 -5.77 11.03 24.33
C GLN A 99 -5.15 11.17 25.74
N GLY A 100 -5.42 12.29 26.43
CA GLY A 100 -4.92 12.53 27.76
C GLY A 100 -5.15 13.97 28.19
N PRO A 101 -4.32 14.95 27.70
CA PRO A 101 -4.49 16.38 28.03
C PRO A 101 -5.77 16.98 27.40
N SER A 102 -6.26 18.10 27.99
CA SER A 102 -7.51 18.79 27.61
C SER A 102 -8.75 17.91 27.86
N ALA A 103 -8.64 17.00 28.85
CA ALA A 103 -9.73 16.14 29.32
C ALA A 103 -9.72 16.10 30.84
N GLY A 104 -10.90 16.27 31.46
CA GLY A 104 -11.05 16.26 32.92
C GLY A 104 -10.80 14.89 33.56
N LEU A 105 -10.81 13.83 32.72
CA LEU A 105 -10.56 12.44 33.15
C LEU A 105 -9.56 11.77 32.19
N VAL A 106 -9.02 10.62 32.61
CA VAL A 106 -8.07 9.82 31.81
C VAL A 106 -8.87 8.81 30.94
N PRO A 107 -8.87 8.98 29.58
CA PRO A 107 -9.62 8.09 28.64
C PRO A 107 -8.81 6.83 28.26
N ARG A 108 -8.19 6.20 29.28
CA ARG A 108 -7.34 5.02 29.11
C ARG A 108 -8.23 3.77 28.86
N GLY A 109 -8.54 3.54 27.57
CA GLY A 109 -9.42 2.45 27.16
C GLY A 109 -9.09 1.95 25.76
N SER A 110 -8.60 0.69 25.68
CA SER A 110 -8.27 0.02 24.40
C SER A 110 -9.55 -0.41 23.64
N GLY A 111 -10.68 -0.45 24.36
CA GLY A 111 -12.00 -0.68 23.77
C GLY A 111 -12.52 0.54 23.01
N GLY A 112 -12.00 1.73 23.37
CA GLY A 112 -12.38 3.01 22.74
C GLY A 112 -12.87 4.03 23.76
N ILE A 113 -13.57 5.07 23.25
CA ILE A 113 -14.10 6.18 24.05
C ILE A 113 -15.59 5.88 24.39
N GLU A 114 -16.16 6.62 25.37
CA GLU A 114 -17.59 6.58 25.68
C GLU A 114 -18.37 7.49 24.70
N GLY A 115 -19.61 7.09 24.34
CA GLY A 115 -20.49 7.89 23.48
C GLY A 115 -20.26 7.64 21.98
N SER A 116 -20.90 8.48 21.14
CA SER A 116 -20.84 8.36 19.66
C SER A 116 -19.54 8.97 19.08
N ILE A 117 -18.80 9.73 19.92
CA ILE A 117 -17.45 10.26 19.57
C ILE A 117 -16.48 9.08 19.33
N ASP A 118 -16.75 7.94 20.00
CA ASP A 118 -16.02 6.68 19.78
C ASP A 118 -16.16 6.21 18.32
N GLU A 119 -17.40 6.32 17.79
CA GLU A 119 -17.71 5.94 16.39
C GLU A 119 -17.04 6.90 15.41
N THR A 120 -16.96 8.20 15.79
CA THR A 120 -16.25 9.23 15.01
C THR A 120 -14.75 8.84 14.79
N VAL A 121 -14.10 8.52 15.92
CA VAL A 121 -12.73 8.02 15.97
C VAL A 121 -12.60 6.69 15.19
N ALA A 122 -13.63 5.82 15.28
CA ALA A 122 -13.64 4.52 14.59
C ALA A 122 -13.61 4.70 13.06
N ARG A 123 -14.31 5.73 12.54
CA ARG A 123 -14.35 6.05 11.10
C ARG A 123 -12.95 6.49 10.63
N TYR A 124 -12.42 7.53 11.30
CA TYR A 124 -11.16 8.17 10.91
C TYR A 124 -9.97 7.24 11.08
N LYS A 125 -9.94 6.49 12.21
CA LYS A 125 -8.81 5.63 12.56
C LYS A 125 -8.83 4.34 11.72
N ALA A 126 -10.02 3.90 11.28
CA ALA A 126 -10.14 2.79 10.32
C ALA A 126 -9.44 3.17 9.03
N GLN A 127 -9.92 4.27 8.40
CA GLN A 127 -9.41 4.74 7.10
C GLN A 127 -7.92 5.13 7.19
N PHE A 128 -7.53 5.70 8.35
CA PHE A 128 -6.14 6.12 8.61
C PHE A 128 -5.22 4.89 8.73
N THR A 129 -5.45 4.04 9.76
CA THR A 129 -4.56 2.91 10.13
C THR A 129 -4.38 1.91 8.97
N GLN A 130 -5.44 1.74 8.16
CA GLN A 130 -5.43 0.84 6.99
C GLN A 130 -4.60 1.44 5.84
N LEU A 131 -4.91 2.70 5.42
CA LEU A 131 -4.11 3.41 4.38
C LEU A 131 -2.67 3.70 4.87
N ASP A 132 -2.47 3.67 6.21
CA ASP A 132 -1.18 3.95 6.87
C ASP A 132 -0.26 2.72 6.83
N THR A 133 -0.82 1.53 7.16
CA THR A 133 -0.06 0.26 7.04
C THR A 133 0.24 -0.04 5.56
N MET A 134 -0.75 0.31 4.70
CA MET A 134 -0.61 0.21 3.25
C MET A 134 0.55 1.11 2.79
N MET A 135 0.62 2.34 3.36
CA MET A 135 1.62 3.36 2.97
C MET A 135 3.04 2.98 3.36
N SER A 136 3.24 2.60 4.63
CA SER A 136 4.57 2.22 5.16
C SER A 136 5.14 1.03 4.36
N LYS A 137 4.24 0.07 4.04
CA LYS A 137 4.58 -1.09 3.22
C LYS A 137 4.83 -0.67 1.76
N LEU A 138 3.96 0.19 1.17
CA LEU A 138 4.05 0.52 -0.28
C LEU A 138 5.24 1.44 -0.58
N ASN A 139 5.72 2.13 0.47
CA ASN A 139 6.92 2.97 0.38
C ASN A 139 8.16 2.06 0.39
N ASN A 140 8.16 1.07 1.32
CA ASN A 140 9.20 0.03 1.40
C ASN A 140 9.29 -0.75 0.08
N THR A 141 8.11 -1.08 -0.49
CA THR A 141 8.02 -1.87 -1.71
C THR A 141 8.58 -1.08 -2.89
N SER A 142 8.00 0.11 -3.18
CA SER A 142 8.44 0.98 -4.30
C SER A 142 9.94 1.29 -4.25
N SER A 143 10.51 1.32 -3.03
CA SER A 143 11.94 1.49 -2.79
C SER A 143 12.75 0.31 -3.39
N TYR A 144 12.54 -0.93 -2.90
CA TYR A 144 13.31 -2.10 -3.39
C TYR A 144 12.88 -2.54 -4.81
N LEU A 145 11.66 -2.16 -5.22
CA LEU A 145 11.13 -2.47 -6.56
C LEU A 145 11.76 -1.56 -7.62
N THR A 146 12.08 -0.29 -7.25
CA THR A 146 12.74 0.65 -8.19
C THR A 146 14.22 0.27 -8.36
N GLN A 147 14.84 -0.26 -7.26
CA GLN A 147 16.21 -0.81 -7.32
C GLN A 147 16.24 -2.05 -8.23
N GLN A 148 15.24 -2.93 -8.01
CA GLN A 148 15.04 -4.17 -8.79
C GLN A 148 14.81 -3.83 -10.27
N PHE A 149 14.04 -2.76 -10.51
CA PHE A 149 13.74 -2.26 -11.87
C PHE A 149 15.01 -1.76 -12.56
N THR A 150 15.80 -0.94 -11.83
CA THR A 150 16.99 -0.28 -12.38
C THR A 150 18.03 -1.32 -12.86
N ALA A 151 18.21 -2.40 -12.06
CA ALA A 151 19.15 -3.49 -12.37
C ALA A 151 18.59 -4.42 -13.48
N MET A 152 17.36 -4.92 -13.27
CA MET A 152 16.70 -5.89 -14.17
C MET A 152 16.51 -5.30 -15.57
N ASN A 153 16.28 -3.98 -15.62
CA ASN A 153 16.16 -3.24 -16.88
C ASN A 153 17.59 -3.11 -17.50
N LYS A 154 18.46 -2.27 -16.88
CA LYS A 154 19.87 -2.09 -17.35
C LYS A 154 20.91 -2.27 -16.21
N SER A 155 21.34 -3.53 -15.94
CA SER A 155 22.58 -3.79 -15.18
C SER A 155 23.82 -3.40 -16.03
N MET A 1 10.07 -24.54 -15.90
CA MET A 1 10.67 -23.57 -14.96
C MET A 1 9.58 -23.00 -14.02
N THR A 2 9.41 -23.65 -12.84
CA THR A 2 8.36 -23.30 -11.85
C THR A 2 8.58 -21.89 -11.26
N SER A 3 9.84 -21.61 -10.85
CA SER A 3 10.23 -20.33 -10.23
C SER A 3 10.07 -19.15 -11.21
N THR A 4 10.34 -19.41 -12.50
CA THR A 4 10.28 -18.38 -13.54
C THR A 4 8.83 -18.08 -13.97
N VAL A 5 7.97 -19.12 -14.08
CA VAL A 5 6.57 -18.94 -14.53
C VAL A 5 5.74 -18.22 -13.45
N GLU A 6 5.99 -18.54 -12.15
CA GLU A 6 5.35 -17.84 -11.02
C GLU A 6 5.83 -16.37 -11.00
N PHE A 7 7.14 -16.16 -11.24
CA PHE A 7 7.76 -14.82 -11.39
C PHE A 7 6.99 -13.96 -12.43
N ILE A 8 6.83 -14.51 -13.67
CA ILE A 8 6.13 -13.84 -14.80
C ILE A 8 4.70 -13.40 -14.41
N ASN A 9 3.91 -14.41 -14.01
CA ASN A 9 2.47 -14.27 -13.74
C ASN A 9 2.20 -13.27 -12.62
N ARG A 10 2.96 -13.40 -11.51
CA ARG A 10 2.72 -12.59 -10.30
C ARG A 10 3.16 -11.13 -10.49
N TRP A 11 4.24 -10.86 -11.26
CA TRP A 11 4.62 -9.47 -11.63
C TRP A 11 3.48 -8.82 -12.45
N GLN A 12 2.88 -9.60 -13.37
CA GLN A 12 1.72 -9.16 -14.14
C GLN A 12 0.54 -8.85 -13.21
N ARG A 13 0.33 -9.71 -12.18
CA ARG A 13 -0.75 -9.51 -11.18
C ARG A 13 -0.57 -8.17 -10.46
N ILE A 14 0.69 -7.90 -10.03
CA ILE A 14 1.07 -6.66 -9.33
C ILE A 14 0.64 -5.44 -10.17
N ALA A 15 1.02 -5.44 -11.46
CA ALA A 15 0.76 -4.35 -12.41
C ALA A 15 -0.75 -4.11 -12.66
N LEU A 16 -1.50 -5.23 -12.84
CA LEU A 16 -2.97 -5.20 -13.04
C LEU A 16 -3.66 -4.59 -11.81
N LEU A 17 -3.23 -5.06 -10.62
CA LEU A 17 -3.73 -4.59 -9.32
C LEU A 17 -3.42 -3.10 -9.17
N SER A 18 -2.16 -2.69 -9.51
CA SER A 18 -1.66 -1.31 -9.35
C SER A 18 -2.60 -0.30 -10.01
N GLN A 19 -2.90 -0.55 -11.30
CA GLN A 19 -3.77 0.31 -12.13
C GLN A 19 -5.19 0.35 -11.56
N SER A 20 -5.73 -0.84 -11.22
CA SER A 20 -7.10 -1.00 -10.70
C SER A 20 -7.32 -0.17 -9.42
N LEU A 21 -6.47 -0.42 -8.40
CA LEU A 21 -6.60 0.20 -7.07
C LEU A 21 -6.26 1.70 -7.10
N LEU A 22 -5.44 2.11 -8.08
CA LEU A 22 -5.10 3.53 -8.29
C LEU A 22 -6.37 4.32 -8.68
N GLU A 23 -7.12 3.73 -9.63
CA GLU A 23 -8.42 4.25 -10.05
C GLU A 23 -9.39 4.30 -8.85
N LEU A 24 -9.39 3.24 -8.04
CA LEU A 24 -10.24 3.11 -6.85
C LEU A 24 -9.85 4.13 -5.74
N ALA A 25 -8.57 4.52 -5.69
CA ALA A 25 -8.04 5.48 -4.71
C ALA A 25 -8.52 6.91 -5.02
N GLN A 26 -8.42 7.29 -6.31
CA GLN A 26 -8.85 8.63 -6.79
C GLN A 26 -10.39 8.72 -6.90
N ARG A 27 -11.05 7.55 -7.00
CA ARG A 27 -12.53 7.42 -6.90
C ARG A 27 -13.01 7.65 -5.45
N GLY A 28 -12.11 7.41 -4.49
CA GLY A 28 -12.44 7.49 -3.06
C GLY A 28 -12.98 6.17 -2.52
N GLU A 29 -12.91 5.11 -3.35
CA GLU A 29 -13.34 3.76 -2.99
C GLU A 29 -12.30 3.10 -2.08
N TRP A 30 -12.45 3.28 -0.76
CA TRP A 30 -11.49 2.78 0.22
C TRP A 30 -11.66 1.28 0.46
N ASP A 31 -12.91 0.79 0.41
CA ASP A 31 -13.21 -0.66 0.59
C ASP A 31 -12.57 -1.46 -0.55
N LEU A 32 -12.74 -0.95 -1.78
CA LEU A 32 -12.21 -1.57 -3.00
C LEU A 32 -10.67 -1.45 -3.06
N LEU A 33 -10.13 -0.26 -2.67
CA LEU A 33 -8.67 0.00 -2.59
C LEU A 33 -7.97 -0.99 -1.65
N LEU A 34 -8.53 -1.14 -0.43
CA LEU A 34 -7.97 -1.97 0.64
C LEU A 34 -8.24 -3.47 0.41
N GLN A 35 -9.23 -3.78 -0.45
CA GLN A 35 -9.46 -5.15 -0.96
C GLN A 35 -8.29 -5.57 -1.86
N GLN A 36 -7.80 -4.61 -2.66
CA GLN A 36 -6.67 -4.82 -3.57
C GLN A 36 -5.33 -4.73 -2.81
N GLU A 37 -5.31 -3.95 -1.69
CA GLU A 37 -4.12 -3.72 -0.82
C GLU A 37 -3.40 -5.05 -0.48
N VAL A 38 -4.15 -5.95 0.17
CA VAL A 38 -3.64 -7.22 0.66
C VAL A 38 -3.07 -8.09 -0.48
N SER A 39 -3.82 -8.13 -1.60
CA SER A 39 -3.44 -8.86 -2.81
C SER A 39 -2.12 -8.32 -3.38
N TYR A 40 -2.06 -6.99 -3.45
CA TYR A 40 -1.01 -6.21 -4.12
C TYR A 40 0.34 -6.31 -3.41
N LEU A 41 0.34 -5.91 -2.11
CA LEU A 41 1.54 -5.87 -1.27
C LEU A 41 2.13 -7.29 -1.10
N GLN A 42 1.23 -8.30 -0.91
CA GLN A 42 1.63 -9.71 -0.79
C GLN A 42 2.26 -10.23 -2.10
N SER A 43 1.69 -9.80 -3.26
CA SER A 43 2.20 -10.17 -4.60
C SER A 43 3.65 -9.66 -4.80
N ILE A 44 3.94 -8.46 -4.28
CA ILE A 44 5.28 -7.86 -4.31
C ILE A 44 6.26 -8.69 -3.44
N GLU A 45 5.79 -9.10 -2.26
CA GLU A 45 6.60 -9.87 -1.30
C GLU A 45 6.88 -11.30 -1.80
N THR A 46 5.92 -11.90 -2.52
CA THR A 46 6.01 -13.30 -2.97
C THR A 46 6.92 -13.42 -4.22
N VAL A 47 6.96 -12.38 -5.09
CA VAL A 47 7.95 -12.33 -6.19
C VAL A 47 9.36 -12.09 -5.62
N MET A 48 9.44 -11.31 -4.52
CA MET A 48 10.71 -11.06 -3.80
C MET A 48 11.12 -12.24 -2.91
N GLU A 49 10.20 -13.21 -2.69
CA GLU A 49 10.56 -14.51 -2.07
C GLU A 49 11.46 -15.32 -3.03
N LYS A 50 11.22 -15.15 -4.35
CA LYS A 50 12.08 -15.70 -5.41
C LYS A 50 13.20 -14.69 -5.80
N GLN A 51 13.00 -13.40 -5.41
CA GLN A 51 13.95 -12.27 -5.60
C GLN A 51 14.62 -12.27 -6.99
N THR A 52 13.78 -12.59 -8.01
CA THR A 52 14.19 -12.76 -9.42
C THR A 52 15.10 -14.02 -9.59
N PRO A 53 14.54 -15.17 -10.11
CA PRO A 53 15.33 -16.39 -10.46
C PRO A 53 16.54 -16.10 -11.39
N PRO A 54 17.60 -16.97 -11.39
CA PRO A 54 18.75 -16.83 -12.34
C PRO A 54 18.33 -17.00 -13.82
N GLY A 55 17.40 -17.95 -14.06
CA GLY A 55 16.93 -18.28 -15.41
C GLY A 55 15.83 -17.34 -15.92
N ILE A 56 16.19 -16.06 -16.13
CA ILE A 56 15.29 -15.03 -16.71
C ILE A 56 15.92 -14.54 -18.02
N THR A 57 15.26 -14.81 -19.16
CA THR A 57 15.70 -14.36 -20.49
C THR A 57 15.34 -12.87 -20.68
N ARG A 58 15.85 -12.25 -21.77
CA ARG A 58 15.68 -10.79 -22.04
C ARG A 58 14.21 -10.43 -22.36
N SER A 59 13.45 -11.43 -22.87
CA SER A 59 12.03 -11.27 -23.19
C SER A 59 11.19 -11.18 -21.91
N ILE A 60 11.47 -12.11 -20.96
CA ILE A 60 10.79 -12.17 -19.64
C ILE A 60 11.17 -10.94 -18.80
N GLN A 61 12.48 -10.59 -18.87
CA GLN A 61 13.04 -9.38 -18.25
C GLN A 61 12.29 -8.12 -18.72
N ASP A 62 12.05 -8.03 -20.05
CA ASP A 62 11.33 -6.92 -20.69
C ASP A 62 9.89 -6.80 -20.14
N MET A 63 9.17 -7.94 -20.10
CA MET A 63 7.76 -7.99 -19.66
C MET A 63 7.63 -7.50 -18.22
N VAL A 64 8.40 -8.15 -17.31
CA VAL A 64 8.30 -7.90 -15.87
C VAL A 64 8.83 -6.51 -15.50
N ALA A 65 9.86 -6.01 -16.24
CA ALA A 65 10.36 -4.63 -16.06
C ALA A 65 9.28 -3.61 -16.41
N GLY A 66 8.45 -3.97 -17.42
CA GLY A 66 7.26 -3.19 -17.78
C GLY A 66 6.23 -3.17 -16.66
N TYR A 67 6.08 -4.34 -15.99
CA TYR A 67 5.16 -4.50 -14.85
C TYR A 67 5.67 -3.78 -13.59
N ILE A 68 7.01 -3.67 -13.46
CA ILE A 68 7.66 -2.93 -12.36
C ILE A 68 7.50 -1.41 -12.63
N LYS A 69 7.59 -1.02 -13.90
CA LYS A 69 7.36 0.38 -14.32
C LYS A 69 5.93 0.81 -13.92
N GLN A 70 4.96 -0.09 -14.20
CA GLN A 70 3.54 0.14 -13.89
C GLN A 70 3.32 0.29 -12.38
N THR A 71 3.88 -0.67 -11.60
CA THR A 71 3.68 -0.68 -10.14
C THR A 71 4.31 0.56 -9.49
N LEU A 72 5.55 0.94 -9.91
CA LEU A 72 6.28 2.12 -9.39
C LEU A 72 5.50 3.43 -9.62
N ASP A 73 4.96 3.56 -10.84
CA ASP A 73 4.20 4.75 -11.28
C ASP A 73 2.94 4.95 -10.42
N ASN A 74 2.12 3.89 -10.36
CA ASN A 74 0.82 3.90 -9.68
C ASN A 74 1.00 4.03 -8.15
N GLU A 75 2.04 3.36 -7.62
CA GLU A 75 2.39 3.32 -6.18
C GLU A 75 3.00 4.66 -5.71
N GLN A 76 3.64 5.37 -6.64
CA GLN A 76 4.12 6.76 -6.45
C GLN A 76 2.91 7.70 -6.26
N LEU A 77 1.89 7.49 -7.10
CA LEU A 77 0.64 8.27 -7.06
C LEU A 77 -0.17 7.92 -5.80
N LEU A 78 -0.06 6.66 -5.32
CA LEU A 78 -0.66 6.22 -4.03
C LEU A 78 0.04 6.92 -2.88
N LYS A 79 1.37 7.02 -2.97
CA LYS A 79 2.21 7.69 -1.96
C LYS A 79 1.71 9.13 -1.74
N GLY A 80 1.58 9.90 -2.83
CA GLY A 80 1.13 11.30 -2.76
C GLY A 80 -0.34 11.46 -2.33
N LEU A 81 -1.22 10.66 -2.94
CA LEU A 81 -2.68 10.70 -2.71
C LEU A 81 -2.99 10.35 -1.24
N LEU A 82 -2.52 9.18 -0.80
CA LEU A 82 -2.74 8.67 0.56
C LEU A 82 -1.96 9.50 1.60
N GLN A 83 -0.88 10.21 1.18
CA GLN A 83 -0.13 11.15 2.07
C GLN A 83 -1.06 12.28 2.52
N GLN A 84 -1.80 12.83 1.54
CA GLN A 84 -2.82 13.87 1.78
C GLN A 84 -3.90 13.34 2.73
N ARG A 85 -4.44 12.15 2.38
CA ARG A 85 -5.54 11.50 3.12
C ARG A 85 -5.16 11.24 4.59
N LEU A 86 -3.97 10.64 4.80
CA LEU A 86 -3.46 10.27 6.14
C LEU A 86 -3.11 11.51 6.98
N ASP A 87 -2.69 12.61 6.32
CA ASP A 87 -2.40 13.89 7.00
C ASP A 87 -3.69 14.43 7.65
N GLU A 88 -4.78 14.42 6.85
CA GLU A 88 -6.12 14.83 7.28
C GLU A 88 -6.61 13.94 8.43
N LEU A 89 -6.65 12.60 8.18
CA LEU A 89 -7.15 11.60 9.14
C LEU A 89 -6.39 11.66 10.47
N SER A 90 -5.06 11.83 10.40
CA SER A 90 -4.19 11.92 11.59
C SER A 90 -4.57 13.12 12.47
N SER A 91 -4.77 14.28 11.83
CA SER A 91 -5.17 15.51 12.53
C SER A 91 -6.57 15.37 13.15
N LEU A 92 -7.50 14.72 12.41
CA LEU A 92 -8.90 14.54 12.84
C LEU A 92 -8.99 13.66 14.11
N ILE A 93 -8.27 12.52 14.08
CA ILE A 93 -8.14 11.59 15.23
C ILE A 93 -7.46 12.32 16.40
N GLY A 94 -6.43 13.11 16.07
CA GLY A 94 -5.65 13.87 17.07
C GLY A 94 -6.50 14.87 17.86
N GLN A 95 -7.58 15.37 17.23
CA GLN A 95 -8.52 16.32 17.86
C GLN A 95 -9.63 15.58 18.64
N VAL A 96 -10.31 14.64 17.95
CA VAL A 96 -11.54 14.00 18.48
C VAL A 96 -11.20 12.96 19.58
N LEU A 97 -10.09 12.22 19.40
CA LEU A 97 -9.61 11.27 20.42
C LEU A 97 -8.88 12.09 21.50
N PHE A 98 -9.48 12.14 22.69
CA PHE A 98 -8.90 12.82 23.85
C PHE A 98 -7.95 11.84 24.57
N GLN A 99 -6.70 11.79 24.09
CA GLN A 99 -5.65 10.87 24.59
C GLN A 99 -4.90 11.45 25.81
N GLY A 100 -5.50 12.45 26.46
CA GLY A 100 -4.91 13.10 27.61
C GLY A 100 -5.44 14.53 27.73
N PRO A 101 -4.97 15.47 26.84
CA PRO A 101 -5.43 16.87 26.83
C PRO A 101 -6.78 17.07 26.09
N SER A 102 -7.17 18.36 25.96
CA SER A 102 -8.38 18.82 25.22
C SER A 102 -9.70 18.35 25.87
N ALA A 103 -9.63 17.93 27.14
CA ALA A 103 -10.78 17.50 27.94
C ALA A 103 -10.49 17.73 29.43
N GLY A 104 -11.55 17.84 30.24
CA GLY A 104 -11.43 18.02 31.69
C GLY A 104 -10.78 16.83 32.36
N LEU A 105 -11.35 15.64 32.11
CA LEU A 105 -10.76 14.34 32.48
C LEU A 105 -10.04 13.74 31.27
N VAL A 106 -9.51 12.51 31.42
CA VAL A 106 -8.87 11.76 30.33
C VAL A 106 -9.77 10.57 29.94
N PRO A 107 -10.61 10.69 28.84
CA PRO A 107 -11.43 9.58 28.32
C PRO A 107 -10.63 8.74 27.29
N ARG A 108 -9.44 8.29 27.72
CA ARG A 108 -8.54 7.44 26.92
C ARG A 108 -8.74 5.96 27.35
N GLY A 109 -10.01 5.52 27.31
CA GLY A 109 -10.36 4.12 27.49
C GLY A 109 -10.01 3.34 26.24
N SER A 110 -8.80 2.74 26.23
CA SER A 110 -8.27 1.97 25.09
C SER A 110 -9.16 0.73 24.82
N GLY A 111 -10.15 0.92 23.95
CA GLY A 111 -11.15 -0.10 23.62
C GLY A 111 -12.49 0.54 23.28
N GLY A 112 -12.87 1.59 24.06
CA GLY A 112 -14.15 2.28 23.86
C GLY A 112 -14.26 3.59 24.63
N ILE A 113 -14.97 4.57 24.02
CA ILE A 113 -15.31 5.87 24.65
C ILE A 113 -16.86 5.97 24.71
N GLU A 114 -17.38 6.87 25.55
CA GLU A 114 -18.84 7.12 25.66
C GLU A 114 -19.32 8.03 24.51
N GLY A 115 -20.44 7.64 23.85
CA GLY A 115 -21.09 8.46 22.82
C GLY A 115 -20.54 8.21 21.41
N SER A 116 -20.96 9.08 20.47
CA SER A 116 -20.64 8.97 19.02
C SER A 116 -19.16 9.32 18.73
N ILE A 117 -18.48 9.98 19.69
CA ILE A 117 -17.03 10.28 19.62
C ILE A 117 -16.24 8.96 19.46
N ASP A 118 -16.72 7.89 20.13
CA ASP A 118 -16.15 6.54 20.02
C ASP A 118 -16.18 6.03 18.58
N GLU A 119 -17.33 6.23 17.90
CA GLU A 119 -17.55 5.73 16.53
C GLU A 119 -16.63 6.45 15.54
N THR A 120 -16.58 7.79 15.60
CA THR A 120 -15.77 8.60 14.67
C THR A 120 -14.26 8.33 14.86
N VAL A 121 -13.84 8.08 16.11
CA VAL A 121 -12.48 7.60 16.40
C VAL A 121 -12.27 6.25 15.72
N ALA A 122 -13.21 5.31 15.95
CA ALA A 122 -13.12 3.92 15.46
C ALA A 122 -13.04 3.85 13.92
N ARG A 123 -13.81 4.70 13.21
CA ARG A 123 -13.90 4.67 11.75
C ARG A 123 -12.65 5.29 11.12
N TYR A 124 -12.33 6.53 11.53
CA TYR A 124 -11.19 7.29 10.99
C TYR A 124 -9.84 6.65 11.40
N LYS A 125 -9.83 5.94 12.56
CA LYS A 125 -8.62 5.21 13.03
C LYS A 125 -8.43 3.93 12.24
N ALA A 126 -9.53 3.20 11.96
CA ALA A 126 -9.47 1.97 11.15
C ALA A 126 -8.97 2.31 9.73
N GLN A 127 -9.61 3.33 9.11
CA GLN A 127 -9.23 3.82 7.77
C GLN A 127 -7.79 4.33 7.75
N PHE A 128 -7.39 5.09 8.79
CA PHE A 128 -6.02 5.63 8.91
C PHE A 128 -4.99 4.49 8.93
N THR A 129 -5.16 3.56 9.91
CA THR A 129 -4.23 2.44 10.15
C THR A 129 -4.08 1.53 8.92
N GLN A 130 -5.19 1.35 8.17
CA GLN A 130 -5.23 0.52 6.94
C GLN A 130 -4.47 1.19 5.78
N LEU A 131 -4.78 2.48 5.52
CA LEU A 131 -4.08 3.28 4.49
C LEU A 131 -2.61 3.57 4.91
N ASP A 132 -2.33 3.50 6.25
CA ASP A 132 -1.00 3.80 6.82
C ASP A 132 -0.08 2.59 6.72
N THR A 133 -0.62 1.39 7.04
CA THR A 133 0.13 0.14 6.90
C THR A 133 0.34 -0.16 5.41
N MET A 134 -0.65 0.25 4.58
CA MET A 134 -0.52 0.21 3.12
C MET A 134 0.63 1.11 2.68
N MET A 135 0.66 2.35 3.24
CA MET A 135 1.68 3.38 2.89
C MET A 135 3.10 2.95 3.26
N SER A 136 3.28 2.48 4.50
CA SER A 136 4.59 2.08 5.03
C SER A 136 5.14 0.88 4.25
N LYS A 137 4.24 -0.05 3.89
CA LYS A 137 4.61 -1.20 3.04
C LYS A 137 4.91 -0.76 1.61
N LEU A 138 4.06 0.12 1.02
CA LEU A 138 4.22 0.55 -0.39
C LEU A 138 5.44 1.48 -0.54
N ASN A 139 5.89 2.07 0.59
CA ASN A 139 7.10 2.90 0.66
C ASN A 139 8.34 1.99 0.60
N ASN A 140 8.33 0.94 1.45
CA ASN A 140 9.40 -0.08 1.49
C ASN A 140 9.52 -0.80 0.14
N THR A 141 8.36 -1.17 -0.44
CA THR A 141 8.30 -1.90 -1.69
C THR A 141 8.87 -1.03 -2.82
N SER A 142 8.27 0.16 -3.07
CA SER A 142 8.71 1.08 -4.16
C SER A 142 10.21 1.40 -4.10
N SER A 143 10.77 1.40 -2.86
CA SER A 143 12.23 1.52 -2.64
C SER A 143 12.98 0.36 -3.33
N TYR A 144 12.76 -0.89 -2.85
CA TYR A 144 13.49 -2.07 -3.40
C TYR A 144 13.01 -2.44 -4.82
N LEU A 145 11.82 -1.96 -5.23
CA LEU A 145 11.25 -2.18 -6.58
C LEU A 145 11.92 -1.28 -7.63
N THR A 146 12.22 -0.01 -7.27
CA THR A 146 12.89 0.93 -8.20
C THR A 146 14.36 0.52 -8.37
N GLN A 147 14.96 -0.02 -7.28
CA GLN A 147 16.31 -0.62 -7.32
C GLN A 147 16.30 -1.87 -8.24
N GLN A 148 15.27 -2.73 -8.02
CA GLN A 148 15.04 -3.97 -8.79
C GLN A 148 14.90 -3.67 -10.29
N PHE A 149 14.13 -2.62 -10.60
CA PHE A 149 13.85 -2.19 -11.98
C PHE A 149 15.13 -1.75 -12.69
N THR A 150 15.85 -0.79 -12.08
CA THR A 150 17.06 -0.18 -12.66
C THR A 150 18.15 -1.24 -12.91
N ALA A 151 18.28 -2.22 -11.99
CA ALA A 151 19.28 -3.30 -12.11
C ALA A 151 18.87 -4.32 -13.19
N MET A 152 17.61 -4.80 -13.12
CA MET A 152 17.06 -5.82 -14.03
C MET A 152 17.07 -5.32 -15.49
N ASN A 153 16.80 -4.00 -15.64
CA ASN A 153 16.75 -3.33 -16.94
C ASN A 153 18.19 -2.99 -17.40
N LYS A 154 18.88 -2.10 -16.65
CA LYS A 154 20.28 -1.72 -16.92
C LYS A 154 21.18 -1.91 -15.65
N SER A 155 21.59 -3.17 -15.37
CA SER A 155 22.63 -3.45 -14.35
C SER A 155 23.93 -2.62 -14.60
N MET A 1 10.92 -23.82 -16.98
CA MET A 1 11.13 -22.63 -16.13
C MET A 1 9.88 -22.39 -15.21
N THR A 2 9.83 -23.15 -14.09
CA THR A 2 8.70 -23.08 -13.13
C THR A 2 8.75 -21.79 -12.29
N SER A 3 9.94 -21.50 -11.75
CA SER A 3 10.19 -20.29 -10.94
C SER A 3 9.99 -19.01 -11.80
N THR A 4 10.32 -19.12 -13.10
CA THR A 4 10.21 -18.00 -14.04
C THR A 4 8.77 -17.80 -14.56
N VAL A 5 7.98 -18.89 -14.72
CA VAL A 5 6.58 -18.76 -15.21
C VAL A 5 5.71 -18.07 -14.14
N GLU A 6 5.90 -18.44 -12.85
CA GLU A 6 5.18 -17.82 -11.72
C GLU A 6 5.67 -16.36 -11.51
N PHE A 7 6.98 -16.13 -11.77
CA PHE A 7 7.58 -14.78 -11.83
C PHE A 7 6.80 -13.86 -12.83
N ILE A 8 6.62 -14.35 -14.08
CA ILE A 8 5.86 -13.63 -15.15
C ILE A 8 4.45 -13.25 -14.67
N ASN A 9 3.72 -14.30 -14.27
CA ASN A 9 2.29 -14.23 -13.92
C ASN A 9 2.05 -13.25 -12.76
N ARG A 10 2.86 -13.37 -11.70
CA ARG A 10 2.68 -12.57 -10.48
C ARG A 10 3.07 -11.11 -10.69
N TRP A 11 4.11 -10.82 -11.51
CA TRP A 11 4.46 -9.42 -11.88
C TRP A 11 3.36 -8.77 -12.71
N GLN A 12 2.72 -9.58 -13.58
CA GLN A 12 1.52 -9.19 -14.31
C GLN A 12 0.40 -8.80 -13.32
N ARG A 13 0.22 -9.65 -12.27
CA ARG A 13 -0.80 -9.41 -11.23
C ARG A 13 -0.49 -8.11 -10.46
N ILE A 14 0.81 -7.89 -10.14
CA ILE A 14 1.28 -6.72 -9.35
C ILE A 14 0.95 -5.41 -10.08
N ALA A 15 1.18 -5.37 -11.40
CA ALA A 15 0.90 -4.18 -12.23
C ALA A 15 -0.61 -3.92 -12.37
N LEU A 16 -1.39 -5.01 -12.57
CA LEU A 16 -2.86 -4.94 -12.71
C LEU A 16 -3.52 -4.54 -11.37
N LEU A 17 -2.94 -4.99 -10.25
CA LEU A 17 -3.46 -4.71 -8.90
C LEU A 17 -3.19 -3.25 -8.51
N SER A 18 -1.94 -2.79 -8.70
CA SER A 18 -1.55 -1.39 -8.43
C SER A 18 -2.43 -0.42 -9.22
N GLN A 19 -2.72 -0.80 -10.48
CA GLN A 19 -3.59 -0.04 -11.39
C GLN A 19 -5.04 0.01 -10.87
N SER A 20 -5.55 -1.16 -10.46
CA SER A 20 -6.93 -1.30 -9.94
C SER A 20 -7.15 -0.41 -8.72
N LEU A 21 -6.31 -0.60 -7.68
CA LEU A 21 -6.46 0.09 -6.39
C LEU A 21 -6.02 1.56 -6.48
N LEU A 22 -5.22 1.92 -7.52
CA LEU A 22 -4.91 3.33 -7.84
C LEU A 22 -6.20 4.07 -8.20
N GLU A 23 -6.99 3.42 -9.09
CA GLU A 23 -8.31 3.91 -9.51
C GLU A 23 -9.26 4.00 -8.29
N LEU A 24 -9.21 2.97 -7.42
CA LEU A 24 -10.07 2.86 -6.22
C LEU A 24 -9.70 3.92 -5.16
N ALA A 25 -8.40 4.28 -5.10
CA ALA A 25 -7.86 5.29 -4.16
C ALA A 25 -8.28 6.71 -4.56
N GLN A 26 -8.10 7.03 -5.86
CA GLN A 26 -8.45 8.37 -6.40
C GLN A 26 -9.97 8.57 -6.46
N ARG A 27 -10.70 7.46 -6.59
CA ARG A 27 -12.18 7.43 -6.59
C ARG A 27 -12.76 7.53 -5.17
N GLY A 28 -11.95 7.19 -4.15
CA GLY A 28 -12.37 7.26 -2.75
C GLY A 28 -13.05 5.99 -2.23
N GLU A 29 -13.06 4.92 -3.06
CA GLU A 29 -13.53 3.58 -2.64
C GLU A 29 -12.41 2.89 -1.84
N TRP A 30 -12.33 3.28 -0.55
CA TRP A 30 -11.27 2.80 0.36
C TRP A 30 -11.42 1.33 0.67
N ASP A 31 -12.67 0.88 0.84
CA ASP A 31 -13.01 -0.53 1.15
C ASP A 31 -12.44 -1.48 0.08
N LEU A 32 -12.49 -1.02 -1.19
CA LEU A 32 -11.98 -1.78 -2.35
C LEU A 32 -10.45 -1.65 -2.46
N LEU A 33 -9.91 -0.47 -2.07
CA LEU A 33 -8.45 -0.23 -1.95
C LEU A 33 -7.83 -1.21 -0.93
N LEU A 34 -8.58 -1.46 0.16
CA LEU A 34 -8.17 -2.34 1.28
C LEU A 34 -8.32 -3.81 0.90
N GLN A 35 -9.34 -4.09 0.06
CA GLN A 35 -9.56 -5.42 -0.53
C GLN A 35 -8.33 -5.82 -1.36
N GLN A 36 -7.83 -4.86 -2.15
CA GLN A 36 -6.69 -5.08 -3.04
C GLN A 36 -5.34 -4.79 -2.37
N GLU A 37 -5.37 -4.18 -1.16
CA GLU A 37 -4.15 -3.98 -0.33
C GLU A 37 -3.47 -5.32 -0.05
N VAL A 38 -4.25 -6.25 0.53
CA VAL A 38 -3.76 -7.56 0.99
C VAL A 38 -3.22 -8.39 -0.18
N SER A 39 -3.91 -8.36 -1.34
CA SER A 39 -3.57 -9.16 -2.53
C SER A 39 -2.31 -8.61 -3.21
N TYR A 40 -2.25 -7.28 -3.34
CA TYR A 40 -1.16 -6.56 -4.02
C TYR A 40 0.18 -6.73 -3.30
N LEU A 41 0.18 -6.36 -2.01
CA LEU A 41 1.38 -6.42 -1.17
C LEU A 41 1.86 -7.88 -1.01
N GLN A 42 0.88 -8.82 -0.89
CA GLN A 42 1.17 -10.28 -0.88
C GLN A 42 1.96 -10.71 -2.13
N SER A 43 1.51 -10.23 -3.31
CA SER A 43 2.13 -10.56 -4.61
C SER A 43 3.59 -10.08 -4.67
N ILE A 44 3.84 -8.85 -4.16
CA ILE A 44 5.20 -8.27 -4.09
C ILE A 44 6.08 -9.08 -3.10
N GLU A 45 5.48 -9.45 -1.96
CA GLU A 45 6.18 -10.19 -0.89
C GLU A 45 6.56 -11.61 -1.34
N THR A 46 5.73 -12.23 -2.22
CA THR A 46 5.94 -13.62 -2.65
C THR A 46 6.94 -13.71 -3.83
N VAL A 47 7.06 -12.66 -4.67
CA VAL A 47 8.13 -12.60 -5.69
C VAL A 47 9.49 -12.23 -5.02
N MET A 48 9.41 -11.41 -3.94
CA MET A 48 10.59 -10.87 -3.24
C MET A 48 10.96 -11.64 -1.97
N GLU A 49 10.22 -12.70 -1.61
CA GLU A 49 10.66 -13.66 -0.58
C GLU A 49 11.78 -14.53 -1.17
N LYS A 50 11.68 -14.74 -2.48
CA LYS A 50 12.66 -15.48 -3.28
C LYS A 50 13.74 -14.49 -3.78
N GLN A 51 13.30 -13.26 -4.10
CA GLN A 51 14.15 -12.14 -4.59
C GLN A 51 14.65 -12.43 -6.02
N THR A 52 13.69 -12.61 -6.96
CA THR A 52 13.94 -12.80 -8.41
C THR A 52 14.71 -14.11 -8.73
N PRO A 53 14.08 -15.09 -9.45
CA PRO A 53 14.80 -16.29 -9.97
C PRO A 53 15.80 -15.91 -11.10
N PRO A 54 17.10 -16.35 -11.02
CA PRO A 54 18.07 -16.20 -12.13
C PRO A 54 17.75 -17.22 -13.25
N GLY A 55 17.06 -16.74 -14.29
CA GLY A 55 16.66 -17.57 -15.42
C GLY A 55 15.63 -16.83 -16.26
N ILE A 56 15.90 -15.54 -16.47
CA ILE A 56 14.98 -14.61 -17.13
C ILE A 56 15.56 -14.23 -18.50
N THR A 57 14.88 -14.58 -19.60
CA THR A 57 15.30 -14.20 -20.96
C THR A 57 14.98 -12.72 -21.24
N ARG A 58 15.39 -12.22 -22.42
CA ARG A 58 15.24 -10.80 -22.81
C ARG A 58 13.76 -10.41 -22.98
N SER A 59 12.91 -11.38 -23.38
CA SER A 59 11.47 -11.16 -23.61
C SER A 59 10.72 -10.99 -22.29
N ILE A 60 11.04 -11.87 -21.33
CA ILE A 60 10.41 -11.89 -19.99
C ILE A 60 10.90 -10.70 -19.16
N GLN A 61 12.20 -10.41 -19.26
CA GLN A 61 12.86 -9.26 -18.60
C GLN A 61 12.26 -7.94 -19.11
N ASP A 62 11.93 -7.91 -20.43
CA ASP A 62 11.25 -6.79 -21.08
C ASP A 62 9.85 -6.59 -20.48
N MET A 63 9.07 -7.69 -20.43
CA MET A 63 7.67 -7.68 -19.95
C MET A 63 7.60 -7.17 -18.51
N VAL A 64 8.33 -7.86 -17.61
CA VAL A 64 8.28 -7.56 -16.17
C VAL A 64 8.91 -6.20 -15.84
N ALA A 65 9.86 -5.72 -16.68
CA ALA A 65 10.38 -4.34 -16.54
C ALA A 65 9.25 -3.33 -16.79
N GLY A 66 8.38 -3.66 -17.77
CA GLY A 66 7.16 -2.88 -18.03
C GLY A 66 6.19 -2.93 -16.86
N TYR A 67 5.98 -4.14 -16.31
CA TYR A 67 5.05 -4.37 -15.17
C TYR A 67 5.53 -3.67 -13.88
N ILE A 68 6.86 -3.65 -13.66
CA ILE A 68 7.47 -2.99 -12.50
C ILE A 68 7.38 -1.47 -12.69
N LYS A 69 7.63 -1.00 -13.93
CA LYS A 69 7.55 0.43 -14.29
C LYS A 69 6.12 0.99 -14.02
N GLN A 70 5.11 0.17 -14.36
CA GLN A 70 3.70 0.50 -14.08
C GLN A 70 3.46 0.60 -12.58
N THR A 71 3.87 -0.47 -11.87
CA THR A 71 3.58 -0.63 -10.44
C THR A 71 4.32 0.42 -9.60
N LEU A 72 5.48 0.90 -10.10
CA LEU A 72 6.27 1.98 -9.46
C LEU A 72 5.55 3.31 -9.56
N ASP A 73 5.09 3.64 -10.80
CA ASP A 73 4.35 4.87 -11.09
C ASP A 73 3.11 4.96 -10.19
N ASN A 74 2.30 3.90 -10.23
CA ASN A 74 1.00 3.82 -9.54
C ASN A 74 1.18 3.87 -8.01
N GLU A 75 2.19 3.15 -7.52
CA GLU A 75 2.49 3.03 -6.08
C GLU A 75 3.14 4.32 -5.53
N GLN A 76 3.82 5.07 -6.41
CA GLN A 76 4.35 6.41 -6.10
C GLN A 76 3.19 7.42 -5.99
N LEU A 77 2.20 7.27 -6.88
CA LEU A 77 0.98 8.09 -6.85
C LEU A 77 0.15 7.78 -5.60
N LEU A 78 0.18 6.51 -5.14
CA LEU A 78 -0.43 6.09 -3.86
C LEU A 78 0.28 6.77 -2.70
N LYS A 79 1.63 6.80 -2.75
CA LYS A 79 2.46 7.42 -1.73
C LYS A 79 2.04 8.89 -1.49
N GLY A 80 2.01 9.68 -2.57
CA GLY A 80 1.65 11.11 -2.51
C GLY A 80 0.19 11.35 -2.14
N LEU A 81 -0.73 10.65 -2.84
CA LEU A 81 -2.19 10.82 -2.69
C LEU A 81 -2.63 10.43 -1.28
N LEU A 82 -2.26 9.20 -0.85
CA LEU A 82 -2.62 8.67 0.48
C LEU A 82 -1.90 9.44 1.60
N GLN A 83 -0.73 10.06 1.30
CA GLN A 83 -0.01 10.93 2.29
C GLN A 83 -0.85 12.16 2.62
N GLN A 84 -1.45 12.77 1.57
CA GLN A 84 -2.38 13.89 1.71
C GLN A 84 -3.59 13.46 2.58
N ARG A 85 -4.16 12.28 2.22
CA ARG A 85 -5.34 11.70 2.88
C ARG A 85 -5.08 11.47 4.38
N LEU A 86 -3.97 10.81 4.70
CA LEU A 86 -3.60 10.42 6.08
C LEU A 86 -3.17 11.63 6.93
N ASP A 87 -2.69 12.69 6.27
CA ASP A 87 -2.37 13.97 6.94
C ASP A 87 -3.66 14.68 7.36
N GLU A 88 -4.70 14.57 6.50
CA GLU A 88 -6.06 15.10 6.78
C GLU A 88 -6.73 14.29 7.88
N LEU A 89 -6.67 12.95 7.76
CA LEU A 89 -7.29 12.00 8.71
C LEU A 89 -6.66 12.16 10.11
N SER A 90 -5.33 12.27 10.15
CA SER A 90 -4.57 12.45 11.42
C SER A 90 -4.83 13.84 12.03
N SER A 91 -5.03 14.85 11.16
CA SER A 91 -5.42 16.21 11.58
C SER A 91 -6.79 16.20 12.27
N LEU A 92 -7.70 15.37 11.73
CA LEU A 92 -9.05 15.16 12.29
C LEU A 92 -8.96 14.42 13.63
N ILE A 93 -8.19 13.30 13.65
CA ILE A 93 -8.01 12.41 14.82
C ILE A 93 -7.41 13.18 16.01
N GLY A 94 -6.42 14.03 15.70
CA GLY A 94 -5.72 14.83 16.72
C GLY A 94 -6.64 15.76 17.52
N GLN A 95 -7.76 16.15 16.90
CA GLN A 95 -8.79 17.01 17.52
C GLN A 95 -9.90 16.16 18.18
N VAL A 96 -10.45 15.20 17.41
CA VAL A 96 -11.69 14.46 17.77
C VAL A 96 -11.43 13.33 18.78
N LEU A 97 -10.20 12.79 18.78
CA LEU A 97 -9.76 11.79 19.78
C LEU A 97 -9.11 12.56 20.94
N PHE A 98 -9.75 12.49 22.12
CA PHE A 98 -9.24 13.10 23.36
C PHE A 98 -8.26 12.12 24.01
N GLN A 99 -6.96 12.29 23.72
CA GLN A 99 -5.90 11.37 24.19
C GLN A 99 -5.37 11.77 25.59
N GLY A 100 -5.69 12.99 26.04
CA GLY A 100 -5.26 13.48 27.35
C GLY A 100 -6.04 14.73 27.78
N PRO A 101 -5.69 15.94 27.21
CA PRO A 101 -6.42 17.19 27.47
C PRO A 101 -7.72 17.28 26.65
N SER A 102 -8.34 18.50 26.63
CA SER A 102 -9.60 18.79 25.92
C SER A 102 -10.79 18.02 26.55
N ALA A 103 -10.60 17.62 27.83
CA ALA A 103 -11.56 16.83 28.61
C ALA A 103 -11.33 17.05 30.12
N GLY A 104 -12.21 16.47 30.95
CA GLY A 104 -12.05 16.53 32.41
C GLY A 104 -10.94 15.61 32.91
N LEU A 105 -11.00 14.34 32.46
CA LEU A 105 -10.00 13.31 32.77
C LEU A 105 -9.16 13.00 31.51
N VAL A 106 -8.24 12.03 31.62
CA VAL A 106 -7.43 11.54 30.49
C VAL A 106 -8.16 10.32 29.86
N PRO A 107 -8.88 10.49 28.71
CA PRO A 107 -9.67 9.40 28.03
C PRO A 107 -8.78 8.47 27.15
N ARG A 108 -7.49 8.37 27.51
CA ARG A 108 -6.55 7.41 26.90
C ARG A 108 -6.86 5.98 27.39
N GLY A 109 -7.71 5.29 26.62
CA GLY A 109 -8.09 3.91 26.90
C GLY A 109 -8.42 3.16 25.63
N SER A 110 -7.54 2.23 25.21
CA SER A 110 -7.69 1.47 23.97
C SER A 110 -8.77 0.37 24.14
N GLY A 111 -10.03 0.76 23.94
CA GLY A 111 -11.16 -0.16 24.03
C GLY A 111 -12.42 0.50 23.49
N GLY A 112 -12.82 1.61 24.12
CA GLY A 112 -13.98 2.38 23.68
C GLY A 112 -14.20 3.67 24.47
N ILE A 113 -14.78 4.68 23.80
CA ILE A 113 -15.23 5.95 24.40
C ILE A 113 -16.76 5.95 24.41
N GLU A 114 -17.41 6.56 25.42
CA GLU A 114 -18.89 6.67 25.45
C GLU A 114 -19.41 7.67 24.39
N GLY A 115 -20.50 7.28 23.69
CA GLY A 115 -21.11 8.12 22.65
C GLY A 115 -20.70 7.71 21.23
N SER A 116 -21.34 8.35 20.23
CA SER A 116 -21.11 8.10 18.77
C SER A 116 -19.75 8.66 18.31
N ILE A 117 -19.10 9.44 19.19
CA ILE A 117 -17.69 9.86 19.04
C ILE A 117 -16.79 8.64 18.81
N ASP A 118 -17.10 7.53 19.52
CA ASP A 118 -16.38 6.25 19.41
C ASP A 118 -16.41 5.73 17.97
N GLU A 119 -17.60 5.81 17.34
CA GLU A 119 -17.84 5.34 15.97
C GLU A 119 -17.01 6.15 14.96
N THR A 120 -17.19 7.49 14.96
CA THR A 120 -16.55 8.38 13.96
C THR A 120 -15.01 8.34 14.07
N VAL A 121 -14.48 8.34 15.32
CA VAL A 121 -13.03 8.26 15.57
C VAL A 121 -12.48 6.90 15.13
N ALA A 122 -13.28 5.83 15.35
CA ALA A 122 -12.93 4.46 14.94
C ALA A 122 -12.81 4.35 13.42
N ARG A 123 -13.67 5.08 12.69
CA ARG A 123 -13.66 5.09 11.21
C ARG A 123 -12.38 5.77 10.71
N TYR A 124 -12.07 6.96 11.28
CA TYR A 124 -10.85 7.72 10.94
C TYR A 124 -9.58 6.92 11.31
N LYS A 125 -9.65 6.22 12.45
CA LYS A 125 -8.53 5.40 12.99
C LYS A 125 -8.32 4.15 12.12
N ALA A 126 -9.44 3.61 11.58
CA ALA A 126 -9.41 2.47 10.65
C ALA A 126 -8.70 2.89 9.37
N GLN A 127 -9.21 3.96 8.73
CA GLN A 127 -8.70 4.47 7.46
C GLN A 127 -7.23 4.92 7.61
N PHE A 128 -6.90 5.49 8.80
CA PHE A 128 -5.54 5.93 9.11
C PHE A 128 -4.59 4.73 9.15
N THR A 129 -4.82 3.81 10.11
CA THR A 129 -3.92 2.67 10.40
C THR A 129 -3.74 1.74 9.18
N GLN A 130 -4.85 1.51 8.47
CA GLN A 130 -4.89 0.59 7.31
C GLN A 130 -4.10 1.17 6.12
N LEU A 131 -4.38 2.44 5.75
CA LEU A 131 -3.65 3.11 4.66
C LEU A 131 -2.20 3.47 5.08
N ASP A 132 -1.95 3.54 6.41
CA ASP A 132 -0.62 3.87 6.98
C ASP A 132 0.31 2.65 6.93
N THR A 133 -0.21 1.47 7.31
CA THR A 133 0.57 0.21 7.23
C THR A 133 0.73 -0.21 5.75
N MET A 134 -0.30 0.12 4.93
CA MET A 134 -0.23 -0.04 3.48
C MET A 134 0.89 0.83 2.91
N MET A 135 0.96 2.10 3.42
CA MET A 135 1.97 3.09 2.98
C MET A 135 3.38 2.66 3.34
N SER A 136 3.58 2.21 4.60
CA SER A 136 4.90 1.79 5.09
C SER A 136 5.45 0.62 4.25
N LYS A 137 4.53 -0.32 3.91
CA LYS A 137 4.84 -1.47 3.07
C LYS A 137 5.11 -1.01 1.62
N LEU A 138 4.21 -0.19 1.05
CA LEU A 138 4.30 0.20 -0.39
C LEU A 138 5.46 1.19 -0.64
N ASN A 139 5.93 1.84 0.44
CA ASN A 139 7.10 2.74 0.41
C ASN A 139 8.38 1.89 0.35
N ASN A 140 8.45 0.88 1.25
CA ASN A 140 9.58 -0.06 1.33
C ASN A 140 9.68 -0.90 0.04
N THR A 141 8.51 -1.30 -0.50
CA THR A 141 8.44 -2.09 -1.73
C THR A 141 8.96 -1.26 -2.90
N SER A 142 8.31 -0.10 -3.20
CA SER A 142 8.69 0.79 -4.33
C SER A 142 10.19 1.16 -4.30
N SER A 143 10.76 1.22 -3.07
CA SER A 143 12.20 1.37 -2.86
C SER A 143 12.97 0.21 -3.53
N TYR A 144 12.81 -1.04 -3.02
CA TYR A 144 13.58 -2.19 -3.55
C TYR A 144 13.12 -2.63 -4.96
N LEU A 145 11.88 -2.24 -5.35
CA LEU A 145 11.31 -2.56 -6.67
C LEU A 145 11.98 -1.70 -7.76
N THR A 146 12.21 -0.39 -7.45
CA THR A 146 12.85 0.54 -8.41
C THR A 146 14.35 0.23 -8.56
N GLN A 147 14.96 -0.23 -7.45
CA GLN A 147 16.37 -0.68 -7.45
C GLN A 147 16.51 -1.95 -8.32
N GLN A 148 15.53 -2.87 -8.16
CA GLN A 148 15.45 -4.13 -8.93
C GLN A 148 15.07 -3.84 -10.39
N PHE A 149 14.27 -2.77 -10.61
CA PHE A 149 13.86 -2.35 -11.96
C PHE A 149 15.09 -1.92 -12.77
N THR A 150 15.84 -0.95 -12.23
CA THR A 150 17.01 -0.38 -12.88
C THR A 150 18.14 -1.43 -13.08
N ALA A 151 18.24 -2.39 -12.13
CA ALA A 151 19.25 -3.48 -12.20
C ALA A 151 18.88 -4.50 -13.29
N MET A 152 17.62 -4.99 -13.23
CA MET A 152 17.10 -6.02 -14.15
C MET A 152 17.05 -5.48 -15.59
N ASN A 153 16.75 -4.19 -15.71
CA ASN A 153 16.68 -3.48 -17.01
C ASN A 153 18.12 -3.23 -17.52
N LYS A 154 18.87 -2.35 -16.82
CA LYS A 154 20.27 -2.03 -17.14
C LYS A 154 21.21 -2.30 -15.94
N SER A 155 21.57 -3.58 -15.75
CA SER A 155 22.70 -4.00 -14.91
C SER A 155 23.93 -3.04 -15.04
N MET A 1 9.37 -24.40 -16.44
CA MET A 1 10.11 -23.38 -15.67
C MET A 1 9.23 -22.87 -14.52
N THR A 2 9.27 -23.59 -13.37
CA THR A 2 8.41 -23.31 -12.20
C THR A 2 8.67 -21.91 -11.61
N SER A 3 9.96 -21.61 -11.36
CA SER A 3 10.41 -20.35 -10.76
C SER A 3 10.06 -19.14 -11.65
N THR A 4 10.25 -19.34 -12.97
CA THR A 4 10.04 -18.29 -13.97
C THR A 4 8.53 -18.05 -14.23
N VAL A 5 7.71 -19.11 -14.26
CA VAL A 5 6.26 -18.96 -14.57
C VAL A 5 5.52 -18.23 -13.44
N GLU A 6 5.86 -18.56 -12.17
CA GLU A 6 5.28 -17.88 -10.99
C GLU A 6 5.76 -16.43 -10.92
N PHE A 7 7.04 -16.20 -11.31
CA PHE A 7 7.60 -14.85 -11.50
C PHE A 7 6.73 -14.02 -12.47
N ILE A 8 6.44 -14.60 -13.67
CA ILE A 8 5.67 -13.94 -14.74
C ILE A 8 4.24 -13.58 -14.29
N ASN A 9 3.50 -14.61 -13.84
CA ASN A 9 2.08 -14.47 -13.44
C ASN A 9 1.90 -13.47 -12.30
N ARG A 10 2.79 -13.52 -11.29
CA ARG A 10 2.65 -12.68 -10.09
C ARG A 10 3.06 -11.22 -10.37
N TRP A 11 4.11 -10.99 -11.20
CA TRP A 11 4.47 -9.61 -11.65
C TRP A 11 3.34 -9.01 -12.50
N GLN A 12 2.72 -9.89 -13.31
CA GLN A 12 1.55 -9.55 -14.11
C GLN A 12 0.42 -9.08 -13.18
N ARG A 13 0.20 -9.84 -12.09
CA ARG A 13 -0.80 -9.49 -11.06
C ARG A 13 -0.47 -8.11 -10.45
N ILE A 14 0.80 -7.93 -10.02
CA ILE A 14 1.27 -6.72 -9.32
C ILE A 14 0.95 -5.43 -10.11
N ALA A 15 1.19 -5.46 -11.43
CA ALA A 15 0.96 -4.30 -12.32
C ALA A 15 -0.53 -4.04 -12.60
N LEU A 16 -1.29 -5.13 -12.88
CA LEU A 16 -2.73 -5.05 -13.17
C LEU A 16 -3.50 -4.56 -11.92
N LEU A 17 -3.05 -5.04 -10.74
CA LEU A 17 -3.68 -4.73 -9.44
C LEU A 17 -3.33 -3.31 -9.01
N SER A 18 -2.04 -2.90 -9.18
CA SER A 18 -1.56 -1.55 -8.80
C SER A 18 -2.36 -0.47 -9.53
N GLN A 19 -2.62 -0.72 -10.83
CA GLN A 19 -3.43 0.16 -11.67
C GLN A 19 -4.89 0.20 -11.16
N SER A 20 -5.45 -1.00 -10.88
CA SER A 20 -6.83 -1.16 -10.37
C SER A 20 -7.06 -0.31 -9.10
N LEU A 21 -6.27 -0.59 -8.05
CA LEU A 21 -6.43 0.01 -6.72
C LEU A 21 -6.02 1.48 -6.70
N LEU A 22 -5.14 1.89 -7.64
CA LEU A 22 -4.78 3.31 -7.85
C LEU A 22 -6.05 4.11 -8.19
N GLU A 23 -6.77 3.63 -9.22
CA GLU A 23 -7.99 4.26 -9.71
C GLU A 23 -9.11 4.20 -8.66
N LEU A 24 -9.18 3.08 -7.92
CA LEU A 24 -10.14 2.88 -6.81
C LEU A 24 -9.92 3.94 -5.72
N ALA A 25 -8.64 4.20 -5.40
CA ALA A 25 -8.23 5.24 -4.44
C ALA A 25 -8.64 6.64 -4.91
N GLN A 26 -8.38 6.93 -6.21
CA GLN A 26 -8.73 8.21 -6.85
C GLN A 26 -10.26 8.41 -6.93
N ARG A 27 -11.00 7.29 -6.99
CA ARG A 27 -12.48 7.27 -7.03
C ARG A 27 -13.07 7.46 -5.62
N GLY A 28 -12.27 7.12 -4.58
CA GLY A 28 -12.70 7.21 -3.18
C GLY A 28 -13.08 5.86 -2.59
N GLU A 29 -12.98 4.79 -3.40
CA GLU A 29 -13.16 3.41 -2.94
C GLU A 29 -11.90 2.94 -2.19
N TRP A 30 -11.79 3.36 -0.93
CA TRP A 30 -10.66 3.00 -0.05
C TRP A 30 -10.78 1.53 0.37
N ASP A 31 -12.02 1.03 0.47
CA ASP A 31 -12.28 -0.35 0.89
C ASP A 31 -11.80 -1.34 -0.19
N LEU A 32 -12.05 -0.99 -1.47
CA LEU A 32 -11.60 -1.80 -2.63
C LEU A 32 -10.08 -1.65 -2.86
N LEU A 33 -9.54 -0.46 -2.53
CA LEU A 33 -8.08 -0.21 -2.45
C LEU A 33 -7.42 -1.21 -1.48
N LEU A 34 -8.07 -1.37 -0.29
CA LEU A 34 -7.59 -2.24 0.80
C LEU A 34 -7.94 -3.72 0.56
N GLN A 35 -8.94 -3.98 -0.30
CA GLN A 35 -9.32 -5.35 -0.71
C GLN A 35 -8.24 -5.90 -1.65
N GLN A 36 -7.71 -5.01 -2.51
CA GLN A 36 -6.60 -5.34 -3.41
C GLN A 36 -5.23 -5.10 -2.75
N GLU A 37 -5.18 -4.37 -1.61
CA GLU A 37 -3.95 -4.16 -0.78
C GLU A 37 -3.27 -5.51 -0.48
N VAL A 38 -4.05 -6.41 0.15
CA VAL A 38 -3.58 -7.73 0.57
C VAL A 38 -3.04 -8.54 -0.63
N SER A 39 -3.79 -8.49 -1.75
CA SER A 39 -3.43 -9.19 -3.00
C SER A 39 -2.09 -8.66 -3.57
N TYR A 40 -2.00 -7.34 -3.62
CA TYR A 40 -0.93 -6.57 -4.27
C TYR A 40 0.40 -6.74 -3.52
N LEU A 41 0.41 -6.30 -2.25
CA LEU A 41 1.60 -6.33 -1.39
C LEU A 41 2.11 -7.77 -1.21
N GLN A 42 1.18 -8.73 -1.00
CA GLN A 42 1.54 -10.17 -0.86
C GLN A 42 2.33 -10.68 -2.08
N SER A 43 1.82 -10.35 -3.28
CA SER A 43 2.47 -10.73 -4.56
C SER A 43 3.92 -10.17 -4.66
N ILE A 44 4.09 -8.90 -4.25
CA ILE A 44 5.41 -8.24 -4.22
C ILE A 44 6.37 -8.95 -3.22
N GLU A 45 5.83 -9.23 -2.03
CA GLU A 45 6.57 -9.84 -0.93
C GLU A 45 7.10 -11.24 -1.30
N THR A 46 6.26 -12.05 -1.98
CA THR A 46 6.59 -13.45 -2.30
C THR A 46 7.57 -13.56 -3.49
N VAL A 47 7.44 -12.67 -4.52
CA VAL A 47 8.39 -12.66 -5.66
C VAL A 47 9.79 -12.19 -5.23
N MET A 48 9.85 -11.28 -4.23
CA MET A 48 11.12 -10.72 -3.72
C MET A 48 11.73 -11.62 -2.62
N GLU A 49 10.88 -12.33 -1.87
CA GLU A 49 11.32 -13.29 -0.82
C GLU A 49 12.05 -14.48 -1.47
N LYS A 50 11.57 -14.85 -2.67
CA LYS A 50 12.22 -15.87 -3.51
C LYS A 50 13.36 -15.20 -4.31
N GLN A 51 13.12 -13.93 -4.71
CA GLN A 51 14.02 -13.11 -5.55
C GLN A 51 14.01 -13.58 -7.02
N THR A 52 14.22 -12.62 -7.95
CA THR A 52 14.29 -12.85 -9.40
C THR A 52 15.25 -14.03 -9.75
N PRO A 53 14.72 -15.14 -10.37
CA PRO A 53 15.57 -16.27 -10.83
C PRO A 53 16.50 -15.83 -12.00
N PRO A 54 17.73 -16.44 -12.14
CA PRO A 54 18.68 -16.09 -13.23
C PRO A 54 18.16 -16.50 -14.64
N GLY A 55 17.21 -17.45 -14.67
CA GLY A 55 16.63 -17.93 -15.92
C GLY A 55 15.49 -17.06 -16.42
N ILE A 56 15.80 -15.78 -16.69
CA ILE A 56 14.88 -14.80 -17.28
C ILE A 56 15.49 -14.30 -18.60
N THR A 57 14.85 -14.64 -19.73
CA THR A 57 15.27 -14.19 -21.06
C THR A 57 14.92 -12.71 -21.28
N ARG A 58 15.37 -12.13 -22.40
CA ARG A 58 15.15 -10.71 -22.73
C ARG A 58 13.66 -10.41 -23.00
N SER A 59 12.88 -11.46 -23.38
CA SER A 59 11.44 -11.34 -23.62
C SER A 59 10.69 -11.12 -22.30
N ILE A 60 10.91 -12.05 -21.34
CA ILE A 60 10.29 -12.03 -20.00
C ILE A 60 10.79 -10.83 -19.18
N GLN A 61 12.07 -10.48 -19.37
CA GLN A 61 12.72 -9.30 -18.75
C GLN A 61 12.02 -8.00 -19.18
N ASP A 62 11.69 -7.91 -20.48
CA ASP A 62 10.96 -6.74 -21.05
C ASP A 62 9.54 -6.65 -20.46
N MET A 63 8.87 -7.80 -20.43
CA MET A 63 7.50 -7.97 -19.89
C MET A 63 7.40 -7.41 -18.48
N VAL A 64 8.24 -7.95 -17.59
CA VAL A 64 8.26 -7.57 -16.17
C VAL A 64 8.91 -6.20 -15.95
N ALA A 65 9.75 -5.73 -16.89
CA ALA A 65 10.27 -4.34 -16.86
C ALA A 65 9.09 -3.35 -17.01
N GLY A 66 8.12 -3.73 -17.87
CA GLY A 66 6.88 -2.99 -18.02
C GLY A 66 6.02 -3.07 -16.76
N TYR A 67 5.94 -4.28 -16.18
CA TYR A 67 5.12 -4.55 -14.97
C TYR A 67 5.64 -3.79 -13.73
N ILE A 68 6.97 -3.73 -13.55
CA ILE A 68 7.60 -3.05 -12.40
C ILE A 68 7.51 -1.53 -12.61
N LYS A 69 7.66 -1.07 -13.87
CA LYS A 69 7.51 0.36 -14.21
C LYS A 69 6.09 0.87 -13.89
N GLN A 70 5.08 0.04 -14.23
CA GLN A 70 3.66 0.34 -13.93
C GLN A 70 3.45 0.45 -12.42
N THR A 71 3.93 -0.57 -11.68
CA THR A 71 3.68 -0.68 -10.25
C THR A 71 4.39 0.45 -9.46
N LEU A 72 5.58 0.88 -9.95
CA LEU A 72 6.33 2.02 -9.36
C LEU A 72 5.57 3.33 -9.56
N ASP A 73 5.02 3.50 -10.77
CA ASP A 73 4.23 4.68 -11.14
C ASP A 73 3.02 4.82 -10.22
N ASN A 74 2.18 3.77 -10.22
CA ASN A 74 0.91 3.73 -9.50
C ASN A 74 1.11 3.89 -7.98
N GLU A 75 2.13 3.19 -7.45
CA GLU A 75 2.43 3.16 -6.01
C GLU A 75 3.07 4.49 -5.53
N GLN A 76 3.74 5.20 -6.46
CA GLN A 76 4.28 6.56 -6.20
C GLN A 76 3.14 7.59 -6.14
N LEU A 77 2.15 7.42 -7.03
CA LEU A 77 0.93 8.26 -7.06
C LEU A 77 0.06 7.99 -5.82
N LEU A 78 0.08 6.72 -5.34
CA LEU A 78 -0.54 6.31 -4.07
C LEU A 78 0.19 6.98 -2.90
N LYS A 79 1.53 7.01 -2.97
CA LYS A 79 2.38 7.59 -1.91
C LYS A 79 1.95 9.04 -1.62
N GLY A 80 1.88 9.86 -2.69
CA GLY A 80 1.46 11.26 -2.56
C GLY A 80 0.00 11.42 -2.11
N LEU A 81 -0.92 10.72 -2.82
CA LEU A 81 -2.39 10.83 -2.61
C LEU A 81 -2.77 10.39 -1.17
N LEU A 82 -2.38 9.15 -0.82
CA LEU A 82 -2.69 8.56 0.49
C LEU A 82 -2.02 9.34 1.63
N GLN A 83 -0.84 9.96 1.37
CA GLN A 83 -0.15 10.81 2.38
C GLN A 83 -0.99 12.06 2.71
N GLN A 84 -1.61 12.65 1.66
CA GLN A 84 -2.54 13.79 1.82
C GLN A 84 -3.73 13.39 2.72
N ARG A 85 -4.31 12.22 2.39
CA ARG A 85 -5.44 11.65 3.12
C ARG A 85 -5.09 11.35 4.59
N LEU A 86 -3.93 10.70 4.82
CA LEU A 86 -3.46 10.33 6.17
C LEU A 86 -3.18 11.57 7.03
N ASP A 87 -2.77 12.66 6.37
CA ASP A 87 -2.49 13.95 7.04
C ASP A 87 -3.80 14.57 7.56
N GLU A 88 -4.81 14.63 6.66
CA GLU A 88 -6.14 15.18 6.96
C GLU A 88 -6.83 14.36 8.06
N LEU A 89 -6.84 13.02 7.88
CA LEU A 89 -7.47 12.07 8.83
C LEU A 89 -6.81 12.16 10.22
N SER A 90 -5.46 12.22 10.25
CA SER A 90 -4.68 12.34 11.51
C SER A 90 -4.90 13.69 12.21
N SER A 91 -5.13 14.74 11.40
CA SER A 91 -5.42 16.09 11.91
C SER A 91 -6.81 16.09 12.58
N LEU A 92 -7.76 15.35 11.97
CA LEU A 92 -9.11 15.17 12.49
C LEU A 92 -9.09 14.35 13.79
N ILE A 93 -8.26 13.28 13.82
CA ILE A 93 -8.04 12.42 15.02
C ILE A 93 -7.47 13.27 16.17
N GLY A 94 -6.56 14.20 15.82
CA GLY A 94 -5.94 15.11 16.78
C GLY A 94 -6.94 16.03 17.48
N GLN A 95 -8.03 16.37 16.77
CA GLN A 95 -9.09 17.25 17.28
C GLN A 95 -10.17 16.45 18.05
N VAL A 96 -10.59 15.30 17.48
CA VAL A 96 -11.79 14.57 17.94
C VAL A 96 -11.48 13.57 19.08
N LEU A 97 -10.28 12.96 19.04
CA LEU A 97 -9.84 11.96 20.03
C LEU A 97 -9.09 12.69 21.17
N PHE A 98 -9.65 12.65 22.40
CA PHE A 98 -9.05 13.25 23.59
C PHE A 98 -8.02 12.26 24.19
N GLN A 99 -6.78 12.31 23.68
CA GLN A 99 -5.71 11.35 24.03
C GLN A 99 -5.17 11.56 25.46
N GLY A 100 -5.35 12.78 26.00
CA GLY A 100 -4.84 13.13 27.33
C GLY A 100 -5.61 14.30 27.94
N PRO A 101 -5.35 15.57 27.46
CA PRO A 101 -6.04 16.78 27.96
C PRO A 101 -7.41 17.01 27.27
N SER A 102 -7.96 18.24 27.46
CA SER A 102 -9.24 18.71 26.85
C SER A 102 -10.47 18.01 27.46
N ALA A 103 -10.36 17.65 28.75
CA ALA A 103 -11.46 17.06 29.55
C ALA A 103 -11.16 17.21 31.06
N GLY A 104 -12.10 16.73 31.90
CA GLY A 104 -11.90 16.74 33.36
C GLY A 104 -10.95 15.63 33.82
N LEU A 105 -11.17 14.41 33.28
CA LEU A 105 -10.30 13.23 33.49
C LEU A 105 -9.52 12.95 32.21
N VAL A 106 -8.53 12.03 32.27
CA VAL A 106 -7.77 11.58 31.09
C VAL A 106 -8.59 10.50 30.33
N PRO A 107 -9.17 10.81 29.13
CA PRO A 107 -9.96 9.85 28.32
C PRO A 107 -9.06 9.01 27.39
N ARG A 108 -7.91 8.55 27.93
CA ARG A 108 -6.96 7.69 27.21
C ARG A 108 -7.57 6.27 27.08
N GLY A 109 -8.42 6.10 26.06
CA GLY A 109 -9.15 4.85 25.83
C GLY A 109 -9.63 4.78 24.38
N SER A 110 -8.65 4.88 23.47
CA SER A 110 -8.88 4.93 22.03
C SER A 110 -9.37 3.57 21.48
N GLY A 111 -10.69 3.37 21.50
CA GLY A 111 -11.30 2.13 21.00
C GLY A 111 -12.73 1.96 21.47
N GLY A 112 -13.02 2.40 22.72
CA GLY A 112 -14.34 2.20 23.33
C GLY A 112 -14.80 3.38 24.16
N ILE A 113 -15.20 4.47 23.48
CA ILE A 113 -15.75 5.68 24.12
C ILE A 113 -17.29 5.56 24.13
N GLU A 114 -17.98 6.25 25.07
CA GLU A 114 -19.46 6.31 25.10
C GLU A 114 -19.97 7.36 24.08
N GLY A 115 -21.14 7.09 23.48
CA GLY A 115 -21.71 7.97 22.46
C GLY A 115 -21.21 7.65 21.06
N SER A 116 -21.68 8.44 20.07
CA SER A 116 -21.36 8.25 18.64
C SER A 116 -19.96 8.81 18.27
N ILE A 117 -19.35 9.57 19.21
CA ILE A 117 -17.95 10.04 19.13
C ILE A 117 -17.00 8.83 18.93
N ASP A 118 -17.35 7.69 19.57
CA ASP A 118 -16.66 6.41 19.42
C ASP A 118 -16.57 6.01 17.94
N GLU A 119 -17.72 6.11 17.24
CA GLU A 119 -17.87 5.64 15.85
C GLU A 119 -17.09 6.52 14.88
N THR A 120 -17.20 7.86 14.99
CA THR A 120 -16.50 8.79 14.07
C THR A 120 -14.97 8.71 14.24
N VAL A 121 -14.50 8.59 15.51
CA VAL A 121 -13.08 8.37 15.82
C VAL A 121 -12.62 7.02 15.21
N ALA A 122 -13.49 6.00 15.31
CA ALA A 122 -13.23 4.67 14.75
C ALA A 122 -13.14 4.69 13.22
N ARG A 123 -13.89 5.61 12.56
CA ARG A 123 -13.86 5.77 11.09
C ARG A 123 -12.50 6.32 10.65
N TYR A 124 -12.08 7.42 11.31
CA TYR A 124 -10.81 8.10 11.03
C TYR A 124 -9.62 7.20 11.41
N LYS A 125 -9.78 6.43 12.50
CA LYS A 125 -8.75 5.50 13.00
C LYS A 125 -8.60 4.31 12.07
N ALA A 126 -9.73 3.81 11.55
CA ALA A 126 -9.73 2.69 10.60
C ALA A 126 -9.00 3.07 9.31
N GLN A 127 -9.49 4.14 8.65
CA GLN A 127 -8.93 4.64 7.38
C GLN A 127 -7.45 5.02 7.55
N PHE A 128 -7.10 5.59 8.71
CA PHE A 128 -5.71 5.97 9.01
C PHE A 128 -4.83 4.72 9.08
N THR A 129 -5.10 3.82 10.05
CA THR A 129 -4.28 2.62 10.35
C THR A 129 -4.11 1.72 9.10
N GLN A 130 -5.19 1.58 8.34
CA GLN A 130 -5.23 0.72 7.14
C GLN A 130 -4.35 1.28 6.00
N LEU A 131 -4.57 2.57 5.65
CA LEU A 131 -3.78 3.24 4.58
C LEU A 131 -2.35 3.56 5.04
N ASP A 132 -2.13 3.59 6.36
CA ASP A 132 -0.83 3.92 6.99
C ASP A 132 0.10 2.70 6.98
N THR A 133 -0.45 1.52 7.36
CA THR A 133 0.31 0.26 7.32
C THR A 133 0.54 -0.16 5.86
N MET A 134 -0.44 0.22 4.98
CA MET A 134 -0.30 0.05 3.54
C MET A 134 0.87 0.91 3.04
N MET A 135 0.97 2.15 3.57
CA MET A 135 2.00 3.12 3.17
C MET A 135 3.41 2.67 3.56
N SER A 136 3.57 2.19 4.81
CA SER A 136 4.87 1.74 5.34
C SER A 136 5.40 0.55 4.51
N LYS A 137 4.49 -0.39 4.19
CA LYS A 137 4.81 -1.53 3.34
C LYS A 137 5.08 -1.10 1.89
N LEU A 138 4.23 -0.19 1.34
CA LEU A 138 4.34 0.21 -0.09
C LEU A 138 5.56 1.13 -0.31
N ASN A 139 6.07 1.73 0.77
CA ASN A 139 7.30 2.53 0.73
C ASN A 139 8.52 1.61 0.64
N ASN A 140 8.54 0.58 1.51
CA ASN A 140 9.62 -0.43 1.53
C ASN A 140 9.64 -1.25 0.22
N THR A 141 8.43 -1.54 -0.32
CA THR A 141 8.29 -2.27 -1.59
C THR A 141 8.88 -1.42 -2.72
N SER A 142 8.29 -0.21 -2.97
CA SER A 142 8.73 0.72 -4.04
C SER A 142 10.25 0.98 -4.02
N SER A 143 10.83 0.98 -2.80
CA SER A 143 12.28 1.09 -2.60
C SER A 143 13.02 -0.08 -3.32
N TYR A 144 12.77 -1.34 -2.89
CA TYR A 144 13.47 -2.51 -3.49
C TYR A 144 12.97 -2.81 -4.93
N LEU A 145 11.77 -2.31 -5.28
CA LEU A 145 11.19 -2.45 -6.64
C LEU A 145 11.94 -1.59 -7.65
N THR A 146 12.28 -0.34 -7.26
CA THR A 146 12.98 0.60 -8.15
C THR A 146 14.46 0.24 -8.29
N GLN A 147 15.05 -0.31 -7.20
CA GLN A 147 16.43 -0.87 -7.24
C GLN A 147 16.48 -2.03 -8.26
N GLN A 148 15.54 -2.98 -8.09
CA GLN A 148 15.40 -4.16 -8.96
C GLN A 148 15.11 -3.76 -10.41
N PHE A 149 14.25 -2.75 -10.61
CA PHE A 149 13.87 -2.28 -11.96
C PHE A 149 15.09 -1.74 -12.71
N THR A 150 15.84 -0.86 -12.04
CA THR A 150 17.02 -0.20 -12.61
C THR A 150 18.11 -1.22 -13.03
N ALA A 151 18.29 -2.28 -12.22
CA ALA A 151 19.27 -3.35 -12.50
C ALA A 151 18.76 -4.33 -13.60
N MET A 152 17.50 -4.76 -13.47
CA MET A 152 16.86 -5.74 -14.38
C MET A 152 16.74 -5.17 -15.81
N ASN A 153 16.53 -3.85 -15.88
CA ASN A 153 16.42 -3.12 -17.15
C ASN A 153 17.82 -2.81 -17.68
N LYS A 154 18.62 -2.01 -16.94
CA LYS A 154 20.04 -1.72 -17.31
C LYS A 154 21.02 -2.11 -16.17
N SER A 155 21.35 -3.42 -16.09
CA SER A 155 22.52 -3.90 -15.33
C SER A 155 23.82 -3.16 -15.77
N MET A 1 10.93 -24.17 -15.97
CA MET A 1 11.36 -22.98 -15.21
C MET A 1 10.21 -22.51 -14.27
N THR A 2 10.02 -23.27 -13.17
CA THR A 2 8.88 -23.10 -12.24
C THR A 2 8.86 -21.70 -11.57
N SER A 3 10.00 -21.32 -10.97
CA SER A 3 10.14 -20.05 -10.25
C SER A 3 10.06 -18.84 -11.22
N THR A 4 10.43 -19.09 -12.49
CA THR A 4 10.41 -18.06 -13.55
C THR A 4 8.98 -17.83 -14.08
N VAL A 5 8.17 -18.90 -14.24
CA VAL A 5 6.80 -18.77 -14.79
C VAL A 5 5.87 -18.07 -13.77
N GLU A 6 6.01 -18.42 -12.46
CA GLU A 6 5.25 -17.74 -11.39
C GLU A 6 5.70 -16.28 -11.25
N PHE A 7 7.01 -16.03 -11.41
CA PHE A 7 7.58 -14.67 -11.55
C PHE A 7 6.82 -13.85 -12.63
N ILE A 8 6.68 -14.42 -13.86
CA ILE A 8 6.01 -13.77 -15.01
C ILE A 8 4.54 -13.40 -14.69
N ASN A 9 3.74 -14.43 -14.39
CA ASN A 9 2.28 -14.31 -14.20
C ASN A 9 1.92 -13.37 -13.04
N ARG A 10 2.71 -13.44 -11.95
CA ARG A 10 2.45 -12.62 -10.74
C ARG A 10 2.79 -11.14 -10.99
N TRP A 11 3.88 -10.85 -11.76
CA TRP A 11 4.22 -9.45 -12.16
C TRP A 11 3.11 -8.82 -13.00
N GLN A 12 2.53 -9.63 -13.91
CA GLN A 12 1.34 -9.24 -14.68
C GLN A 12 0.20 -8.82 -13.74
N ARG A 13 -0.07 -9.68 -12.73
CA ARG A 13 -1.12 -9.43 -11.72
C ARG A 13 -0.82 -8.15 -10.91
N ILE A 14 0.47 -7.93 -10.58
CA ILE A 14 0.93 -6.78 -9.75
C ILE A 14 0.59 -5.44 -10.44
N ALA A 15 0.87 -5.34 -11.76
CA ALA A 15 0.58 -4.12 -12.55
C ALA A 15 -0.95 -3.91 -12.74
N LEU A 16 -1.69 -5.03 -12.91
CA LEU A 16 -3.16 -5.02 -13.02
C LEU A 16 -3.82 -4.48 -11.74
N LEU A 17 -3.37 -5.03 -10.60
CA LEU A 17 -3.90 -4.70 -9.27
C LEU A 17 -3.58 -3.26 -8.90
N SER A 18 -2.32 -2.83 -9.13
CA SER A 18 -1.84 -1.47 -8.81
C SER A 18 -2.67 -0.40 -9.54
N GLN A 19 -2.94 -0.66 -10.83
CA GLN A 19 -3.75 0.25 -11.67
C GLN A 19 -5.20 0.34 -11.17
N SER A 20 -5.77 -0.85 -10.85
CA SER A 20 -7.15 -0.97 -10.40
C SER A 20 -7.39 -0.19 -9.07
N LEU A 21 -6.52 -0.45 -8.06
CA LEU A 21 -6.66 0.17 -6.74
C LEU A 21 -6.24 1.65 -6.74
N LEU A 22 -5.40 2.04 -7.73
CA LEU A 22 -5.05 3.46 -7.96
C LEU A 22 -6.32 4.25 -8.31
N GLU A 23 -7.12 3.67 -9.23
CA GLU A 23 -8.42 4.21 -9.63
C GLU A 23 -9.38 4.25 -8.44
N LEU A 24 -9.35 3.20 -7.61
CA LEU A 24 -10.19 3.11 -6.39
C LEU A 24 -9.77 4.13 -5.31
N ALA A 25 -8.48 4.51 -5.30
CA ALA A 25 -7.92 5.51 -4.36
C ALA A 25 -8.41 6.93 -4.72
N GLN A 26 -8.35 7.28 -6.02
CA GLN A 26 -8.80 8.61 -6.51
C GLN A 26 -10.35 8.69 -6.55
N ARG A 27 -11.00 7.53 -6.60
CA ARG A 27 -12.47 7.39 -6.49
C ARG A 27 -12.95 7.59 -5.02
N GLY A 28 -12.00 7.52 -4.07
CA GLY A 28 -12.31 7.60 -2.64
C GLY A 28 -12.87 6.29 -2.08
N GLU A 29 -12.80 5.22 -2.90
CA GLU A 29 -13.30 3.89 -2.55
C GLU A 29 -12.20 3.12 -1.80
N TRP A 30 -12.07 3.44 -0.50
CA TRP A 30 -10.98 2.93 0.35
C TRP A 30 -11.11 1.43 0.65
N ASP A 31 -12.36 0.95 0.77
CA ASP A 31 -12.65 -0.47 1.05
C ASP A 31 -12.16 -1.35 -0.11
N LEU A 32 -12.45 -0.88 -1.34
CA LEU A 32 -12.06 -1.56 -2.58
C LEU A 32 -10.53 -1.46 -2.79
N LEU A 33 -9.96 -0.28 -2.45
CA LEU A 33 -8.49 -0.03 -2.45
C LEU A 33 -7.75 -1.09 -1.59
N LEU A 34 -8.26 -1.27 -0.36
CA LEU A 34 -7.67 -2.17 0.64
C LEU A 34 -7.95 -3.65 0.33
N GLN A 35 -9.03 -3.92 -0.42
CA GLN A 35 -9.38 -5.29 -0.85
C GLN A 35 -8.36 -5.78 -1.90
N GLN A 36 -7.91 -4.86 -2.78
CA GLN A 36 -6.90 -5.16 -3.81
C GLN A 36 -5.47 -5.07 -3.23
N GLU A 37 -5.30 -4.24 -2.18
CA GLU A 37 -4.03 -4.07 -1.40
C GLU A 37 -3.38 -5.40 -1.06
N VAL A 38 -4.14 -6.26 -0.37
CA VAL A 38 -3.63 -7.52 0.17
C VAL A 38 -3.07 -8.43 -0.93
N SER A 39 -3.82 -8.55 -2.05
CA SER A 39 -3.41 -9.34 -3.22
C SER A 39 -2.13 -8.75 -3.85
N TYR A 40 -2.12 -7.42 -3.93
CA TYR A 40 -1.07 -6.63 -4.58
C TYR A 40 0.29 -6.76 -3.86
N LEU A 41 0.34 -6.27 -2.60
CA LEU A 41 1.55 -6.25 -1.77
C LEU A 41 2.09 -7.66 -1.52
N GLN A 42 1.17 -8.64 -1.30
CA GLN A 42 1.56 -10.06 -1.06
C GLN A 42 2.26 -10.65 -2.31
N SER A 43 1.76 -10.30 -3.52
CA SER A 43 2.37 -10.73 -4.80
C SER A 43 3.80 -10.17 -4.99
N ILE A 44 3.98 -8.88 -4.60
CA ILE A 44 5.30 -8.21 -4.65
C ILE A 44 6.31 -8.97 -3.75
N GLU A 45 5.89 -9.24 -2.52
CA GLU A 45 6.74 -9.86 -1.52
C GLU A 45 6.98 -11.35 -1.82
N THR A 46 6.01 -12.02 -2.50
CA THR A 46 6.12 -13.47 -2.80
C THR A 46 7.08 -13.74 -3.98
N VAL A 47 7.18 -12.78 -4.95
CA VAL A 47 8.23 -12.88 -6.00
C VAL A 47 9.61 -12.56 -5.39
N MET A 48 9.63 -11.67 -4.37
CA MET A 48 10.85 -11.31 -3.62
C MET A 48 11.23 -12.34 -2.55
N GLU A 49 10.36 -13.35 -2.31
CA GLU A 49 10.72 -14.56 -1.51
C GLU A 49 11.80 -15.38 -2.25
N LYS A 50 11.77 -15.31 -3.59
CA LYS A 50 12.77 -15.95 -4.47
C LYS A 50 13.97 -15.03 -4.71
N GLN A 51 13.88 -13.75 -4.26
CA GLN A 51 14.91 -12.71 -4.47
C GLN A 51 15.15 -12.46 -5.98
N THR A 52 14.07 -12.66 -6.78
CA THR A 52 14.09 -12.60 -8.24
C THR A 52 15.03 -13.71 -8.82
N PRO A 53 14.47 -14.87 -9.30
CA PRO A 53 15.28 -16.00 -9.83
C PRO A 53 16.18 -15.55 -11.01
N PRO A 54 17.54 -15.72 -10.95
CA PRO A 54 18.46 -15.21 -12.01
C PRO A 54 18.25 -15.85 -13.41
N GLY A 55 17.43 -16.91 -13.48
CA GLY A 55 17.08 -17.55 -14.75
C GLY A 55 15.99 -16.79 -15.52
N ILE A 56 16.29 -15.52 -15.87
CA ILE A 56 15.39 -14.63 -16.62
C ILE A 56 16.08 -14.23 -17.94
N THR A 57 15.53 -14.66 -19.08
CA THR A 57 16.01 -14.23 -20.40
C THR A 57 15.53 -12.79 -20.68
N ARG A 58 16.11 -12.14 -21.72
CA ARG A 58 15.87 -10.71 -22.01
C ARG A 58 14.41 -10.44 -22.47
N SER A 59 13.74 -11.49 -22.96
CA SER A 59 12.33 -11.42 -23.37
C SER A 59 11.42 -11.24 -22.13
N ILE A 60 11.61 -12.14 -21.14
CA ILE A 60 10.86 -12.14 -19.88
C ILE A 60 11.20 -10.89 -19.05
N GLN A 61 12.50 -10.58 -19.02
CA GLN A 61 13.09 -9.36 -18.41
C GLN A 61 12.35 -8.10 -18.86
N ASP A 62 12.14 -7.98 -20.18
CA ASP A 62 11.49 -6.78 -20.78
C ASP A 62 9.98 -6.74 -20.45
N MET A 63 9.30 -7.91 -20.46
CA MET A 63 7.85 -8.00 -20.13
C MET A 63 7.59 -7.50 -18.69
N VAL A 64 8.21 -8.22 -17.73
CA VAL A 64 8.05 -7.97 -16.30
C VAL A 64 8.54 -6.57 -15.90
N ALA A 65 9.59 -6.04 -16.59
CA ALA A 65 10.10 -4.69 -16.33
C ALA A 65 9.07 -3.64 -16.76
N GLY A 66 8.30 -3.95 -17.84
CA GLY A 66 7.14 -3.13 -18.21
C GLY A 66 6.08 -3.10 -17.11
N TYR A 67 5.85 -4.27 -16.49
CA TYR A 67 4.91 -4.42 -15.35
C TYR A 67 5.41 -3.72 -14.07
N ILE A 68 6.74 -3.74 -13.82
CA ILE A 68 7.34 -3.08 -12.64
C ILE A 68 7.27 -1.56 -12.84
N LYS A 69 7.51 -1.11 -14.09
CA LYS A 69 7.42 0.30 -14.47
C LYS A 69 6.01 0.84 -14.15
N GLN A 70 4.99 0.06 -14.53
CA GLN A 70 3.58 0.40 -14.28
C GLN A 70 3.26 0.42 -12.78
N THR A 71 3.78 -0.57 -12.04
CA THR A 71 3.46 -0.72 -10.60
C THR A 71 4.15 0.38 -9.77
N LEU A 72 5.35 0.82 -10.21
CA LEU A 72 6.11 1.93 -9.58
C LEU A 72 5.35 3.25 -9.75
N ASP A 73 4.86 3.45 -10.98
CA ASP A 73 4.06 4.61 -11.36
C ASP A 73 2.84 4.76 -10.43
N ASN A 74 2.00 3.71 -10.39
CA ASN A 74 0.74 3.71 -9.64
C ASN A 74 0.99 3.86 -8.13
N GLU A 75 2.00 3.14 -7.62
CA GLU A 75 2.35 3.08 -6.19
C GLU A 75 3.01 4.38 -5.70
N GLN A 76 3.62 5.12 -6.63
CA GLN A 76 4.18 6.47 -6.37
C GLN A 76 3.04 7.51 -6.29
N LEU A 77 2.01 7.30 -7.10
CA LEU A 77 0.79 8.12 -7.08
C LEU A 77 -0.06 7.81 -5.84
N LEU A 78 0.03 6.56 -5.34
CA LEU A 78 -0.55 6.14 -4.05
C LEU A 78 0.19 6.83 -2.91
N LYS A 79 1.53 6.88 -3.02
CA LYS A 79 2.41 7.53 -2.05
C LYS A 79 1.95 8.98 -1.81
N GLY A 80 1.80 9.74 -2.92
CA GLY A 80 1.37 11.14 -2.86
C GLY A 80 -0.07 11.33 -2.35
N LEU A 81 -1.01 10.60 -2.98
CA LEU A 81 -2.46 10.76 -2.74
C LEU A 81 -2.81 10.34 -1.30
N LEU A 82 -2.35 9.15 -0.90
CA LEU A 82 -2.63 8.60 0.44
C LEU A 82 -1.85 9.38 1.52
N GLN A 83 -0.70 10.00 1.17
CA GLN A 83 0.04 10.90 2.11
C GLN A 83 -0.82 12.09 2.51
N GLN A 84 -1.54 12.66 1.50
CA GLN A 84 -2.52 13.73 1.71
C GLN A 84 -3.61 13.24 2.69
N ARG A 85 -4.18 12.05 2.38
CA ARG A 85 -5.27 11.44 3.15
C ARG A 85 -4.87 11.23 4.62
N LEU A 86 -3.68 10.64 4.84
CA LEU A 86 -3.19 10.26 6.17
C LEU A 86 -2.88 11.49 7.04
N ASP A 87 -2.36 12.55 6.41
CA ASP A 87 -2.02 13.82 7.09
C ASP A 87 -3.31 14.49 7.61
N GLU A 88 -4.35 14.47 6.75
CA GLU A 88 -5.69 15.00 7.06
C GLU A 88 -6.36 14.17 8.17
N LEU A 89 -6.37 12.81 8.01
CA LEU A 89 -7.01 11.88 8.96
C LEU A 89 -6.34 11.92 10.34
N SER A 90 -5.01 12.11 10.35
CA SER A 90 -4.21 12.26 11.59
C SER A 90 -4.64 13.52 12.34
N SER A 91 -4.82 14.63 11.59
CA SER A 91 -5.28 15.91 12.13
C SER A 91 -6.73 15.79 12.66
N LEU A 92 -7.58 15.03 11.92
CA LEU A 92 -9.02 14.85 12.27
C LEU A 92 -9.17 14.13 13.61
N ILE A 93 -8.54 12.94 13.72
CA ILE A 93 -8.55 12.12 14.94
C ILE A 93 -7.84 12.88 16.09
N GLY A 94 -6.81 13.66 15.72
CA GLY A 94 -6.03 14.43 16.68
C GLY A 94 -6.85 15.48 17.44
N GLN A 95 -7.79 16.14 16.74
CA GLN A 95 -8.61 17.23 17.34
C GLN A 95 -9.78 16.66 18.18
N VAL A 96 -10.37 15.54 17.71
CA VAL A 96 -11.60 14.99 18.32
C VAL A 96 -11.30 14.02 19.49
N LEU A 97 -10.22 13.23 19.38
CA LEU A 97 -9.84 12.24 20.42
C LEU A 97 -9.30 13.01 21.64
N PHE A 98 -10.05 12.98 22.74
CA PHE A 98 -9.62 13.54 24.02
C PHE A 98 -8.60 12.58 24.66
N GLN A 99 -7.31 12.87 24.47
CA GLN A 99 -6.21 12.05 25.02
C GLN A 99 -5.67 12.63 26.34
N GLY A 100 -6.41 13.59 26.92
CA GLY A 100 -6.00 14.22 28.18
C GLY A 100 -6.73 15.53 28.41
N PRO A 101 -6.39 16.62 27.64
CA PRO A 101 -7.05 17.95 27.79
C PRO A 101 -8.48 17.96 27.22
N SER A 102 -9.21 19.07 27.52
CA SER A 102 -10.60 19.29 27.09
C SER A 102 -11.56 18.24 27.70
N ALA A 103 -11.19 17.77 28.90
CA ALA A 103 -11.93 16.74 29.66
C ALA A 103 -11.58 16.86 31.15
N GLY A 104 -12.57 16.55 32.02
CA GLY A 104 -12.38 16.59 33.48
C GLY A 104 -11.33 15.59 33.97
N LEU A 105 -11.15 14.50 33.20
CA LEU A 105 -10.15 13.47 33.47
C LEU A 105 -9.31 13.22 32.19
N VAL A 106 -8.45 12.20 32.20
CA VAL A 106 -7.63 11.79 31.04
C VAL A 106 -8.32 10.58 30.36
N PRO A 107 -9.04 10.77 29.20
CA PRO A 107 -9.69 9.67 28.44
C PRO A 107 -8.73 8.95 27.46
N ARG A 108 -7.40 9.10 27.68
CA ARG A 108 -6.36 8.37 26.92
C ARG A 108 -6.42 6.88 27.31
N GLY A 109 -6.94 6.07 26.40
CA GLY A 109 -7.08 4.64 26.61
C GLY A 109 -7.54 3.95 25.35
N SER A 110 -6.60 3.28 24.65
CA SER A 110 -6.90 2.48 23.45
C SER A 110 -7.85 1.31 23.82
N GLY A 111 -9.15 1.55 23.60
CA GLY A 111 -10.19 0.58 23.92
C GLY A 111 -11.55 1.06 23.44
N GLY A 112 -12.05 2.14 24.07
CA GLY A 112 -13.35 2.69 23.76
C GLY A 112 -13.66 3.97 24.53
N ILE A 113 -14.03 5.04 23.82
CA ILE A 113 -14.47 6.31 24.43
C ILE A 113 -16.01 6.24 24.59
N GLU A 114 -16.60 7.06 25.48
CA GLU A 114 -18.08 7.19 25.57
C GLU A 114 -18.56 8.22 24.53
N GLY A 115 -19.69 7.92 23.85
CA GLY A 115 -20.27 8.79 22.83
C GLY A 115 -19.84 8.40 21.42
N SER A 116 -20.42 9.06 20.40
CA SER A 116 -20.15 8.79 18.97
C SER A 116 -18.73 9.24 18.57
N ILE A 117 -18.08 10.04 19.45
CA ILE A 117 -16.65 10.41 19.31
C ILE A 117 -15.77 9.14 19.25
N ASP A 118 -16.17 8.08 20.00
CA ASP A 118 -15.55 6.74 19.92
C ASP A 118 -15.58 6.21 18.49
N GLU A 119 -16.78 6.22 17.91
CA GLU A 119 -17.06 5.63 16.60
C GLU A 119 -16.33 6.39 15.48
N THR A 120 -16.27 7.73 15.58
CA THR A 120 -15.60 8.55 14.55
C THR A 120 -14.07 8.34 14.62
N VAL A 121 -13.54 8.19 15.84
CA VAL A 121 -12.12 7.87 16.07
C VAL A 121 -11.80 6.47 15.52
N ALA A 122 -12.69 5.50 15.80
CA ALA A 122 -12.50 4.10 15.44
C ALA A 122 -12.49 3.89 13.92
N ARG A 123 -13.49 4.49 13.23
CA ARG A 123 -13.70 4.28 11.79
C ARG A 123 -12.67 5.08 10.96
N TYR A 124 -12.32 6.29 11.44
CA TYR A 124 -11.26 7.09 10.80
C TYR A 124 -9.87 6.51 11.11
N LYS A 125 -9.73 5.80 12.26
CA LYS A 125 -8.49 5.05 12.58
C LYS A 125 -8.41 3.79 11.73
N ALA A 126 -9.58 3.22 11.37
CA ALA A 126 -9.63 2.11 10.43
C ALA A 126 -9.07 2.56 9.07
N GLN A 127 -9.58 3.70 8.57
CA GLN A 127 -9.13 4.27 7.29
C GLN A 127 -7.66 4.74 7.38
N PHE A 128 -7.28 5.32 8.54
CA PHE A 128 -5.92 5.86 8.75
C PHE A 128 -4.90 4.71 8.84
N THR A 129 -5.03 3.86 9.88
CA THR A 129 -4.08 2.77 10.17
C THR A 129 -3.94 1.78 8.99
N GLN A 130 -5.04 1.50 8.27
CA GLN A 130 -5.03 0.60 7.11
C GLN A 130 -4.30 1.22 5.90
N LEU A 131 -4.57 2.51 5.60
CA LEU A 131 -3.85 3.26 4.53
C LEU A 131 -2.39 3.60 4.97
N ASP A 132 -2.14 3.57 6.30
CA ASP A 132 -0.82 3.90 6.91
C ASP A 132 0.12 2.69 6.85
N THR A 133 -0.41 1.51 7.22
CA THR A 133 0.33 0.24 7.12
C THR A 133 0.53 -0.11 5.64
N MET A 134 -0.45 0.30 4.79
CA MET A 134 -0.34 0.21 3.33
C MET A 134 0.82 1.09 2.86
N MET A 135 0.88 2.33 3.38
CA MET A 135 1.89 3.33 2.99
C MET A 135 3.32 2.90 3.35
N SER A 136 3.50 2.36 4.56
CA SER A 136 4.81 1.91 5.04
C SER A 136 5.31 0.73 4.18
N LYS A 137 4.38 -0.19 3.85
CA LYS A 137 4.68 -1.33 2.97
C LYS A 137 4.92 -0.89 1.53
N LEU A 138 4.11 0.06 1.00
CA LEU A 138 4.21 0.48 -0.41
C LEU A 138 5.44 1.38 -0.63
N ASN A 139 5.92 1.99 0.47
CA ASN A 139 7.17 2.76 0.48
C ASN A 139 8.35 1.80 0.37
N ASN A 140 8.29 0.74 1.23
CA ASN A 140 9.33 -0.31 1.31
C ASN A 140 9.45 -1.03 -0.03
N THR A 141 8.28 -1.42 -0.59
CA THR A 141 8.19 -2.15 -1.85
C THR A 141 8.77 -1.29 -2.98
N SER A 142 8.15 -0.10 -3.25
CA SER A 142 8.58 0.81 -4.34
C SER A 142 10.09 1.13 -4.31
N SER A 143 10.67 1.16 -3.09
CA SER A 143 12.11 1.37 -2.88
C SER A 143 12.93 0.23 -3.52
N TYR A 144 12.71 -1.02 -3.04
CA TYR A 144 13.46 -2.19 -3.57
C TYR A 144 12.97 -2.60 -4.98
N LEU A 145 11.76 -2.18 -5.35
CA LEU A 145 11.17 -2.47 -6.68
C LEU A 145 11.85 -1.62 -7.76
N THR A 146 12.11 -0.33 -7.46
CA THR A 146 12.73 0.58 -8.43
C THR A 146 14.23 0.27 -8.58
N GLN A 147 14.86 -0.18 -7.48
CA GLN A 147 16.25 -0.68 -7.50
C GLN A 147 16.36 -1.98 -8.32
N GLN A 148 15.42 -2.93 -8.07
CA GLN A 148 15.35 -4.22 -8.79
C GLN A 148 14.97 -3.99 -10.26
N PHE A 149 14.16 -2.95 -10.51
CA PHE A 149 13.74 -2.55 -11.86
C PHE A 149 14.96 -2.14 -12.67
N THR A 150 15.71 -1.17 -12.10
CA THR A 150 16.86 -0.57 -12.78
C THR A 150 18.00 -1.61 -13.00
N ALA A 151 18.14 -2.56 -12.05
CA ALA A 151 19.20 -3.58 -12.11
C ALA A 151 18.84 -4.71 -13.08
N MET A 152 17.67 -5.34 -12.89
CA MET A 152 17.23 -6.50 -13.71
C MET A 152 17.03 -6.07 -15.18
N ASN A 153 16.63 -4.81 -15.38
CA ASN A 153 16.51 -4.20 -16.72
C ASN A 153 17.93 -3.87 -17.26
N LYS A 154 18.60 -2.84 -16.68
CA LYS A 154 19.98 -2.44 -17.10
C LYS A 154 21.00 -2.44 -15.92
N SER A 155 21.48 -3.63 -15.52
CA SER A 155 22.65 -3.74 -14.62
C SER A 155 23.95 -3.59 -15.45
N MET A 1 8.94 -24.70 -15.75
CA MET A 1 9.85 -23.77 -15.06
C MET A 1 9.11 -23.08 -13.89
N THR A 2 9.07 -23.76 -12.72
CA THR A 2 8.28 -23.34 -11.54
C THR A 2 8.57 -21.90 -11.06
N SER A 3 9.85 -21.62 -10.75
CA SER A 3 10.29 -20.33 -10.20
C SER A 3 10.07 -19.17 -11.21
N THR A 4 10.29 -19.48 -12.51
CA THR A 4 10.20 -18.49 -13.58
C THR A 4 8.74 -18.19 -13.97
N VAL A 5 7.84 -19.21 -13.91
CA VAL A 5 6.43 -19.02 -14.32
C VAL A 5 5.65 -18.24 -13.24
N GLU A 6 5.92 -18.55 -11.94
CA GLU A 6 5.30 -17.82 -10.81
C GLU A 6 5.76 -16.35 -10.83
N PHE A 7 7.06 -16.13 -11.15
CA PHE A 7 7.64 -14.80 -11.41
C PHE A 7 6.77 -14.01 -12.45
N ILE A 8 6.52 -14.63 -13.63
CA ILE A 8 5.74 -14.04 -14.75
C ILE A 8 4.32 -13.61 -14.29
N ASN A 9 3.52 -14.61 -13.83
CA ASN A 9 2.09 -14.42 -13.54
C ASN A 9 1.85 -13.45 -12.38
N ARG A 10 2.72 -13.50 -11.35
CA ARG A 10 2.57 -12.65 -10.15
C ARG A 10 2.91 -11.19 -10.46
N TRP A 11 3.99 -10.94 -11.23
CA TRP A 11 4.33 -9.57 -11.70
C TRP A 11 3.20 -8.99 -12.56
N GLN A 12 2.57 -9.86 -13.36
CA GLN A 12 1.38 -9.52 -14.16
C GLN A 12 0.25 -9.04 -13.24
N ARG A 13 0.04 -9.77 -12.11
CA ARG A 13 -0.96 -9.39 -11.10
C ARG A 13 -0.62 -8.04 -10.46
N ILE A 14 0.67 -7.83 -10.14
CA ILE A 14 1.18 -6.61 -9.46
C ILE A 14 0.83 -5.35 -10.29
N ALA A 15 1.02 -5.43 -11.63
CA ALA A 15 0.72 -4.31 -12.55
C ALA A 15 -0.80 -4.06 -12.70
N LEU A 16 -1.57 -5.15 -12.84
CA LEU A 16 -3.04 -5.09 -13.01
C LEU A 16 -3.71 -4.52 -11.74
N LEU A 17 -3.26 -5.02 -10.57
CA LEU A 17 -3.80 -4.64 -9.25
C LEU A 17 -3.46 -3.18 -8.94
N SER A 18 -2.17 -2.79 -9.14
CA SER A 18 -1.69 -1.42 -8.87
C SER A 18 -2.50 -0.37 -9.65
N GLN A 19 -2.78 -0.69 -10.94
CA GLN A 19 -3.59 0.13 -11.83
C GLN A 19 -5.02 0.31 -11.28
N SER A 20 -5.63 -0.83 -10.89
CA SER A 20 -6.99 -0.88 -10.36
C SER A 20 -7.12 -0.02 -9.09
N LEU A 21 -6.34 -0.37 -8.05
CA LEU A 21 -6.41 0.25 -6.71
C LEU A 21 -5.93 1.71 -6.73
N LEU A 22 -5.14 2.08 -7.77
CA LEU A 22 -4.78 3.49 -8.01
C LEU A 22 -6.03 4.30 -8.31
N GLU A 23 -6.78 3.84 -9.34
CA GLU A 23 -8.03 4.49 -9.79
C GLU A 23 -9.14 4.41 -8.72
N LEU A 24 -9.03 3.40 -7.83
CA LEU A 24 -9.95 3.22 -6.68
C LEU A 24 -9.63 4.25 -5.57
N ALA A 25 -8.33 4.44 -5.26
CA ALA A 25 -7.86 5.43 -4.26
C ALA A 25 -8.14 6.86 -4.72
N GLN A 26 -8.00 7.06 -6.04
CA GLN A 26 -8.24 8.33 -6.74
C GLN A 26 -9.75 8.68 -6.71
N ARG A 27 -10.59 7.64 -6.87
CA ARG A 27 -12.07 7.78 -6.82
C ARG A 27 -12.55 7.94 -5.34
N GLY A 28 -11.76 7.42 -4.40
CA GLY A 28 -12.08 7.42 -2.97
C GLY A 28 -12.67 6.09 -2.48
N GLU A 29 -12.65 5.07 -3.36
CA GLU A 29 -13.10 3.70 -3.03
C GLU A 29 -12.03 3.02 -2.14
N TRP A 30 -12.19 3.16 -0.80
CA TRP A 30 -11.20 2.67 0.18
C TRP A 30 -11.37 1.18 0.47
N ASP A 31 -12.63 0.71 0.45
CA ASP A 31 -12.96 -0.71 0.69
C ASP A 31 -12.31 -1.58 -0.39
N LEU A 32 -12.41 -1.11 -1.65
CA LEU A 32 -11.82 -1.78 -2.81
C LEU A 32 -10.29 -1.59 -2.86
N LEU A 33 -9.80 -0.40 -2.44
CA LEU A 33 -8.34 -0.11 -2.34
C LEU A 33 -7.64 -1.15 -1.43
N LEU A 34 -8.23 -1.33 -0.23
CA LEU A 34 -7.69 -2.19 0.83
C LEU A 34 -8.00 -3.68 0.56
N GLN A 35 -9.01 -3.94 -0.29
CA GLN A 35 -9.31 -5.30 -0.78
C GLN A 35 -8.21 -5.79 -1.74
N GLN A 36 -7.69 -4.86 -2.57
CA GLN A 36 -6.63 -5.18 -3.55
C GLN A 36 -5.23 -5.06 -2.90
N GLU A 37 -5.12 -4.22 -1.83
CA GLU A 37 -3.91 -4.03 -0.98
C GLU A 37 -3.25 -5.37 -0.61
N VAL A 38 -4.05 -6.22 0.03
CA VAL A 38 -3.60 -7.49 0.61
C VAL A 38 -2.91 -8.39 -0.45
N SER A 39 -3.59 -8.58 -1.60
CA SER A 39 -3.08 -9.41 -2.71
C SER A 39 -1.84 -8.77 -3.36
N TYR A 40 -1.93 -7.45 -3.58
CA TYR A 40 -0.92 -6.63 -4.28
C TYR A 40 0.45 -6.68 -3.58
N LEU A 41 0.47 -6.22 -2.32
CA LEU A 41 1.68 -6.18 -1.50
C LEU A 41 2.24 -7.61 -1.31
N GLN A 42 1.32 -8.59 -1.09
CA GLN A 42 1.70 -10.02 -0.92
C GLN A 42 2.42 -10.57 -2.17
N SER A 43 1.96 -10.14 -3.36
CA SER A 43 2.54 -10.57 -4.66
C SER A 43 3.99 -10.04 -4.82
N ILE A 44 4.21 -8.77 -4.40
CA ILE A 44 5.54 -8.14 -4.40
C ILE A 44 6.48 -8.89 -3.41
N GLU A 45 5.92 -9.22 -2.24
CA GLU A 45 6.64 -9.89 -1.16
C GLU A 45 7.07 -11.31 -1.55
N THR A 46 6.22 -12.03 -2.31
CA THR A 46 6.46 -13.45 -2.66
C THR A 46 7.38 -13.61 -3.91
N VAL A 47 7.41 -12.61 -4.83
CA VAL A 47 8.41 -12.61 -5.93
C VAL A 47 9.81 -12.32 -5.37
N MET A 48 9.88 -11.42 -4.37
CA MET A 48 11.15 -11.08 -3.68
C MET A 48 11.53 -12.12 -2.61
N GLU A 49 10.54 -12.93 -2.18
CA GLU A 49 10.75 -14.12 -1.31
C GLU A 49 11.54 -15.19 -2.08
N LYS A 50 11.26 -15.25 -3.39
CA LYS A 50 11.90 -16.21 -4.31
C LYS A 50 13.21 -15.60 -4.90
N GLN A 51 13.61 -14.43 -4.32
CA GLN A 51 14.92 -13.76 -4.52
C GLN A 51 15.07 -13.13 -5.92
N THR A 52 14.03 -13.28 -6.78
CA THR A 52 14.10 -12.98 -8.22
C THR A 52 15.22 -13.82 -8.91
N PRO A 53 14.90 -15.07 -9.41
CA PRO A 53 15.89 -15.95 -10.09
C PRO A 53 16.61 -15.22 -11.25
N PRO A 54 17.98 -15.27 -11.32
CA PRO A 54 18.74 -14.50 -12.36
C PRO A 54 18.72 -15.16 -13.76
N GLY A 55 17.99 -16.28 -13.90
CA GLY A 55 17.87 -17.00 -15.17
C GLY A 55 16.67 -16.55 -16.01
N ILE A 56 16.34 -15.25 -15.93
CA ILE A 56 15.25 -14.63 -16.69
C ILE A 56 15.74 -14.25 -18.10
N THR A 57 15.09 -14.80 -19.14
CA THR A 57 15.43 -14.49 -20.55
C THR A 57 14.76 -13.16 -20.99
N ARG A 58 15.08 -12.68 -22.22
CA ARG A 58 14.79 -11.30 -22.65
C ARG A 58 13.28 -11.00 -22.80
N SER A 59 12.49 -12.00 -23.24
CA SER A 59 11.04 -11.82 -23.45
C SER A 59 10.30 -11.67 -22.11
N ILE A 60 10.75 -12.47 -21.12
CA ILE A 60 10.20 -12.48 -19.76
C ILE A 60 10.62 -11.21 -19.01
N GLN A 61 11.89 -10.80 -19.23
CA GLN A 61 12.45 -9.55 -18.66
C GLN A 61 11.68 -8.33 -19.18
N ASP A 62 11.33 -8.36 -20.48
CA ASP A 62 10.59 -7.28 -21.16
C ASP A 62 9.20 -7.10 -20.53
N MET A 63 8.46 -8.22 -20.38
CA MET A 63 7.11 -8.24 -19.77
C MET A 63 7.16 -7.64 -18.35
N VAL A 64 8.06 -8.19 -17.51
CA VAL A 64 8.11 -7.82 -16.09
C VAL A 64 8.74 -6.44 -15.85
N ALA A 65 9.57 -5.96 -16.79
CA ALA A 65 10.08 -4.58 -16.75
C ALA A 65 8.93 -3.59 -16.99
N GLY A 66 8.00 -4.00 -17.90
CA GLY A 66 6.75 -3.26 -18.11
C GLY A 66 5.87 -3.30 -16.87
N TYR A 67 5.79 -4.47 -16.20
CA TYR A 67 4.97 -4.65 -15.00
C TYR A 67 5.50 -3.85 -13.80
N ILE A 68 6.85 -3.78 -13.65
CA ILE A 68 7.50 -3.01 -12.58
C ILE A 68 7.33 -1.50 -12.88
N LYS A 69 7.49 -1.12 -14.15
CA LYS A 69 7.30 0.28 -14.61
C LYS A 69 5.89 0.82 -14.22
N GLN A 70 4.87 -0.01 -14.49
CA GLN A 70 3.47 0.32 -14.18
C GLN A 70 3.27 0.45 -12.66
N THR A 71 3.77 -0.56 -11.91
CA THR A 71 3.57 -0.63 -10.46
C THR A 71 4.35 0.49 -9.74
N LEU A 72 5.47 0.97 -10.35
CA LEU A 72 6.25 2.10 -9.82
C LEU A 72 5.46 3.40 -9.95
N ASP A 73 4.88 3.59 -11.13
CA ASP A 73 4.06 4.75 -11.46
C ASP A 73 2.87 4.86 -10.47
N ASN A 74 2.06 3.79 -10.43
CA ASN A 74 0.82 3.75 -9.67
C ASN A 74 1.06 3.91 -8.15
N GLU A 75 2.06 3.18 -7.63
CA GLU A 75 2.36 3.12 -6.19
C GLU A 75 3.08 4.40 -5.68
N GLN A 76 3.76 5.13 -6.58
CA GLN A 76 4.33 6.47 -6.26
C GLN A 76 3.20 7.52 -6.15
N LEU A 77 2.18 7.38 -7.04
CA LEU A 77 0.98 8.22 -6.99
C LEU A 77 0.17 7.94 -5.71
N LEU A 78 0.17 6.66 -5.26
CA LEU A 78 -0.43 6.26 -3.97
C LEU A 78 0.33 6.90 -2.80
N LYS A 79 1.68 6.87 -2.88
CA LYS A 79 2.58 7.40 -1.85
C LYS A 79 2.20 8.86 -1.50
N GLY A 80 2.13 9.72 -2.53
CA GLY A 80 1.78 11.13 -2.35
C GLY A 80 0.29 11.40 -2.03
N LEU A 81 -0.62 10.71 -2.76
CA LEU A 81 -2.10 10.90 -2.60
C LEU A 81 -2.54 10.49 -1.20
N LEU A 82 -2.18 9.25 -0.81
CA LEU A 82 -2.51 8.70 0.50
C LEU A 82 -1.74 9.44 1.62
N GLN A 83 -0.55 10.05 1.31
CA GLN A 83 0.17 10.89 2.30
C GLN A 83 -0.67 12.11 2.69
N GLN A 84 -1.29 12.75 1.68
CA GLN A 84 -2.23 13.85 1.88
C GLN A 84 -3.39 13.37 2.78
N ARG A 85 -3.99 12.22 2.38
CA ARG A 85 -5.13 11.62 3.07
C ARG A 85 -4.82 11.35 4.56
N LEU A 86 -3.63 10.79 4.84
CA LEU A 86 -3.22 10.43 6.21
C LEU A 86 -2.93 11.66 7.07
N ASP A 87 -2.37 12.70 6.43
CA ASP A 87 -2.08 13.99 7.10
C ASP A 87 -3.39 14.70 7.48
N GLU A 88 -4.39 14.60 6.58
CA GLU A 88 -5.74 15.14 6.78
C GLU A 88 -6.45 14.39 7.94
N LEU A 89 -6.52 13.05 7.81
CA LEU A 89 -7.18 12.16 8.79
C LEU A 89 -6.55 12.32 10.18
N SER A 90 -5.20 12.35 10.23
CA SER A 90 -4.44 12.55 11.49
C SER A 90 -4.81 13.87 12.20
N SER A 91 -4.88 14.95 11.40
CA SER A 91 -5.22 16.29 11.89
C SER A 91 -6.68 16.33 12.43
N LEU A 92 -7.58 15.57 11.77
CA LEU A 92 -8.99 15.44 12.18
C LEU A 92 -9.12 14.63 13.49
N ILE A 93 -8.35 13.53 13.57
CA ILE A 93 -8.33 12.60 14.73
C ILE A 93 -7.85 13.34 15.99
N GLY A 94 -6.84 14.21 15.83
CA GLY A 94 -6.27 14.97 16.96
C GLY A 94 -7.28 15.89 17.65
N GLN A 95 -8.28 16.35 16.87
CA GLN A 95 -9.35 17.23 17.36
C GLN A 95 -10.42 16.44 18.16
N VAL A 96 -10.81 15.26 17.65
CA VAL A 96 -11.98 14.51 18.14
C VAL A 96 -11.62 13.31 19.05
N LEU A 97 -10.36 12.88 19.04
CA LEU A 97 -9.88 11.77 19.91
C LEU A 97 -9.44 12.38 21.25
N PHE A 98 -10.15 12.03 22.31
CA PHE A 98 -9.81 12.40 23.68
C PHE A 98 -9.42 11.14 24.44
N GLN A 99 -8.16 11.10 24.89
CA GLN A 99 -7.60 10.00 25.68
C GLN A 99 -6.83 10.55 26.89
N GLY A 100 -6.92 11.87 27.10
CA GLY A 100 -6.24 12.56 28.18
C GLY A 100 -6.26 14.07 27.95
N PRO A 101 -5.39 14.60 27.02
CA PRO A 101 -5.37 16.03 26.64
C PRO A 101 -6.72 16.51 26.03
N SER A 102 -6.99 17.82 26.19
CA SER A 102 -8.26 18.48 25.77
C SER A 102 -9.49 17.90 26.51
N ALA A 103 -9.24 17.27 27.67
CA ALA A 103 -10.30 16.69 28.53
C ALA A 103 -9.90 16.83 30.00
N GLY A 104 -10.82 17.39 30.81
CA GLY A 104 -10.59 17.56 32.26
C GLY A 104 -10.51 16.23 32.99
N LEU A 105 -11.39 15.28 32.59
CA LEU A 105 -11.37 13.89 33.09
C LEU A 105 -10.33 13.04 32.31
N VAL A 106 -10.20 11.75 32.69
CA VAL A 106 -9.36 10.76 31.98
C VAL A 106 -10.27 9.88 31.08
N PRO A 107 -10.36 10.16 29.74
CA PRO A 107 -11.17 9.38 28.79
C PRO A 107 -10.35 8.33 28.01
N ARG A 108 -9.27 7.82 28.62
CA ARG A 108 -8.40 6.78 28.03
C ARG A 108 -9.11 5.40 28.10
N GLY A 109 -10.01 5.17 27.14
CA GLY A 109 -10.73 3.91 27.00
C GLY A 109 -10.44 3.27 25.65
N SER A 110 -9.15 2.99 25.43
CA SER A 110 -8.63 2.42 24.17
C SER A 110 -9.10 0.96 24.01
N GLY A 111 -10.35 0.80 23.56
CA GLY A 111 -10.99 -0.50 23.45
C GLY A 111 -12.46 -0.37 23.08
N GLY A 112 -13.14 0.61 23.72
CA GLY A 112 -14.57 0.83 23.51
C GLY A 112 -15.10 2.02 24.31
N ILE A 113 -14.99 3.22 23.73
CA ILE A 113 -15.55 4.46 24.29
C ILE A 113 -17.11 4.44 24.11
N GLU A 114 -17.84 5.23 24.91
CA GLU A 114 -19.31 5.36 24.79
C GLU A 114 -19.67 6.58 23.91
N GLY A 115 -20.88 6.60 23.35
CA GLY A 115 -21.38 7.72 22.55
C GLY A 115 -20.94 7.64 21.07
N SER A 116 -21.36 8.66 20.28
CA SER A 116 -21.03 8.75 18.83
C SER A 116 -19.56 9.13 18.61
N ILE A 117 -18.90 9.68 19.66
CA ILE A 117 -17.45 10.02 19.65
C ILE A 117 -16.61 8.77 19.31
N ASP A 118 -16.96 7.63 19.95
CA ASP A 118 -16.26 6.35 19.75
C ASP A 118 -16.24 5.96 18.28
N GLU A 119 -17.44 5.92 17.69
CA GLU A 119 -17.67 5.43 16.33
C GLU A 119 -16.95 6.30 15.29
N THR A 120 -17.19 7.63 15.33
CA THR A 120 -16.61 8.56 14.35
C THR A 120 -15.06 8.52 14.36
N VAL A 121 -14.47 8.59 15.57
CA VAL A 121 -13.01 8.57 15.75
C VAL A 121 -12.43 7.23 15.28
N ALA A 122 -13.11 6.13 15.65
CA ALA A 122 -12.68 4.76 15.29
C ALA A 122 -12.67 4.55 13.78
N ARG A 123 -13.59 5.23 13.05
CA ARG A 123 -13.66 5.13 11.58
C ARG A 123 -12.48 5.87 10.93
N TYR A 124 -12.18 7.09 11.43
CA TYR A 124 -11.01 7.88 10.96
C TYR A 124 -9.69 7.16 11.32
N LYS A 125 -9.67 6.49 12.50
CA LYS A 125 -8.50 5.78 13.02
C LYS A 125 -8.25 4.50 12.24
N ALA A 126 -9.34 3.78 11.90
CA ALA A 126 -9.26 2.53 11.11
C ALA A 126 -8.75 2.83 9.69
N GLN A 127 -9.35 3.84 9.05
CA GLN A 127 -8.93 4.30 7.71
C GLN A 127 -7.47 4.77 7.70
N PHE A 128 -7.08 5.51 8.77
CA PHE A 128 -5.70 5.98 8.95
C PHE A 128 -4.73 4.78 8.99
N THR A 129 -5.01 3.84 9.91
CA THR A 129 -4.13 2.68 10.22
C THR A 129 -4.00 1.71 9.02
N GLN A 130 -5.07 1.58 8.24
CA GLN A 130 -5.12 0.66 7.07
C GLN A 130 -4.35 1.24 5.87
N LEU A 131 -4.56 2.53 5.59
CA LEU A 131 -3.78 3.26 4.55
C LEU A 131 -2.32 3.49 5.03
N ASP A 132 -2.10 3.42 6.37
CA ASP A 132 -0.78 3.58 7.01
C ASP A 132 0.09 2.33 6.83
N THR A 133 -0.49 1.14 7.13
CA THR A 133 0.21 -0.15 6.95
C THR A 133 0.42 -0.42 5.45
N MET A 134 -0.55 0.01 4.62
CA MET A 134 -0.42 -0.04 3.16
C MET A 134 0.76 0.83 2.72
N MET A 135 0.87 2.04 3.30
CA MET A 135 1.91 3.02 2.95
C MET A 135 3.31 2.56 3.33
N SER A 136 3.47 2.07 4.56
CA SER A 136 4.78 1.61 5.07
C SER A 136 5.32 0.44 4.23
N LYS A 137 4.40 -0.47 3.86
CA LYS A 137 4.73 -1.58 2.97
C LYS A 137 4.98 -1.11 1.54
N LEU A 138 4.16 -0.16 1.01
CA LEU A 138 4.29 0.30 -0.38
C LEU A 138 5.51 1.24 -0.55
N ASN A 139 6.00 1.79 0.57
CA ASN A 139 7.20 2.64 0.62
C ASN A 139 8.46 1.77 0.57
N ASN A 140 8.43 0.67 1.38
CA ASN A 140 9.49 -0.35 1.41
C ASN A 140 9.63 -1.00 0.02
N THR A 141 8.48 -1.41 -0.54
CA THR A 141 8.43 -2.07 -1.84
C THR A 141 8.95 -1.13 -2.93
N SER A 142 8.33 0.07 -3.08
CA SER A 142 8.71 1.08 -4.10
C SER A 142 10.22 1.37 -4.12
N SER A 143 10.82 1.40 -2.91
CA SER A 143 12.27 1.59 -2.74
C SER A 143 13.06 0.47 -3.46
N TYR A 144 12.85 -0.81 -3.05
CA TYR A 144 13.60 -1.95 -3.63
C TYR A 144 13.12 -2.32 -5.05
N LEU A 145 11.89 -1.90 -5.42
CA LEU A 145 11.31 -2.17 -6.75
C LEU A 145 11.95 -1.28 -7.81
N THR A 146 12.15 0.01 -7.48
CA THR A 146 12.78 0.97 -8.40
C THR A 146 14.30 0.66 -8.51
N GLN A 147 14.89 0.13 -7.42
CA GLN A 147 16.27 -0.39 -7.44
C GLN A 147 16.38 -1.65 -8.35
N GLN A 148 15.39 -2.55 -8.21
CA GLN A 148 15.31 -3.79 -9.00
C GLN A 148 14.98 -3.48 -10.47
N PHE A 149 14.26 -2.36 -10.72
CA PHE A 149 13.87 -1.95 -12.08
C PHE A 149 15.09 -1.44 -12.84
N THR A 150 15.85 -0.54 -12.18
CA THR A 150 17.10 0.00 -12.73
C THR A 150 18.08 -1.14 -13.06
N ALA A 151 18.17 -2.12 -12.14
CA ALA A 151 19.06 -3.28 -12.29
C ALA A 151 18.58 -4.25 -13.39
N MET A 152 17.29 -4.61 -13.38
CA MET A 152 16.72 -5.63 -14.28
C MET A 152 16.76 -5.16 -15.75
N ASN A 153 16.62 -3.83 -15.93
CA ASN A 153 16.72 -3.18 -17.25
C ASN A 153 18.20 -2.91 -17.61
N LYS A 154 18.89 -2.04 -16.82
CA LYS A 154 20.36 -1.78 -16.99
C LYS A 154 21.15 -1.99 -15.65
N SER A 155 21.49 -3.25 -15.32
CA SER A 155 22.47 -3.55 -14.25
C SER A 155 23.89 -3.13 -14.69
N MET A 1 8.71 -24.52 -16.26
CA MET A 1 9.76 -23.80 -15.51
C MET A 1 9.10 -22.93 -14.44
N THR A 2 8.88 -23.53 -13.25
CA THR A 2 8.05 -22.98 -12.17
C THR A 2 8.54 -21.61 -11.64
N SER A 3 9.84 -21.49 -11.33
CA SER A 3 10.42 -20.25 -10.77
C SER A 3 10.20 -19.03 -11.72
N THR A 4 10.44 -19.27 -13.01
CA THR A 4 10.35 -18.24 -14.04
C THR A 4 8.88 -17.91 -14.40
N VAL A 5 7.98 -18.91 -14.37
CA VAL A 5 6.56 -18.70 -14.73
C VAL A 5 5.82 -17.97 -13.59
N GLU A 6 6.11 -18.33 -12.31
CA GLU A 6 5.51 -17.67 -11.14
C GLU A 6 5.97 -16.21 -11.07
N PHE A 7 7.24 -16.00 -11.45
CA PHE A 7 7.84 -14.67 -11.63
C PHE A 7 6.99 -13.82 -12.62
N ILE A 8 6.85 -14.29 -13.87
CA ILE A 8 6.10 -13.59 -14.95
C ILE A 8 4.63 -13.31 -14.57
N ASN A 9 3.94 -14.40 -14.21
CA ASN A 9 2.49 -14.38 -13.86
C ASN A 9 2.16 -13.36 -12.77
N ARG A 10 2.95 -13.37 -11.69
CA ARG A 10 2.67 -12.53 -10.51
C ARG A 10 3.15 -11.10 -10.72
N TRP A 11 4.16 -10.85 -11.57
CA TRP A 11 4.54 -9.47 -11.95
C TRP A 11 3.42 -8.81 -12.78
N GLN A 12 2.80 -9.61 -13.66
CA GLN A 12 1.58 -9.19 -14.38
C GLN A 12 0.48 -8.81 -13.38
N ARG A 13 0.29 -9.68 -12.36
CA ARG A 13 -0.68 -9.43 -11.28
C ARG A 13 -0.36 -8.11 -10.55
N ILE A 14 0.92 -7.89 -10.22
CA ILE A 14 1.37 -6.70 -9.45
C ILE A 14 0.96 -5.39 -10.19
N ALA A 15 1.16 -5.36 -11.52
CA ALA A 15 0.80 -4.19 -12.37
C ALA A 15 -0.74 -3.99 -12.47
N LEU A 16 -1.47 -5.11 -12.67
CA LEU A 16 -2.94 -5.10 -12.81
C LEU A 16 -3.62 -4.63 -11.51
N LEU A 17 -3.16 -5.20 -10.38
CA LEU A 17 -3.74 -4.97 -9.05
C LEU A 17 -3.50 -3.53 -8.61
N SER A 18 -2.25 -3.05 -8.79
CA SER A 18 -1.85 -1.66 -8.41
C SER A 18 -2.70 -0.63 -9.16
N GLN A 19 -2.84 -0.83 -10.47
CA GLN A 19 -3.64 0.02 -11.37
C GLN A 19 -5.11 0.09 -10.91
N SER A 20 -5.68 -1.09 -10.59
CA SER A 20 -7.08 -1.22 -10.15
C SER A 20 -7.30 -0.42 -8.83
N LEU A 21 -6.55 -0.80 -7.77
CA LEU A 21 -6.71 -0.20 -6.41
C LEU A 21 -6.30 1.28 -6.39
N LEU A 22 -5.45 1.69 -7.35
CA LEU A 22 -5.07 3.10 -7.54
C LEU A 22 -6.32 3.92 -7.88
N GLU A 23 -7.00 3.48 -8.96
CA GLU A 23 -8.21 4.15 -9.45
C GLU A 23 -9.33 4.12 -8.40
N LEU A 24 -9.40 3.02 -7.63
CA LEU A 24 -10.39 2.86 -6.54
C LEU A 24 -10.11 3.88 -5.41
N ALA A 25 -8.84 4.01 -5.01
CA ALA A 25 -8.39 4.95 -3.95
C ALA A 25 -8.53 6.42 -4.41
N GLN A 26 -8.30 6.63 -5.71
CA GLN A 26 -8.35 7.95 -6.35
C GLN A 26 -9.81 8.41 -6.57
N ARG A 27 -10.71 7.42 -6.66
CA ARG A 27 -12.17 7.65 -6.63
C ARG A 27 -12.65 7.89 -5.18
N GLY A 28 -11.88 7.35 -4.21
CA GLY A 28 -12.19 7.48 -2.77
C GLY A 28 -12.78 6.20 -2.17
N GLU A 29 -12.94 5.15 -3.00
CA GLU A 29 -13.32 3.80 -2.55
C GLU A 29 -12.15 3.12 -1.83
N TRP A 30 -12.00 3.45 -0.54
CA TRP A 30 -10.97 2.88 0.33
C TRP A 30 -11.25 1.39 0.57
N ASP A 31 -12.54 1.04 0.67
CA ASP A 31 -12.96 -0.36 0.89
C ASP A 31 -12.42 -1.29 -0.22
N LEU A 32 -12.56 -0.84 -1.48
CA LEU A 32 -12.13 -1.59 -2.66
C LEU A 32 -10.59 -1.59 -2.78
N LEU A 33 -9.95 -0.46 -2.39
CA LEU A 33 -8.48 -0.34 -2.26
C LEU A 33 -7.91 -1.44 -1.34
N LEU A 34 -8.48 -1.54 -0.13
CA LEU A 34 -8.02 -2.42 0.95
C LEU A 34 -8.29 -3.90 0.62
N GLN A 35 -9.34 -4.14 -0.18
CA GLN A 35 -9.66 -5.47 -0.72
C GLN A 35 -8.48 -5.98 -1.57
N GLN A 36 -7.97 -5.07 -2.42
CA GLN A 36 -6.90 -5.38 -3.38
C GLN A 36 -5.50 -5.18 -2.76
N GLU A 37 -5.44 -4.51 -1.59
CA GLU A 37 -4.17 -4.24 -0.84
C GLU A 37 -3.39 -5.53 -0.60
N VAL A 38 -4.06 -6.48 0.06
CA VAL A 38 -3.48 -7.77 0.45
C VAL A 38 -2.97 -8.55 -0.77
N SER A 39 -3.75 -8.53 -1.86
CA SER A 39 -3.41 -9.24 -3.10
C SER A 39 -2.13 -8.67 -3.73
N TYR A 40 -2.08 -7.33 -3.75
CA TYR A 40 -1.01 -6.57 -4.40
C TYR A 40 0.34 -6.75 -3.67
N LEU A 41 0.36 -6.36 -2.39
CA LEU A 41 1.56 -6.39 -1.55
C LEU A 41 2.09 -7.83 -1.42
N GLN A 42 1.17 -8.81 -1.28
CA GLN A 42 1.51 -10.25 -1.18
C GLN A 42 2.22 -10.75 -2.45
N SER A 43 1.74 -10.30 -3.63
CA SER A 43 2.35 -10.64 -4.93
C SER A 43 3.81 -10.11 -5.01
N ILE A 44 4.03 -8.89 -4.50
CA ILE A 44 5.39 -8.29 -4.40
C ILE A 44 6.26 -9.12 -3.43
N GLU A 45 5.66 -9.51 -2.30
CA GLU A 45 6.35 -10.27 -1.25
C GLU A 45 6.82 -11.63 -1.78
N THR A 46 5.95 -12.36 -2.49
CA THR A 46 6.21 -13.74 -2.94
C THR A 46 7.26 -13.79 -4.10
N VAL A 47 7.26 -12.76 -5.00
CA VAL A 47 8.33 -12.67 -6.05
C VAL A 47 9.70 -12.35 -5.42
N MET A 48 9.70 -11.58 -4.31
CA MET A 48 10.92 -11.23 -3.56
C MET A 48 11.35 -12.34 -2.58
N GLU A 49 10.42 -13.24 -2.21
CA GLU A 49 10.73 -14.43 -1.37
C GLU A 49 11.40 -15.51 -2.21
N LYS A 50 11.05 -15.57 -3.50
CA LYS A 50 11.73 -16.42 -4.48
C LYS A 50 12.98 -15.68 -5.04
N GLN A 51 13.14 -14.38 -4.62
CA GLN A 51 14.36 -13.56 -4.78
C GLN A 51 14.70 -13.24 -6.25
N THR A 52 13.73 -13.48 -7.16
CA THR A 52 13.92 -13.43 -8.63
C THR A 52 14.92 -14.55 -9.09
N PRO A 53 14.46 -15.57 -9.88
CA PRO A 53 15.36 -16.61 -10.48
C PRO A 53 16.38 -15.97 -11.48
N PRO A 54 17.64 -16.51 -11.58
CA PRO A 54 18.66 -16.00 -12.56
C PRO A 54 18.35 -16.37 -14.02
N GLY A 55 17.43 -17.34 -14.22
CA GLY A 55 17.04 -17.82 -15.55
C GLY A 55 15.97 -16.96 -16.20
N ILE A 56 16.29 -15.66 -16.39
CA ILE A 56 15.39 -14.66 -16.99
C ILE A 56 16.04 -14.11 -18.27
N THR A 57 15.46 -14.46 -19.44
CA THR A 57 15.93 -13.97 -20.76
C THR A 57 15.47 -12.52 -20.99
N ARG A 58 15.96 -11.89 -22.08
CA ARG A 58 15.77 -10.44 -22.35
C ARG A 58 14.30 -10.09 -22.65
N SER A 59 13.55 -11.07 -23.18
CA SER A 59 12.12 -10.91 -23.50
C SER A 59 11.30 -10.85 -22.21
N ILE A 60 11.60 -11.80 -21.29
CA ILE A 60 10.94 -11.87 -19.97
C ILE A 60 11.27 -10.63 -19.13
N GLN A 61 12.56 -10.23 -19.18
CA GLN A 61 13.09 -9.00 -18.57
C GLN A 61 12.25 -7.79 -18.99
N ASP A 62 12.04 -7.66 -20.32
CA ASP A 62 11.33 -6.51 -20.91
C ASP A 62 9.86 -6.46 -20.46
N MET A 63 9.19 -7.64 -20.47
CA MET A 63 7.77 -7.75 -20.06
C MET A 63 7.60 -7.29 -18.60
N VAL A 64 8.32 -7.99 -17.69
CA VAL A 64 8.18 -7.77 -16.24
C VAL A 64 8.64 -6.38 -15.83
N ALA A 65 9.71 -5.86 -16.45
CA ALA A 65 10.22 -4.50 -16.17
C ALA A 65 9.19 -3.44 -16.58
N GLY A 66 8.42 -3.75 -17.65
CA GLY A 66 7.26 -2.94 -18.03
C GLY A 66 6.19 -2.94 -16.94
N TYR A 67 5.90 -4.14 -16.40
CA TYR A 67 4.93 -4.31 -15.30
C TYR A 67 5.41 -3.62 -14.00
N ILE A 68 6.74 -3.61 -13.78
CA ILE A 68 7.35 -2.96 -12.61
C ILE A 68 7.19 -1.44 -12.74
N LYS A 69 7.47 -0.91 -13.95
CA LYS A 69 7.37 0.53 -14.25
C LYS A 69 5.93 1.03 -14.03
N GLN A 70 4.95 0.21 -14.46
CA GLN A 70 3.51 0.51 -14.27
C GLN A 70 3.17 0.57 -12.78
N THR A 71 3.60 -0.46 -12.05
CA THR A 71 3.26 -0.62 -10.64
C THR A 71 3.96 0.46 -9.78
N LEU A 72 5.15 0.93 -10.24
CA LEU A 72 5.90 2.02 -9.61
C LEU A 72 5.17 3.34 -9.79
N ASP A 73 4.58 3.54 -10.98
CA ASP A 73 3.80 4.74 -11.30
C ASP A 73 2.57 4.83 -10.39
N ASN A 74 1.83 3.73 -10.32
CA ASN A 74 0.60 3.60 -9.53
C ASN A 74 0.89 3.79 -8.04
N GLU A 75 1.95 3.13 -7.57
CA GLU A 75 2.37 3.12 -6.16
C GLU A 75 3.09 4.43 -5.75
N GLN A 76 3.62 5.16 -6.76
CA GLN A 76 4.18 6.52 -6.56
C GLN A 76 3.02 7.50 -6.25
N LEU A 77 1.92 7.33 -6.98
CA LEU A 77 0.68 8.09 -6.76
C LEU A 77 0.02 7.68 -5.44
N LEU A 78 0.08 6.38 -5.09
CA LEU A 78 -0.40 5.88 -3.77
C LEU A 78 0.43 6.49 -2.65
N LYS A 79 1.74 6.61 -2.87
CA LYS A 79 2.67 7.20 -1.91
C LYS A 79 2.24 8.64 -1.55
N GLY A 80 2.10 9.48 -2.59
CA GLY A 80 1.69 10.87 -2.42
C GLY A 80 0.29 11.02 -1.86
N LEU A 81 -0.69 10.43 -2.58
CA LEU A 81 -2.14 10.52 -2.28
C LEU A 81 -2.43 10.01 -0.85
N LEU A 82 -2.08 8.75 -0.56
CA LEU A 82 -2.41 8.12 0.73
C LEU A 82 -1.67 8.80 1.90
N GLN A 83 -0.41 9.26 1.68
CA GLN A 83 0.35 10.01 2.74
C GLN A 83 -0.33 11.35 3.08
N GLN A 84 -0.84 12.02 2.04
CA GLN A 84 -1.63 13.26 2.19
C GLN A 84 -2.88 12.99 3.02
N ARG A 85 -3.59 11.91 2.66
CA ARG A 85 -4.81 11.45 3.36
C ARG A 85 -4.53 11.20 4.84
N LEU A 86 -3.42 10.49 5.14
CA LEU A 86 -3.03 10.11 6.51
C LEU A 86 -2.65 11.35 7.35
N ASP A 87 -2.09 12.36 6.67
CA ASP A 87 -1.70 13.63 7.31
C ASP A 87 -2.94 14.40 7.77
N GLU A 88 -3.90 14.48 6.86
CA GLU A 88 -5.19 15.15 7.09
C GLU A 88 -5.99 14.40 8.17
N LEU A 89 -6.03 13.06 8.08
CA LEU A 89 -6.73 12.19 9.04
C LEU A 89 -6.10 12.28 10.43
N SER A 90 -4.76 12.35 10.50
CA SER A 90 -4.01 12.45 11.77
C SER A 90 -4.36 13.78 12.50
N SER A 91 -4.49 14.85 11.69
CA SER A 91 -4.88 16.18 12.18
C SER A 91 -6.34 16.17 12.68
N LEU A 92 -7.20 15.40 11.96
CA LEU A 92 -8.61 15.23 12.34
C LEU A 92 -8.74 14.46 13.67
N ILE A 93 -7.92 13.39 13.84
CA ILE A 93 -7.90 12.55 15.06
C ILE A 93 -7.45 13.38 16.27
N GLY A 94 -6.47 14.28 16.03
CA GLY A 94 -5.97 15.19 17.08
C GLY A 94 -7.03 16.19 17.59
N GLN A 95 -8.09 16.41 16.77
CA GLN A 95 -9.19 17.34 17.10
C GLN A 95 -10.41 16.59 17.68
N VAL A 96 -10.74 15.43 17.08
CA VAL A 96 -11.98 14.67 17.42
C VAL A 96 -11.79 13.79 18.67
N LEU A 97 -10.57 13.27 18.85
CA LEU A 97 -10.22 12.44 20.02
C LEU A 97 -9.49 13.34 21.04
N PHE A 98 -10.15 13.59 22.18
CA PHE A 98 -9.57 14.34 23.30
C PHE A 98 -9.01 13.33 24.31
N GLN A 99 -7.76 12.90 24.05
CA GLN A 99 -7.10 11.80 24.82
C GLN A 99 -6.47 12.30 26.13
N GLY A 100 -6.49 13.62 26.34
CA GLY A 100 -5.92 14.25 27.54
C GLY A 100 -6.24 15.74 27.59
N PRO A 101 -5.75 16.58 26.62
CA PRO A 101 -6.12 18.02 26.53
C PRO A 101 -7.61 18.21 26.21
N SER A 102 -8.20 19.30 26.76
CA SER A 102 -9.63 19.66 26.59
C SER A 102 -10.59 18.62 27.21
N ALA A 103 -10.05 17.79 28.11
CA ALA A 103 -10.81 16.75 28.83
C ALA A 103 -10.61 16.91 30.36
N GLY A 104 -11.72 16.97 31.11
CA GLY A 104 -11.69 17.14 32.58
C GLY A 104 -11.17 15.91 33.31
N LEU A 105 -11.22 14.76 32.61
CA LEU A 105 -10.69 13.47 33.08
C LEU A 105 -9.69 12.92 32.05
N VAL A 106 -8.99 11.84 32.39
CA VAL A 106 -8.09 11.13 31.48
C VAL A 106 -8.86 9.95 30.86
N PRO A 107 -9.32 10.05 29.56
CA PRO A 107 -10.07 8.97 28.88
C PRO A 107 -9.16 8.10 28.00
N ARG A 108 -7.94 7.83 28.50
CA ARG A 108 -6.94 7.01 27.79
C ARG A 108 -7.39 5.55 27.74
N GLY A 109 -8.07 5.19 26.63
CA GLY A 109 -8.52 3.83 26.38
C GLY A 109 -8.03 3.33 25.03
N SER A 110 -7.29 2.21 25.02
CA SER A 110 -6.67 1.64 23.81
C SER A 110 -7.58 0.62 23.10
N GLY A 111 -8.90 0.79 23.26
CA GLY A 111 -9.91 -0.03 22.59
C GLY A 111 -11.15 0.78 22.24
N GLY A 112 -12.12 0.80 23.17
CA GLY A 112 -13.38 1.50 22.95
C GLY A 112 -13.48 2.79 23.76
N ILE A 113 -13.97 3.87 23.13
CA ILE A 113 -14.35 5.11 23.80
C ILE A 113 -15.87 5.07 24.09
N GLU A 114 -16.32 5.85 25.08
CA GLU A 114 -17.75 6.02 25.40
C GLU A 114 -18.42 6.95 24.37
N GLY A 115 -19.63 6.58 23.91
CA GLY A 115 -20.44 7.44 23.04
C GLY A 115 -20.23 7.19 21.54
N SER A 116 -20.96 7.96 20.70
CA SER A 116 -20.89 7.87 19.21
C SER A 116 -19.57 8.44 18.67
N ILE A 117 -18.89 9.25 19.51
CA ILE A 117 -17.53 9.77 19.25
C ILE A 117 -16.58 8.59 18.98
N ASP A 118 -16.78 7.46 19.69
CA ASP A 118 -16.02 6.21 19.45
C ASP A 118 -16.10 5.78 17.99
N GLU A 119 -17.33 5.72 17.47
CA GLU A 119 -17.62 5.19 16.13
C GLU A 119 -16.94 6.05 15.04
N THR A 120 -17.16 7.37 15.11
CA THR A 120 -16.62 8.30 14.09
C THR A 120 -15.08 8.38 14.15
N VAL A 121 -14.51 8.38 15.38
CA VAL A 121 -13.04 8.40 15.57
C VAL A 121 -12.43 7.06 15.15
N ALA A 122 -13.20 5.97 15.30
CA ALA A 122 -12.77 4.63 14.86
C ALA A 122 -12.81 4.51 13.34
N ARG A 123 -13.64 5.34 12.66
CA ARG A 123 -13.67 5.44 11.18
C ARG A 123 -12.41 6.18 10.69
N TYR A 124 -12.02 7.25 11.40
CA TYR A 124 -10.76 7.96 11.13
C TYR A 124 -9.57 7.02 11.35
N LYS A 125 -9.56 6.39 12.52
CA LYS A 125 -8.51 5.47 12.98
C LYS A 125 -8.46 4.21 12.11
N ALA A 126 -9.62 3.80 11.56
CA ALA A 126 -9.68 2.66 10.62
C ALA A 126 -8.93 3.01 9.35
N GLN A 127 -9.40 4.05 8.65
CA GLN A 127 -8.83 4.46 7.36
C GLN A 127 -7.38 4.93 7.52
N PHE A 128 -7.07 5.46 8.70
CA PHE A 128 -5.71 5.87 9.07
C PHE A 128 -4.80 4.64 9.11
N THR A 129 -5.08 3.70 10.03
CA THR A 129 -4.21 2.54 10.33
C THR A 129 -4.15 1.53 9.16
N GLN A 130 -5.26 1.41 8.42
CA GLN A 130 -5.36 0.56 7.21
C GLN A 130 -4.47 1.10 6.08
N LEU A 131 -4.64 2.39 5.75
CA LEU A 131 -3.82 3.06 4.72
C LEU A 131 -2.37 3.29 5.24
N ASP A 132 -2.17 3.23 6.57
CA ASP A 132 -0.86 3.41 7.23
C ASP A 132 0.02 2.16 7.10
N THR A 133 -0.58 0.98 7.36
CA THR A 133 0.14 -0.31 7.21
C THR A 133 0.44 -0.53 5.72
N MET A 134 -0.52 -0.13 4.85
CA MET A 134 -0.32 -0.14 3.40
C MET A 134 0.81 0.82 3.01
N MET A 135 0.81 2.03 3.64
CA MET A 135 1.78 3.12 3.35
C MET A 135 3.22 2.65 3.58
N SER A 136 3.47 2.12 4.78
CA SER A 136 4.81 1.67 5.21
C SER A 136 5.31 0.54 4.31
N LYS A 137 4.39 -0.40 3.95
CA LYS A 137 4.74 -1.52 3.09
C LYS A 137 4.96 -1.09 1.64
N LEU A 138 4.11 -0.15 1.13
CA LEU A 138 4.16 0.28 -0.28
C LEU A 138 5.36 1.19 -0.50
N ASN A 139 5.82 1.85 0.58
CA ASN A 139 6.99 2.71 0.57
C ASN A 139 8.27 1.86 0.47
N ASN A 140 8.31 0.80 1.31
CA ASN A 140 9.39 -0.20 1.30
C ASN A 140 9.49 -0.88 -0.07
N THR A 141 8.32 -1.30 -0.59
CA THR A 141 8.25 -2.00 -1.86
C THR A 141 8.75 -1.10 -3.00
N SER A 142 8.08 0.05 -3.25
CA SER A 142 8.44 0.99 -4.36
C SER A 142 9.93 1.40 -4.32
N SER A 143 10.51 1.45 -3.10
CA SER A 143 11.94 1.70 -2.91
C SER A 143 12.79 0.60 -3.61
N TYR A 144 12.68 -0.67 -3.13
CA TYR A 144 13.48 -1.78 -3.70
C TYR A 144 13.00 -2.20 -5.11
N LEU A 145 11.74 -1.84 -5.46
CA LEU A 145 11.12 -2.16 -6.76
C LEU A 145 11.65 -1.24 -7.86
N THR A 146 11.91 0.04 -7.53
CA THR A 146 12.49 0.98 -8.49
C THR A 146 13.97 0.65 -8.69
N GLN A 147 14.63 0.15 -7.63
CA GLN A 147 15.99 -0.43 -7.73
C GLN A 147 15.96 -1.74 -8.54
N GLN A 148 14.89 -2.54 -8.38
CA GLN A 148 14.70 -3.82 -9.10
C GLN A 148 14.51 -3.58 -10.60
N PHE A 149 13.75 -2.51 -10.94
CA PHE A 149 13.50 -2.10 -12.33
C PHE A 149 14.82 -1.72 -13.00
N THR A 150 15.55 -0.81 -12.34
CA THR A 150 16.81 -0.25 -12.86
C THR A 150 17.89 -1.34 -13.02
N ALA A 151 17.91 -2.32 -12.09
CA ALA A 151 18.93 -3.40 -12.08
C ALA A 151 18.62 -4.46 -13.16
N MET A 152 17.38 -4.97 -13.12
CA MET A 152 16.93 -6.07 -14.01
C MET A 152 17.00 -5.64 -15.48
N ASN A 153 16.73 -4.34 -15.72
CA ASN A 153 16.85 -3.74 -17.05
C ASN A 153 18.35 -3.49 -17.37
N LYS A 154 19.00 -2.57 -16.61
CA LYS A 154 20.44 -2.24 -16.76
C LYS A 154 21.24 -2.43 -15.44
N SER A 155 21.66 -3.68 -15.17
CA SER A 155 22.73 -3.97 -14.19
C SER A 155 24.03 -3.18 -14.56
N MET A 1 9.97 -24.47 -16.09
CA MET A 1 10.58 -23.49 -15.17
C MET A 1 9.51 -22.92 -14.21
N THR A 2 9.35 -23.58 -13.05
CA THR A 2 8.31 -23.26 -12.04
C THR A 2 8.55 -21.89 -11.38
N SER A 3 9.83 -21.61 -11.04
CA SER A 3 10.25 -20.34 -10.41
C SER A 3 9.98 -19.14 -11.34
N THR A 4 10.21 -19.36 -12.65
CA THR A 4 10.06 -18.32 -13.67
C THR A 4 8.57 -18.02 -13.96
N VAL A 5 7.73 -19.06 -14.03
CA VAL A 5 6.31 -18.88 -14.37
C VAL A 5 5.55 -18.18 -13.22
N GLU A 6 5.90 -18.53 -11.95
CA GLU A 6 5.29 -17.89 -10.76
C GLU A 6 5.74 -16.41 -10.65
N PHE A 7 7.01 -16.16 -11.03
CA PHE A 7 7.57 -14.80 -11.19
C PHE A 7 6.66 -13.95 -12.13
N ILE A 8 6.46 -14.44 -13.37
CA ILE A 8 5.68 -13.76 -14.43
C ILE A 8 4.23 -13.46 -13.99
N ASN A 9 3.55 -14.53 -13.53
CA ASN A 9 2.11 -14.51 -13.19
C ASN A 9 1.81 -13.53 -12.05
N ARG A 10 2.65 -13.55 -11.00
CA ARG A 10 2.47 -12.70 -9.81
C ARG A 10 2.93 -11.26 -10.06
N TRP A 11 3.88 -11.05 -11.00
CA TRP A 11 4.24 -9.69 -11.47
C TRP A 11 3.06 -9.08 -12.23
N GLN A 12 2.34 -9.93 -13.00
CA GLN A 12 1.13 -9.52 -13.73
C GLN A 12 0.06 -9.05 -12.73
N ARG A 13 -0.04 -9.77 -11.60
CA ARG A 13 -0.89 -9.35 -10.47
C ARG A 13 -0.46 -7.95 -10.00
N ILE A 14 0.83 -7.80 -9.64
CA ILE A 14 1.40 -6.55 -9.08
C ILE A 14 1.07 -5.32 -9.98
N ALA A 15 1.31 -5.45 -11.29
CA ALA A 15 1.11 -4.36 -12.27
C ALA A 15 -0.37 -3.96 -12.42
N LEU A 16 -1.24 -4.97 -12.66
CA LEU A 16 -2.67 -4.76 -12.91
C LEU A 16 -3.43 -4.31 -11.64
N LEU A 17 -2.98 -4.82 -10.47
CA LEU A 17 -3.58 -4.48 -9.18
C LEU A 17 -3.28 -3.03 -8.83
N SER A 18 -1.98 -2.64 -8.87
CA SER A 18 -1.54 -1.26 -8.55
C SER A 18 -2.27 -0.23 -9.41
N GLN A 19 -2.43 -0.56 -10.71
CA GLN A 19 -3.19 0.24 -11.68
C GLN A 19 -4.65 0.44 -11.23
N SER A 20 -5.34 -0.68 -10.95
CA SER A 20 -6.76 -0.69 -10.58
C SER A 20 -7.02 0.05 -9.25
N LEU A 21 -6.27 -0.33 -8.20
CA LEU A 21 -6.45 0.22 -6.84
C LEU A 21 -6.02 1.69 -6.77
N LEU A 22 -5.09 2.11 -7.67
CA LEU A 22 -4.71 3.52 -7.82
C LEU A 22 -5.94 4.33 -8.23
N GLU A 23 -6.63 3.83 -9.28
CA GLU A 23 -7.88 4.43 -9.77
C GLU A 23 -8.93 4.49 -8.65
N LEU A 24 -9.05 3.38 -7.88
CA LEU A 24 -9.99 3.26 -6.75
C LEU A 24 -9.67 4.26 -5.62
N ALA A 25 -8.36 4.54 -5.41
CA ALA A 25 -7.89 5.53 -4.43
C ALA A 25 -8.22 6.97 -4.88
N GLN A 26 -8.07 7.22 -6.19
CA GLN A 26 -8.41 8.52 -6.82
C GLN A 26 -9.93 8.75 -6.81
N ARG A 27 -10.67 7.64 -6.94
CA ARG A 27 -12.14 7.61 -6.92
C ARG A 27 -12.67 7.76 -5.48
N GLY A 28 -11.83 7.35 -4.50
CA GLY A 28 -12.16 7.45 -3.08
C GLY A 28 -12.64 6.14 -2.45
N GLU A 29 -12.78 5.08 -3.27
CA GLU A 29 -13.18 3.75 -2.79
C GLU A 29 -12.03 3.08 -2.01
N TRP A 30 -12.03 3.33 -0.70
CA TRP A 30 -11.01 2.82 0.22
C TRP A 30 -11.22 1.33 0.50
N ASP A 31 -12.49 0.89 0.52
CA ASP A 31 -12.86 -0.54 0.68
C ASP A 31 -12.26 -1.38 -0.46
N LEU A 32 -12.43 -0.88 -1.69
CA LEU A 32 -11.94 -1.56 -2.90
C LEU A 32 -10.41 -1.46 -3.00
N LEU A 33 -9.84 -0.33 -2.53
CA LEU A 33 -8.38 -0.12 -2.42
C LEU A 33 -7.73 -1.22 -1.54
N LEU A 34 -8.31 -1.44 -0.35
CA LEU A 34 -7.83 -2.40 0.67
C LEU A 34 -8.09 -3.86 0.23
N GLN A 35 -9.13 -4.05 -0.61
CA GLN A 35 -9.46 -5.36 -1.20
C GLN A 35 -8.32 -5.82 -2.13
N GLN A 36 -7.78 -4.89 -2.93
CA GLN A 36 -6.71 -5.19 -3.90
C GLN A 36 -5.33 -5.16 -3.21
N GLU A 37 -5.23 -4.39 -2.09
CA GLU A 37 -4.00 -4.21 -1.27
C GLU A 37 -3.38 -5.57 -0.89
N VAL A 38 -4.19 -6.41 -0.24
CA VAL A 38 -3.73 -7.66 0.40
C VAL A 38 -3.01 -8.58 -0.61
N SER A 39 -3.61 -8.75 -1.79
CA SER A 39 -3.06 -9.60 -2.86
C SER A 39 -1.86 -8.92 -3.53
N TYR A 40 -1.93 -7.58 -3.65
CA TYR A 40 -0.90 -6.74 -4.29
C TYR A 40 0.44 -6.84 -3.53
N LEU A 41 0.43 -6.39 -2.27
CA LEU A 41 1.63 -6.37 -1.39
C LEU A 41 2.15 -7.80 -1.17
N GLN A 42 1.21 -8.79 -1.02
CA GLN A 42 1.57 -10.23 -0.93
C GLN A 42 2.41 -10.66 -2.14
N SER A 43 1.92 -10.30 -3.35
CA SER A 43 2.56 -10.68 -4.63
C SER A 43 3.99 -10.09 -4.74
N ILE A 44 4.17 -8.86 -4.23
CA ILE A 44 5.49 -8.19 -4.17
C ILE A 44 6.44 -8.98 -3.25
N GLU A 45 5.97 -9.25 -2.03
CA GLU A 45 6.75 -9.96 -0.98
C GLU A 45 7.17 -11.37 -1.45
N THR A 46 6.26 -12.07 -2.16
CA THR A 46 6.46 -13.47 -2.52
C THR A 46 7.39 -13.62 -3.76
N VAL A 47 7.37 -12.65 -4.72
CA VAL A 47 8.37 -12.64 -5.82
C VAL A 47 9.75 -12.23 -5.26
N MET A 48 9.74 -11.48 -4.13
CA MET A 48 10.95 -11.11 -3.38
C MET A 48 11.42 -12.25 -2.45
N GLU A 49 10.56 -13.26 -2.20
CA GLU A 49 10.99 -14.54 -1.55
C GLU A 49 11.88 -15.36 -2.51
N LYS A 50 11.61 -15.23 -3.83
CA LYS A 50 12.46 -15.79 -4.87
C LYS A 50 13.67 -14.86 -5.16
N GLN A 51 13.52 -13.56 -4.80
CA GLN A 51 14.56 -12.52 -5.01
C GLN A 51 14.91 -12.34 -6.51
N THR A 52 13.87 -12.54 -7.37
CA THR A 52 14.01 -12.62 -8.83
C THR A 52 14.83 -13.87 -9.25
N PRO A 53 14.16 -14.95 -9.79
CA PRO A 53 14.85 -16.11 -10.43
C PRO A 53 15.94 -15.70 -11.46
N PRO A 54 17.09 -16.44 -11.53
CA PRO A 54 18.14 -16.21 -12.57
C PRO A 54 17.69 -16.62 -13.98
N GLY A 55 16.72 -17.56 -14.04
CA GLY A 55 16.21 -18.10 -15.30
C GLY A 55 15.18 -17.21 -15.96
N ILE A 56 15.58 -15.97 -16.25
CA ILE A 56 14.75 -14.95 -16.91
C ILE A 56 15.43 -14.61 -18.25
N THR A 57 14.76 -14.91 -19.37
CA THR A 57 15.26 -14.58 -20.72
C THR A 57 15.01 -13.09 -21.04
N ARG A 58 15.51 -12.62 -22.20
CA ARG A 58 15.42 -11.20 -22.61
C ARG A 58 13.95 -10.78 -22.86
N SER A 59 13.11 -11.74 -23.28
CA SER A 59 11.70 -11.50 -23.56
C SER A 59 10.92 -11.29 -22.24
N ILE A 60 11.16 -12.18 -21.26
CA ILE A 60 10.51 -12.12 -19.93
C ILE A 60 11.00 -10.89 -19.14
N GLN A 61 12.30 -10.56 -19.30
CA GLN A 61 12.91 -9.36 -18.70
C GLN A 61 12.24 -8.09 -19.26
N ASP A 62 12.02 -8.08 -20.58
CA ASP A 62 11.35 -6.97 -21.29
C ASP A 62 9.91 -6.79 -20.79
N MET A 63 9.19 -7.93 -20.65
CA MET A 63 7.80 -7.94 -20.15
C MET A 63 7.76 -7.27 -18.78
N VAL A 64 8.42 -7.90 -17.80
CA VAL A 64 8.35 -7.50 -16.39
C VAL A 64 9.03 -6.15 -16.14
N ALA A 65 9.94 -5.71 -17.02
CA ALA A 65 10.45 -4.33 -17.01
C ALA A 65 9.27 -3.35 -17.15
N GLY A 66 8.36 -3.70 -18.09
CA GLY A 66 7.06 -3.01 -18.23
C GLY A 66 6.15 -3.16 -17.00
N TYR A 67 6.06 -4.39 -16.43
CA TYR A 67 5.18 -4.69 -15.26
C TYR A 67 5.56 -3.82 -14.04
N ILE A 68 6.88 -3.78 -13.74
CA ILE A 68 7.42 -3.05 -12.59
C ILE A 68 7.26 -1.53 -12.83
N LYS A 69 7.52 -1.10 -14.09
CA LYS A 69 7.42 0.34 -14.47
C LYS A 69 5.99 0.88 -14.24
N GLN A 70 4.97 0.04 -14.56
CA GLN A 70 3.55 0.34 -14.26
C GLN A 70 3.37 0.53 -12.76
N THR A 71 3.77 -0.50 -11.99
CA THR A 71 3.51 -0.57 -10.54
C THR A 71 4.26 0.54 -9.78
N LEU A 72 5.40 1.00 -10.32
CA LEU A 72 6.22 2.08 -9.72
C LEU A 72 5.50 3.42 -9.86
N ASP A 73 4.99 3.68 -11.08
CA ASP A 73 4.20 4.88 -11.39
C ASP A 73 3.00 5.00 -10.45
N ASN A 74 2.24 3.91 -10.38
CA ASN A 74 0.97 3.84 -9.65
C ASN A 74 1.19 3.94 -8.13
N GLU A 75 2.21 3.23 -7.63
CA GLU A 75 2.54 3.18 -6.19
C GLU A 75 3.25 4.48 -5.72
N GLN A 76 3.87 5.19 -6.67
CA GLN A 76 4.40 6.56 -6.46
C GLN A 76 3.23 7.53 -6.20
N LEU A 77 2.18 7.39 -7.03
CA LEU A 77 0.97 8.20 -6.92
C LEU A 77 0.14 7.81 -5.69
N LEU A 78 0.25 6.54 -5.25
CA LEU A 78 -0.33 6.10 -3.96
C LEU A 78 0.40 6.78 -2.80
N LYS A 79 1.73 6.86 -2.91
CA LYS A 79 2.58 7.49 -1.89
C LYS A 79 2.15 8.97 -1.68
N GLY A 80 2.04 9.73 -2.79
CA GLY A 80 1.63 11.13 -2.73
C GLY A 80 0.20 11.34 -2.23
N LEU A 81 -0.75 10.67 -2.92
CA LEU A 81 -2.20 10.84 -2.70
C LEU A 81 -2.59 10.38 -1.29
N LEU A 82 -2.23 9.13 -0.94
CA LEU A 82 -2.59 8.54 0.36
C LEU A 82 -1.87 9.24 1.52
N GLN A 83 -0.66 9.82 1.28
CA GLN A 83 0.03 10.65 2.31
C GLN A 83 -0.82 11.88 2.66
N GLN A 84 -1.40 12.51 1.62
CA GLN A 84 -2.32 13.64 1.79
C GLN A 84 -3.54 13.22 2.61
N ARG A 85 -4.14 12.06 2.25
CA ARG A 85 -5.32 11.51 2.93
C ARG A 85 -5.03 11.25 4.43
N LEU A 86 -3.90 10.58 4.70
CA LEU A 86 -3.47 10.18 6.06
C LEU A 86 -3.12 11.37 6.93
N ASP A 87 -2.57 12.42 6.28
CA ASP A 87 -2.21 13.68 6.93
C ASP A 87 -3.48 14.35 7.49
N GLU A 88 -4.52 14.37 6.64
CA GLU A 88 -5.82 14.97 6.96
C GLU A 88 -6.58 14.12 7.99
N LEU A 89 -6.52 12.77 7.84
CA LEU A 89 -7.16 11.81 8.76
C LEU A 89 -6.54 11.93 10.16
N SER A 90 -5.20 12.13 10.21
CA SER A 90 -4.47 12.37 11.45
C SER A 90 -4.86 13.72 12.07
N SER A 91 -5.13 14.71 11.19
CA SER A 91 -5.58 16.05 11.61
C SER A 91 -7.02 15.99 12.18
N LEU A 92 -7.83 15.05 11.65
CA LEU A 92 -9.21 14.81 12.14
C LEU A 92 -9.18 14.19 13.54
N ILE A 93 -8.38 13.10 13.66
CA ILE A 93 -8.18 12.35 14.93
C ILE A 93 -7.54 13.27 16.00
N GLY A 94 -6.66 14.17 15.54
CA GLY A 94 -5.96 15.11 16.43
C GLY A 94 -6.89 16.13 17.09
N GLN A 95 -8.10 16.30 16.53
CA GLN A 95 -9.14 17.20 17.07
C GLN A 95 -10.20 16.39 17.85
N VAL A 96 -10.78 15.37 17.18
CA VAL A 96 -11.95 14.62 17.69
C VAL A 96 -11.57 13.69 18.86
N LEU A 97 -10.35 13.16 18.83
CA LEU A 97 -9.84 12.28 19.90
C LEU A 97 -9.00 13.15 20.85
N PHE A 98 -9.51 13.35 22.07
CA PHE A 98 -8.79 13.99 23.16
C PHE A 98 -8.02 12.89 23.91
N GLN A 99 -6.77 12.66 23.48
CA GLN A 99 -5.94 11.53 23.96
C GLN A 99 -5.34 11.79 25.37
N GLY A 100 -5.47 13.04 25.85
CA GLY A 100 -4.97 13.43 27.15
C GLY A 100 -5.58 14.76 27.60
N PRO A 101 -5.10 15.93 27.04
CA PRO A 101 -5.58 17.28 27.45
C PRO A 101 -7.00 17.60 26.94
N SER A 102 -7.57 18.70 27.48
CA SER A 102 -8.94 19.19 27.18
C SER A 102 -10.04 18.24 27.68
N ALA A 103 -9.68 17.36 28.61
CA ALA A 103 -10.61 16.43 29.28
C ALA A 103 -10.50 16.62 30.80
N GLY A 104 -11.66 16.82 31.46
CA GLY A 104 -11.72 16.95 32.92
C GLY A 104 -11.53 15.61 33.65
N LEU A 105 -11.49 14.51 32.88
CA LEU A 105 -11.19 13.15 33.37
C LEU A 105 -9.88 12.64 32.74
N VAL A 106 -9.54 11.35 33.01
CA VAL A 106 -8.43 10.65 32.34
C VAL A 106 -9.01 9.88 31.12
N PRO A 107 -8.86 10.42 29.86
CA PRO A 107 -9.40 9.77 28.64
C PRO A 107 -8.47 8.66 28.09
N ARG A 108 -7.29 8.50 28.74
CA ARG A 108 -6.31 7.46 28.39
C ARG A 108 -6.79 6.12 29.00
N GLY A 109 -7.79 5.52 28.33
CA GLY A 109 -8.38 4.25 28.73
C GLY A 109 -8.73 3.44 27.50
N SER A 110 -7.68 3.01 26.78
CA SER A 110 -7.77 2.40 25.44
C SER A 110 -8.59 1.09 25.46
N GLY A 111 -9.74 1.11 24.77
CA GLY A 111 -10.61 -0.06 24.67
C GLY A 111 -11.91 0.27 23.93
N GLY A 112 -12.57 1.34 24.39
CA GLY A 112 -13.82 1.81 23.80
C GLY A 112 -14.43 2.94 24.62
N ILE A 113 -14.64 4.11 23.98
CA ILE A 113 -15.23 5.29 24.63
C ILE A 113 -16.76 5.12 24.67
N GLU A 114 -17.44 5.65 25.70
CA GLU A 114 -18.92 5.65 25.78
C GLU A 114 -19.50 6.70 24.82
N GLY A 115 -20.52 6.31 24.05
CA GLY A 115 -21.20 7.20 23.11
C GLY A 115 -20.73 7.02 21.67
N SER A 116 -21.34 7.81 20.76
CA SER A 116 -21.11 7.75 19.30
C SER A 116 -19.73 8.33 18.92
N ILE A 117 -19.11 9.07 19.87
CA ILE A 117 -17.74 9.58 19.74
C ILE A 117 -16.77 8.43 19.41
N ASP A 118 -16.95 7.29 20.09
CA ASP A 118 -16.14 6.07 19.88
C ASP A 118 -16.24 5.58 18.43
N GLU A 119 -17.47 5.59 17.91
CA GLU A 119 -17.79 5.08 16.56
C GLU A 119 -17.05 5.90 15.49
N THR A 120 -17.27 7.23 15.49
CA THR A 120 -16.69 8.14 14.49
C THR A 120 -15.15 8.13 14.55
N VAL A 121 -14.58 8.17 15.78
CA VAL A 121 -13.12 8.08 15.99
C VAL A 121 -12.60 6.75 15.42
N ALA A 122 -13.33 5.65 15.68
CA ALA A 122 -12.95 4.31 15.21
C ALA A 122 -12.96 4.20 13.67
N ARG A 123 -13.84 4.99 12.99
CA ARG A 123 -13.94 4.99 11.52
C ARG A 123 -12.69 5.64 10.91
N TYR A 124 -12.36 6.85 11.38
CA TYR A 124 -11.22 7.62 10.87
C TYR A 124 -9.88 7.04 11.34
N LYS A 125 -9.90 6.34 12.48
CA LYS A 125 -8.73 5.64 13.05
C LYS A 125 -8.44 4.36 12.25
N ALA A 126 -9.52 3.66 11.85
CA ALA A 126 -9.40 2.47 11.00
C ALA A 126 -8.85 2.87 9.63
N GLN A 127 -9.50 3.87 8.99
CA GLN A 127 -9.08 4.42 7.68
C GLN A 127 -7.62 4.87 7.69
N PHE A 128 -7.24 5.53 8.80
CA PHE A 128 -5.87 5.98 9.03
C PHE A 128 -4.91 4.78 9.03
N THR A 129 -5.10 3.85 9.99
CA THR A 129 -4.19 2.72 10.24
C THR A 129 -4.10 1.75 9.03
N GLN A 130 -5.21 1.59 8.30
CA GLN A 130 -5.31 0.70 7.12
C GLN A 130 -4.49 1.25 5.94
N LEU A 131 -4.72 2.53 5.59
CA LEU A 131 -3.98 3.19 4.51
C LEU A 131 -2.52 3.53 4.97
N ASP A 132 -2.31 3.55 6.30
CA ASP A 132 -0.99 3.84 6.93
C ASP A 132 -0.07 2.62 6.82
N THR A 133 -0.59 1.42 7.14
CA THR A 133 0.16 0.17 7.01
C THR A 133 0.39 -0.14 5.53
N MET A 134 -0.59 0.26 4.68
CA MET A 134 -0.44 0.21 3.22
C MET A 134 0.73 1.10 2.80
N MET A 135 0.79 2.33 3.38
CA MET A 135 1.80 3.35 3.04
C MET A 135 3.21 2.91 3.43
N SER A 136 3.37 2.41 4.65
CA SER A 136 4.68 1.99 5.19
C SER A 136 5.25 0.82 4.38
N LYS A 137 4.37 -0.14 4.03
CA LYS A 137 4.74 -1.28 3.19
C LYS A 137 5.01 -0.84 1.75
N LEU A 138 4.15 0.05 1.19
CA LEU A 138 4.26 0.47 -0.23
C LEU A 138 5.48 1.37 -0.43
N ASN A 139 5.93 2.02 0.67
CA ASN A 139 7.14 2.86 0.69
C ASN A 139 8.38 1.96 0.57
N ASN A 140 8.40 0.91 1.43
CA ASN A 140 9.46 -0.13 1.43
C ASN A 140 9.55 -0.81 0.06
N THR A 141 8.39 -1.22 -0.47
CA THR A 141 8.30 -1.96 -1.71
C THR A 141 8.78 -1.09 -2.88
N SER A 142 8.13 0.08 -3.13
CA SER A 142 8.48 1.00 -4.25
C SER A 142 9.98 1.36 -4.28
N SER A 143 10.57 1.49 -3.07
CA SER A 143 12.02 1.69 -2.91
C SER A 143 12.82 0.54 -3.58
N TYR A 144 12.66 -0.71 -3.06
CA TYR A 144 13.44 -1.86 -3.59
C TYR A 144 12.96 -2.32 -4.99
N LEU A 145 11.72 -1.96 -5.36
CA LEU A 145 11.11 -2.31 -6.67
C LEU A 145 11.74 -1.44 -7.77
N THR A 146 11.98 -0.16 -7.47
CA THR A 146 12.56 0.78 -8.46
C THR A 146 14.07 0.50 -8.62
N GLN A 147 14.71 0.09 -7.52
CA GLN A 147 16.11 -0.36 -7.54
C GLN A 147 16.23 -1.71 -8.31
N GLN A 148 15.23 -2.59 -8.13
CA GLN A 148 15.18 -3.90 -8.82
C GLN A 148 14.89 -3.71 -10.32
N PHE A 149 14.01 -2.74 -10.65
CA PHE A 149 13.66 -2.42 -12.05
C PHE A 149 14.89 -1.90 -12.78
N THR A 150 15.53 -0.87 -12.20
CA THR A 150 16.71 -0.24 -12.76
C THR A 150 17.84 -1.25 -12.93
N ALA A 151 18.05 -2.11 -11.91
CA ALA A 151 19.11 -3.14 -11.93
C ALA A 151 18.86 -4.18 -13.05
N MET A 152 17.64 -4.72 -13.05
CA MET A 152 17.21 -5.80 -14.00
C MET A 152 17.27 -5.30 -15.45
N ASN A 153 17.04 -3.99 -15.64
CA ASN A 153 17.05 -3.34 -16.94
C ASN A 153 18.50 -2.88 -17.27
N LYS A 154 18.95 -1.75 -16.66
CA LYS A 154 20.34 -1.25 -16.80
C LYS A 154 21.01 -1.05 -15.40
N SER A 155 21.48 -2.17 -14.77
CA SER A 155 22.31 -2.09 -13.53
C SER A 155 23.64 -1.34 -13.79
N MET A 1 10.48 -24.12 -16.34
CA MET A 1 11.01 -23.04 -15.47
C MET A 1 9.89 -22.51 -14.55
N THR A 2 9.57 -23.29 -13.49
CA THR A 2 8.41 -23.01 -12.61
C THR A 2 8.57 -21.68 -11.84
N SER A 3 9.77 -21.46 -11.25
CA SER A 3 10.07 -20.23 -10.49
C SER A 3 9.98 -18.97 -11.39
N THR A 4 10.49 -19.10 -12.62
CA THR A 4 10.53 -18.00 -13.59
C THR A 4 9.11 -17.66 -14.12
N VAL A 5 8.30 -18.69 -14.41
CA VAL A 5 6.97 -18.49 -15.03
C VAL A 5 5.95 -17.96 -14.00
N GLU A 6 6.05 -18.41 -12.72
CA GLU A 6 5.17 -17.91 -11.64
C GLU A 6 5.53 -16.44 -11.32
N PHE A 7 6.83 -16.13 -11.44
CA PHE A 7 7.36 -14.75 -11.33
C PHE A 7 6.71 -13.84 -12.41
N ILE A 8 6.62 -14.37 -13.66
CA ILE A 8 5.99 -13.70 -14.82
C ILE A 8 4.49 -13.39 -14.55
N ASN A 9 3.71 -14.46 -14.23
CA ASN A 9 2.25 -14.38 -14.01
C ASN A 9 1.91 -13.42 -12.86
N ARG A 10 2.69 -13.49 -11.77
CA ARG A 10 2.45 -12.64 -10.59
C ARG A 10 2.80 -11.17 -10.86
N TRP A 11 3.80 -10.91 -11.72
CA TRP A 11 4.12 -9.53 -12.14
C TRP A 11 2.99 -8.92 -12.97
N GLN A 12 2.36 -9.75 -13.83
CA GLN A 12 1.13 -9.36 -14.55
C GLN A 12 0.03 -8.96 -13.54
N ARG A 13 -0.11 -9.78 -12.47
CA ARG A 13 -1.09 -9.51 -11.39
C ARG A 13 -0.78 -8.13 -10.75
N ILE A 14 0.49 -7.93 -10.31
CA ILE A 14 0.95 -6.73 -9.57
C ILE A 14 0.65 -5.43 -10.36
N ALA A 15 0.93 -5.46 -11.68
CA ALA A 15 0.76 -4.28 -12.56
C ALA A 15 -0.71 -3.93 -12.78
N LEU A 16 -1.55 -4.96 -13.02
CA LEU A 16 -2.99 -4.76 -13.23
C LEU A 16 -3.68 -4.34 -11.91
N LEU A 17 -3.17 -4.87 -10.78
CA LEU A 17 -3.65 -4.52 -9.42
C LEU A 17 -3.33 -3.06 -9.11
N SER A 18 -2.04 -2.68 -9.23
CA SER A 18 -1.52 -1.33 -8.89
C SER A 18 -2.32 -0.24 -9.63
N GLN A 19 -2.55 -0.50 -10.93
CA GLN A 19 -3.32 0.38 -11.81
C GLN A 19 -4.79 0.51 -11.35
N SER A 20 -5.43 -0.65 -11.06
CA SER A 20 -6.85 -0.71 -10.66
C SER A 20 -7.11 -0.02 -9.31
N LEU A 21 -6.33 -0.40 -8.27
CA LEU A 21 -6.50 0.14 -6.90
C LEU A 21 -6.07 1.61 -6.83
N LEU A 22 -5.19 2.04 -7.75
CA LEU A 22 -4.85 3.47 -7.94
C LEU A 22 -6.10 4.26 -8.33
N GLU A 23 -6.84 3.71 -9.33
CA GLU A 23 -8.12 4.26 -9.77
C GLU A 23 -9.12 4.31 -8.60
N LEU A 24 -9.20 3.20 -7.84
CA LEU A 24 -10.10 3.06 -6.67
C LEU A 24 -9.77 4.07 -5.55
N ALA A 25 -8.46 4.39 -5.41
CA ALA A 25 -7.95 5.36 -4.43
C ALA A 25 -8.42 6.79 -4.78
N GLN A 26 -8.27 7.19 -6.06
CA GLN A 26 -8.69 8.52 -6.55
C GLN A 26 -10.23 8.59 -6.74
N ARG A 27 -10.88 7.42 -6.83
CA ARG A 27 -12.36 7.31 -6.83
C ARG A 27 -12.91 7.44 -5.40
N GLY A 28 -12.07 7.09 -4.41
CA GLY A 28 -12.38 7.27 -2.98
C GLY A 28 -12.80 5.99 -2.27
N GLU A 29 -12.88 4.86 -3.01
CA GLU A 29 -13.23 3.56 -2.42
C GLU A 29 -11.99 2.93 -1.76
N TRP A 30 -11.84 3.25 -0.47
CA TRP A 30 -10.78 2.70 0.37
C TRP A 30 -11.03 1.21 0.62
N ASP A 31 -12.31 0.82 0.73
CA ASP A 31 -12.73 -0.59 0.88
C ASP A 31 -12.12 -1.47 -0.23
N LEU A 32 -12.27 -0.98 -1.47
CA LEU A 32 -11.79 -1.68 -2.68
C LEU A 32 -10.26 -1.58 -2.82
N LEU A 33 -9.69 -0.42 -2.43
CA LEU A 33 -8.22 -0.20 -2.39
C LEU A 33 -7.53 -1.23 -1.47
N LEU A 34 -8.09 -1.39 -0.26
CA LEU A 34 -7.53 -2.23 0.83
C LEU A 34 -7.87 -3.72 0.59
N GLN A 35 -8.95 -3.96 -0.16
CA GLN A 35 -9.34 -5.31 -0.63
C GLN A 35 -8.25 -5.86 -1.58
N GLN A 36 -7.72 -4.96 -2.42
CA GLN A 36 -6.67 -5.27 -3.38
C GLN A 36 -5.27 -5.21 -2.73
N GLU A 37 -5.13 -4.40 -1.63
CA GLU A 37 -3.86 -4.22 -0.88
C GLU A 37 -3.21 -5.56 -0.53
N VAL A 38 -3.99 -6.43 0.13
CA VAL A 38 -3.51 -7.72 0.63
C VAL A 38 -2.93 -8.60 -0.51
N SER A 39 -3.66 -8.68 -1.64
CA SER A 39 -3.25 -9.46 -2.82
C SER A 39 -2.00 -8.83 -3.49
N TYR A 40 -2.00 -7.49 -3.55
CA TYR A 40 -1.01 -6.68 -4.25
C TYR A 40 0.38 -6.77 -3.59
N LEU A 41 0.44 -6.33 -2.32
CA LEU A 41 1.67 -6.32 -1.52
C LEU A 41 2.20 -7.75 -1.29
N GLN A 42 1.27 -8.74 -1.11
CA GLN A 42 1.66 -10.17 -0.98
C GLN A 42 2.37 -10.66 -2.25
N SER A 43 1.83 -10.29 -3.43
CA SER A 43 2.40 -10.69 -4.74
C SER A 43 3.82 -10.09 -4.95
N ILE A 44 4.01 -8.84 -4.46
CA ILE A 44 5.34 -8.16 -4.50
C ILE A 44 6.34 -8.90 -3.57
N GLU A 45 5.91 -9.14 -2.33
CA GLU A 45 6.72 -9.78 -1.29
C GLU A 45 7.06 -11.24 -1.64
N THR A 46 6.18 -11.91 -2.44
CA THR A 46 6.40 -13.32 -2.82
C THR A 46 7.27 -13.47 -4.09
N VAL A 47 7.26 -12.46 -5.02
CA VAL A 47 8.24 -12.45 -6.14
C VAL A 47 9.65 -12.08 -5.62
N MET A 48 9.69 -11.38 -4.47
CA MET A 48 10.94 -11.08 -3.74
C MET A 48 11.32 -12.21 -2.76
N GLU A 49 10.33 -13.00 -2.34
CA GLU A 49 10.55 -14.28 -1.62
C GLU A 49 11.19 -15.30 -2.59
N LYS A 50 10.80 -15.16 -3.87
CA LYS A 50 11.34 -15.95 -4.98
C LYS A 50 12.82 -15.59 -5.24
N GLN A 51 13.26 -14.43 -4.67
CA GLN A 51 14.64 -13.90 -4.76
C GLN A 51 14.95 -13.34 -6.17
N THR A 52 13.92 -13.37 -7.06
CA THR A 52 14.05 -13.11 -8.51
C THR A 52 14.99 -14.14 -9.17
N PRO A 53 14.46 -15.09 -10.03
CA PRO A 53 15.30 -16.08 -10.75
C PRO A 53 16.35 -15.39 -11.65
N PRO A 54 17.69 -15.73 -11.55
CA PRO A 54 18.72 -15.19 -12.49
C PRO A 54 18.50 -15.62 -13.96
N GLY A 55 17.62 -16.63 -14.16
CA GLY A 55 17.23 -17.10 -15.48
C GLY A 55 16.05 -16.32 -16.08
N ILE A 56 16.16 -14.97 -16.07
CA ILE A 56 15.21 -14.08 -16.77
C ILE A 56 15.81 -13.70 -18.14
N THR A 57 15.34 -14.39 -19.20
CA THR A 57 15.73 -14.09 -20.59
C THR A 57 14.99 -12.84 -21.11
N ARG A 58 15.41 -12.31 -22.28
CA ARG A 58 15.14 -10.90 -22.66
C ARG A 58 13.64 -10.56 -22.94
N SER A 59 12.83 -11.53 -23.41
CA SER A 59 11.38 -11.30 -23.64
C SER A 59 10.62 -11.27 -22.30
N ILE A 60 11.05 -12.15 -21.37
CA ILE A 60 10.56 -12.18 -19.99
C ILE A 60 10.92 -10.87 -19.28
N GLN A 61 12.18 -10.44 -19.49
CA GLN A 61 12.74 -9.19 -18.95
C GLN A 61 11.92 -7.97 -19.41
N ASP A 62 11.54 -7.98 -20.71
CA ASP A 62 10.75 -6.92 -21.33
C ASP A 62 9.36 -6.80 -20.65
N MET A 63 8.70 -7.96 -20.44
CA MET A 63 7.37 -8.03 -19.81
C MET A 63 7.44 -7.57 -18.34
N VAL A 64 8.24 -8.30 -17.52
CA VAL A 64 8.31 -8.06 -16.06
C VAL A 64 8.80 -6.65 -15.73
N ALA A 65 9.82 -6.13 -16.48
CA ALA A 65 10.34 -4.76 -16.27
C ALA A 65 9.25 -3.72 -16.62
N GLY A 66 8.41 -4.04 -17.62
CA GLY A 66 7.22 -3.24 -17.91
C GLY A 66 6.24 -3.20 -16.74
N TYR A 67 6.04 -4.37 -16.10
CA TYR A 67 5.13 -4.51 -14.94
C TYR A 67 5.67 -3.80 -13.69
N ILE A 68 7.03 -3.81 -13.54
CA ILE A 68 7.70 -3.12 -12.43
C ILE A 68 7.56 -1.60 -12.64
N LYS A 69 7.75 -1.16 -13.89
CA LYS A 69 7.62 0.27 -14.28
C LYS A 69 6.19 0.78 -13.98
N GLN A 70 5.18 -0.06 -14.29
CA GLN A 70 3.76 0.24 -14.01
C GLN A 70 3.54 0.40 -12.50
N THR A 71 3.95 -0.64 -11.74
CA THR A 71 3.67 -0.70 -10.29
C THR A 71 4.39 0.43 -9.54
N LEU A 72 5.63 0.78 -9.98
CA LEU A 72 6.43 1.88 -9.40
C LEU A 72 5.71 3.23 -9.58
N ASP A 73 5.18 3.45 -10.79
CA ASP A 73 4.46 4.68 -11.16
C ASP A 73 3.20 4.86 -10.30
N ASN A 74 2.37 3.80 -10.30
CA ASN A 74 1.07 3.79 -9.62
C ASN A 74 1.22 3.89 -8.09
N GLU A 75 2.24 3.20 -7.57
CA GLU A 75 2.54 3.12 -6.12
C GLU A 75 3.18 4.41 -5.61
N GLN A 76 3.85 5.14 -6.52
CA GLN A 76 4.35 6.51 -6.26
C GLN A 76 3.15 7.48 -6.13
N LEU A 77 2.15 7.29 -7.00
CA LEU A 77 0.91 8.08 -6.97
C LEU A 77 0.08 7.75 -5.70
N LEU A 78 0.14 6.47 -5.24
CA LEU A 78 -0.47 6.05 -3.95
C LEU A 78 0.21 6.76 -2.78
N LYS A 79 1.56 6.79 -2.83
CA LYS A 79 2.41 7.43 -1.80
C LYS A 79 1.93 8.88 -1.51
N GLY A 80 1.84 9.69 -2.59
CA GLY A 80 1.39 11.09 -2.47
C GLY A 80 -0.10 11.24 -2.09
N LEU A 81 -0.96 10.47 -2.77
CA LEU A 81 -2.44 10.52 -2.61
C LEU A 81 -2.82 10.18 -1.15
N LEU A 82 -2.38 9.01 -0.70
CA LEU A 82 -2.66 8.50 0.65
C LEU A 82 -2.03 9.39 1.73
N GLN A 83 -0.86 10.03 1.43
CA GLN A 83 -0.21 10.99 2.36
C GLN A 83 -1.16 12.15 2.71
N GLN A 84 -1.80 12.71 1.65
CA GLN A 84 -2.78 13.80 1.79
C GLN A 84 -3.97 13.34 2.64
N ARG A 85 -4.47 12.12 2.33
CA ARG A 85 -5.62 11.51 3.05
C ARG A 85 -5.32 11.35 4.54
N LEU A 86 -4.16 10.75 4.85
CA LEU A 86 -3.73 10.41 6.22
C LEU A 86 -3.49 11.66 7.07
N ASP A 87 -3.07 12.76 6.42
CA ASP A 87 -2.86 14.05 7.08
C ASP A 87 -4.21 14.61 7.55
N GLU A 88 -5.21 14.53 6.65
CA GLU A 88 -6.61 14.98 6.92
C GLU A 88 -7.27 14.10 8.00
N LEU A 89 -7.08 12.77 7.88
CA LEU A 89 -7.66 11.77 8.81
C LEU A 89 -7.13 12.00 10.23
N SER A 90 -5.79 12.10 10.35
CA SER A 90 -5.10 12.31 11.65
C SER A 90 -5.50 13.65 12.28
N SER A 91 -5.72 14.67 11.42
CA SER A 91 -6.16 16.00 11.86
C SER A 91 -7.54 15.89 12.56
N LEU A 92 -8.46 15.12 11.92
CA LEU A 92 -9.83 14.90 12.41
C LEU A 92 -9.84 14.06 13.71
N ILE A 93 -8.98 13.01 13.74
CA ILE A 93 -8.80 12.14 14.94
C ILE A 93 -8.27 12.98 16.13
N GLY A 94 -7.34 13.89 15.83
CA GLY A 94 -6.74 14.74 16.86
C GLY A 94 -7.72 15.72 17.48
N GLN A 95 -8.79 16.04 16.74
CA GLN A 95 -9.86 16.95 17.22
C GLN A 95 -10.90 16.18 18.04
N VAL A 96 -11.42 15.08 17.47
CA VAL A 96 -12.51 14.30 18.09
C VAL A 96 -12.02 13.50 19.31
N LEU A 97 -10.90 12.78 19.15
CA LEU A 97 -10.35 11.90 20.20
C LEU A 97 -9.59 12.78 21.22
N PHE A 98 -10.12 12.83 22.45
CA PHE A 98 -9.48 13.50 23.58
C PHE A 98 -8.69 12.45 24.36
N GLN A 99 -7.38 12.34 24.07
CA GLN A 99 -6.49 11.37 24.71
C GLN A 99 -6.04 11.85 26.11
N GLY A 100 -5.93 13.19 26.27
CA GLY A 100 -5.41 13.79 27.51
C GLY A 100 -5.98 15.19 27.76
N PRO A 101 -5.53 16.24 26.99
CA PRO A 101 -6.09 17.63 27.09
C PRO A 101 -7.61 17.72 26.80
N SER A 102 -8.17 18.93 27.08
CA SER A 102 -9.59 19.29 26.86
C SER A 102 -10.54 18.52 27.81
N ALA A 103 -10.03 18.12 28.99
CA ALA A 103 -10.81 17.38 30.00
C ALA A 103 -10.31 17.70 31.42
N GLY A 104 -11.20 17.55 32.41
CA GLY A 104 -10.84 17.69 33.83
C GLY A 104 -10.04 16.49 34.32
N LEU A 105 -10.59 15.29 34.05
CA LEU A 105 -9.92 14.00 34.34
C LEU A 105 -8.96 13.61 33.19
N VAL A 106 -8.37 12.41 33.27
CA VAL A 106 -7.53 11.84 32.20
C VAL A 106 -8.41 10.95 31.30
N PRO A 107 -8.85 11.44 30.10
CA PRO A 107 -9.81 10.73 29.21
C PRO A 107 -9.10 9.75 28.26
N ARG A 108 -8.16 8.96 28.82
CA ARG A 108 -7.34 7.99 28.07
C ARG A 108 -8.25 6.86 27.50
N GLY A 109 -8.81 7.11 26.30
CA GLY A 109 -9.74 6.18 25.64
C GLY A 109 -8.99 5.13 24.83
N SER A 110 -8.24 4.28 25.55
CA SER A 110 -7.41 3.22 24.97
C SER A 110 -8.30 2.10 24.39
N GLY A 111 -8.58 2.20 23.09
CA GLY A 111 -9.44 1.24 22.39
C GLY A 111 -10.81 1.80 22.10
N GLY A 112 -11.61 1.97 23.18
CA GLY A 112 -13.01 2.42 23.06
C GLY A 112 -13.36 3.53 24.05
N ILE A 113 -14.05 4.57 23.56
CA ILE A 113 -14.56 5.70 24.37
C ILE A 113 -16.07 5.47 24.64
N GLU A 114 -16.63 6.14 25.67
CA GLU A 114 -18.04 5.97 26.12
C GLU A 114 -19.05 6.88 25.35
N GLY A 115 -18.78 7.17 24.06
CA GLY A 115 -19.64 8.09 23.28
C GLY A 115 -19.73 7.75 21.80
N SER A 116 -20.43 8.62 21.03
CA SER A 116 -20.50 8.54 19.55
C SER A 116 -19.15 9.00 18.95
N ILE A 117 -18.40 9.78 19.76
CA ILE A 117 -16.99 10.14 19.50
C ILE A 117 -16.15 8.88 19.21
N ASP A 118 -16.45 7.79 19.93
CA ASP A 118 -15.80 6.47 19.74
C ASP A 118 -15.98 5.95 18.30
N GLU A 119 -17.21 6.12 17.78
CA GLU A 119 -17.59 5.63 16.46
C GLU A 119 -16.86 6.40 15.36
N THR A 120 -16.86 7.75 15.45
CA THR A 120 -16.21 8.62 14.44
C THR A 120 -14.67 8.42 14.45
N VAL A 121 -14.10 8.21 15.66
CA VAL A 121 -12.70 7.83 15.83
C VAL A 121 -12.45 6.53 15.05
N ALA A 122 -13.26 5.50 15.34
CA ALA A 122 -13.14 4.16 14.73
C ALA A 122 -13.12 4.22 13.19
N ARG A 123 -13.91 5.17 12.61
CA ARG A 123 -13.96 5.37 11.15
C ARG A 123 -12.61 5.88 10.62
N TYR A 124 -12.22 7.10 11.07
CA TYR A 124 -11.01 7.79 10.56
C TYR A 124 -9.71 7.08 10.97
N LYS A 125 -9.77 6.33 12.10
CA LYS A 125 -8.60 5.64 12.69
C LYS A 125 -8.35 4.31 11.96
N ALA A 126 -9.44 3.60 11.61
CA ALA A 126 -9.33 2.40 10.77
C ALA A 126 -8.76 2.79 9.40
N GLN A 127 -9.35 3.84 8.79
CA GLN A 127 -8.90 4.38 7.49
C GLN A 127 -7.44 4.87 7.58
N PHE A 128 -7.07 5.44 8.74
CA PHE A 128 -5.70 5.92 8.98
C PHE A 128 -4.72 4.75 8.96
N THR A 129 -4.89 3.81 9.91
CA THR A 129 -3.97 2.68 10.13
C THR A 129 -3.84 1.76 8.89
N GLN A 130 -4.96 1.58 8.16
CA GLN A 130 -5.02 0.72 6.97
C GLN A 130 -4.25 1.34 5.78
N LEU A 131 -4.54 2.62 5.47
CA LEU A 131 -3.82 3.37 4.40
C LEU A 131 -2.36 3.68 4.82
N ASP A 132 -2.09 3.66 6.15
CA ASP A 132 -0.76 3.98 6.74
C ASP A 132 0.15 2.75 6.66
N THR A 133 -0.38 1.56 6.99
CA THR A 133 0.39 0.31 6.91
C THR A 133 0.59 -0.07 5.45
N MET A 134 -0.40 0.30 4.59
CA MET A 134 -0.29 0.19 3.15
C MET A 134 0.87 1.08 2.67
N MET A 135 0.94 2.32 3.20
CA MET A 135 1.97 3.32 2.84
C MET A 135 3.39 2.84 3.20
N SER A 136 3.58 2.39 4.45
CA SER A 136 4.89 1.97 4.97
C SER A 136 5.42 0.77 4.17
N LYS A 137 4.52 -0.18 3.88
CA LYS A 137 4.85 -1.36 3.07
C LYS A 137 5.07 -0.96 1.59
N LEU A 138 4.24 -0.05 1.04
CA LEU A 138 4.33 0.32 -0.39
C LEU A 138 5.56 1.21 -0.66
N ASN A 139 6.03 1.89 0.39
CA ASN A 139 7.26 2.70 0.36
C ASN A 139 8.48 1.78 0.37
N ASN A 140 8.39 0.73 1.23
CA ASN A 140 9.41 -0.32 1.34
C ASN A 140 9.53 -1.11 0.02
N THR A 141 8.36 -1.44 -0.56
CA THR A 141 8.29 -2.22 -1.79
C THR A 141 8.86 -1.39 -2.95
N SER A 142 8.28 -0.19 -3.22
CA SER A 142 8.74 0.71 -4.31
C SER A 142 10.25 1.02 -4.22
N SER A 143 10.78 1.03 -2.98
CA SER A 143 12.22 1.16 -2.74
C SER A 143 13.00 -0.01 -3.39
N TYR A 144 12.78 -1.26 -2.90
CA TYR A 144 13.55 -2.42 -3.39
C TYR A 144 13.13 -2.84 -4.82
N LEU A 145 11.92 -2.42 -5.25
CA LEU A 145 11.42 -2.68 -6.62
C LEU A 145 12.17 -1.82 -7.64
N THR A 146 12.39 -0.52 -7.33
CA THR A 146 13.06 0.42 -8.27
C THR A 146 14.57 0.12 -8.35
N GLN A 147 15.16 -0.33 -7.22
CA GLN A 147 16.57 -0.77 -7.15
C GLN A 147 16.77 -2.04 -8.01
N GLN A 148 15.90 -3.03 -7.80
CA GLN A 148 15.95 -4.34 -8.49
C GLN A 148 15.56 -4.17 -9.98
N PHE A 149 14.71 -3.14 -10.26
CA PHE A 149 14.36 -2.74 -11.64
C PHE A 149 15.60 -2.24 -12.38
N THR A 150 16.41 -1.43 -11.68
CA THR A 150 17.68 -0.91 -12.23
C THR A 150 18.65 -2.05 -12.58
N ALA A 151 18.66 -3.11 -11.74
CA ALA A 151 19.48 -4.31 -12.00
C ALA A 151 18.95 -5.12 -13.21
N MET A 152 17.65 -5.48 -13.15
CA MET A 152 17.01 -6.37 -14.13
C MET A 152 16.97 -5.74 -15.54
N ASN A 153 16.81 -4.41 -15.57
CA ASN A 153 16.76 -3.63 -16.82
C ASN A 153 18.20 -3.36 -17.32
N LYS A 154 19.03 -2.70 -16.50
CA LYS A 154 20.46 -2.45 -16.83
C LYS A 154 21.43 -2.99 -15.72
N SER A 155 21.65 -4.33 -15.70
CA SER A 155 22.72 -4.97 -14.92
C SER A 155 24.10 -4.25 -15.09
N MET A 1 10.35 -24.72 -14.68
CA MET A 1 10.84 -23.41 -14.23
C MET A 1 9.82 -22.78 -13.24
N THR A 2 9.73 -23.39 -12.05
CA THR A 2 8.69 -23.07 -11.05
C THR A 2 8.75 -21.58 -10.59
N SER A 3 9.93 -21.18 -10.07
CA SER A 3 10.20 -19.80 -9.62
C SER A 3 10.04 -18.76 -10.77
N THR A 4 10.38 -19.19 -11.98
CA THR A 4 10.36 -18.32 -13.17
C THR A 4 8.92 -18.06 -13.67
N VAL A 5 8.07 -19.11 -13.67
CA VAL A 5 6.69 -19.00 -14.20
C VAL A 5 5.78 -18.23 -13.21
N GLU A 6 5.98 -18.44 -11.88
CA GLU A 6 5.24 -17.68 -10.84
C GLU A 6 5.66 -16.20 -10.86
N PHE A 7 6.96 -15.96 -11.13
CA PHE A 7 7.53 -14.62 -11.32
C PHE A 7 6.76 -13.84 -12.42
N ILE A 8 6.61 -14.47 -13.61
CA ILE A 8 5.89 -13.90 -14.77
C ILE A 8 4.43 -13.53 -14.40
N ASN A 9 3.68 -14.55 -13.94
CA ASN A 9 2.21 -14.47 -13.72
C ASN A 9 1.84 -13.44 -12.65
N ARG A 10 2.62 -13.42 -11.56
CA ARG A 10 2.34 -12.54 -10.41
C ARG A 10 2.76 -11.10 -10.72
N TRP A 11 3.83 -10.91 -11.53
CA TRP A 11 4.22 -9.54 -12.00
C TRP A 11 3.13 -8.94 -12.89
N GLN A 12 2.54 -9.80 -13.75
CA GLN A 12 1.35 -9.45 -14.54
C GLN A 12 0.25 -8.94 -13.61
N ARG A 13 -0.01 -9.70 -12.53
CA ARG A 13 -1.02 -9.34 -11.51
C ARG A 13 -0.66 -8.03 -10.78
N ILE A 14 0.64 -7.82 -10.44
CA ILE A 14 1.09 -6.64 -9.65
C ILE A 14 0.78 -5.33 -10.43
N ALA A 15 1.00 -5.35 -11.75
CA ALA A 15 0.73 -4.21 -12.64
C ALA A 15 -0.79 -3.99 -12.85
N LEU A 16 -1.54 -5.09 -13.03
CA LEU A 16 -3.01 -5.05 -13.23
C LEU A 16 -3.71 -4.52 -11.95
N LEU A 17 -3.24 -4.99 -10.79
CA LEU A 17 -3.80 -4.66 -9.47
C LEU A 17 -3.51 -3.19 -9.14
N SER A 18 -2.25 -2.76 -9.32
CA SER A 18 -1.81 -1.37 -9.03
C SER A 18 -2.65 -0.34 -9.81
N GLN A 19 -2.91 -0.67 -11.09
CA GLN A 19 -3.80 0.12 -11.96
C GLN A 19 -5.23 0.20 -11.36
N SER A 20 -5.80 -0.97 -11.05
CA SER A 20 -7.19 -1.09 -10.57
C SER A 20 -7.43 -0.31 -9.26
N LEU A 21 -6.56 -0.55 -8.25
CA LEU A 21 -6.71 0.05 -6.92
C LEU A 21 -6.39 1.55 -6.94
N LEU A 22 -5.53 1.98 -7.90
CA LEU A 22 -5.26 3.42 -8.10
C LEU A 22 -6.53 4.15 -8.54
N GLU A 23 -7.29 3.50 -9.45
CA GLU A 23 -8.61 3.99 -9.88
C GLU A 23 -9.55 4.08 -8.66
N LEU A 24 -9.54 3.04 -7.82
CA LEU A 24 -10.41 2.96 -6.61
C LEU A 24 -10.02 4.01 -5.55
N ALA A 25 -8.73 4.38 -5.52
CA ALA A 25 -8.20 5.41 -4.59
C ALA A 25 -8.63 6.82 -5.01
N GLN A 26 -8.54 7.10 -6.32
CA GLN A 26 -8.93 8.41 -6.90
C GLN A 26 -10.46 8.51 -7.08
N ARG A 27 -11.16 7.35 -6.99
CA ARG A 27 -12.64 7.28 -6.88
C ARG A 27 -13.05 7.59 -5.42
N GLY A 28 -12.12 7.32 -4.48
CA GLY A 28 -12.31 7.62 -3.05
C GLY A 28 -12.78 6.42 -2.24
N GLU A 29 -13.07 5.30 -2.92
CA GLU A 29 -13.47 4.05 -2.29
C GLU A 29 -12.23 3.37 -1.67
N TRP A 30 -11.94 3.75 -0.41
CA TRP A 30 -10.79 3.22 0.34
C TRP A 30 -10.98 1.72 0.59
N ASP A 31 -12.23 1.34 0.85
CA ASP A 31 -12.64 -0.05 1.11
C ASP A 31 -12.22 -0.99 -0.03
N LEU A 32 -12.45 -0.54 -1.28
CA LEU A 32 -12.09 -1.29 -2.49
C LEU A 32 -10.55 -1.31 -2.70
N LEU A 33 -9.91 -0.16 -2.42
CA LEU A 33 -8.44 0.01 -2.45
C LEU A 33 -7.74 -1.00 -1.50
N LEU A 34 -8.28 -1.11 -0.28
CA LEU A 34 -7.71 -1.94 0.82
C LEU A 34 -8.03 -3.44 0.60
N GLN A 35 -9.09 -3.71 -0.16
CA GLN A 35 -9.44 -5.07 -0.61
C GLN A 35 -8.38 -5.57 -1.62
N GLN A 36 -7.90 -4.65 -2.48
CA GLN A 36 -6.87 -4.94 -3.48
C GLN A 36 -5.44 -4.86 -2.87
N GLU A 37 -5.31 -4.14 -1.73
CA GLU A 37 -4.04 -3.97 -0.99
C GLU A 37 -3.37 -5.33 -0.72
N VAL A 38 -4.16 -6.24 -0.12
CA VAL A 38 -3.68 -7.53 0.38
C VAL A 38 -3.08 -8.39 -0.75
N SER A 39 -3.79 -8.47 -1.90
CA SER A 39 -3.38 -9.28 -3.06
C SER A 39 -2.13 -8.69 -3.73
N TYR A 40 -2.13 -7.35 -3.84
CA TYR A 40 -1.09 -6.55 -4.49
C TYR A 40 0.27 -6.71 -3.79
N LEU A 41 0.33 -6.27 -2.52
CA LEU A 41 1.54 -6.31 -1.69
C LEU A 41 2.03 -7.76 -1.52
N GLN A 42 1.09 -8.71 -1.30
CA GLN A 42 1.39 -10.16 -1.16
C GLN A 42 2.22 -10.66 -2.36
N SER A 43 1.75 -10.32 -3.58
CA SER A 43 2.41 -10.69 -4.83
C SER A 43 3.83 -10.10 -4.93
N ILE A 44 4.01 -8.86 -4.43
CA ILE A 44 5.33 -8.20 -4.39
C ILE A 44 6.30 -8.98 -3.46
N GLU A 45 5.88 -9.29 -2.23
CA GLU A 45 6.72 -10.02 -1.25
C GLU A 45 7.04 -11.46 -1.71
N THR A 46 6.12 -12.12 -2.45
CA THR A 46 6.30 -13.53 -2.83
C THR A 46 7.17 -13.70 -4.11
N VAL A 47 7.24 -12.66 -4.98
CA VAL A 47 8.26 -12.64 -6.08
C VAL A 47 9.64 -12.26 -5.51
N MET A 48 9.64 -11.40 -4.48
CA MET A 48 10.88 -10.90 -3.82
C MET A 48 11.31 -11.76 -2.63
N GLU A 49 10.54 -12.82 -2.35
CA GLU A 49 10.98 -13.88 -1.42
C GLU A 49 12.11 -14.70 -2.06
N LYS A 50 12.06 -14.80 -3.40
CA LYS A 50 13.10 -15.45 -4.23
C LYS A 50 13.98 -14.41 -4.93
N GLN A 51 13.60 -13.10 -4.79
CA GLN A 51 14.39 -11.92 -5.24
C GLN A 51 14.75 -11.99 -6.74
N THR A 52 13.82 -12.54 -7.56
CA THR A 52 14.01 -12.80 -9.00
C THR A 52 15.04 -13.96 -9.23
N PRO A 53 14.60 -15.14 -9.77
CA PRO A 53 15.52 -16.26 -10.10
C PRO A 53 16.54 -15.86 -11.21
N PRO A 54 17.81 -16.36 -11.15
CA PRO A 54 18.88 -15.98 -12.14
C PRO A 54 18.67 -16.53 -13.58
N GLY A 55 17.55 -17.24 -13.82
CA GLY A 55 17.26 -17.82 -15.14
C GLY A 55 16.18 -17.04 -15.90
N ILE A 56 16.07 -15.73 -15.64
CA ILE A 56 15.15 -14.85 -16.35
C ILE A 56 15.77 -14.42 -17.68
N THR A 57 15.25 -14.97 -18.79
CA THR A 57 15.71 -14.63 -20.15
C THR A 57 15.14 -13.26 -20.58
N ARG A 58 15.67 -12.69 -21.67
CA ARG A 58 15.46 -11.26 -22.03
C ARG A 58 14.00 -10.93 -22.43
N SER A 59 13.23 -11.95 -22.89
CA SER A 59 11.79 -11.79 -23.18
C SER A 59 10.98 -11.60 -21.88
N ILE A 60 11.25 -12.49 -20.91
CA ILE A 60 10.59 -12.47 -19.58
C ILE A 60 10.97 -11.19 -18.83
N GLN A 61 12.26 -10.84 -18.96
CA GLN A 61 12.86 -9.63 -18.36
C GLN A 61 12.19 -8.35 -18.91
N ASP A 62 11.89 -8.35 -20.22
CA ASP A 62 11.23 -7.20 -20.89
C ASP A 62 9.76 -7.06 -20.42
N MET A 63 9.06 -8.21 -20.30
CA MET A 63 7.66 -8.24 -19.84
C MET A 63 7.56 -7.65 -18.43
N VAL A 64 8.35 -8.21 -17.51
CA VAL A 64 8.28 -7.83 -16.10
C VAL A 64 8.85 -6.43 -15.87
N ALA A 65 9.81 -5.98 -16.71
CA ALA A 65 10.32 -4.60 -16.67
C ALA A 65 9.16 -3.61 -16.95
N GLY A 66 8.30 -3.99 -17.91
CA GLY A 66 7.05 -3.25 -18.18
C GLY A 66 6.15 -3.20 -16.95
N TYR A 67 5.97 -4.37 -16.29
CA TYR A 67 5.09 -4.51 -15.11
C TYR A 67 5.63 -3.73 -13.88
N ILE A 68 6.97 -3.71 -13.71
CA ILE A 68 7.61 -3.02 -12.57
C ILE A 68 7.48 -1.50 -12.75
N LYS A 69 7.68 -1.02 -13.99
CA LYS A 69 7.56 0.41 -14.34
C LYS A 69 6.12 0.91 -14.07
N GLN A 70 5.12 0.08 -14.44
CA GLN A 70 3.70 0.38 -14.19
C GLN A 70 3.42 0.50 -12.69
N THR A 71 3.87 -0.52 -11.94
CA THR A 71 3.56 -0.63 -10.51
C THR A 71 4.27 0.47 -9.71
N LEU A 72 5.49 0.87 -10.15
CA LEU A 72 6.26 1.98 -9.52
C LEU A 72 5.53 3.31 -9.69
N ASP A 73 4.99 3.54 -10.90
CA ASP A 73 4.28 4.77 -11.25
C ASP A 73 2.97 4.90 -10.43
N ASN A 74 2.18 3.81 -10.40
CA ASN A 74 0.89 3.76 -9.68
C ASN A 74 1.10 3.86 -8.16
N GLU A 75 2.14 3.18 -7.66
CA GLU A 75 2.47 3.09 -6.22
C GLU A 75 3.10 4.40 -5.72
N GLN A 76 3.72 5.16 -6.65
CA GLN A 76 4.20 6.53 -6.40
C GLN A 76 3.00 7.47 -6.22
N LEU A 77 1.98 7.30 -7.09
CA LEU A 77 0.71 8.03 -7.02
C LEU A 77 -0.07 7.68 -5.74
N LEU A 78 0.04 6.43 -5.28
CA LEU A 78 -0.56 5.99 -3.99
C LEU A 78 0.14 6.70 -2.83
N LYS A 79 1.48 6.74 -2.88
CA LYS A 79 2.32 7.41 -1.88
C LYS A 79 1.89 8.89 -1.70
N GLY A 80 1.77 9.62 -2.82
CA GLY A 80 1.36 11.03 -2.81
C GLY A 80 -0.09 11.24 -2.36
N LEU A 81 -1.02 10.51 -3.01
CA LEU A 81 -2.48 10.63 -2.80
C LEU A 81 -2.84 10.30 -1.34
N LEU A 82 -2.47 9.09 -0.91
CA LEU A 82 -2.77 8.59 0.45
C LEU A 82 -2.07 9.45 1.52
N GLN A 83 -0.88 10.04 1.21
CA GLN A 83 -0.18 10.95 2.16
C GLN A 83 -1.03 12.18 2.48
N GLN A 84 -1.66 12.75 1.44
CA GLN A 84 -2.60 13.88 1.60
C GLN A 84 -3.79 13.46 2.48
N ARG A 85 -4.35 12.26 2.21
CA ARG A 85 -5.50 11.72 2.93
C ARG A 85 -5.18 11.49 4.41
N LEU A 86 -4.01 10.88 4.67
CA LEU A 86 -3.53 10.53 6.02
C LEU A 86 -3.29 11.80 6.86
N ASP A 87 -2.75 12.85 6.21
CA ASP A 87 -2.47 14.14 6.86
C ASP A 87 -3.76 14.79 7.37
N GLU A 88 -4.79 14.76 6.51
CA GLU A 88 -6.12 15.31 6.82
C GLU A 88 -6.79 14.51 7.95
N LEU A 89 -6.77 13.15 7.83
CA LEU A 89 -7.31 12.24 8.87
C LEU A 89 -6.57 12.43 10.20
N SER A 90 -5.26 12.70 10.13
CA SER A 90 -4.38 12.88 11.30
C SER A 90 -4.73 14.19 12.05
N SER A 91 -5.14 15.22 11.27
CA SER A 91 -5.61 16.50 11.82
C SER A 91 -6.96 16.31 12.54
N LEU A 92 -7.82 15.45 11.97
CA LEU A 92 -9.13 15.11 12.56
C LEU A 92 -8.93 14.36 13.89
N ILE A 93 -8.18 13.25 13.83
CA ILE A 93 -7.90 12.34 14.97
C ILE A 93 -7.20 13.10 16.12
N GLY A 94 -6.23 13.96 15.77
CA GLY A 94 -5.49 14.74 16.76
C GLY A 94 -6.38 15.62 17.66
N GLN A 95 -7.47 16.14 17.08
CA GLN A 95 -8.42 17.00 17.80
C GLN A 95 -9.49 16.16 18.54
N VAL A 96 -10.05 15.14 17.85
CA VAL A 96 -11.27 14.42 18.30
C VAL A 96 -10.97 13.21 19.21
N LEU A 97 -9.81 12.56 19.00
CA LEU A 97 -9.35 11.47 19.87
C LEU A 97 -8.72 12.08 21.13
N PHE A 98 -9.37 11.86 22.26
CA PHE A 98 -8.85 12.26 23.58
C PHE A 98 -8.21 11.03 24.24
N GLN A 99 -6.88 11.04 24.37
CA GLN A 99 -6.11 9.93 24.96
C GLN A 99 -5.60 10.30 26.37
N GLY A 100 -5.74 11.58 26.76
CA GLY A 100 -5.24 12.04 28.06
C GLY A 100 -5.70 13.46 28.40
N PRO A 101 -5.12 14.52 27.74
CA PRO A 101 -5.52 15.92 27.99
C PRO A 101 -6.77 16.34 27.17
N SER A 102 -7.11 17.65 27.25
CA SER A 102 -8.22 18.27 26.52
C SER A 102 -9.61 17.69 26.91
N ALA A 103 -9.67 17.12 28.11
CA ALA A 103 -10.89 16.51 28.67
C ALA A 103 -10.96 16.74 30.18
N GLY A 104 -12.19 16.89 30.71
CA GLY A 104 -12.41 17.05 32.16
C GLY A 104 -12.06 15.78 32.92
N LEU A 105 -12.60 14.66 32.44
CA LEU A 105 -12.22 13.31 32.91
C LEU A 105 -10.87 12.88 32.30
N VAL A 106 -10.30 11.77 32.80
CA VAL A 106 -9.14 11.12 32.18
C VAL A 106 -9.65 10.09 31.15
N PRO A 107 -9.59 10.41 29.81
CA PRO A 107 -10.07 9.51 28.76
C PRO A 107 -9.06 8.38 28.45
N ARG A 108 -9.54 7.14 28.52
CA ARG A 108 -8.71 5.94 28.29
C ARG A 108 -9.64 4.81 27.82
N GLY A 109 -10.54 5.20 26.88
CA GLY A 109 -11.45 4.27 26.23
C GLY A 109 -10.73 3.18 25.46
N SER A 110 -9.49 3.50 25.01
CA SER A 110 -8.56 2.56 24.33
C SER A 110 -9.23 1.81 23.15
N GLY A 111 -10.18 2.52 22.49
CA GLY A 111 -11.00 1.95 21.42
C GLY A 111 -12.26 1.29 21.96
N GLY A 112 -12.94 1.99 22.88
CA GLY A 112 -14.16 1.49 23.52
C GLY A 112 -14.77 2.53 24.46
N ILE A 113 -15.22 3.65 23.87
CA ILE A 113 -15.82 4.79 24.61
C ILE A 113 -17.36 4.72 24.48
N GLU A 114 -18.11 5.21 25.49
CA GLU A 114 -19.59 5.26 25.44
C GLU A 114 -20.05 6.59 24.77
N GLY A 115 -20.52 6.47 23.52
CA GLY A 115 -21.07 7.61 22.77
C GLY A 115 -20.77 7.51 21.28
N SER A 116 -21.20 8.54 20.53
CA SER A 116 -20.91 8.68 19.08
C SER A 116 -19.43 9.05 18.87
N ILE A 117 -18.79 9.58 19.94
CA ILE A 117 -17.35 9.91 19.96
C ILE A 117 -16.50 8.68 19.60
N ASP A 118 -16.86 7.50 20.18
CA ASP A 118 -16.16 6.22 19.92
C ASP A 118 -16.14 5.89 18.43
N GLU A 119 -17.33 5.96 17.82
CA GLU A 119 -17.56 5.55 16.44
C GLU A 119 -16.81 6.45 15.45
N THR A 120 -17.02 7.78 15.53
CA THR A 120 -16.41 8.75 14.59
C THR A 120 -14.87 8.73 14.67
N VAL A 121 -14.33 8.62 15.92
CA VAL A 121 -12.88 8.49 16.14
C VAL A 121 -12.36 7.16 15.55
N ALA A 122 -13.10 6.07 15.80
CA ALA A 122 -12.74 4.71 15.34
C ALA A 122 -12.76 4.60 13.81
N ARG A 123 -13.63 5.40 13.16
CA ARG A 123 -13.73 5.44 11.70
C ARG A 123 -12.48 6.08 11.10
N TYR A 124 -12.16 7.32 11.55
CA TYR A 124 -10.99 8.05 11.04
C TYR A 124 -9.67 7.38 11.45
N LYS A 125 -9.67 6.69 12.61
CA LYS A 125 -8.48 6.00 13.14
C LYS A 125 -8.20 4.71 12.35
N ALA A 126 -9.27 3.95 12.04
CA ALA A 126 -9.16 2.71 11.25
C ALA A 126 -8.70 3.03 9.82
N GLN A 127 -9.37 4.02 9.18
CA GLN A 127 -9.05 4.44 7.80
C GLN A 127 -7.60 4.96 7.71
N PHE A 128 -7.17 5.72 8.74
CA PHE A 128 -5.78 6.18 8.86
C PHE A 128 -4.83 4.98 8.86
N THR A 129 -5.02 4.09 9.84
CA THR A 129 -4.13 2.93 10.10
C THR A 129 -4.02 1.97 8.88
N GLN A 130 -5.12 1.84 8.12
CA GLN A 130 -5.19 0.95 6.94
C GLN A 130 -4.43 1.55 5.74
N LEU A 131 -4.69 2.83 5.42
CA LEU A 131 -3.97 3.56 4.36
C LEU A 131 -2.48 3.82 4.77
N ASP A 132 -2.23 3.79 6.09
CA ASP A 132 -0.89 4.02 6.70
C ASP A 132 -0.01 2.77 6.64
N THR A 133 -0.61 1.59 6.95
CA THR A 133 0.12 0.31 6.87
C THR A 133 0.36 -0.05 5.40
N MET A 134 -0.63 0.29 4.54
CA MET A 134 -0.48 0.19 3.08
C MET A 134 0.70 1.05 2.62
N MET A 135 0.76 2.29 3.13
CA MET A 135 1.79 3.28 2.77
C MET A 135 3.21 2.81 3.11
N SER A 136 3.42 2.44 4.39
CA SER A 136 4.76 2.02 4.88
C SER A 136 5.28 0.81 4.09
N LYS A 137 4.37 -0.13 3.78
CA LYS A 137 4.69 -1.31 2.99
C LYS A 137 4.98 -0.93 1.53
N LEU A 138 4.12 -0.08 0.91
CA LEU A 138 4.27 0.29 -0.51
C LEU A 138 5.48 1.23 -0.72
N ASN A 139 5.93 1.87 0.37
CA ASN A 139 7.11 2.74 0.38
C ASN A 139 8.39 1.88 0.35
N ASN A 140 8.40 0.87 1.24
CA ASN A 140 9.50 -0.12 1.37
C ASN A 140 9.64 -0.89 0.04
N THR A 141 8.50 -1.30 -0.54
CA THR A 141 8.46 -2.05 -1.80
C THR A 141 9.01 -1.19 -2.93
N SER A 142 8.37 -0.04 -3.22
CA SER A 142 8.76 0.87 -4.34
C SER A 142 10.25 1.23 -4.29
N SER A 143 10.83 1.28 -3.07
CA SER A 143 12.26 1.45 -2.86
C SER A 143 13.05 0.29 -3.52
N TYR A 144 12.87 -0.96 -3.01
CA TYR A 144 13.65 -2.12 -3.52
C TYR A 144 13.21 -2.55 -4.95
N LEU A 145 11.98 -2.16 -5.35
CA LEU A 145 11.43 -2.46 -6.69
C LEU A 145 12.07 -1.55 -7.75
N THR A 146 12.31 -0.27 -7.40
CA THR A 146 12.90 0.70 -8.35
C THR A 146 14.40 0.41 -8.55
N GLN A 147 15.07 -0.04 -7.46
CA GLN A 147 16.47 -0.50 -7.52
C GLN A 147 16.59 -1.77 -8.40
N GLN A 148 15.63 -2.70 -8.18
CA GLN A 148 15.47 -3.94 -8.96
C GLN A 148 15.28 -3.62 -10.44
N PHE A 149 14.44 -2.62 -10.71
CA PHE A 149 14.11 -2.19 -12.08
C PHE A 149 15.36 -1.62 -12.79
N THR A 150 16.21 -0.91 -12.04
CA THR A 150 17.43 -0.30 -12.60
C THR A 150 18.40 -1.39 -13.11
N ALA A 151 18.62 -2.43 -12.27
CA ALA A 151 19.52 -3.55 -12.61
C ALA A 151 18.92 -4.46 -13.71
N MET A 152 17.68 -4.91 -13.49
CA MET A 152 16.99 -5.88 -14.38
C MET A 152 16.80 -5.31 -15.81
N ASN A 153 16.55 -3.99 -15.89
CA ASN A 153 16.33 -3.31 -17.18
C ASN A 153 17.70 -3.04 -17.83
N LYS A 154 18.58 -2.27 -17.14
CA LYS A 154 19.96 -1.99 -17.63
C LYS A 154 21.06 -2.29 -16.56
N SER A 155 21.47 -3.56 -16.39
CA SER A 155 22.75 -3.89 -15.72
C SER A 155 23.86 -4.11 -16.79
#